data_5SCK
#
_entry.id   5SCK
#
_cell.length_a   207.547
_cell.length_b   112.035
_cell.length_c   188.179
_cell.angle_alpha   90.000
_cell.angle_beta   91.210
_cell.angle_gamma   90.000
#
_symmetry.space_group_name_H-M   'C 1 2 1'
#
loop_
_entity.id
_entity.type
_entity.pdbx_description
1 polymer 'Pyruvate kinase'
2 non-polymer 1,6-di-O-phosphono-beta-D-fructofuranose
3 non-polymer 'OXALATE ION'
4 non-polymer 'MAGNESIUM ION'
5 non-polymer 'POTASSIUM ION'
6 non-polymer 1,2-dihydroxy-3-(piperazine-1-sulfonyl)anthracene-9,10-dione
7 water water
#
_entity_poly.entity_id   1
_entity_poly.type   'polypeptide(L)'
_entity_poly.pdbx_seq_one_letter_code
;GSMEGPAGYLRRADVAQLTQELGTAFFQQQQLPAAMADTFLEHLCLLDIDSEPVAARSTSIIATIGPASRSVERLKEMIK
AGMNIARLNFSHGSHEYHAESIANVREAVESFAGSPLSYRPVAIALDTKGPGSGPGLSEQDVRDLRFGVEHGVDIVFASF
VRKASDVAAVRAALGPEGHGIKIISKIENHEGVKRFDEILEVSDGIMVARGDLGIEIPAEKVFLAQKMMIGRCNLAGKPV
VCATQMLESMITKPRPTRAETSDVANAVLDGADCIMLSGETAKGNFPVEAVKMQHAIAREAEAAVYHRQLFEELRRAAPL
SRDPTEVTAIGAVEAAFKCCAAAIIVLTTTGRSAQLLSRYRPRAAVIAVTRSAQAARQVHLCRGVFPLLYREPPEAIWAD
DVDRRVQFGIESGKLRGFLRVGDLVIVVTGWRPGSGYTNIMRVLSIS
;
_entity_poly.pdbx_strand_id   A,B,C,D,E,F,G,H
#
loop_
_chem_comp.id
_chem_comp.type
_chem_comp.name
_chem_comp.formula
FBP D-saccharide, beta linking 1,6-di-O-phosphono-beta-D-fructofuranose 'C6 H14 O12 P2'
I9N non-polymer 1,2-dihydroxy-3-(piperazine-1-sulfonyl)anthracene-9,10-dione 'C18 H16 N2 O6 S'
K non-polymer 'POTASSIUM ION' 'K 1'
MG non-polymer 'MAGNESIUM ION' 'Mg 2'
OXL non-polymer 'OXALATE ION' 'C2 O4 -2'
#
# COMPACT_ATOMS: atom_id res chain seq x y z
N GLN A 28 -3.28 -29.33 12.01
CA GLN A 28 -3.69 -30.55 12.70
C GLN A 28 -4.85 -31.28 12.00
N GLN A 29 -4.92 -32.59 12.29
CA GLN A 29 -5.87 -33.62 11.86
C GLN A 29 -7.23 -33.47 12.54
N GLN A 30 -8.21 -34.30 12.11
CA GLN A 30 -9.57 -34.42 12.60
C GLN A 30 -10.27 -33.07 12.84
N GLN A 31 -10.03 -32.10 11.94
CA GLN A 31 -10.60 -30.75 12.01
C GLN A 31 -10.36 -30.08 13.36
N LEU A 32 -9.22 -30.38 14.01
CA LEU A 32 -8.93 -29.78 15.32
C LEU A 32 -8.81 -28.25 15.27
N PRO A 33 -8.24 -27.60 14.23
CA PRO A 33 -8.28 -26.12 14.19
C PRO A 33 -9.74 -25.60 14.19
N ALA A 34 -10.65 -26.26 13.45
CA ALA A 34 -12.07 -25.86 13.45
C ALA A 34 -12.73 -26.18 14.81
N ALA A 35 -12.27 -27.24 15.47
CA ALA A 35 -12.79 -27.62 16.79
C ALA A 35 -12.47 -26.57 17.85
N MET A 36 -11.32 -25.90 17.72
CA MET A 36 -10.91 -24.88 18.69
C MET A 36 -11.52 -23.50 18.47
N ALA A 37 -12.30 -23.31 17.39
CA ALA A 37 -12.90 -22.01 17.10
C ALA A 37 -13.83 -21.53 18.18
N ASP A 38 -13.91 -20.21 18.36
CA ASP A 38 -14.74 -19.57 19.38
C ASP A 38 -16.18 -19.37 18.98
N THR A 39 -16.50 -19.44 17.67
CA THR A 39 -17.89 -19.33 17.22
C THR A 39 -18.14 -20.42 16.17
N PHE A 40 -19.42 -20.76 15.93
CA PHE A 40 -19.80 -21.72 14.92
C PHE A 40 -19.38 -21.21 13.53
N LEU A 41 -19.53 -19.89 13.28
CA LEU A 41 -19.13 -19.31 12.01
C LEU A 41 -17.63 -19.50 11.77
N GLU A 42 -16.79 -19.21 12.79
CA GLU A 42 -15.33 -19.38 12.70
CA GLU A 42 -15.35 -19.39 12.65
C GLU A 42 -14.98 -20.86 12.50
N HIS A 43 -15.74 -21.75 13.16
CA HIS A 43 -15.58 -23.19 13.05
C HIS A 43 -15.77 -23.61 11.57
N LEU A 44 -16.83 -23.10 10.91
CA LEU A 44 -17.07 -23.41 9.50
C LEU A 44 -15.92 -22.89 8.64
N CYS A 45 -15.47 -21.66 8.89
CA CYS A 45 -14.37 -21.04 8.14
C CYS A 45 -13.07 -21.83 8.26
N LEU A 46 -12.90 -22.58 9.35
CA LEU A 46 -11.66 -23.33 9.59
C LEU A 46 -11.69 -24.77 9.13
N LEU A 47 -12.84 -25.26 8.60
CA LEU A 47 -12.94 -26.62 8.08
C LEU A 47 -11.97 -26.77 6.92
N ASP A 48 -11.21 -27.88 6.94
CA ASP A 48 -10.12 -28.07 6.01
C ASP A 48 -10.22 -29.41 5.33
N ILE A 49 -10.31 -29.41 3.99
CA ILE A 49 -10.38 -30.67 3.23
C ILE A 49 -9.09 -31.49 3.39
N ASP A 50 -7.96 -30.87 3.75
CA ASP A 50 -6.70 -31.58 3.97
C ASP A 50 -6.54 -32.09 5.42
N SER A 51 -7.48 -31.79 6.32
CA SER A 51 -7.40 -32.27 7.70
C SER A 51 -8.04 -33.64 7.72
N GLU A 52 -7.21 -34.70 7.77
CA GLU A 52 -7.71 -36.06 7.68
C GLU A 52 -8.37 -36.58 8.93
N PRO A 53 -9.48 -37.33 8.77
CA PRO A 53 -10.12 -37.91 9.96
C PRO A 53 -9.20 -38.98 10.55
N VAL A 54 -9.16 -39.06 11.87
CA VAL A 54 -8.35 -40.08 12.54
C VAL A 54 -9.19 -41.00 13.39
N ALA A 55 -10.21 -40.44 14.06
CA ALA A 55 -11.09 -41.21 14.91
C ALA A 55 -11.86 -42.26 14.12
N ALA A 56 -12.23 -43.35 14.82
CA ALA A 56 -13.04 -44.40 14.24
C ALA A 56 -14.43 -43.82 13.91
N ARG A 57 -15.05 -44.31 12.84
CA ARG A 57 -16.34 -43.82 12.42
C ARG A 57 -17.39 -44.18 13.47
N SER A 58 -18.00 -43.13 14.07
CA SER A 58 -18.99 -43.17 15.14
C SER A 58 -20.43 -43.44 14.75
N THR A 59 -20.91 -42.98 13.58
CA THR A 59 -22.30 -43.13 13.18
C THR A 59 -22.48 -44.49 12.57
N SER A 60 -23.38 -45.32 13.12
CA SER A 60 -23.58 -46.66 12.58
C SER A 60 -24.26 -46.67 11.25
N ILE A 61 -23.90 -47.64 10.43
CA ILE A 61 -24.52 -47.82 9.14
C ILE A 61 -25.48 -49.00 9.19
N ILE A 62 -26.73 -48.76 8.82
CA ILE A 62 -27.73 -49.79 8.71
C ILE A 62 -27.85 -50.09 7.22
N ALA A 63 -27.59 -51.34 6.82
CA ALA A 63 -27.72 -51.71 5.41
C ALA A 63 -28.86 -52.70 5.27
N THR A 64 -29.74 -52.46 4.31
CA THR A 64 -30.84 -53.37 4.07
C THR A 64 -30.33 -54.57 3.30
N ILE A 65 -30.60 -55.78 3.83
CA ILE A 65 -30.15 -56.99 3.20
C ILE A 65 -31.25 -57.56 2.36
N GLY A 66 -30.98 -57.67 1.06
CA GLY A 66 -31.95 -58.18 0.10
C GLY A 66 -31.26 -58.93 -1.03
N PRO A 67 -31.93 -59.02 -2.18
CA PRO A 67 -31.35 -59.75 -3.32
C PRO A 67 -29.91 -59.41 -3.71
N ALA A 68 -29.54 -58.11 -3.64
CA ALA A 68 -28.19 -57.70 -4.02
C ALA A 68 -27.12 -57.89 -2.96
N SER A 69 -27.51 -58.24 -1.74
CA SER A 69 -26.56 -58.29 -0.64
C SER A 69 -26.72 -59.46 0.30
N ARG A 70 -27.41 -60.53 -0.13
CA ARG A 70 -27.72 -61.74 0.65
C ARG A 70 -26.60 -62.74 0.81
N SER A 71 -25.71 -62.87 -0.19
CA SER A 71 -24.70 -63.92 -0.15
C SER A 71 -23.72 -63.74 0.97
N VAL A 72 -23.23 -64.84 1.54
CA VAL A 72 -22.27 -64.82 2.65
C VAL A 72 -21.01 -64.06 2.24
N GLU A 73 -20.54 -64.28 1.01
CA GLU A 73 -19.34 -63.62 0.51
C GLU A 73 -19.53 -62.11 0.42
N ARG A 74 -20.70 -61.66 -0.07
CA ARG A 74 -21.03 -60.24 -0.20
C ARG A 74 -21.19 -59.63 1.19
N LEU A 75 -21.86 -60.33 2.11
CA LEU A 75 -22.03 -59.90 3.49
C LEU A 75 -20.71 -59.72 4.23
N LYS A 76 -19.71 -60.55 3.93
CA LYS A 76 -18.37 -60.38 4.53
C LYS A 76 -17.77 -59.05 4.05
N GLU A 77 -17.95 -58.73 2.76
CA GLU A 77 -17.46 -57.47 2.18
CA GLU A 77 -17.43 -57.47 2.22
C GLU A 77 -18.20 -56.28 2.81
N MET A 78 -19.52 -56.43 3.05
CA MET A 78 -20.33 -55.38 3.66
CA MET A 78 -20.32 -55.36 3.65
C MET A 78 -19.93 -55.11 5.09
N ILE A 79 -19.59 -56.19 5.84
CA ILE A 79 -19.15 -56.06 7.22
C ILE A 79 -17.81 -55.33 7.24
N LYS A 80 -16.89 -55.70 6.34
CA LYS A 80 -15.58 -55.05 6.27
C LYS A 80 -15.71 -53.58 5.82
N ALA A 81 -16.67 -53.28 4.95
CA ALA A 81 -16.94 -51.94 4.47
C ALA A 81 -17.52 -51.02 5.57
N GLY A 82 -18.15 -51.61 6.59
CA GLY A 82 -18.66 -50.83 7.71
C GLY A 82 -20.09 -51.08 8.15
N MET A 83 -20.80 -52.05 7.56
CA MET A 83 -22.17 -52.34 7.98
C MET A 83 -22.21 -52.77 9.45
N ASN A 84 -23.03 -52.10 10.26
CA ASN A 84 -23.14 -52.41 11.70
C ASN A 84 -24.47 -53.08 12.03
N ILE A 85 -25.52 -52.74 11.26
CA ILE A 85 -26.86 -53.27 11.47
C ILE A 85 -27.39 -53.74 10.13
N ALA A 86 -27.90 -54.98 10.08
CA ALA A 86 -28.50 -55.54 8.88
C ALA A 86 -30.00 -55.37 9.02
N ARG A 87 -30.63 -54.68 8.08
CA ARG A 87 -32.08 -54.46 8.12
C ARG A 87 -32.78 -55.45 7.20
N LEU A 88 -33.84 -56.07 7.67
CA LEU A 88 -34.64 -56.99 6.86
C LEU A 88 -35.98 -56.34 6.70
N ASN A 89 -36.32 -56.02 5.46
CA ASN A 89 -37.56 -55.33 5.17
C ASN A 89 -38.69 -56.31 4.97
N PHE A 90 -39.56 -56.45 5.98
CA PHE A 90 -40.67 -57.40 5.89
C PHE A 90 -41.82 -56.91 5.01
N SER A 91 -41.64 -55.79 4.28
CA SER A 91 -42.61 -55.41 3.26
C SER A 91 -42.39 -56.31 2.01
N HIS A 92 -41.18 -56.92 1.86
CA HIS A 92 -40.75 -57.79 0.77
C HIS A 92 -40.38 -59.19 1.29
N GLY A 93 -40.12 -60.09 0.35
CA GLY A 93 -39.69 -61.45 0.65
C GLY A 93 -40.72 -62.25 1.41
N SER A 94 -40.24 -63.15 2.23
CA SER A 94 -41.06 -64.04 3.04
C SER A 94 -40.28 -64.40 4.32
N HIS A 95 -40.91 -65.17 5.25
CA HIS A 95 -40.22 -65.62 6.45
C HIS A 95 -39.03 -66.51 6.07
N GLU A 96 -39.22 -67.40 5.09
CA GLU A 96 -38.14 -68.29 4.65
C GLU A 96 -36.99 -67.52 4.02
N TYR A 97 -37.32 -66.52 3.19
CA TYR A 97 -36.30 -65.71 2.52
C TYR A 97 -35.50 -64.91 3.55
N HIS A 98 -36.19 -64.23 4.46
CA HIS A 98 -35.53 -63.44 5.49
C HIS A 98 -34.75 -64.28 6.49
N ALA A 99 -35.24 -65.51 6.82
CA ALA A 99 -34.51 -66.41 7.71
C ALA A 99 -33.17 -66.80 7.08
N GLU A 100 -33.17 -67.03 5.77
CA GLU A 100 -31.94 -67.40 5.06
C GLU A 100 -30.98 -66.21 5.04
N SER A 101 -31.49 -64.98 4.86
CA SER A 101 -30.66 -63.76 4.88
C SER A 101 -30.01 -63.61 6.24
N ILE A 102 -30.82 -63.79 7.32
CA ILE A 102 -30.35 -63.72 8.71
C ILE A 102 -29.24 -64.75 8.95
N ALA A 103 -29.45 -66.01 8.50
CA ALA A 103 -28.45 -67.06 8.65
C ALA A 103 -27.17 -66.68 7.91
N ASN A 104 -27.30 -66.09 6.72
CA ASN A 104 -26.13 -65.66 5.95
C ASN A 104 -25.39 -64.53 6.64
N VAL A 105 -26.12 -63.60 7.26
CA VAL A 105 -25.52 -62.50 8.02
C VAL A 105 -24.74 -63.08 9.20
N ARG A 106 -25.37 -63.97 9.96
CA ARG A 106 -24.71 -64.59 11.11
C ARG A 106 -23.49 -65.41 10.70
N GLU A 107 -23.56 -66.11 9.56
CA GLU A 107 -22.42 -66.87 9.08
C GLU A 107 -21.26 -65.93 8.72
N ALA A 108 -21.58 -64.84 8.02
CA ALA A 108 -20.56 -63.86 7.64
C ALA A 108 -19.96 -63.21 8.88
N VAL A 109 -20.78 -62.84 9.87
CA VAL A 109 -20.31 -62.21 11.11
C VAL A 109 -19.39 -63.14 11.87
N GLU A 110 -19.82 -64.41 12.03
CA GLU A 110 -19.05 -65.38 12.79
C GLU A 110 -17.78 -65.83 12.08
N SER A 111 -17.64 -65.57 10.77
CA SER A 111 -16.41 -65.91 10.06
C SER A 111 -15.18 -65.12 10.58
N PHE A 112 -15.41 -64.02 11.31
CA PHE A 112 -14.35 -63.17 11.87
C PHE A 112 -14.09 -63.40 13.38
N ALA A 113 -14.92 -64.26 14.04
CA ALA A 113 -14.84 -64.55 15.47
C ALA A 113 -13.53 -65.21 15.93
N GLY A 114 -12.77 -65.77 15.01
CA GLY A 114 -11.49 -66.38 15.35
C GLY A 114 -10.47 -65.39 15.88
N SER A 115 -10.73 -64.08 15.71
CA SER A 115 -9.86 -63.02 16.21
C SER A 115 -10.69 -62.19 17.21
N PRO A 116 -10.64 -62.59 18.50
CA PRO A 116 -11.48 -61.92 19.51
C PRO A 116 -11.21 -60.44 19.74
N LEU A 117 -9.97 -59.99 19.56
CA LEU A 117 -9.63 -58.58 19.74
C LEU A 117 -10.11 -57.69 18.59
N SER A 118 -10.53 -58.27 17.45
CA SER A 118 -11.02 -57.48 16.32
C SER A 118 -12.46 -57.83 15.90
N TYR A 119 -13.10 -58.81 16.57
CA TYR A 119 -14.47 -59.22 16.23
C TYR A 119 -15.45 -58.06 16.23
N ARG A 120 -16.23 -57.94 15.15
CA ARG A 120 -17.23 -56.89 15.06
C ARG A 120 -18.66 -57.43 15.10
N PRO A 121 -19.39 -57.17 16.20
CA PRO A 121 -20.81 -57.56 16.25
C PRO A 121 -21.64 -56.83 15.19
N VAL A 122 -22.71 -57.47 14.67
CA VAL A 122 -23.61 -56.86 13.68
C VAL A 122 -25.04 -57.14 14.13
N ALA A 123 -25.84 -56.10 14.32
CA ALA A 123 -27.22 -56.25 14.78
C ALA A 123 -28.13 -56.69 13.66
N ILE A 124 -29.22 -57.35 14.02
CA ILE A 124 -30.22 -57.77 13.05
C ILE A 124 -31.50 -57.02 13.38
N ALA A 125 -32.00 -56.24 12.44
CA ALA A 125 -33.16 -55.40 12.64
C ALA A 125 -34.27 -55.81 11.71
N LEU A 126 -35.47 -55.95 12.23
CA LEU A 126 -36.61 -56.33 11.45
C LEU A 126 -37.45 -55.09 11.23
N ASP A 127 -37.69 -54.74 9.98
CA ASP A 127 -38.48 -53.57 9.65
C ASP A 127 -39.86 -54.07 9.23
N THR A 128 -40.90 -53.70 9.97
CA THR A 128 -42.24 -54.20 9.72
C THR A 128 -42.91 -53.63 8.47
N LYS A 129 -43.86 -54.39 7.90
CA LYS A 129 -44.60 -53.99 6.71
C LYS A 129 -45.47 -52.77 7.00
N GLY A 130 -46.08 -52.72 8.17
CA GLY A 130 -46.90 -51.58 8.56
C GLY A 130 -48.37 -51.88 8.72
N PRO A 131 -49.12 -50.92 9.27
CA PRO A 131 -50.55 -51.14 9.51
C PRO A 131 -51.45 -51.04 8.28
N GLY A 132 -50.97 -50.41 7.22
CA GLY A 132 -51.78 -50.20 6.02
C GLY A 132 -52.95 -49.28 6.32
N SER A 133 -54.17 -49.73 6.00
CA SER A 133 -55.37 -48.93 6.27
C SER A 133 -55.96 -49.26 7.64
N GLY A 136 -55.62 -51.60 14.43
CA GLY A 136 -54.38 -51.30 15.13
C GLY A 136 -53.18 -51.97 14.50
N LEU A 137 -52.56 -52.90 15.22
CA LEU A 137 -51.40 -53.64 14.70
C LEU A 137 -51.94 -54.69 13.75
N SER A 138 -51.42 -54.74 12.51
CA SER A 138 -51.89 -55.70 11.51
C SER A 138 -51.56 -57.14 11.86
N GLU A 139 -52.30 -58.10 11.25
CA GLU A 139 -52.04 -59.51 11.51
C GLU A 139 -50.72 -59.99 10.90
N GLN A 140 -50.28 -59.37 9.79
CA GLN A 140 -48.98 -59.71 9.21
C GLN A 140 -47.88 -59.24 10.16
N ASP A 141 -48.04 -58.06 10.78
CA ASP A 141 -47.05 -57.58 11.74
C ASP A 141 -46.97 -58.47 12.96
N VAL A 142 -48.11 -58.98 13.47
CA VAL A 142 -48.08 -59.90 14.62
C VAL A 142 -47.29 -61.17 14.28
N ARG A 143 -47.46 -61.69 13.06
CA ARG A 143 -46.71 -62.87 12.62
C ARG A 143 -45.22 -62.57 12.40
N ASP A 144 -44.91 -61.40 11.80
CA ASP A 144 -43.53 -61.01 11.53
C ASP A 144 -42.78 -60.70 12.81
N LEU A 145 -43.45 -60.06 13.78
CA LEU A 145 -42.85 -59.77 15.07
C LEU A 145 -42.56 -61.07 15.83
N ARG A 146 -43.47 -62.06 15.72
CA ARG A 146 -43.27 -63.38 16.32
C ARG A 146 -42.06 -64.05 15.68
N PHE A 147 -41.94 -63.94 14.34
CA PHE A 147 -40.79 -64.46 13.59
C PHE A 147 -39.50 -63.82 14.13
N GLY A 148 -39.54 -62.51 14.36
CA GLY A 148 -38.40 -61.76 14.87
C GLY A 148 -37.93 -62.29 16.21
N VAL A 149 -38.87 -62.52 17.13
CA VAL A 149 -38.55 -63.07 18.44
C VAL A 149 -37.95 -64.47 18.30
N GLU A 150 -38.58 -65.33 17.49
CA GLU A 150 -38.11 -66.69 17.28
C GLU A 150 -36.73 -66.75 16.63
N HIS A 151 -36.40 -65.76 15.79
CA HIS A 151 -35.10 -65.72 15.14
C HIS A 151 -34.07 -64.85 15.87
N GLY A 152 -34.39 -64.37 17.07
CA GLY A 152 -33.47 -63.61 17.89
C GLY A 152 -33.02 -62.27 17.33
N VAL A 153 -33.94 -61.54 16.66
CA VAL A 153 -33.58 -60.21 16.15
C VAL A 153 -33.30 -59.25 17.30
N ASP A 154 -32.43 -58.27 17.08
CA ASP A 154 -32.05 -57.33 18.12
C ASP A 154 -32.93 -56.10 18.19
N ILE A 155 -33.44 -55.68 17.03
CA ILE A 155 -34.17 -54.42 16.89
C ILE A 155 -35.37 -54.60 15.99
N VAL A 156 -36.42 -53.84 16.27
CA VAL A 156 -37.58 -53.76 15.42
C VAL A 156 -37.70 -52.30 14.97
N PHE A 157 -37.76 -52.06 13.66
CA PHE A 157 -38.05 -50.74 13.12
C PHE A 157 -39.53 -50.83 12.85
N ALA A 158 -40.35 -50.26 13.75
CA ALA A 158 -41.80 -50.33 13.63
C ALA A 158 -42.34 -49.29 12.67
N SER A 159 -42.88 -49.74 11.55
CA SER A 159 -43.41 -48.86 10.53
C SER A 159 -44.67 -48.12 10.93
N PHE A 160 -44.80 -46.91 10.42
CA PHE A 160 -45.95 -46.03 10.62
C PHE A 160 -46.41 -45.92 12.06
N VAL A 161 -45.49 -45.58 13.00
CA VAL A 161 -45.88 -45.37 14.39
C VAL A 161 -46.52 -43.97 14.46
N ARG A 162 -47.79 -43.87 14.86
CA ARG A 162 -48.43 -42.56 14.94
C ARG A 162 -48.87 -42.14 16.33
N LYS A 163 -48.69 -43.01 17.35
CA LYS A 163 -49.07 -42.70 18.73
C LYS A 163 -48.42 -43.74 19.67
N ALA A 164 -48.39 -43.43 20.97
CA ALA A 164 -47.81 -44.31 21.99
C ALA A 164 -48.44 -45.72 22.00
N SER A 165 -49.76 -45.82 21.76
CA SER A 165 -50.42 -47.13 21.76
C SER A 165 -49.95 -48.05 20.63
N ASP A 166 -49.41 -47.48 19.53
CA ASP A 166 -48.84 -48.29 18.47
C ASP A 166 -47.58 -49.00 18.99
N VAL A 167 -46.77 -48.29 19.78
CA VAL A 167 -45.56 -48.85 20.36
C VAL A 167 -45.91 -49.94 21.37
N ALA A 168 -46.96 -49.69 22.19
CA ALA A 168 -47.43 -50.68 23.16
C ALA A 168 -47.88 -51.96 22.46
N ALA A 169 -48.56 -51.84 21.31
CA ALA A 169 -49.01 -52.99 20.54
C ALA A 169 -47.84 -53.79 19.99
N VAL A 170 -46.79 -53.12 19.52
CA VAL A 170 -45.60 -53.81 19.00
C VAL A 170 -44.91 -54.56 20.15
N ARG A 171 -44.78 -53.89 21.30
CA ARG A 171 -44.17 -54.44 22.49
C ARG A 171 -44.94 -55.71 22.95
N ALA A 172 -46.27 -55.63 22.98
CA ALA A 172 -47.11 -56.76 23.37
C ALA A 172 -46.93 -57.93 22.40
N ALA A 173 -46.86 -57.65 21.09
CA ALA A 173 -46.66 -58.67 20.06
C ALA A 173 -45.30 -59.35 20.13
N LEU A 174 -44.30 -58.71 20.73
CA LEU A 174 -42.99 -59.33 20.93
C LEU A 174 -43.03 -60.36 22.10
N GLY A 175 -44.04 -60.27 22.95
CA GLY A 175 -44.27 -61.19 24.06
C GLY A 175 -43.24 -61.15 25.18
N PRO A 176 -43.35 -62.14 26.07
CA PRO A 176 -42.39 -62.22 27.19
C PRO A 176 -40.96 -62.54 26.76
N GLU A 177 -40.78 -63.23 25.63
CA GLU A 177 -39.44 -63.60 25.15
C GLU A 177 -38.71 -62.47 24.41
N GLY A 178 -39.44 -61.45 23.99
CA GLY A 178 -38.86 -60.34 23.24
C GLY A 178 -38.73 -59.05 24.04
N HIS A 179 -38.65 -59.18 25.37
CA HIS A 179 -38.52 -58.06 26.33
C HIS A 179 -37.27 -57.21 26.09
N GLY A 180 -36.22 -57.83 25.56
CA GLY A 180 -34.94 -57.18 25.31
C GLY A 180 -34.77 -56.58 23.94
N ILE A 181 -35.71 -56.81 23.02
CA ILE A 181 -35.63 -56.26 21.66
C ILE A 181 -35.88 -54.75 21.69
N LYS A 182 -35.03 -53.97 21.00
CA LYS A 182 -35.20 -52.53 20.95
C LYS A 182 -36.27 -52.15 19.95
N ILE A 183 -37.19 -51.26 20.32
CA ILE A 183 -38.22 -50.79 19.41
C ILE A 183 -37.86 -49.39 18.95
N ILE A 184 -37.53 -49.26 17.66
CA ILE A 184 -37.23 -47.98 17.04
C ILE A 184 -38.48 -47.61 16.25
N SER A 185 -39.18 -46.58 16.68
CA SER A 185 -40.41 -46.16 16.02
C SER A 185 -40.13 -45.35 14.76
N LYS A 186 -40.70 -45.78 13.63
CA LYS A 186 -40.54 -45.05 12.38
C LYS A 186 -41.59 -43.95 12.29
N ILE A 187 -41.15 -42.69 12.15
CA ILE A 187 -42.06 -41.55 12.02
C ILE A 187 -42.20 -41.29 10.54
N GLU A 188 -43.39 -41.56 10.00
CA GLU A 188 -43.64 -41.57 8.57
C GLU A 188 -44.78 -40.70 8.11
N ASN A 189 -45.47 -40.01 9.01
CA ASN A 189 -46.60 -39.20 8.61
C ASN A 189 -46.81 -38.01 9.54
N HIS A 190 -47.81 -37.16 9.23
CA HIS A 190 -48.08 -35.97 10.02
C HIS A 190 -48.39 -36.29 11.47
N GLU A 191 -49.22 -37.32 11.71
CA GLU A 191 -49.60 -37.66 13.08
C GLU A 191 -48.39 -38.08 13.91
N GLY A 192 -47.50 -38.89 13.33
CA GLY A 192 -46.28 -39.31 14.02
C GLY A 192 -45.41 -38.12 14.41
N VAL A 193 -45.34 -37.10 13.52
CA VAL A 193 -44.56 -35.89 13.82
C VAL A 193 -45.23 -35.11 14.94
N LYS A 194 -46.55 -34.92 14.86
CA LYS A 194 -47.30 -34.17 15.88
C LYS A 194 -47.32 -34.85 17.24
N ARG A 195 -47.38 -36.17 17.26
CA ARG A 195 -47.37 -36.92 18.52
C ARG A 195 -45.99 -37.48 18.85
N PHE A 196 -44.93 -36.84 18.31
CA PHE A 196 -43.55 -37.26 18.48
C PHE A 196 -43.17 -37.46 19.93
N ASP A 197 -43.46 -36.49 20.80
CA ASP A 197 -43.05 -36.59 22.20
C ASP A 197 -43.60 -37.82 22.91
N GLU A 198 -44.89 -38.12 22.70
CA GLU A 198 -45.49 -39.30 23.33
C GLU A 198 -44.91 -40.59 22.76
N ILE A 199 -44.53 -40.59 21.46
CA ILE A 199 -43.96 -41.77 20.82
C ILE A 199 -42.55 -41.99 21.32
N LEU A 200 -41.73 -40.93 21.37
CA LEU A 200 -40.34 -41.04 21.83
C LEU A 200 -40.28 -41.53 23.28
N GLU A 201 -41.20 -41.03 24.11
CA GLU A 201 -41.28 -41.40 25.53
CA GLU A 201 -41.27 -41.39 25.52
C GLU A 201 -41.34 -42.91 25.74
N VAL A 202 -42.11 -43.62 24.90
CA VAL A 202 -42.26 -45.08 25.05
C VAL A 202 -41.41 -45.90 24.10
N SER A 203 -40.63 -45.27 23.20
CA SER A 203 -39.80 -46.01 22.26
C SER A 203 -38.36 -46.05 22.74
N ASP A 204 -37.57 -47.00 22.24
CA ASP A 204 -36.14 -47.02 22.51
C ASP A 204 -35.41 -45.98 21.64
N GLY A 205 -35.99 -45.63 20.51
CA GLY A 205 -35.42 -44.68 19.57
C GLY A 205 -36.37 -44.38 18.43
N ILE A 206 -35.90 -43.60 17.46
CA ILE A 206 -36.75 -43.15 16.36
C ILE A 206 -36.05 -43.32 15.03
N MET A 207 -36.81 -43.56 13.98
CA MET A 207 -36.28 -43.53 12.63
C MET A 207 -37.05 -42.44 11.89
N VAL A 208 -36.31 -41.50 11.27
CA VAL A 208 -36.92 -40.48 10.43
C VAL A 208 -37.06 -41.18 9.07
N ALA A 209 -38.23 -41.74 8.80
CA ALA A 209 -38.50 -42.53 7.61
C ALA A 209 -38.95 -41.59 6.53
N ARG A 210 -37.98 -40.96 5.86
CA ARG A 210 -38.23 -39.87 4.93
C ARG A 210 -38.98 -40.21 3.66
N GLY A 211 -38.98 -41.47 3.24
CA GLY A 211 -39.71 -41.90 2.05
C GLY A 211 -41.20 -41.62 2.17
N ASP A 212 -41.85 -42.26 3.14
CA ASP A 212 -43.26 -42.02 3.38
C ASP A 212 -43.48 -40.63 3.92
N LEU A 213 -42.59 -40.13 4.80
CA LEU A 213 -42.76 -38.78 5.35
C LEU A 213 -42.85 -37.71 4.24
N GLY A 214 -42.03 -37.86 3.20
CA GLY A 214 -41.99 -36.96 2.06
C GLY A 214 -43.18 -37.02 1.13
N ILE A 215 -44.05 -38.02 1.30
CA ILE A 215 -45.29 -38.19 0.55
C ILE A 215 -46.49 -37.80 1.45
N GLU A 216 -46.37 -38.03 2.77
CA GLU A 216 -47.41 -37.72 3.76
C GLU A 216 -47.47 -36.25 4.11
N ILE A 217 -46.31 -35.58 4.12
CA ILE A 217 -46.26 -34.13 4.36
C ILE A 217 -45.55 -33.49 3.14
N PRO A 218 -45.67 -32.17 2.93
CA PRO A 218 -44.95 -31.55 1.78
C PRO A 218 -43.46 -31.88 1.79
N ALA A 219 -42.91 -32.26 0.63
CA ALA A 219 -41.51 -32.66 0.50
C ALA A 219 -40.53 -31.62 1.06
N GLU A 220 -40.85 -30.35 0.87
CA GLU A 220 -40.03 -29.25 1.34
C GLU A 220 -40.04 -29.06 2.86
N LYS A 221 -40.88 -29.81 3.60
CA LYS A 221 -40.93 -29.71 5.07
C LYS A 221 -40.22 -30.88 5.75
N VAL A 222 -39.82 -31.94 5.01
CA VAL A 222 -39.16 -33.09 5.61
C VAL A 222 -37.91 -32.74 6.39
N PHE A 223 -37.08 -31.81 5.87
CA PHE A 223 -35.86 -31.44 6.59
C PHE A 223 -36.16 -30.84 7.98
N LEU A 224 -37.30 -30.15 8.13
CA LEU A 224 -37.69 -29.57 9.41
C LEU A 224 -38.03 -30.69 10.38
N ALA A 225 -38.81 -31.70 9.91
CA ALA A 225 -39.18 -32.84 10.74
C ALA A 225 -37.93 -33.62 11.11
N GLN A 226 -37.01 -33.81 10.17
CA GLN A 226 -35.76 -34.52 10.44
C GLN A 226 -34.93 -33.82 11.50
N LYS A 227 -34.69 -32.51 11.34
CA LYS A 227 -33.87 -31.77 12.26
C LYS A 227 -34.51 -31.68 13.65
N MET A 228 -35.84 -31.52 13.70
CA MET A 228 -36.56 -31.45 14.95
C MET A 228 -36.47 -32.80 15.69
N MET A 229 -36.73 -33.91 14.98
CA MET A 229 -36.71 -35.23 15.62
C MET A 229 -35.32 -35.61 16.07
N ILE A 230 -34.30 -35.28 15.27
CA ILE A 230 -32.93 -35.57 15.66
C ILE A 230 -32.57 -34.75 16.91
N GLY A 231 -32.93 -33.47 16.93
CA GLY A 231 -32.67 -32.61 18.09
C GLY A 231 -33.34 -33.13 19.35
N ARG A 232 -34.63 -33.52 19.26
CA ARG A 232 -35.35 -34.07 20.41
C ARG A 232 -34.81 -35.40 20.89
N CYS A 233 -34.37 -36.27 19.96
CA CYS A 233 -33.75 -37.54 20.35
C CYS A 233 -32.42 -37.30 21.01
N ASN A 234 -31.62 -36.34 20.50
CA ASN A 234 -30.35 -36.01 21.11
C ASN A 234 -30.57 -35.50 22.54
N LEU A 235 -31.61 -34.68 22.73
CA LEU A 235 -31.95 -34.14 24.03
CA LEU A 235 -31.99 -34.13 24.03
C LEU A 235 -32.40 -35.27 24.97
N ALA A 236 -33.19 -36.22 24.48
CA ALA A 236 -33.65 -37.35 25.27
C ALA A 236 -32.58 -38.43 25.49
N GLY A 237 -31.47 -38.36 24.76
CA GLY A 237 -30.42 -39.36 24.85
C GLY A 237 -30.88 -40.70 24.27
N LYS A 238 -31.75 -40.68 23.25
CA LYS A 238 -32.23 -41.89 22.60
C LYS A 238 -31.80 -41.92 21.15
N PRO A 239 -31.47 -43.12 20.62
CA PRO A 239 -30.98 -43.19 19.23
C PRO A 239 -31.95 -42.71 18.18
N VAL A 240 -31.42 -42.04 17.16
CA VAL A 240 -32.23 -41.58 16.04
C VAL A 240 -31.54 -42.01 14.75
N VAL A 241 -32.32 -42.55 13.82
CA VAL A 241 -31.81 -43.02 12.55
C VAL A 241 -32.30 -42.11 11.45
N CYS A 242 -31.41 -41.70 10.54
CA CYS A 242 -31.87 -40.97 9.37
C CYS A 242 -31.94 -42.00 8.25
N ALA A 243 -33.05 -42.03 7.53
CA ALA A 243 -33.25 -43.05 6.53
C ALA A 243 -33.84 -42.54 5.24
N THR A 244 -33.60 -43.31 4.15
CA THR A 244 -34.23 -43.28 2.84
C THR A 244 -33.69 -42.26 1.87
N GLN A 245 -33.24 -42.80 0.73
CA GLN A 245 -32.73 -42.06 -0.42
C GLN A 245 -31.48 -41.27 -0.12
N MET A 246 -30.70 -41.67 0.89
CA MET A 246 -29.48 -40.97 1.23
C MET A 246 -28.46 -41.05 0.13
N LEU A 247 -28.33 -42.22 -0.53
CA LEU A 247 -27.41 -42.40 -1.65
C LEU A 247 -28.16 -43.07 -2.82
N GLU A 248 -29.42 -42.67 -3.04
CA GLU A 248 -30.33 -43.26 -4.01
C GLU A 248 -29.72 -43.55 -5.39
N SER A 249 -29.04 -42.59 -6.00
CA SER A 249 -28.46 -42.77 -7.32
C SER A 249 -27.46 -43.93 -7.40
N MET A 250 -26.88 -44.33 -6.24
CA MET A 250 -25.96 -45.47 -6.18
C MET A 250 -26.64 -46.82 -6.40
N ILE A 251 -27.97 -46.86 -6.53
CA ILE A 251 -28.68 -48.10 -6.90
C ILE A 251 -28.20 -48.50 -8.34
N THR A 252 -27.93 -47.52 -9.22
CA THR A 252 -27.47 -47.81 -10.57
C THR A 252 -26.09 -47.22 -10.90
N LYS A 253 -25.65 -46.20 -10.16
CA LYS A 253 -24.37 -45.55 -10.46
C LYS A 253 -23.31 -45.85 -9.43
N PRO A 254 -22.03 -45.97 -9.85
CA PRO A 254 -20.98 -46.28 -8.87
C PRO A 254 -20.63 -45.14 -7.90
N ARG A 255 -21.01 -43.91 -8.25
CA ARG A 255 -20.70 -42.75 -7.41
C ARG A 255 -22.01 -41.99 -7.14
N PRO A 256 -22.14 -41.40 -5.94
CA PRO A 256 -23.38 -40.67 -5.63
C PRO A 256 -23.38 -39.25 -6.18
N THR A 257 -24.53 -38.57 -6.13
CA THR A 257 -24.62 -37.18 -6.54
C THR A 257 -24.07 -36.28 -5.41
N ARG A 258 -23.84 -34.99 -5.72
CA ARG A 258 -23.38 -34.02 -4.76
C ARG A 258 -24.43 -33.81 -3.65
N ALA A 259 -25.72 -33.91 -3.98
CA ALA A 259 -26.77 -33.75 -2.97
C ALA A 259 -26.79 -34.94 -2.00
N GLU A 260 -26.47 -36.13 -2.49
CA GLU A 260 -26.45 -37.33 -1.66
C GLU A 260 -25.33 -37.32 -0.67
N THR A 261 -24.12 -36.93 -1.08
CA THR A 261 -23.01 -36.86 -0.11
C THR A 261 -23.30 -35.77 0.92
N SER A 262 -23.89 -34.65 0.47
CA SER A 262 -24.28 -33.56 1.36
C SER A 262 -25.34 -34.08 2.37
N ASP A 263 -26.34 -34.82 1.90
CA ASP A 263 -27.40 -35.34 2.75
C ASP A 263 -26.85 -36.26 3.85
N VAL A 264 -25.90 -37.14 3.50
CA VAL A 264 -25.29 -38.03 4.48
C VAL A 264 -24.53 -37.21 5.51
N ALA A 265 -23.70 -36.27 5.04
CA ALA A 265 -22.90 -35.45 5.94
C ALA A 265 -23.78 -34.62 6.86
N ASN A 266 -24.86 -34.03 6.31
CA ASN A 266 -25.77 -33.22 7.11
C ASN A 266 -26.57 -34.03 8.09
N ALA A 267 -26.89 -35.31 7.80
CA ALA A 267 -27.60 -36.16 8.78
C ALA A 267 -26.69 -36.37 10.00
N VAL A 268 -25.39 -36.60 9.78
CA VAL A 268 -24.42 -36.75 10.85
C VAL A 268 -24.26 -35.43 11.62
N LEU A 269 -24.10 -34.31 10.90
CA LEU A 269 -23.98 -33.00 11.56
C LEU A 269 -25.25 -32.62 12.33
N ASP A 270 -26.42 -33.08 11.86
CA ASP A 270 -27.70 -32.84 12.54
C ASP A 270 -27.71 -33.53 13.91
N GLY A 271 -27.03 -34.67 14.03
CA GLY A 271 -26.93 -35.43 15.26
C GLY A 271 -27.45 -36.86 15.15
N ALA A 272 -27.64 -37.39 13.92
CA ALA A 272 -28.14 -38.76 13.75
C ALA A 272 -27.20 -39.77 14.34
N ASP A 273 -27.72 -40.73 15.09
CA ASP A 273 -26.90 -41.81 15.63
C ASP A 273 -26.57 -42.82 14.53
N CYS A 274 -27.53 -43.09 13.64
CA CYS A 274 -27.36 -44.05 12.55
C CYS A 274 -27.81 -43.42 11.24
N ILE A 275 -27.22 -43.93 10.16
CA ILE A 275 -27.62 -43.59 8.80
C ILE A 275 -27.96 -44.92 8.11
N MET A 276 -28.86 -44.87 7.16
CA MET A 276 -29.38 -46.08 6.54
C MET A 276 -29.28 -46.12 5.04
N LEU A 277 -29.20 -47.34 4.51
CA LEU A 277 -29.23 -47.65 3.10
C LEU A 277 -30.38 -48.62 2.90
N SER A 278 -31.24 -48.33 1.93
CA SER A 278 -32.37 -49.20 1.62
C SER A 278 -32.13 -49.87 0.26
N GLY A 279 -32.70 -49.35 -0.83
CA GLY A 279 -32.52 -49.91 -2.17
C GLY A 279 -31.06 -49.97 -2.58
N GLU A 280 -30.23 -49.05 -2.06
CA GLU A 280 -28.80 -48.99 -2.36
C GLU A 280 -28.10 -50.30 -2.04
N THR A 281 -28.54 -51.00 -0.98
CA THR A 281 -27.93 -52.27 -0.59
C THR A 281 -28.87 -53.45 -0.84
N ALA A 282 -30.19 -53.24 -0.78
CA ALA A 282 -31.16 -54.31 -0.95
C ALA A 282 -31.23 -54.81 -2.39
N LYS A 283 -31.20 -53.90 -3.37
CA LYS A 283 -31.37 -54.30 -4.76
C LYS A 283 -30.45 -53.64 -5.78
N GLY A 284 -29.63 -52.71 -5.35
CA GLY A 284 -28.76 -51.98 -6.26
C GLY A 284 -27.56 -52.73 -6.75
N ASN A 285 -26.88 -52.14 -7.73
CA ASN A 285 -25.69 -52.72 -8.32
C ASN A 285 -24.42 -52.46 -7.55
N PHE A 286 -24.44 -51.56 -6.55
CA PHE A 286 -23.22 -51.23 -5.81
C PHE A 286 -23.45 -51.25 -4.29
N PRO A 287 -23.93 -52.37 -3.70
CA PRO A 287 -24.19 -52.39 -2.25
C PRO A 287 -22.96 -52.13 -1.39
N VAL A 288 -21.82 -52.74 -1.71
CA VAL A 288 -20.60 -52.56 -0.93
C VAL A 288 -20.08 -51.12 -1.06
N GLU A 289 -20.12 -50.57 -2.27
CA GLU A 289 -19.67 -49.21 -2.52
C GLU A 289 -20.55 -48.18 -1.78
N ALA A 290 -21.86 -48.44 -1.68
CA ALA A 290 -22.79 -47.56 -0.96
C ALA A 290 -22.42 -47.55 0.54
N VAL A 291 -22.07 -48.73 1.11
CA VAL A 291 -21.64 -48.80 2.50
C VAL A 291 -20.33 -48.05 2.67
N LYS A 292 -19.38 -48.25 1.74
CA LYS A 292 -18.09 -47.58 1.82
C LYS A 292 -18.25 -46.07 1.74
N MET A 293 -19.18 -45.59 0.93
CA MET A 293 -19.43 -44.17 0.76
C MET A 293 -20.02 -43.57 2.03
N GLN A 294 -21.00 -44.26 2.67
CA GLN A 294 -21.55 -43.77 3.94
C GLN A 294 -20.48 -43.73 5.00
N HIS A 295 -19.61 -44.76 5.03
CA HIS A 295 -18.52 -44.78 6.00
C HIS A 295 -17.58 -43.60 5.80
N ALA A 296 -17.16 -43.35 4.55
CA ALA A 296 -16.22 -42.28 4.23
C ALA A 296 -16.81 -40.91 4.57
N ILE A 297 -18.07 -40.67 4.23
CA ILE A 297 -18.71 -39.39 4.54
C ILE A 297 -18.90 -39.21 6.03
N ALA A 298 -19.45 -40.23 6.73
CA ALA A 298 -19.69 -40.13 8.17
C ALA A 298 -18.43 -39.81 8.95
N ARG A 299 -17.31 -40.39 8.58
CA ARG A 299 -16.05 -40.14 9.25
C ARG A 299 -15.62 -38.67 9.08
N GLU A 300 -15.78 -38.13 7.87
CA GLU A 300 -15.43 -36.73 7.61
C GLU A 300 -16.38 -35.80 8.38
N ALA A 301 -17.69 -36.11 8.36
CA ALA A 301 -18.70 -35.28 9.03
C ALA A 301 -18.57 -35.29 10.53
N GLU A 302 -18.21 -36.44 11.12
CA GLU A 302 -18.03 -36.52 12.57
C GLU A 302 -16.90 -35.62 13.07
N ALA A 303 -15.81 -35.54 12.31
CA ALA A 303 -14.70 -34.65 12.68
C ALA A 303 -15.10 -33.17 12.57
N ALA A 304 -16.05 -32.85 11.65
CA ALA A 304 -16.56 -31.50 11.42
C ALA A 304 -17.65 -31.08 12.43
N VAL A 305 -18.02 -31.93 13.38
CA VAL A 305 -18.99 -31.59 14.41
C VAL A 305 -18.33 -30.53 15.32
N TYR A 306 -19.05 -29.46 15.64
CA TYR A 306 -18.53 -28.40 16.49
C TYR A 306 -18.81 -28.81 17.95
N HIS A 307 -17.97 -29.73 18.49
CA HIS A 307 -18.14 -30.26 19.84
C HIS A 307 -18.20 -29.21 20.91
N ARG A 308 -17.49 -28.11 20.78
CA ARG A 308 -17.48 -27.05 21.79
C ARG A 308 -18.91 -26.55 22.10
N GLN A 309 -19.69 -26.27 21.05
CA GLN A 309 -21.06 -25.84 21.23
C GLN A 309 -21.96 -27.02 21.56
N LEU A 310 -21.81 -28.15 20.83
CA LEU A 310 -22.66 -29.30 21.03
C LEU A 310 -22.58 -29.83 22.49
N PHE A 311 -21.38 -30.03 23.02
CA PHE A 311 -21.21 -30.51 24.39
C PHE A 311 -21.81 -29.52 25.36
N GLU A 312 -21.53 -28.22 25.19
CA GLU A 312 -22.09 -27.19 26.07
CA GLU A 312 -22.09 -27.22 26.09
C GLU A 312 -23.61 -27.25 26.10
N GLU A 313 -24.24 -27.37 24.92
CA GLU A 313 -25.69 -27.39 24.85
C GLU A 313 -26.29 -28.68 25.38
N LEU A 314 -25.65 -29.82 25.10
CA LEU A 314 -26.16 -31.11 25.61
C LEU A 314 -26.02 -31.16 27.11
N ARG A 315 -24.88 -30.73 27.65
CA ARG A 315 -24.62 -30.73 29.08
C ARG A 315 -25.62 -29.79 29.80
N ARG A 316 -25.88 -28.59 29.24
CA ARG A 316 -26.81 -27.61 29.82
C ARG A 316 -28.23 -28.16 29.83
N ALA A 317 -28.67 -28.79 28.73
CA ALA A 317 -30.02 -29.31 28.60
C ALA A 317 -30.28 -30.62 29.33
N ALA A 318 -29.25 -31.45 29.57
CA ALA A 318 -29.43 -32.75 30.24
C ALA A 318 -29.83 -32.44 31.68
N PRO A 319 -30.98 -32.96 32.14
CA PRO A 319 -31.46 -32.57 33.46
C PRO A 319 -30.54 -32.97 34.57
N LEU A 320 -30.65 -32.29 35.72
CA LEU A 320 -29.94 -32.67 36.91
C LEU A 320 -30.43 -34.07 37.32
N SER A 321 -29.54 -34.88 37.86
CA SER A 321 -29.89 -36.26 38.14
C SER A 321 -29.20 -36.76 39.34
N ARG A 322 -29.87 -37.62 40.08
CA ARG A 322 -29.31 -38.32 41.23
CA ARG A 322 -29.25 -38.31 41.21
C ARG A 322 -28.99 -39.80 40.89
N ASP A 323 -29.10 -40.20 39.60
CA ASP A 323 -28.80 -41.56 39.14
C ASP A 323 -27.28 -41.61 39.01
N PRO A 324 -26.60 -42.49 39.75
CA PRO A 324 -25.13 -42.52 39.67
C PRO A 324 -24.56 -42.82 38.30
N THR A 325 -25.28 -43.59 37.44
CA THR A 325 -24.79 -43.86 36.08
C THR A 325 -24.79 -42.55 35.28
N GLU A 326 -25.88 -41.74 35.40
CA GLU A 326 -26.01 -40.43 34.74
C GLU A 326 -24.91 -39.49 35.22
N VAL A 327 -24.66 -39.47 36.52
CA VAL A 327 -23.65 -38.61 37.11
C VAL A 327 -22.25 -39.01 36.66
N THR A 328 -21.97 -40.33 36.66
CA THR A 328 -20.66 -40.83 36.24
C THR A 328 -20.43 -40.52 34.75
N ALA A 329 -21.47 -40.69 33.93
CA ALA A 329 -21.35 -40.47 32.48
C ALA A 329 -20.91 -39.05 32.12
N ILE A 330 -21.55 -38.03 32.74
CA ILE A 330 -21.16 -36.65 32.44
C ILE A 330 -19.78 -36.35 32.98
N GLY A 331 -19.42 -36.89 34.14
CA GLY A 331 -18.09 -36.72 34.70
C GLY A 331 -17.03 -37.33 33.79
N ALA A 332 -17.32 -38.52 33.23
CA ALA A 332 -16.41 -39.23 32.33
C ALA A 332 -16.24 -38.48 31.01
N VAL A 333 -17.33 -37.94 30.45
CA VAL A 333 -17.24 -37.22 29.17
C VAL A 333 -16.48 -35.91 29.35
N GLU A 334 -16.71 -35.21 30.49
CA GLU A 334 -16.00 -33.99 30.81
C GLU A 334 -14.49 -34.30 30.95
N ALA A 335 -14.17 -35.39 31.69
CA ALA A 335 -12.78 -35.82 31.90
C ALA A 335 -12.12 -36.17 30.57
N ALA A 336 -12.85 -36.85 29.67
CA ALA A 336 -12.34 -37.25 28.36
C ALA A 336 -11.98 -36.02 27.53
N PHE A 337 -12.84 -34.99 27.52
CA PHE A 337 -12.55 -33.76 26.78
C PHE A 337 -11.34 -33.02 27.36
N LYS A 338 -11.20 -33.03 28.69
CA LYS A 338 -10.11 -32.33 29.36
C LYS A 338 -8.74 -32.83 28.95
N CYS A 339 -8.60 -34.15 28.74
CA CYS A 339 -7.31 -34.73 28.40
C CYS A 339 -7.19 -35.22 26.98
N CYS A 340 -8.20 -34.95 26.11
CA CYS A 340 -8.22 -35.46 24.73
C CYS A 340 -8.10 -36.99 24.77
N ALA A 341 -8.88 -37.61 25.68
CA ALA A 341 -8.80 -39.06 25.86
C ALA A 341 -9.05 -39.80 24.56
N ALA A 342 -8.23 -40.80 24.28
CA ALA A 342 -8.40 -41.59 23.06
C ALA A 342 -9.70 -42.39 23.11
N ALA A 343 -10.11 -42.80 24.33
CA ALA A 343 -11.31 -43.60 24.49
C ALA A 343 -11.86 -43.53 25.91
N ILE A 344 -13.14 -43.87 26.04
CA ILE A 344 -13.79 -44.09 27.30
C ILE A 344 -14.14 -45.58 27.25
N ILE A 345 -13.52 -46.39 28.10
CA ILE A 345 -13.82 -47.82 28.13
C ILE A 345 -14.86 -48.02 29.21
N VAL A 346 -15.99 -48.59 28.87
CA VAL A 346 -17.07 -48.78 29.81
C VAL A 346 -17.49 -50.23 29.85
N LEU A 347 -17.73 -50.77 31.05
CA LEU A 347 -18.25 -52.12 31.19
C LEU A 347 -19.75 -51.97 31.25
N THR A 348 -20.46 -52.78 30.47
CA THR A 348 -21.91 -52.67 30.43
C THR A 348 -22.56 -54.02 30.20
N THR A 349 -23.68 -54.25 30.88
CA THR A 349 -24.41 -55.49 30.73
C THR A 349 -25.52 -55.32 29.69
N THR A 350 -26.27 -54.22 29.80
CA THR A 350 -27.39 -53.93 28.91
C THR A 350 -27.06 -52.91 27.80
N GLY A 351 -25.95 -52.22 27.91
CA GLY A 351 -25.59 -51.14 27.01
C GLY A 351 -25.90 -49.76 27.59
N ARG A 352 -26.73 -49.69 28.65
CA ARG A 352 -27.16 -48.43 29.25
C ARG A 352 -26.03 -47.49 29.66
N SER A 353 -24.97 -47.99 30.32
CA SER A 353 -23.87 -47.11 30.73
C SER A 353 -23.17 -46.51 29.50
N ALA A 354 -23.07 -47.27 28.39
CA ALA A 354 -22.47 -46.75 27.16
C ALA A 354 -23.40 -45.73 26.50
N GLN A 355 -24.72 -45.98 26.54
CA GLN A 355 -25.70 -45.07 25.98
C GLN A 355 -25.66 -43.71 26.69
N LEU A 356 -25.50 -43.72 28.03
CA LEU A 356 -25.46 -42.48 28.78
C LEU A 356 -24.18 -41.69 28.51
N LEU A 357 -23.10 -42.37 28.11
CA LEU A 357 -21.88 -41.68 27.73
C LEU A 357 -22.09 -41.07 26.31
N SER A 358 -22.66 -41.87 25.39
CA SER A 358 -22.94 -41.49 24.00
CA SER A 358 -22.92 -41.46 24.01
C SER A 358 -23.83 -40.24 23.91
N ARG A 359 -24.80 -40.09 24.82
CA ARG A 359 -25.70 -38.96 24.80
C ARG A 359 -24.98 -37.59 24.92
N TYR A 360 -23.77 -37.59 25.51
CA TYR A 360 -22.99 -36.35 25.63
C TYR A 360 -22.07 -36.10 24.43
N ARG A 361 -22.11 -36.98 23.42
CA ARG A 361 -21.34 -36.89 22.20
C ARG A 361 -19.85 -36.62 22.43
N PRO A 362 -19.18 -37.48 23.23
CA PRO A 362 -17.72 -37.29 23.39
C PRO A 362 -17.00 -37.47 22.05
N ARG A 363 -15.87 -36.78 21.85
CA ARG A 363 -15.02 -37.03 20.69
C ARG A 363 -14.32 -38.41 20.92
N ALA A 364 -14.00 -38.75 22.19
CA ALA A 364 -13.40 -40.03 22.57
C ALA A 364 -14.35 -41.16 22.24
N ALA A 365 -13.84 -42.22 21.62
CA ALA A 365 -14.63 -43.40 21.29
C ALA A 365 -15.11 -44.05 22.58
N VAL A 366 -16.34 -44.53 22.63
CA VAL A 366 -16.85 -45.19 23.82
C VAL A 366 -16.71 -46.69 23.51
N ILE A 367 -15.71 -47.34 24.09
CA ILE A 367 -15.45 -48.76 23.88
C ILE A 367 -16.24 -49.52 24.93
N ALA A 368 -17.33 -50.16 24.54
CA ALA A 368 -18.21 -50.84 25.48
C ALA A 368 -17.85 -52.33 25.56
N VAL A 369 -17.37 -52.78 26.72
CA VAL A 369 -17.02 -54.18 26.93
C VAL A 369 -18.20 -54.86 27.59
N THR A 370 -18.75 -55.87 26.91
CA THR A 370 -19.92 -56.58 27.43
C THR A 370 -19.80 -58.07 27.16
N ARG A 371 -20.41 -58.86 28.01
CA ARG A 371 -20.53 -60.32 27.80
C ARG A 371 -21.81 -60.62 26.99
N SER A 372 -22.80 -59.70 27.00
CA SER A 372 -24.04 -59.91 26.28
C SER A 372 -23.86 -59.69 24.78
N ALA A 373 -24.00 -60.77 24.00
CA ALA A 373 -23.91 -60.69 22.55
C ALA A 373 -25.03 -59.79 22.00
N GLN A 374 -26.23 -59.88 22.60
CA GLN A 374 -27.33 -59.01 22.16
C GLN A 374 -27.05 -57.53 22.48
N ALA A 375 -26.53 -57.20 23.68
CA ALA A 375 -26.23 -55.81 24.01
C ALA A 375 -25.12 -55.29 23.09
N ALA A 376 -24.14 -56.14 22.75
CA ALA A 376 -23.06 -55.74 21.85
C ALA A 376 -23.61 -55.36 20.47
N ARG A 377 -24.62 -56.10 19.99
CA ARG A 377 -25.24 -55.78 18.71
C ARG A 377 -26.11 -54.52 18.81
N GLN A 378 -26.90 -54.40 19.88
CA GLN A 378 -27.81 -53.27 20.04
C GLN A 378 -27.16 -51.93 20.27
N VAL A 379 -26.00 -51.91 20.91
CA VAL A 379 -25.33 -50.68 21.24
C VAL A 379 -24.81 -49.91 19.98
N HIS A 380 -24.86 -50.56 18.78
CA HIS A 380 -24.59 -49.91 17.50
C HIS A 380 -25.61 -48.78 17.25
N LEU A 381 -26.79 -48.82 17.88
CA LEU A 381 -27.78 -47.77 17.73
C LEU A 381 -27.30 -46.42 18.31
N CYS A 382 -26.34 -46.43 19.23
CA CYS A 382 -25.84 -45.23 19.91
C CYS A 382 -24.59 -44.75 19.28
N ARG A 383 -24.56 -43.47 18.83
CA ARG A 383 -23.38 -42.94 18.19
C ARG A 383 -22.13 -43.02 19.03
N GLY A 384 -21.05 -43.44 18.43
CA GLY A 384 -19.75 -43.47 19.10
C GLY A 384 -19.53 -44.59 20.09
N VAL A 385 -20.42 -45.58 20.10
CA VAL A 385 -20.22 -46.75 20.94
C VAL A 385 -19.69 -47.90 20.07
N PHE A 386 -18.51 -48.41 20.44
CA PHE A 386 -17.82 -49.50 19.75
C PHE A 386 -17.89 -50.73 20.66
N PRO A 387 -18.81 -51.65 20.36
CA PRO A 387 -18.98 -52.82 21.22
C PRO A 387 -17.88 -53.88 21.06
N LEU A 388 -17.43 -54.41 22.20
CA LEU A 388 -16.45 -55.48 22.24
C LEU A 388 -17.09 -56.61 23.01
N LEU A 389 -17.26 -57.76 22.35
CA LEU A 389 -17.87 -58.91 23.00
C LEU A 389 -16.81 -59.69 23.78
N TYR A 390 -16.94 -59.73 25.12
CA TYR A 390 -15.98 -60.39 25.99
C TYR A 390 -16.20 -61.90 26.02
N ARG A 391 -15.20 -62.66 25.58
CA ARG A 391 -15.29 -64.11 25.59
C ARG A 391 -14.07 -64.80 26.26
N GLU A 392 -13.39 -64.08 27.14
CA GLU A 392 -12.23 -64.63 27.83
CA GLU A 392 -12.22 -64.62 27.86
C GLU A 392 -12.67 -65.36 29.11
N PRO A 393 -11.85 -66.30 29.65
CA PRO A 393 -12.26 -67.04 30.85
C PRO A 393 -12.52 -66.11 32.02
N PRO A 394 -13.48 -66.49 32.87
CA PRO A 394 -13.78 -65.62 34.01
C PRO A 394 -12.72 -65.64 35.12
N GLU A 395 -12.57 -64.52 35.83
CA GLU A 395 -11.65 -64.49 36.96
C GLU A 395 -12.47 -64.90 38.19
N ALA A 396 -11.82 -65.55 39.16
CA ALA A 396 -12.51 -66.00 40.36
C ALA A 396 -13.03 -64.80 41.20
N ILE A 397 -12.19 -63.79 41.37
CA ILE A 397 -12.56 -62.61 42.15
C ILE A 397 -13.14 -61.53 41.22
N TRP A 398 -14.37 -61.10 41.49
CA TRP A 398 -15.03 -60.07 40.70
C TRP A 398 -14.15 -58.82 40.38
N ALA A 399 -13.42 -58.27 41.36
CA ALA A 399 -12.54 -57.11 41.10
C ALA A 399 -11.47 -57.44 40.03
N ASP A 400 -10.89 -58.67 40.09
CA ASP A 400 -9.91 -59.10 39.10
C ASP A 400 -10.55 -59.26 37.73
N ASP A 401 -11.80 -59.76 37.68
CA ASP A 401 -12.54 -59.98 36.45
C ASP A 401 -12.78 -58.64 35.71
N VAL A 402 -13.11 -57.59 36.49
CA VAL A 402 -13.36 -56.25 35.99
C VAL A 402 -12.08 -55.73 35.37
N ASP A 403 -10.93 -55.89 36.07
CA ASP A 403 -9.63 -55.43 35.57
CA ASP A 403 -9.63 -55.43 35.57
C ASP A 403 -9.27 -56.08 34.25
N ARG A 404 -9.55 -57.40 34.09
CA ARG A 404 -9.22 -58.06 32.82
C ARG A 404 -10.17 -57.65 31.73
N ARG A 405 -11.44 -57.28 32.05
CA ARG A 405 -12.32 -56.75 31.01
C ARG A 405 -11.80 -55.36 30.55
N VAL A 406 -11.28 -54.56 31.46
CA VAL A 406 -10.70 -53.26 31.13
C VAL A 406 -9.42 -53.44 30.30
N GLN A 407 -8.57 -54.44 30.65
CA GLN A 407 -7.38 -54.74 29.87
C GLN A 407 -7.76 -55.29 28.49
N PHE A 408 -8.89 -56.00 28.39
CA PHE A 408 -9.40 -56.51 27.14
C PHE A 408 -9.76 -55.33 26.24
N GLY A 409 -10.44 -54.33 26.80
CA GLY A 409 -10.80 -53.12 26.07
C GLY A 409 -9.57 -52.40 25.57
N ILE A 410 -8.53 -52.30 26.40
CA ILE A 410 -7.26 -51.69 26.03
C ILE A 410 -6.56 -52.45 24.91
N GLU A 411 -6.46 -53.79 25.03
CA GLU A 411 -5.80 -54.61 24.02
C GLU A 411 -6.55 -54.59 22.69
N SER A 412 -7.90 -54.66 22.72
CA SER A 412 -8.68 -54.55 21.50
C SER A 412 -8.55 -53.15 20.88
N GLY A 413 -8.49 -52.12 21.72
CA GLY A 413 -8.32 -50.74 21.26
C GLY A 413 -6.99 -50.54 20.59
N LYS A 414 -5.92 -51.13 21.14
CA LYS A 414 -4.58 -51.02 20.56
C LYS A 414 -4.55 -51.71 19.21
N LEU A 415 -5.11 -52.92 19.13
CA LEU A 415 -5.11 -53.68 17.87
C LEU A 415 -5.92 -52.96 16.79
N ARG A 416 -7.05 -52.36 17.17
CA ARG A 416 -7.90 -51.67 16.20
C ARG A 416 -7.48 -50.26 15.83
N GLY A 417 -6.47 -49.72 16.50
CA GLY A 417 -5.99 -48.37 16.20
C GLY A 417 -6.61 -47.26 17.03
N PHE A 418 -7.53 -47.61 17.95
CA PHE A 418 -8.13 -46.61 18.85
C PHE A 418 -7.11 -46.09 19.84
N LEU A 419 -6.23 -46.97 20.33
CA LEU A 419 -5.29 -46.63 21.39
C LEU A 419 -3.86 -46.91 21.07
N ARG A 420 -2.98 -46.13 21.65
CA ARG A 420 -1.54 -46.30 21.56
C ARG A 420 -0.95 -46.08 22.93
N VAL A 421 0.27 -46.59 23.15
CA VAL A 421 1.00 -46.40 24.42
C VAL A 421 1.19 -44.89 24.66
N GLY A 422 0.91 -44.44 25.87
CA GLY A 422 1.00 -43.02 26.18
C GLY A 422 -0.34 -42.31 26.16
N ASP A 423 -1.36 -42.90 25.49
CA ASP A 423 -2.69 -42.31 25.46
C ASP A 423 -3.32 -42.32 26.85
N LEU A 424 -4.26 -41.40 27.08
CA LEU A 424 -5.04 -41.43 28.29
C LEU A 424 -6.41 -41.97 27.93
N VAL A 425 -6.95 -42.80 28.79
CA VAL A 425 -8.29 -43.33 28.63
C VAL A 425 -9.07 -43.08 29.91
N ILE A 426 -10.38 -43.00 29.80
CA ILE A 426 -11.26 -42.89 30.93
C ILE A 426 -11.93 -44.25 31.04
N VAL A 427 -11.94 -44.85 32.23
CA VAL A 427 -12.54 -46.16 32.41
C VAL A 427 -13.73 -46.04 33.32
N VAL A 428 -14.88 -46.51 32.86
CA VAL A 428 -16.12 -46.42 33.59
C VAL A 428 -16.61 -47.79 34.03
N THR A 429 -16.67 -48.01 35.34
CA THR A 429 -17.09 -49.28 35.93
C THR A 429 -18.13 -49.03 37.07
N GLY A 430 -18.59 -50.10 37.69
CA GLY A 430 -19.56 -50.09 38.79
C GLY A 430 -18.98 -50.67 40.06
N TRP A 431 -19.72 -50.55 41.16
CA TRP A 431 -19.23 -51.00 42.47
C TRP A 431 -19.62 -52.43 42.83
N ARG A 432 -20.54 -53.02 42.10
CA ARG A 432 -20.96 -54.40 42.34
C ARG A 432 -21.46 -55.02 41.03
N PRO A 433 -21.47 -56.36 40.91
CA PRO A 433 -21.97 -57.00 39.67
C PRO A 433 -23.43 -56.69 39.36
N GLY A 434 -23.84 -56.92 38.12
CA GLY A 434 -25.20 -56.66 37.70
C GLY A 434 -25.36 -55.27 37.13
N SER A 435 -26.38 -55.11 36.29
CA SER A 435 -26.70 -53.86 35.63
CA SER A 435 -26.69 -53.83 35.64
C SER A 435 -27.22 -52.80 36.64
N GLY A 436 -26.96 -51.53 36.37
CA GLY A 436 -27.46 -50.42 37.17
C GLY A 436 -26.58 -49.87 38.26
N TYR A 437 -25.36 -50.36 38.40
CA TYR A 437 -24.48 -49.92 39.48
C TYR A 437 -23.24 -49.19 39.03
N THR A 438 -23.22 -48.67 37.78
CA THR A 438 -22.06 -47.86 37.32
C THR A 438 -21.95 -46.62 38.20
N ASN A 439 -20.77 -46.38 38.76
CA ASN A 439 -20.57 -45.22 39.63
C ASN A 439 -19.11 -44.81 39.71
N ILE A 440 -18.22 -45.35 38.87
CA ILE A 440 -16.80 -45.07 38.97
C ILE A 440 -16.21 -44.65 37.65
N MET A 441 -15.37 -43.63 37.71
CA MET A 441 -14.64 -43.17 36.55
CA MET A 441 -14.65 -43.10 36.56
C MET A 441 -13.16 -43.07 36.94
N ARG A 442 -12.28 -43.64 36.13
CA ARG A 442 -10.85 -43.68 36.41
C ARG A 442 -10.07 -43.13 35.23
N VAL A 443 -8.97 -42.43 35.48
CA VAL A 443 -8.12 -41.91 34.43
C VAL A 443 -6.92 -42.83 34.35
N LEU A 444 -6.73 -43.47 33.20
CA LEU A 444 -5.68 -44.46 33.03
C LEU A 444 -4.74 -44.11 31.89
N SER A 445 -3.43 -44.25 32.12
CA SER A 445 -2.45 -44.03 31.07
CA SER A 445 -2.44 -44.03 31.08
C SER A 445 -2.16 -45.38 30.43
N ILE A 446 -2.22 -45.44 29.10
CA ILE A 446 -2.00 -46.68 28.38
C ILE A 446 -0.56 -47.12 28.35
N SER A 447 -0.36 -48.39 28.77
CA SER A 447 0.87 -49.18 28.81
C SER A 447 1.96 -48.53 29.63
N ARG B 12 -36.55 -25.04 33.26
CA ARG B 12 -37.50 -25.79 34.09
C ARG B 12 -37.36 -27.30 33.88
N ALA B 13 -37.28 -27.77 32.62
CA ALA B 13 -37.19 -29.19 32.31
C ALA B 13 -35.86 -29.81 32.78
N ASP B 14 -34.77 -29.03 32.76
CA ASP B 14 -33.46 -29.47 33.23
C ASP B 14 -33.41 -29.64 34.77
N VAL B 15 -34.40 -29.12 35.52
CA VAL B 15 -34.42 -29.27 36.97
C VAL B 15 -35.73 -29.90 37.50
N ALA B 16 -36.69 -30.23 36.62
CA ALA B 16 -38.01 -30.73 37.03
C ALA B 16 -38.00 -32.03 37.85
N GLN B 17 -37.21 -33.03 37.44
CA GLN B 17 -37.15 -34.30 38.16
C GLN B 17 -36.50 -34.10 39.53
N LEU B 18 -35.38 -33.40 39.58
CA LEU B 18 -34.71 -33.11 40.85
C LEU B 18 -35.52 -32.21 41.76
N THR B 19 -36.35 -31.32 41.18
CA THR B 19 -37.22 -30.47 41.98
C THR B 19 -38.28 -31.34 42.64
N GLN B 20 -38.84 -32.33 41.91
CA GLN B 20 -39.83 -33.23 42.51
C GLN B 20 -39.17 -34.07 43.61
N GLU B 21 -37.93 -34.54 43.39
CA GLU B 21 -37.22 -35.39 44.35
C GLU B 21 -36.73 -34.65 45.58
N LEU B 22 -36.01 -33.54 45.38
CA LEU B 22 -35.44 -32.76 46.47
C LEU B 22 -36.42 -31.77 47.10
N GLY B 23 -37.45 -31.40 46.36
CA GLY B 23 -38.47 -30.47 46.83
C GLY B 23 -38.23 -29.05 46.41
N THR B 24 -39.30 -28.26 46.38
CA THR B 24 -39.19 -26.86 46.01
C THR B 24 -38.46 -26.07 47.08
N ALA B 25 -38.53 -26.47 48.38
CA ALA B 25 -37.82 -25.73 49.41
C ALA B 25 -36.31 -25.75 49.17
N PHE B 26 -35.79 -26.92 48.77
CA PHE B 26 -34.36 -27.10 48.45
C PHE B 26 -33.94 -26.11 47.34
N PHE B 27 -34.73 -26.01 46.28
CA PHE B 27 -34.39 -25.16 45.15
C PHE B 27 -34.66 -23.68 45.37
N GLN B 28 -35.22 -23.28 46.53
CA GLN B 28 -35.38 -21.87 46.83
C GLN B 28 -34.20 -21.36 47.69
N GLN B 29 -33.48 -22.25 48.38
CA GLN B 29 -32.36 -21.91 49.24
C GLN B 29 -31.08 -21.72 48.42
N GLN B 30 -30.03 -21.21 49.08
CA GLN B 30 -28.67 -21.00 48.59
C GLN B 30 -28.61 -20.34 47.22
N GLN B 31 -29.50 -19.38 46.97
CA GLN B 31 -29.59 -18.66 45.71
C GLN B 31 -29.70 -19.59 44.51
N LEU B 32 -30.31 -20.77 44.68
CA LEU B 32 -30.46 -21.70 43.56
C LEU B 32 -31.31 -21.13 42.41
N PRO B 33 -32.37 -20.32 42.61
CA PRO B 33 -33.06 -19.74 41.44
C PRO B 33 -32.09 -18.84 40.65
N ALA B 34 -31.24 -18.07 41.34
CA ALA B 34 -30.24 -17.22 40.65
C ALA B 34 -29.16 -18.09 40.00
N ALA B 35 -28.84 -19.23 40.59
CA ALA B 35 -27.85 -20.16 40.05
C ALA B 35 -28.30 -20.74 38.72
N MET B 36 -29.61 -20.97 38.55
CA MET B 36 -30.14 -21.55 37.32
C MET B 36 -30.37 -20.56 36.19
N ALA B 37 -30.11 -19.26 36.41
CA ALA B 37 -30.34 -18.26 35.39
C ALA B 37 -29.47 -18.45 34.17
N ASP B 38 -30.00 -18.07 33.01
CA ASP B 38 -29.30 -18.23 31.74
C ASP B 38 -28.32 -17.11 31.42
N THR B 39 -28.43 -15.96 32.10
CA THR B 39 -27.50 -14.85 31.90
C THR B 39 -27.09 -14.29 33.26
N PHE B 40 -25.94 -13.60 33.31
CA PHE B 40 -25.47 -12.96 34.54
C PHE B 40 -26.48 -11.90 35.00
N LEU B 41 -27.06 -11.16 34.05
CA LEU B 41 -28.07 -10.14 34.36
C LEU B 41 -29.28 -10.79 35.05
N GLU B 42 -29.79 -11.90 34.49
CA GLU B 42 -30.94 -12.62 35.07
CA GLU B 42 -30.94 -12.58 35.09
C GLU B 42 -30.56 -13.17 36.46
N HIS B 43 -29.30 -13.64 36.59
CA HIS B 43 -28.77 -14.16 37.85
C HIS B 43 -28.86 -13.07 38.92
N LEU B 44 -28.44 -11.84 38.61
CA LEU B 44 -28.52 -10.73 39.56
C LEU B 44 -29.96 -10.44 39.92
N CYS B 45 -30.86 -10.38 38.92
CA CYS B 45 -32.29 -10.12 39.13
C CYS B 45 -32.93 -11.16 40.04
N LEU B 46 -32.39 -12.38 40.08
CA LEU B 46 -32.99 -13.46 40.87
C LEU B 46 -32.38 -13.61 42.26
N LEU B 47 -31.37 -12.81 42.62
CA LEU B 47 -30.79 -12.87 43.97
C LEU B 47 -31.88 -12.49 44.97
N ASP B 48 -32.00 -13.27 46.03
CA ASP B 48 -33.10 -13.15 46.95
C ASP B 48 -32.61 -13.09 48.36
N ILE B 49 -32.95 -12.01 49.09
CA ILE B 49 -32.56 -11.89 50.48
C ILE B 49 -33.22 -12.97 51.38
N ASP B 50 -34.34 -13.56 50.93
CA ASP B 50 -34.99 -14.65 51.68
C ASP B 50 -34.45 -16.04 51.32
N SER B 51 -33.48 -16.13 50.38
CA SER B 51 -32.91 -17.42 50.02
C SER B 51 -31.73 -17.65 50.96
N GLU B 52 -31.92 -18.48 51.97
CA GLU B 52 -30.92 -18.68 53.00
C GLU B 52 -29.75 -19.54 52.57
N PRO B 53 -28.53 -19.16 52.97
CA PRO B 53 -27.37 -20.02 52.68
C PRO B 53 -27.49 -21.33 53.45
N VAL B 54 -27.05 -22.43 52.85
CA VAL B 54 -27.11 -23.74 53.50
C VAL B 54 -25.69 -24.31 53.65
N ALA B 55 -24.88 -24.16 52.61
CA ALA B 55 -23.52 -24.70 52.60
C ALA B 55 -22.63 -24.13 53.68
N ALA B 56 -21.62 -24.92 54.10
CA ALA B 56 -20.60 -24.47 55.03
C ALA B 56 -19.79 -23.36 54.32
N ARG B 57 -19.35 -22.40 55.10
CA ARG B 57 -18.62 -21.26 54.58
C ARG B 57 -17.29 -21.71 54.00
N SER B 58 -17.08 -21.40 52.74
CA SER B 58 -15.93 -21.88 52.02
C SER B 58 -14.73 -20.92 51.95
N THR B 59 -14.94 -19.59 52.05
CA THR B 59 -13.84 -18.65 51.99
C THR B 59 -13.20 -18.59 53.36
N SER B 60 -11.90 -18.92 53.47
CA SER B 60 -11.25 -18.91 54.78
C SER B 60 -11.07 -17.52 55.33
N ILE B 61 -11.12 -17.44 56.64
CA ILE B 61 -10.91 -16.20 57.34
C ILE B 61 -9.54 -16.22 58.00
N ILE B 62 -8.74 -15.21 57.67
CA ILE B 62 -7.44 -15.02 58.28
C ILE B 62 -7.64 -13.93 59.32
N ALA B 63 -7.36 -14.22 60.59
CA ALA B 63 -7.50 -13.21 61.64
C ALA B 63 -6.13 -12.90 62.19
N THR B 64 -5.81 -11.62 62.31
CA THR B 64 -4.52 -11.23 62.87
C THR B 64 -4.59 -11.34 64.37
N ILE B 65 -3.64 -12.04 64.96
CA ILE B 65 -3.64 -12.25 66.41
C ILE B 65 -2.69 -11.26 67.04
N GLY B 66 -3.23 -10.45 67.91
CA GLY B 66 -2.48 -9.41 68.61
C GLY B 66 -3.03 -9.15 69.98
N PRO B 67 -2.79 -7.95 70.51
CA PRO B 67 -3.26 -7.63 71.87
C PRO B 67 -4.72 -7.92 72.21
N ALA B 68 -5.63 -7.68 71.26
CA ALA B 68 -7.06 -7.89 71.53
C ALA B 68 -7.53 -9.34 71.36
N SER B 69 -6.68 -10.21 70.85
CA SER B 69 -7.13 -11.56 70.49
C SER B 69 -6.15 -12.67 70.84
N ARG B 70 -5.22 -12.42 71.77
CA ARG B 70 -4.16 -13.34 72.16
C ARG B 70 -4.50 -14.35 73.21
N SER B 71 -5.45 -14.06 74.10
CA SER B 71 -5.73 -15.00 75.18
C SER B 71 -6.29 -16.31 74.65
N VAL B 72 -5.99 -17.42 75.34
CA VAL B 72 -6.46 -18.74 74.95
C VAL B 72 -7.99 -18.78 74.91
N GLU B 73 -8.63 -18.16 75.89
CA GLU B 73 -10.09 -18.11 75.99
C GLU B 73 -10.70 -17.38 74.78
N ARG B 74 -10.10 -16.24 74.39
CA ARG B 74 -10.57 -15.44 73.27
C ARG B 74 -10.31 -16.20 71.95
N LEU B 75 -9.15 -16.84 71.82
CA LEU B 75 -8.80 -17.65 70.67
C LEU B 75 -9.74 -18.81 70.45
N LYS B 76 -10.26 -19.42 71.54
CA LYS B 76 -11.25 -20.48 71.41
C LYS B 76 -12.53 -19.90 70.80
N GLU B 77 -12.93 -18.70 71.22
CA GLU B 77 -14.12 -18.02 70.67
CA GLU B 77 -14.13 -18.06 70.66
C GLU B 77 -13.89 -17.67 69.20
N MET B 78 -12.66 -17.26 68.83
CA MET B 78 -12.34 -16.90 67.45
CA MET B 78 -12.35 -16.90 67.45
C MET B 78 -12.37 -18.12 66.54
N ILE B 79 -11.89 -19.28 67.06
CA ILE B 79 -11.91 -20.52 66.30
C ILE B 79 -13.38 -20.93 66.09
N LYS B 80 -14.21 -20.84 67.14
CA LYS B 80 -15.63 -21.19 67.01
C LYS B 80 -16.38 -20.23 66.06
N ALA B 81 -15.98 -18.94 66.05
CA ALA B 81 -16.56 -17.92 65.18
C ALA B 81 -16.21 -18.14 63.69
N GLY B 82 -15.10 -18.85 63.41
CA GLY B 82 -14.73 -19.17 62.06
C GLY B 82 -13.30 -18.92 61.62
N MET B 83 -12.42 -18.47 62.53
CA MET B 83 -11.02 -18.22 62.15
C MET B 83 -10.34 -19.52 61.67
N ASN B 84 -9.75 -19.49 60.48
CA ASN B 84 -9.08 -20.65 59.91
C ASN B 84 -7.56 -20.49 59.90
N ILE B 85 -7.09 -19.25 59.77
CA ILE B 85 -5.67 -18.93 59.72
C ILE B 85 -5.37 -17.79 60.68
N ALA B 86 -4.38 -17.96 61.57
CA ALA B 86 -3.97 -16.95 62.52
C ALA B 86 -2.76 -16.25 61.92
N ARG B 87 -2.85 -14.93 61.75
CA ARG B 87 -1.77 -14.16 61.17
C ARG B 87 -0.99 -13.46 62.26
N LEU B 88 0.35 -13.53 62.20
CA LEU B 88 1.20 -12.83 63.16
C LEU B 88 1.96 -11.79 62.37
N ASN B 89 1.75 -10.53 62.72
CA ASN B 89 2.34 -9.44 61.98
C ASN B 89 3.68 -9.08 62.58
N PHE B 90 4.75 -9.46 61.91
CA PHE B 90 6.11 -9.20 62.40
C PHE B 90 6.57 -7.74 62.20
N SER B 91 5.66 -6.84 61.75
CA SER B 91 5.96 -5.41 61.76
C SER B 91 5.82 -4.90 63.22
N HIS B 92 5.09 -5.62 64.09
CA HIS B 92 4.85 -5.30 65.49
C HIS B 92 5.38 -6.42 66.42
N GLY B 93 5.30 -6.17 67.72
CA GLY B 93 5.71 -7.12 68.75
C GLY B 93 7.16 -7.50 68.67
N SER B 94 7.44 -8.73 69.06
CA SER B 94 8.78 -9.29 69.08
C SER B 94 8.67 -10.81 68.90
N HIS B 95 9.83 -11.50 68.83
CA HIS B 95 9.84 -12.96 68.72
C HIS B 95 9.20 -13.57 69.96
N GLU B 96 9.49 -13.04 71.16
CA GLU B 96 8.91 -13.56 72.39
C GLU B 96 7.38 -13.35 72.41
N TYR B 97 6.93 -12.16 72.00
CA TYR B 97 5.51 -11.84 72.01
C TYR B 97 4.75 -12.76 71.03
N HIS B 98 5.26 -12.87 69.80
CA HIS B 98 4.63 -13.70 68.79
C HIS B 98 4.70 -15.20 69.12
N ALA B 99 5.81 -15.67 69.77
CA ALA B 99 5.90 -17.06 70.19
C ALA B 99 4.80 -17.39 71.20
N GLU B 100 4.52 -16.47 72.11
CA GLU B 100 3.48 -16.67 73.10
C GLU B 100 2.09 -16.68 72.43
N SER B 101 1.87 -15.82 71.41
CA SER B 101 0.60 -15.80 70.68
C SER B 101 0.41 -17.13 69.96
N ILE B 102 1.47 -17.62 69.30
CA ILE B 102 1.46 -18.90 68.60
C ILE B 102 1.13 -20.04 69.58
N ALA B 103 1.78 -20.05 70.77
CA ALA B 103 1.51 -21.08 71.78
C ALA B 103 0.06 -21.01 72.23
N ASN B 104 -0.48 -19.79 72.38
CA ASN B 104 -1.88 -19.62 72.79
C ASN B 104 -2.83 -20.12 71.71
N VAL B 105 -2.49 -19.87 70.43
CA VAL B 105 -3.29 -20.36 69.30
C VAL B 105 -3.29 -21.88 69.32
N ARG B 106 -2.09 -22.49 69.43
CA ARG B 106 -1.99 -23.96 69.48
C ARG B 106 -2.72 -24.56 70.67
N GLU B 107 -2.69 -23.89 71.83
CA GLU B 107 -3.42 -24.39 73.00
C GLU B 107 -4.92 -24.33 72.73
N ALA B 108 -5.41 -23.22 72.17
CA ALA B 108 -6.83 -23.10 71.85
C ALA B 108 -7.25 -24.14 70.80
N VAL B 109 -6.43 -24.35 69.77
CA VAL B 109 -6.72 -25.31 68.71
C VAL B 109 -6.76 -26.74 69.28
N GLU B 110 -5.77 -27.09 70.10
CA GLU B 110 -5.69 -28.42 70.67
C GLU B 110 -6.75 -28.68 71.75
N SER B 111 -7.42 -27.64 72.26
CA SER B 111 -8.51 -27.83 73.21
C SER B 111 -9.72 -28.55 72.58
N PHE B 112 -9.81 -28.55 71.23
CA PHE B 112 -10.89 -29.22 70.51
C PHE B 112 -10.43 -30.54 69.86
N ALA B 113 -9.22 -31.06 70.20
CA ALA B 113 -8.62 -32.22 69.57
C ALA B 113 -9.15 -33.61 69.93
N GLY B 114 -10.01 -33.71 70.93
CA GLY B 114 -10.52 -35.02 71.34
C GLY B 114 -11.43 -35.73 70.33
N SER B 115 -11.81 -35.03 69.25
CA SER B 115 -12.71 -35.60 68.26
C SER B 115 -12.61 -34.87 66.92
N PRO B 116 -12.70 -35.60 65.79
CA PRO B 116 -12.74 -34.91 64.48
C PRO B 116 -13.99 -34.06 64.27
N LEU B 117 -15.04 -34.24 65.09
CA LEU B 117 -16.23 -33.40 65.00
C LEU B 117 -16.01 -32.01 65.59
N SER B 118 -15.09 -31.89 66.55
CA SER B 118 -14.81 -30.61 67.19
C SER B 118 -13.51 -29.99 66.69
N TYR B 119 -12.52 -30.81 66.27
CA TYR B 119 -11.22 -30.31 65.86
C TYR B 119 -11.27 -29.46 64.61
N ARG B 120 -10.64 -28.30 64.67
CA ARG B 120 -10.55 -27.40 63.54
C ARG B 120 -9.10 -27.05 63.42
N PRO B 121 -8.41 -27.58 62.40
CA PRO B 121 -7.02 -27.15 62.19
C PRO B 121 -6.99 -25.66 61.87
N VAL B 122 -6.02 -24.98 62.45
CA VAL B 122 -5.87 -23.56 62.24
C VAL B 122 -4.45 -23.34 61.80
N ALA B 123 -4.26 -22.73 60.63
CA ALA B 123 -2.93 -22.46 60.13
C ALA B 123 -2.29 -21.30 60.85
N ILE B 124 -0.95 -21.29 60.93
CA ILE B 124 -0.22 -20.19 61.54
C ILE B 124 0.57 -19.53 60.44
N ALA B 125 0.33 -18.23 60.21
CA ALA B 125 0.94 -17.49 59.12
C ALA B 125 1.78 -16.36 59.67
N LEU B 126 2.99 -16.22 59.15
CA LEU B 126 3.89 -15.18 59.59
C LEU B 126 3.91 -14.12 58.51
N ASP B 127 3.56 -12.90 58.86
CA ASP B 127 3.56 -11.79 57.90
C ASP B 127 4.82 -10.96 58.16
N THR B 128 5.71 -10.90 57.19
CA THR B 128 6.99 -10.22 57.37
C THR B 128 6.91 -8.70 57.42
N LYS B 129 7.89 -8.07 58.07
CA LYS B 129 7.99 -6.63 58.16
C LYS B 129 8.20 -6.03 56.76
N GLY B 130 9.07 -6.66 55.97
CA GLY B 130 9.33 -6.22 54.61
C GLY B 130 10.70 -5.63 54.39
N PRO B 131 11.01 -5.23 53.14
CA PRO B 131 12.34 -4.74 52.79
C PRO B 131 12.64 -3.29 53.20
N GLY B 132 11.67 -2.60 53.78
CA GLY B 132 11.89 -1.18 54.09
C GLY B 132 12.41 -0.46 52.85
N SER B 133 13.51 0.28 52.99
CA SER B 133 14.07 1.06 51.85
C SER B 133 15.01 0.18 51.01
N GLY B 134 15.24 -1.05 51.45
CA GLY B 134 16.20 -1.94 50.74
C GLY B 134 15.68 -2.49 49.43
N PRO B 135 16.57 -2.99 48.55
CA PRO B 135 16.16 -3.62 47.29
C PRO B 135 15.64 -5.05 47.43
N GLY B 136 15.75 -5.65 48.62
CA GLY B 136 15.37 -7.07 48.77
C GLY B 136 15.30 -7.56 50.20
N LEU B 137 15.68 -8.81 50.47
CA LEU B 137 15.49 -9.38 51.83
C LEU B 137 16.31 -8.65 52.89
N SER B 138 15.61 -8.06 53.86
CA SER B 138 16.21 -7.37 54.98
C SER B 138 16.75 -8.34 56.02
N GLU B 139 17.63 -7.86 56.92
CA GLU B 139 18.19 -8.70 57.96
C GLU B 139 17.13 -9.09 58.98
N GLN B 140 16.17 -8.19 59.28
CA GLN B 140 15.09 -8.53 60.21
C GLN B 140 14.21 -9.64 59.62
N ASP B 141 13.95 -9.58 58.30
CA ASP B 141 13.17 -10.62 57.64
C ASP B 141 13.89 -11.96 57.69
N VAL B 142 15.22 -11.97 57.52
CA VAL B 142 15.99 -13.22 57.64
C VAL B 142 15.79 -13.86 59.03
N ARG B 143 15.90 -13.04 60.09
CA ARG B 143 15.71 -13.53 61.45
C ARG B 143 14.28 -13.97 61.73
N ASP B 144 13.29 -13.21 61.22
CA ASP B 144 11.88 -13.54 61.42
C ASP B 144 11.49 -14.80 60.66
N LEU B 145 12.03 -14.99 59.46
CA LEU B 145 11.77 -16.19 58.68
C LEU B 145 12.38 -17.41 59.36
N ARG B 146 13.58 -17.26 59.96
CA ARG B 146 14.20 -18.35 60.70
C ARG B 146 13.35 -18.68 61.93
N PHE B 147 12.79 -17.65 62.61
CA PHE B 147 11.87 -17.83 63.75
C PHE B 147 10.66 -18.64 63.28
N GLY B 148 10.12 -18.30 62.11
CA GLY B 148 8.97 -18.99 61.52
C GLY B 148 9.22 -20.47 61.33
N VAL B 149 10.39 -20.81 60.76
CA VAL B 149 10.79 -22.22 60.56
C VAL B 149 10.93 -22.92 61.90
N GLU B 150 11.61 -22.30 62.86
CA GLU B 150 11.81 -22.88 64.18
C GLU B 150 10.51 -23.08 64.95
N HIS B 151 9.52 -22.21 64.71
CA HIS B 151 8.23 -22.33 65.38
C HIS B 151 7.18 -23.11 64.56
N GLY B 152 7.57 -23.70 63.43
CA GLY B 152 6.71 -24.52 62.61
C GLY B 152 5.52 -23.81 61.97
N VAL B 153 5.72 -22.56 61.51
CA VAL B 153 4.62 -21.84 60.85
C VAL B 153 4.27 -22.53 59.53
N ASP B 154 3.01 -22.42 59.12
CA ASP B 154 2.54 -23.08 57.91
C ASP B 154 2.69 -22.22 56.67
N ILE B 155 2.58 -20.91 56.84
CA ILE B 155 2.54 -19.95 55.75
C ILE B 155 3.36 -18.72 56.05
N VAL B 156 3.92 -18.14 55.02
CA VAL B 156 4.59 -16.85 55.13
C VAL B 156 3.86 -15.90 54.19
N PHE B 157 3.42 -14.75 54.70
CA PHE B 157 2.87 -13.68 53.88
C PHE B 157 4.07 -12.77 53.69
N ALA B 158 4.73 -12.85 52.54
CA ALA B 158 5.94 -12.09 52.28
C ALA B 158 5.61 -10.68 51.82
N SER B 159 5.94 -9.69 52.64
CA SER B 159 5.66 -8.29 52.35
C SER B 159 6.47 -7.71 51.20
N PHE B 160 5.82 -6.83 50.44
CA PHE B 160 6.42 -6.08 49.35
C PHE B 160 7.18 -6.92 48.35
N VAL B 161 6.54 -8.00 47.84
CA VAL B 161 7.15 -8.80 46.81
C VAL B 161 7.04 -8.02 45.51
N ARG B 162 8.19 -7.72 44.89
CA ARG B 162 8.25 -6.91 43.67
C ARG B 162 8.69 -7.65 42.42
N LYS B 163 9.26 -8.85 42.58
CA LYS B 163 9.78 -9.64 41.49
C LYS B 163 10.04 -11.08 41.97
N ALA B 164 10.23 -12.00 41.01
CA ALA B 164 10.47 -13.42 41.32
C ALA B 164 11.65 -13.64 42.26
N SER B 165 12.73 -12.85 42.12
CA SER B 165 13.90 -13.01 42.99
C SER B 165 13.61 -12.70 44.46
N ASP B 166 12.57 -11.90 44.74
CA ASP B 166 12.19 -11.63 46.14
C ASP B 166 11.65 -12.89 46.78
N VAL B 167 10.83 -13.66 46.06
CA VAL B 167 10.25 -14.87 46.63
C VAL B 167 11.38 -15.94 46.73
N ALA B 168 12.33 -15.98 45.77
CA ALA B 168 13.47 -16.91 45.85
C ALA B 168 14.30 -16.61 47.12
N ALA B 169 14.47 -15.33 47.46
CA ALA B 169 15.19 -14.94 48.66
C ALA B 169 14.46 -15.38 49.92
N VAL B 170 13.12 -15.27 49.94
CA VAL B 170 12.33 -15.71 51.09
C VAL B 170 12.46 -17.23 51.24
N ARG B 171 12.36 -17.95 50.12
CA ARG B 171 12.48 -19.40 50.06
CA ARG B 171 12.48 -19.41 50.07
C ARG B 171 13.85 -19.84 50.61
N ALA B 172 14.93 -19.17 50.17
CA ALA B 172 16.29 -19.48 50.64
C ALA B 172 16.42 -19.24 52.13
N ALA B 173 15.83 -18.13 52.64
CA ALA B 173 15.86 -17.80 54.07
C ALA B 173 15.07 -18.78 54.94
N LEU B 174 14.12 -19.51 54.36
CA LEU B 174 13.40 -20.55 55.10
C LEU B 174 14.28 -21.84 55.28
N GLY B 175 15.34 -21.96 54.49
CA GLY B 175 16.29 -23.05 54.59
C GLY B 175 15.78 -24.43 54.20
N PRO B 176 16.58 -25.46 54.49
CA PRO B 176 16.18 -26.82 54.13
C PRO B 176 15.01 -27.34 54.94
N GLU B 177 14.82 -26.85 56.18
CA GLU B 177 13.72 -27.28 57.02
C GLU B 177 12.37 -26.62 56.72
N GLY B 178 12.37 -25.53 55.96
CA GLY B 178 11.15 -24.81 55.64
C GLY B 178 10.66 -24.97 54.22
N HIS B 179 11.03 -26.07 53.55
CA HIS B 179 10.60 -26.33 52.18
C HIS B 179 9.07 -26.51 52.03
N GLY B 180 8.42 -26.97 53.09
CA GLY B 180 6.98 -27.21 53.08
C GLY B 180 6.13 -25.99 53.40
N ILE B 181 6.75 -24.89 53.85
CA ILE B 181 6.02 -23.66 54.18
C ILE B 181 5.49 -23.00 52.90
N LYS B 182 4.21 -22.59 52.89
CA LYS B 182 3.64 -21.91 51.73
C LYS B 182 4.06 -20.45 51.70
N ILE B 183 4.48 -19.96 50.56
CA ILE B 183 4.85 -18.55 50.42
C ILE B 183 3.74 -17.83 49.66
N ILE B 184 3.06 -16.94 50.35
CA ILE B 184 2.00 -16.12 49.75
C ILE B 184 2.63 -14.74 49.56
N SER B 185 2.86 -14.35 48.31
CA SER B 185 3.49 -13.08 48.02
C SER B 185 2.50 -11.92 48.15
N LYS B 186 2.84 -10.93 48.96
CA LYS B 186 1.99 -9.75 49.12
C LYS B 186 2.32 -8.75 48.02
N ILE B 187 1.31 -8.38 47.21
CA ILE B 187 1.49 -7.40 46.14
C ILE B 187 1.04 -6.08 46.72
N GLU B 188 2.01 -5.17 46.90
CA GLU B 188 1.78 -3.92 47.61
C GLU B 188 2.17 -2.66 46.86
N ASN B 189 2.71 -2.77 45.64
CA ASN B 189 3.13 -1.59 44.91
C ASN B 189 2.99 -1.77 43.40
N HIS B 190 3.30 -0.73 42.63
CA HIS B 190 3.18 -0.77 41.19
C HIS B 190 4.04 -1.85 40.56
N GLU B 191 5.29 -2.00 41.00
CA GLU B 191 6.17 -3.02 40.43
C GLU B 191 5.62 -4.45 40.64
N GLY B 192 5.11 -4.73 41.83
CA GLY B 192 4.51 -6.04 42.12
C GLY B 192 3.32 -6.33 41.21
N VAL B 193 2.51 -5.30 40.91
CA VAL B 193 1.38 -5.48 40.00
C VAL B 193 1.88 -5.72 38.57
N LYS B 194 2.85 -4.92 38.12
CA LYS B 194 3.40 -5.06 36.77
C LYS B 194 4.14 -6.37 36.55
N ARG B 195 4.85 -6.87 37.57
CA ARG B 195 5.56 -8.13 37.48
C ARG B 195 4.78 -9.29 38.10
N PHE B 196 3.45 -9.15 38.17
CA PHE B 196 2.56 -10.13 38.78
C PHE B 196 2.76 -11.53 38.26
N ASP B 197 2.77 -11.71 36.93
CA ASP B 197 2.89 -13.03 36.34
C ASP B 197 4.13 -13.78 36.77
N GLU B 198 5.29 -13.10 36.79
CA GLU B 198 6.52 -13.73 37.22
C GLU B 198 6.50 -14.07 38.70
N ILE B 199 5.84 -13.25 39.52
CA ILE B 199 5.74 -13.46 40.96
C ILE B 199 4.80 -14.64 41.24
N LEU B 200 3.63 -14.67 40.59
CA LEU B 200 2.67 -15.75 40.80
C LEU B 200 3.27 -17.11 40.42
N GLU B 201 4.03 -17.13 39.32
CA GLU B 201 4.68 -18.35 38.84
C GLU B 201 5.53 -19.04 39.91
N VAL B 202 6.25 -18.28 40.72
CA VAL B 202 7.10 -18.86 41.76
C VAL B 202 6.53 -18.83 43.18
N SER B 203 5.33 -18.29 43.36
CA SER B 203 4.71 -18.23 44.69
C SER B 203 3.67 -19.33 44.83
N ASP B 204 3.32 -19.68 46.06
CA ASP B 204 2.22 -20.60 46.30
C ASP B 204 0.84 -19.88 46.16
N GLY B 205 0.84 -18.57 46.32
CA GLY B 205 -0.35 -17.75 46.22
C GLY B 205 -0.02 -16.28 46.37
N ILE B 206 -1.06 -15.46 46.39
CA ILE B 206 -0.91 -14.01 46.44
C ILE B 206 -1.79 -13.39 47.49
N MET B 207 -1.34 -12.28 48.06
CA MET B 207 -2.18 -11.47 48.92
C MET B 207 -2.29 -10.10 48.25
N VAL B 208 -3.53 -9.62 48.05
CA VAL B 208 -3.77 -8.27 47.54
C VAL B 208 -3.72 -7.39 48.80
N ALA B 209 -2.55 -6.82 49.09
CA ALA B 209 -2.30 -6.06 50.31
C ALA B 209 -2.69 -4.64 50.04
N ARG B 210 -4.01 -4.36 50.18
CA ARG B 210 -4.59 -3.10 49.77
C ARG B 210 -4.16 -1.87 50.52
N GLY B 211 -3.69 -2.00 51.76
CA GLY B 211 -3.23 -0.87 52.56
C GLY B 211 -2.09 -0.13 51.88
N ASP B 212 -0.96 -0.82 51.66
CA ASP B 212 0.17 -0.23 50.97
C ASP B 212 -0.14 -0.02 49.51
N LEU B 213 -0.87 -0.97 48.87
CA LEU B 213 -1.21 -0.81 47.45
C LEU B 213 -1.96 0.52 47.18
N GLY B 214 -2.87 0.88 48.09
CA GLY B 214 -3.66 2.10 48.01
C GLY B 214 -2.91 3.39 48.25
N ILE B 215 -1.67 3.30 48.74
CA ILE B 215 -0.77 4.44 48.95
C ILE B 215 0.29 4.46 47.82
N GLU B 216 0.68 3.30 47.29
CA GLU B 216 1.69 3.15 46.25
C GLU B 216 1.14 3.46 44.86
N ILE B 217 -0.14 3.13 44.63
CA ILE B 217 -0.81 3.46 43.37
C ILE B 217 -2.05 4.31 43.72
N PRO B 218 -2.65 5.04 42.75
CA PRO B 218 -3.86 5.83 43.07
C PRO B 218 -4.94 4.96 43.73
N ALA B 219 -5.55 5.46 44.80
CA ALA B 219 -6.54 4.70 45.56
C ALA B 219 -7.70 4.21 44.68
N GLU B 220 -8.07 5.01 43.70
CA GLU B 220 -9.16 4.66 42.78
C GLU B 220 -8.80 3.53 41.81
N LYS B 221 -7.53 3.07 41.77
CA LYS B 221 -7.11 1.99 40.89
C LYS B 221 -6.96 0.65 41.63
N VAL B 222 -7.00 0.64 42.97
CA VAL B 222 -6.80 -0.59 43.74
C VAL B 222 -7.78 -1.69 43.35
N PHE B 223 -9.07 -1.35 43.11
CA PHE B 223 -10.05 -2.37 42.75
C PHE B 223 -9.67 -3.08 41.45
N LEU B 224 -9.00 -2.36 40.50
CA LEU B 224 -8.58 -2.95 39.23
C LEU B 224 -7.48 -3.98 39.50
N ALA B 225 -6.52 -3.62 40.35
CA ALA B 225 -5.43 -4.51 40.70
C ALA B 225 -5.97 -5.72 41.46
N GLN B 226 -6.91 -5.50 42.39
CA GLN B 226 -7.53 -6.59 43.14
C GLN B 226 -8.26 -7.56 42.19
N LYS B 227 -9.14 -7.04 41.32
CA LYS B 227 -9.89 -7.91 40.43
C LYS B 227 -9.00 -8.64 39.45
N MET B 228 -7.97 -7.96 38.94
CA MET B 228 -7.02 -8.58 38.01
C MET B 228 -6.24 -9.71 38.70
N MET B 229 -5.71 -9.46 39.89
CA MET B 229 -4.92 -10.46 40.59
C MET B 229 -5.74 -11.64 41.04
N ILE B 230 -6.99 -11.39 41.47
CA ILE B 230 -7.86 -12.48 41.85
C ILE B 230 -8.20 -13.34 40.61
N GLY B 231 -8.52 -12.68 39.49
CA GLY B 231 -8.82 -13.37 38.25
C GLY B 231 -7.66 -14.24 37.79
N ARG B 232 -6.42 -13.68 37.82
CA ARG B 232 -5.24 -14.44 37.41
C ARG B 232 -4.93 -15.59 38.33
N CYS B 233 -5.13 -15.41 39.63
CA CYS B 233 -4.92 -16.50 40.59
C CYS B 233 -5.95 -17.58 40.38
N ASN B 234 -7.21 -17.22 40.13
CA ASN B 234 -8.26 -18.19 39.86
C ASN B 234 -7.93 -18.98 38.59
N LEU B 235 -7.43 -18.30 37.56
CA LEU B 235 -7.04 -18.93 36.31
C LEU B 235 -5.85 -19.88 36.55
N ALA B 236 -4.86 -19.48 37.37
CA ALA B 236 -3.71 -20.31 37.71
C ALA B 236 -4.01 -21.42 38.74
N GLY B 237 -5.16 -21.36 39.38
CA GLY B 237 -5.52 -22.33 40.42
C GLY B 237 -4.68 -22.17 41.67
N LYS B 238 -4.25 -20.93 41.98
CA LYS B 238 -3.46 -20.67 43.19
C LYS B 238 -4.23 -19.77 44.14
N PRO B 239 -4.08 -19.96 45.47
CA PRO B 239 -4.85 -19.13 46.42
C PRO B 239 -4.57 -17.65 46.36
N VAL B 240 -5.62 -16.86 46.54
CA VAL B 240 -5.49 -15.41 46.58
C VAL B 240 -6.25 -14.89 47.80
N VAL B 241 -5.61 -14.00 48.53
CA VAL B 241 -6.16 -13.43 49.75
C VAL B 241 -6.51 -11.98 49.48
N CYS B 242 -7.70 -11.54 49.91
CA CYS B 242 -8.02 -10.13 49.86
C CYS B 242 -7.80 -9.61 51.27
N ALA B 243 -7.06 -8.52 51.40
CA ALA B 243 -6.70 -8.01 52.71
C ALA B 243 -6.86 -6.52 52.86
N THR B 244 -7.01 -6.08 54.13
CA THR B 244 -6.90 -4.73 54.69
C THR B 244 -8.12 -3.85 54.55
N GLN B 245 -8.56 -3.39 55.72
CA GLN B 245 -9.69 -2.48 55.92
C GLN B 245 -11.00 -3.04 55.46
N MET B 246 -11.15 -4.37 55.41
CA MET B 246 -12.40 -4.96 54.95
C MET B 246 -13.54 -4.63 55.89
N LEU B 247 -13.28 -4.63 57.21
CA LEU B 247 -14.30 -4.29 58.21
C LEU B 247 -13.72 -3.27 59.20
N GLU B 248 -12.92 -2.32 58.70
CA GLU B 248 -12.17 -1.35 59.49
C GLU B 248 -12.96 -0.72 60.63
N SER B 249 -14.17 -0.21 60.37
CA SER B 249 -14.95 0.45 61.41
C SER B 249 -15.27 -0.44 62.62
N MET B 250 -15.22 -1.78 62.43
CA MET B 250 -15.45 -2.72 63.52
C MET B 250 -14.31 -2.75 64.55
N ILE B 251 -13.21 -2.00 64.31
CA ILE B 251 -12.15 -1.83 65.32
C ILE B 251 -12.79 -1.13 66.57
N THR B 252 -13.78 -0.22 66.35
CA THR B 252 -14.43 0.47 67.46
C THR B 252 -15.94 0.27 67.51
N LYS B 253 -16.58 -0.12 66.39
CA LYS B 253 -18.02 -0.26 66.37
C LYS B 253 -18.46 -1.71 66.28
N PRO B 254 -19.58 -2.08 66.93
CA PRO B 254 -20.04 -3.48 66.89
C PRO B 254 -20.59 -3.93 65.53
N ARG B 255 -20.95 -2.97 64.64
CA ARG B 255 -21.50 -3.25 63.33
C ARG B 255 -20.67 -2.52 62.26
N PRO B 256 -20.43 -3.14 61.11
CA PRO B 256 -19.64 -2.49 60.07
C PRO B 256 -20.47 -1.48 59.23
N THR B 257 -19.79 -0.73 58.37
CA THR B 257 -20.49 0.20 57.48
C THR B 257 -21.06 -0.59 56.28
N ARG B 258 -21.93 0.08 55.48
CA ARG B 258 -22.49 -0.58 54.29
C ARG B 258 -21.40 -0.87 53.27
N ALA B 259 -20.37 -0.01 53.20
CA ALA B 259 -19.28 -0.19 52.25
C ALA B 259 -18.43 -1.41 52.62
N GLU B 260 -18.23 -1.63 53.91
CA GLU B 260 -17.44 -2.74 54.43
C GLU B 260 -18.11 -4.08 54.17
N THR B 261 -19.42 -4.19 54.42
CA THR B 261 -20.09 -5.48 54.12
C THR B 261 -20.06 -5.74 52.61
N SER B 262 -20.24 -4.67 51.80
CA SER B 262 -20.17 -4.75 50.36
C SER B 262 -18.76 -5.23 49.94
N ASP B 263 -17.72 -4.66 50.52
CA ASP B 263 -16.34 -5.00 50.19
C ASP B 263 -16.04 -6.48 50.45
N VAL B 264 -16.50 -7.01 51.59
CA VAL B 264 -16.30 -8.41 51.90
C VAL B 264 -17.05 -9.29 50.90
N ALA B 265 -18.33 -8.96 50.63
CA ALA B 265 -19.11 -9.74 49.69
C ALA B 265 -18.49 -9.73 48.30
N ASN B 266 -18.03 -8.55 47.84
CA ASN B 266 -17.44 -8.41 46.53
C ASN B 266 -16.08 -9.09 46.43
N ALA B 267 -15.32 -9.19 47.52
CA ALA B 267 -14.03 -9.92 47.47
C ALA B 267 -14.31 -11.41 47.18
N VAL B 268 -15.35 -11.97 47.83
CA VAL B 268 -15.76 -13.35 47.62
C VAL B 268 -16.29 -13.53 46.20
N LEU B 269 -17.16 -12.60 45.74
CA LEU B 269 -17.68 -12.69 44.38
C LEU B 269 -16.60 -12.52 43.33
N ASP B 270 -15.54 -11.75 43.64
CA ASP B 270 -14.39 -11.56 42.74
C ASP B 270 -13.65 -12.88 42.54
N GLY B 271 -13.64 -13.74 43.57
CA GLY B 271 -13.00 -15.05 43.53
C GLY B 271 -11.94 -15.26 44.59
N ALA B 272 -11.89 -14.41 45.64
CA ALA B 272 -10.88 -14.55 46.67
C ALA B 272 -11.04 -15.88 47.39
N ASP B 273 -9.90 -16.58 47.61
CA ASP B 273 -9.94 -17.81 48.39
C ASP B 273 -10.05 -17.50 49.87
N CYS B 274 -9.37 -16.43 50.32
CA CYS B 274 -9.37 -16.01 51.71
C CYS B 274 -9.68 -14.55 51.83
N ILE B 275 -10.23 -14.19 52.97
CA ILE B 275 -10.45 -12.79 53.35
C ILE B 275 -9.74 -12.60 54.69
N MET B 276 -9.30 -11.37 54.94
CA MET B 276 -8.49 -11.11 56.11
C MET B 276 -8.99 -10.01 57.00
N LEU B 277 -8.64 -10.12 58.28
CA LEU B 277 -8.91 -9.12 59.30
C LEU B 277 -7.53 -8.76 59.86
N SER B 278 -7.28 -7.47 59.97
CA SER B 278 -6.02 -6.97 60.51
CA SER B 278 -6.02 -6.98 60.50
C SER B 278 -6.31 -6.31 61.87
N GLY B 279 -6.41 -4.97 61.94
CA GLY B 279 -6.72 -4.27 63.17
C GLY B 279 -8.01 -4.72 63.82
N GLU B 280 -8.98 -5.18 62.98
CA GLU B 280 -10.28 -5.63 63.48
C GLU B 280 -10.15 -6.72 64.55
N THR B 281 -9.13 -7.57 64.41
CA THR B 281 -8.90 -8.64 65.38
C THR B 281 -7.63 -8.41 66.18
N ALA B 282 -6.61 -7.77 65.60
CA ALA B 282 -5.35 -7.55 66.32
C ALA B 282 -5.49 -6.59 67.49
N LYS B 283 -6.26 -5.51 67.32
CA LYS B 283 -6.34 -4.49 68.37
C LYS B 283 -7.73 -3.93 68.65
N GLY B 284 -8.72 -4.33 67.88
CA GLY B 284 -10.06 -3.79 68.03
C GLY B 284 -10.84 -4.26 69.23
N ASN B 285 -11.98 -3.63 69.44
CA ASN B 285 -12.85 -3.97 70.56
C ASN B 285 -13.79 -5.11 70.27
N PHE B 286 -13.91 -5.54 69.00
CA PHE B 286 -14.85 -6.59 68.64
C PHE B 286 -14.17 -7.66 67.77
N PRO B 287 -13.05 -8.29 68.21
CA PRO B 287 -12.39 -9.27 67.34
C PRO B 287 -13.27 -10.46 66.96
N VAL B 288 -14.03 -11.01 67.93
CA VAL B 288 -14.88 -12.17 67.66
C VAL B 288 -16.03 -11.78 66.73
N GLU B 289 -16.63 -10.61 66.97
CA GLU B 289 -17.73 -10.12 66.13
C GLU B 289 -17.27 -9.84 64.71
N ALA B 290 -16.03 -9.37 64.52
CA ALA B 290 -15.48 -9.13 63.18
C ALA B 290 -15.33 -10.46 62.42
N VAL B 291 -14.89 -11.52 63.12
CA VAL B 291 -14.79 -12.84 62.52
C VAL B 291 -16.21 -13.35 62.17
N LYS B 292 -17.17 -13.17 63.09
CA LYS B 292 -18.55 -13.60 62.85
C LYS B 292 -19.16 -12.87 61.66
N MET B 293 -18.84 -11.60 61.49
CA MET B 293 -19.36 -10.78 60.39
C MET B 293 -18.78 -11.24 59.08
N GLN B 294 -17.45 -11.49 59.00
CA GLN B 294 -16.87 -12.03 57.76
C GLN B 294 -17.45 -13.39 57.42
N HIS B 295 -17.68 -14.23 58.43
CA HIS B 295 -18.27 -15.57 58.22
C HIS B 295 -19.68 -15.41 57.62
N ALA B 296 -20.51 -14.53 58.22
CA ALA B 296 -21.89 -14.34 57.77
C ALA B 296 -21.95 -13.78 56.34
N ILE B 297 -21.09 -12.80 56.02
CA ILE B 297 -21.09 -12.22 54.68
C ILE B 297 -20.57 -13.24 53.65
N ALA B 298 -19.44 -13.89 53.95
CA ALA B 298 -18.87 -14.86 53.02
C ALA B 298 -19.85 -15.99 52.68
N ARG B 299 -20.65 -16.51 53.66
CA ARG B 299 -21.63 -17.58 53.32
C ARG B 299 -22.71 -17.04 52.37
N GLU B 300 -23.15 -15.78 52.58
CA GLU B 300 -24.14 -15.19 51.67
C GLU B 300 -23.55 -15.02 50.27
N ALA B 301 -22.32 -14.50 50.20
CA ALA B 301 -21.68 -14.20 48.90
C ALA B 301 -21.31 -15.44 48.13
N GLU B 302 -20.92 -16.51 48.82
CA GLU B 302 -20.60 -17.77 48.15
C GLU B 302 -21.80 -18.34 47.44
N ALA B 303 -22.99 -18.26 48.06
CA ALA B 303 -24.21 -18.76 47.42
C ALA B 303 -24.58 -17.90 46.20
N ALA B 304 -24.22 -16.60 46.21
CA ALA B 304 -24.51 -15.65 45.13
C ALA B 304 -23.53 -15.72 43.97
N VAL B 305 -22.51 -16.58 44.03
CA VAL B 305 -21.58 -16.75 42.92
C VAL B 305 -22.36 -17.35 41.73
N TYR B 306 -22.14 -16.85 40.52
CA TYR B 306 -22.81 -17.36 39.34
C TYR B 306 -21.97 -18.53 38.80
N HIS B 307 -22.09 -19.70 39.44
CA HIS B 307 -21.31 -20.89 39.10
C HIS B 307 -21.43 -21.30 37.67
N ARG B 308 -22.60 -21.14 37.05
CA ARG B 308 -22.81 -21.53 35.66
C ARG B 308 -21.79 -20.87 34.72
N GLN B 309 -21.57 -19.55 34.88
CA GLN B 309 -20.60 -18.87 34.06
C GLN B 309 -19.21 -19.13 34.54
N LEU B 310 -18.97 -19.11 35.85
CA LEU B 310 -17.66 -19.34 36.40
C LEU B 310 -17.07 -20.69 35.96
N PHE B 311 -17.83 -21.76 36.11
CA PHE B 311 -17.39 -23.09 35.73
C PHE B 311 -17.12 -23.18 34.22
N GLU B 312 -18.03 -22.64 33.40
CA GLU B 312 -17.87 -22.58 31.93
C GLU B 312 -16.57 -21.84 31.55
N GLU B 313 -16.32 -20.68 32.20
CA GLU B 313 -15.13 -19.89 31.90
C GLU B 313 -13.86 -20.52 32.40
N LEU B 314 -13.88 -21.17 33.57
CA LEU B 314 -12.69 -21.86 34.10
C LEU B 314 -12.34 -23.02 33.14
N ARG B 315 -13.35 -23.73 32.58
CA ARG B 315 -13.10 -24.80 31.61
C ARG B 315 -12.54 -24.29 30.31
N ARG B 316 -13.15 -23.23 29.77
CA ARG B 316 -12.76 -22.62 28.50
C ARG B 316 -11.33 -22.07 28.57
N ALA B 317 -10.96 -21.46 29.71
CA ALA B 317 -9.65 -20.83 29.85
C ALA B 317 -8.56 -21.79 30.26
N ALA B 318 -8.89 -22.81 31.08
CA ALA B 318 -7.88 -23.74 31.54
C ALA B 318 -7.44 -24.60 30.38
N PRO B 319 -6.12 -24.69 30.15
CA PRO B 319 -5.64 -25.52 29.04
C PRO B 319 -5.93 -26.99 29.27
N LEU B 320 -5.89 -27.78 28.19
CA LEU B 320 -6.05 -29.23 28.27
C LEU B 320 -4.95 -29.79 29.17
N SER B 321 -5.27 -30.87 29.88
CA SER B 321 -4.31 -31.43 30.80
C SER B 321 -4.20 -32.90 30.67
N ARG B 322 -3.00 -33.41 30.77
CA ARG B 322 -2.76 -34.84 30.79
C ARG B 322 -2.42 -35.32 32.22
N ASP B 323 -2.56 -34.44 33.24
CA ASP B 323 -2.30 -34.79 34.61
C ASP B 323 -3.57 -35.46 35.12
N PRO B 324 -3.48 -36.73 35.53
CA PRO B 324 -4.70 -37.43 35.98
C PRO B 324 -5.40 -36.77 37.18
N THR B 325 -4.66 -36.08 38.06
CA THR B 325 -5.29 -35.40 39.21
C THR B 325 -6.19 -34.29 38.70
N GLU B 326 -5.68 -33.50 37.74
CA GLU B 326 -6.42 -32.41 37.16
C GLU B 326 -7.63 -32.94 36.39
N VAL B 327 -7.46 -34.03 35.62
CA VAL B 327 -8.54 -34.61 34.84
C VAL B 327 -9.64 -35.16 35.76
N THR B 328 -9.23 -35.84 36.85
CA THR B 328 -10.18 -36.37 37.82
C THR B 328 -10.92 -35.21 38.51
N ALA B 329 -10.21 -34.13 38.86
CA ALA B 329 -10.80 -33.00 39.55
C ALA B 329 -11.94 -32.37 38.75
N ILE B 330 -11.74 -32.14 37.43
CA ILE B 330 -12.80 -31.52 36.62
C ILE B 330 -13.96 -32.48 36.45
N GLY B 331 -13.69 -33.78 36.33
CA GLY B 331 -14.75 -34.77 36.24
C GLY B 331 -15.55 -34.83 37.52
N ALA B 332 -14.88 -34.76 38.68
CA ALA B 332 -15.53 -34.79 39.98
C ALA B 332 -16.41 -33.54 40.19
N VAL B 333 -15.92 -32.37 39.79
CA VAL B 333 -16.67 -31.12 39.97
C VAL B 333 -17.89 -31.14 39.06
N GLU B 334 -17.73 -31.64 37.83
CA GLU B 334 -18.85 -31.76 36.88
CA GLU B 334 -18.85 -31.76 36.88
C GLU B 334 -19.90 -32.70 37.45
N ALA B 335 -19.45 -33.84 38.00
CA ALA B 335 -20.35 -34.84 38.58
C ALA B 335 -21.09 -34.22 39.78
N ALA B 336 -20.39 -33.46 40.62
CA ALA B 336 -20.97 -32.84 41.80
C ALA B 336 -22.09 -31.86 41.39
N PHE B 337 -21.88 -31.06 40.32
CA PHE B 337 -22.88 -30.12 39.85
C PHE B 337 -24.09 -30.86 39.30
N LYS B 338 -23.88 -31.98 38.60
CA LYS B 338 -24.95 -32.76 37.99
C LYS B 338 -25.98 -33.27 38.99
N CYS B 339 -25.51 -33.66 40.18
CA CYS B 339 -26.39 -34.23 41.19
C CYS B 339 -26.61 -33.38 42.39
N CYS B 340 -26.13 -32.10 42.39
CA CYS B 340 -26.22 -31.23 43.56
C CYS B 340 -25.57 -31.90 44.75
N ALA B 341 -24.42 -32.54 44.53
CA ALA B 341 -23.72 -33.27 45.60
C ALA B 341 -23.47 -32.39 46.80
N ALA B 342 -23.62 -33.02 47.95
CA ALA B 342 -23.43 -32.32 49.21
C ALA B 342 -21.94 -32.05 49.43
N ALA B 343 -21.07 -32.98 49.01
CA ALA B 343 -19.65 -32.86 49.23
C ALA B 343 -18.86 -33.68 48.21
N ILE B 344 -17.58 -33.37 48.08
CA ILE B 344 -16.60 -34.10 47.35
C ILE B 344 -15.58 -34.51 48.41
N ILE B 345 -15.44 -35.81 48.70
CA ILE B 345 -14.47 -36.28 49.68
C ILE B 345 -13.23 -36.65 48.91
N VAL B 346 -12.08 -36.11 49.29
CA VAL B 346 -10.84 -36.38 48.59
C VAL B 346 -9.76 -36.78 49.58
N LEU B 347 -8.97 -37.80 49.21
CA LEU B 347 -7.82 -38.18 50.03
C LEU B 347 -6.65 -37.41 49.48
N THR B 348 -5.87 -36.80 50.36
CA THR B 348 -4.73 -36.00 49.92
C THR B 348 -3.60 -36.04 50.91
N THR B 349 -2.37 -36.11 50.42
CA THR B 349 -1.18 -36.12 51.27
C THR B 349 -0.66 -34.67 51.44
N THR B 350 -0.56 -33.95 50.32
CA THR B 350 -0.02 -32.59 50.34
C THR B 350 -1.08 -31.48 50.28
N GLY B 351 -2.32 -31.83 49.98
CA GLY B 351 -3.40 -30.89 49.74
C GLY B 351 -3.67 -30.65 48.27
N ARG B 352 -2.73 -31.05 47.38
CA ARG B 352 -2.82 -30.79 45.96
C ARG B 352 -4.11 -31.29 45.29
N SER B 353 -4.57 -32.52 45.59
CA SER B 353 -5.80 -33.02 44.95
C SER B 353 -7.01 -32.15 45.37
N ALA B 354 -7.04 -31.67 46.61
CA ALA B 354 -8.11 -30.80 47.09
C ALA B 354 -7.99 -29.42 46.40
N GLN B 355 -6.76 -28.92 46.21
CA GLN B 355 -6.52 -27.64 45.55
C GLN B 355 -7.01 -27.66 44.10
N LEU B 356 -6.80 -28.79 43.42
CA LEU B 356 -7.26 -28.92 42.03
C LEU B 356 -8.78 -29.03 41.93
N LEU B 357 -9.45 -29.55 42.97
CA LEU B 357 -10.92 -29.56 42.99
C LEU B 357 -11.40 -28.10 43.24
N SER B 358 -10.80 -27.44 44.24
CA SER B 358 -11.11 -26.07 44.64
C SER B 358 -10.99 -25.08 43.45
N ARG B 359 -10.00 -25.26 42.54
CA ARG B 359 -9.80 -24.36 41.40
C ARG B 359 -11.03 -24.31 40.46
N TYR B 360 -11.86 -25.37 40.45
CA TYR B 360 -13.07 -25.37 39.61
C TYR B 360 -14.29 -24.79 40.31
N ARG B 361 -14.13 -24.35 41.56
CA ARG B 361 -15.13 -23.71 42.36
C ARG B 361 -16.43 -24.50 42.47
N PRO B 362 -16.37 -25.76 42.94
CA PRO B 362 -17.62 -26.51 43.13
C PRO B 362 -18.46 -25.85 44.22
N ARG B 363 -19.77 -25.97 44.09
CA ARG B 363 -20.66 -25.54 45.16
C ARG B 363 -20.55 -26.59 46.33
N ALA B 364 -20.29 -27.87 46.00
CA ALA B 364 -20.09 -28.93 46.99
C ALA B 364 -18.84 -28.65 47.80
N ALA B 365 -18.92 -28.87 49.12
CA ALA B 365 -17.79 -28.74 50.04
C ALA B 365 -16.74 -29.80 49.66
N VAL B 366 -15.47 -29.44 49.67
CA VAL B 366 -14.40 -30.38 49.37
C VAL B 366 -13.88 -30.83 50.75
N ILE B 367 -14.24 -32.04 51.17
CA ILE B 367 -13.79 -32.58 52.45
C ILE B 367 -12.47 -33.31 52.18
N ALA B 368 -11.37 -32.75 52.66
CA ALA B 368 -10.03 -33.28 52.40
C ALA B 368 -9.53 -34.11 53.56
N VAL B 369 -9.39 -35.42 53.35
CA VAL B 369 -8.93 -36.32 54.41
C VAL B 369 -7.44 -36.51 54.24
N THR B 370 -6.67 -36.14 55.27
CA THR B 370 -5.22 -36.21 55.21
C THR B 370 -4.64 -36.63 56.54
N ARG B 371 -3.47 -37.29 56.50
CA ARG B 371 -2.72 -37.61 57.72
C ARG B 371 -1.75 -36.46 58.06
N SER B 372 -1.43 -35.58 57.08
CA SER B 372 -0.52 -34.48 57.32
C SER B 372 -1.19 -33.34 58.07
N ALA B 373 -0.77 -33.09 59.33
CA ALA B 373 -1.29 -31.98 60.13
C ALA B 373 -0.97 -30.64 59.44
N GLN B 374 0.23 -30.52 58.85
CA GLN B 374 0.58 -29.30 58.13
C GLN B 374 -0.27 -29.10 56.89
N ALA B 375 -0.50 -30.16 56.08
CA ALA B 375 -1.36 -30.02 54.89
C ALA B 375 -2.78 -29.67 55.30
N ALA B 376 -3.27 -30.21 56.42
CA ALA B 376 -4.61 -29.91 56.92
C ALA B 376 -4.72 -28.42 57.27
N ARG B 377 -3.66 -27.82 57.83
CA ARG B 377 -3.68 -26.38 58.14
C ARG B 377 -3.56 -25.55 56.86
N GLN B 378 -2.66 -25.94 55.95
CA GLN B 378 -2.42 -25.18 54.74
C GLN B 378 -3.55 -25.18 53.74
N VAL B 379 -4.36 -26.27 53.64
CA VAL B 379 -5.44 -26.29 52.67
C VAL B 379 -6.53 -25.26 52.94
N HIS B 380 -6.52 -24.61 54.12
CA HIS B 380 -7.44 -23.51 54.39
C HIS B 380 -7.20 -22.35 53.37
N LEU B 381 -6.03 -22.30 52.72
CA LEU B 381 -5.77 -21.28 51.71
C LEU B 381 -6.65 -21.46 50.46
N CYS B 382 -7.21 -22.65 50.23
CA CYS B 382 -8.00 -22.97 49.05
C CYS B 382 -9.45 -22.93 49.36
N ARG B 383 -10.19 -22.10 48.60
CA ARG B 383 -11.62 -21.98 48.84
C ARG B 383 -12.37 -23.29 48.83
N GLY B 384 -13.20 -23.50 49.83
CA GLY B 384 -14.09 -24.64 49.86
C GLY B 384 -13.47 -25.95 50.30
N VAL B 385 -12.25 -25.90 50.83
CA VAL B 385 -11.60 -27.11 51.33
C VAL B 385 -11.74 -27.19 52.84
N PHE B 386 -12.35 -28.29 53.33
CA PHE B 386 -12.57 -28.53 54.74
C PHE B 386 -11.66 -29.68 55.16
N PRO B 387 -10.54 -29.35 55.82
CA PRO B 387 -9.58 -30.40 56.19
C PRO B 387 -10.02 -31.27 57.35
N LEU B 388 -9.81 -32.60 57.22
CA LEU B 388 -10.09 -33.57 58.27
C LEU B 388 -8.79 -34.29 58.52
N LEU B 389 -8.25 -34.13 59.73
CA LEU B 389 -6.99 -34.77 60.08
C LEU B 389 -7.28 -36.20 60.55
N TYR B 390 -6.75 -37.18 59.81
CA TYR B 390 -6.91 -38.61 60.09
C TYR B 390 -5.71 -39.04 60.94
N ARG B 391 -5.98 -39.64 62.11
CA ARG B 391 -4.90 -40.03 63.01
C ARG B 391 -4.65 -41.54 63.16
N GLU B 392 -5.50 -42.39 62.55
CA GLU B 392 -5.32 -43.84 62.66
C GLU B 392 -4.10 -44.37 61.94
N PRO B 393 -3.41 -45.36 62.55
CA PRO B 393 -2.26 -45.97 61.87
C PRO B 393 -2.70 -46.72 60.62
N PRO B 394 -1.81 -46.84 59.62
CA PRO B 394 -2.19 -47.51 58.38
C PRO B 394 -2.62 -48.97 58.54
N GLU B 395 -3.70 -49.34 57.84
CA GLU B 395 -4.21 -50.72 57.78
C GLU B 395 -3.16 -51.55 57.03
N ALA B 396 -3.17 -52.88 57.25
CA ALA B 396 -2.23 -53.78 56.59
C ALA B 396 -2.43 -53.74 55.07
N ILE B 397 -3.67 -53.78 54.61
CA ILE B 397 -3.98 -53.73 53.19
C ILE B 397 -4.27 -52.27 52.81
N TRP B 398 -3.50 -51.72 51.87
CA TRP B 398 -3.66 -50.33 51.46
C TRP B 398 -5.08 -49.97 50.99
N ALA B 399 -5.74 -50.83 50.21
CA ALA B 399 -7.11 -50.58 49.76
C ALA B 399 -8.07 -50.44 50.94
N ASP B 400 -7.83 -51.18 52.03
CA ASP B 400 -8.65 -51.08 53.24
C ASP B 400 -8.37 -49.75 53.94
N ASP B 401 -7.11 -49.32 53.96
CA ASP B 401 -6.72 -48.05 54.57
C ASP B 401 -7.40 -46.89 53.83
N VAL B 402 -7.46 -46.97 52.49
CA VAL B 402 -8.11 -45.97 51.66
C VAL B 402 -9.60 -45.96 51.98
N ASP B 403 -10.24 -47.14 52.00
CA ASP B 403 -11.66 -47.25 52.33
C ASP B 403 -11.99 -46.70 53.71
N ARG B 404 -11.12 -46.95 54.69
CA ARG B 404 -11.34 -46.45 56.05
C ARG B 404 -11.29 -44.93 56.09
N ARG B 405 -10.38 -44.33 55.31
CA ARG B 405 -10.25 -42.88 55.24
C ARG B 405 -11.46 -42.24 54.55
N VAL B 406 -12.02 -42.90 53.55
CA VAL B 406 -13.20 -42.41 52.87
C VAL B 406 -14.39 -42.49 53.83
N GLN B 407 -14.51 -43.62 54.57
CA GLN B 407 -15.57 -43.79 55.55
C GLN B 407 -15.46 -42.78 56.68
N PHE B 408 -14.24 -42.43 57.10
CA PHE B 408 -13.98 -41.41 58.12
C PHE B 408 -14.53 -40.05 57.61
N GLY B 409 -14.30 -39.73 56.33
CA GLY B 409 -14.79 -38.50 55.73
C GLY B 409 -16.30 -38.48 55.72
N ILE B 410 -16.92 -39.64 55.35
CA ILE B 410 -18.37 -39.80 55.32
C ILE B 410 -18.99 -39.65 56.70
N GLU B 411 -18.44 -40.38 57.68
CA GLU B 411 -18.97 -40.37 59.03
C GLU B 411 -18.81 -39.03 59.68
N SER B 412 -17.66 -38.41 59.50
CA SER B 412 -17.41 -37.08 60.04
C SER B 412 -18.37 -36.07 59.36
N GLY B 413 -18.52 -36.19 58.05
CA GLY B 413 -19.42 -35.35 57.28
C GLY B 413 -20.86 -35.43 57.73
N LYS B 414 -21.34 -36.64 58.04
CA LYS B 414 -22.71 -36.85 58.52
C LYS B 414 -22.88 -36.28 59.92
N LEU B 415 -21.93 -36.57 60.81
CA LEU B 415 -22.00 -36.08 62.18
C LEU B 415 -21.85 -34.55 62.28
N ARG B 416 -21.37 -33.90 61.20
CA ARG B 416 -21.21 -32.46 61.13
C ARG B 416 -22.26 -31.75 60.24
N GLY B 417 -23.24 -32.50 59.72
CA GLY B 417 -24.29 -31.92 58.89
C GLY B 417 -23.89 -31.57 57.47
N PHE B 418 -22.64 -31.88 57.07
CA PHE B 418 -22.22 -31.70 55.68
C PHE B 418 -22.99 -32.69 54.80
N LEU B 419 -23.21 -33.91 55.30
CA LEU B 419 -23.87 -34.96 54.58
C LEU B 419 -25.06 -35.44 55.37
N ARG B 420 -26.08 -35.79 54.66
CA ARG B 420 -27.31 -36.34 55.18
C ARG B 420 -27.56 -37.66 54.47
N VAL B 421 -28.26 -38.59 55.14
CA VAL B 421 -28.66 -39.85 54.50
C VAL B 421 -29.49 -39.52 53.22
N GLY B 422 -29.16 -40.17 52.12
CA GLY B 422 -29.82 -39.89 50.84
C GLY B 422 -29.00 -38.97 49.93
N ASP B 423 -28.04 -38.24 50.51
CA ASP B 423 -27.19 -37.36 49.72
C ASP B 423 -26.29 -38.16 48.80
N LEU B 424 -25.86 -37.52 47.73
CA LEU B 424 -24.87 -38.10 46.86
C LEU B 424 -23.58 -37.36 47.19
N VAL B 425 -22.50 -38.11 47.22
CA VAL B 425 -21.18 -37.61 47.49
C VAL B 425 -20.25 -38.11 46.37
N ILE B 426 -19.27 -37.29 46.00
CA ILE B 426 -18.30 -37.66 44.99
C ILE B 426 -17.04 -37.97 45.77
N VAL B 427 -16.42 -39.12 45.53
CA VAL B 427 -15.22 -39.52 46.28
C VAL B 427 -14.04 -39.56 45.32
N VAL B 428 -12.98 -38.89 45.67
CA VAL B 428 -11.79 -38.79 44.84
C VAL B 428 -10.60 -39.45 45.53
N THR B 429 -10.06 -40.48 44.90
CA THR B 429 -8.93 -41.25 45.45
C THR B 429 -7.89 -41.52 44.31
N GLY B 430 -6.82 -42.25 44.61
CA GLY B 430 -5.82 -42.60 43.61
C GLY B 430 -5.56 -44.10 43.55
N TRP B 431 -4.74 -44.51 42.59
CA TRP B 431 -4.50 -45.92 42.31
C TRP B 431 -3.33 -46.56 43.10
N ARG B 432 -2.48 -45.75 43.73
CA ARG B 432 -1.35 -46.25 44.52
C ARG B 432 -0.99 -45.24 45.63
N PRO B 433 -0.29 -45.69 46.70
CA PRO B 433 0.07 -44.76 47.78
C PRO B 433 1.01 -43.66 47.30
N GLY B 434 1.12 -42.61 48.08
CA GLY B 434 1.98 -41.50 47.77
C GLY B 434 1.23 -40.40 47.03
N SER B 435 1.75 -39.19 47.15
CA SER B 435 1.21 -38.00 46.50
C SER B 435 1.36 -38.07 44.98
N GLY B 436 0.39 -37.52 44.24
CA GLY B 436 0.47 -37.43 42.78
C GLY B 436 -0.24 -38.48 41.97
N TYR B 437 -0.95 -39.41 42.60
CA TYR B 437 -1.59 -40.51 41.87
C TYR B 437 -3.09 -40.54 41.91
N THR B 438 -3.73 -39.39 42.24
CA THR B 438 -5.19 -39.31 42.22
C THR B 438 -5.67 -39.53 40.79
N ASN B 439 -6.61 -40.44 40.60
CA ASN B 439 -7.13 -40.74 39.26
C ASN B 439 -8.52 -41.35 39.28
N ILE B 440 -9.18 -41.39 40.43
CA ILE B 440 -10.47 -42.07 40.54
C ILE B 440 -11.54 -41.17 41.12
N MET B 441 -12.70 -41.21 40.53
CA MET B 441 -13.86 -40.49 41.03
CA MET B 441 -13.89 -40.47 40.96
C MET B 441 -15.02 -41.48 41.12
N ARG B 442 -15.67 -41.53 42.28
CA ARG B 442 -16.79 -42.43 42.52
C ARG B 442 -18.01 -41.67 43.01
N VAL B 443 -19.20 -42.06 42.58
CA VAL B 443 -20.44 -41.47 43.02
C VAL B 443 -21.02 -42.41 44.06
N LEU B 444 -21.16 -41.93 45.30
CA LEU B 444 -21.68 -42.75 46.39
CA LEU B 444 -21.65 -42.75 46.39
C LEU B 444 -22.93 -42.17 47.00
N SER B 445 -23.90 -43.03 47.31
CA SER B 445 -25.14 -42.59 47.95
C SER B 445 -24.94 -42.78 49.46
N ILE B 446 -25.22 -41.75 50.26
CA ILE B 446 -25.03 -41.81 51.71
C ILE B 446 -26.14 -42.61 52.36
N SER B 447 -25.80 -43.65 53.11
CA SER B 447 -26.80 -44.47 53.77
C SER B 447 -26.78 -44.33 55.29
N GLU C 21 -51.75 -4.97 18.90
CA GLU C 21 -50.49 -5.71 18.91
C GLU C 21 -50.34 -6.61 17.65
N LEU C 22 -49.35 -7.53 17.64
CA LEU C 22 -49.14 -8.41 16.48
C LEU C 22 -50.01 -9.67 16.53
N GLY C 23 -50.33 -10.14 17.72
CA GLY C 23 -51.15 -11.32 17.92
C GLY C 23 -50.37 -12.60 18.11
N THR C 24 -51.01 -13.61 18.69
CA THR C 24 -50.40 -14.93 18.92
C THR C 24 -50.17 -15.67 17.60
N ALA C 25 -51.03 -15.45 16.59
CA ALA C 25 -50.89 -16.10 15.29
C ALA C 25 -49.57 -15.72 14.64
N PHE C 26 -49.19 -14.43 14.75
CA PHE C 26 -47.94 -13.91 14.21
C PHE C 26 -46.74 -14.67 14.79
N PHE C 27 -46.75 -14.89 16.11
CA PHE C 27 -45.63 -15.54 16.77
C PHE C 27 -45.59 -17.06 16.61
N GLN C 28 -46.58 -17.67 15.96
CA GLN C 28 -46.54 -19.11 15.69
C GLN C 28 -46.00 -19.40 14.26
N GLN C 29 -46.11 -18.42 13.34
CA GLN C 29 -45.65 -18.54 11.95
C GLN C 29 -44.14 -18.33 11.84
N GLN C 30 -43.58 -18.58 10.63
CA GLN C 30 -42.19 -18.40 10.23
C GLN C 30 -41.16 -18.89 11.25
N GLN C 31 -41.46 -20.04 11.88
CA GLN C 31 -40.60 -20.66 12.87
C GLN C 31 -40.21 -19.71 14.00
N LEU C 32 -41.10 -18.76 14.34
CA LEU C 32 -40.79 -17.80 15.39
C LEU C 32 -40.58 -18.47 16.77
N PRO C 33 -41.31 -19.55 17.17
CA PRO C 33 -40.96 -20.21 18.45
C PRO C 33 -39.51 -20.76 18.42
N ALA C 34 -39.06 -21.34 17.29
CA ALA C 34 -37.66 -21.81 17.16
C ALA C 34 -36.69 -20.62 17.12
N ALA C 35 -37.11 -19.48 16.55
CA ALA C 35 -36.30 -18.28 16.50
C ALA C 35 -35.99 -17.72 17.87
N MET C 36 -36.95 -17.85 18.82
CA MET C 36 -36.77 -17.33 20.18
C MET C 36 -35.99 -18.25 21.10
N ALA C 37 -35.58 -19.44 20.64
CA ALA C 37 -34.86 -20.39 21.50
C ALA C 37 -33.53 -19.85 21.96
N ASP C 38 -33.12 -20.26 23.16
CA ASP C 38 -31.87 -19.81 23.77
C ASP C 38 -30.63 -20.57 23.33
N THR C 39 -30.81 -21.76 22.74
CA THR C 39 -29.67 -22.53 22.23
C THR C 39 -30.03 -23.06 20.83
N PHE C 40 -29.01 -23.43 20.06
CA PHE C 40 -29.22 -24.01 18.74
C PHE C 40 -29.95 -25.34 18.85
N LEU C 41 -29.61 -26.15 19.87
CA LEU C 41 -30.28 -27.43 20.09
C LEU C 41 -31.78 -27.21 20.35
N GLU C 42 -32.14 -26.25 21.24
CA GLU C 42 -33.55 -25.93 21.52
CA GLU C 42 -33.55 -25.97 21.50
C GLU C 42 -34.24 -25.42 20.26
N HIS C 43 -33.53 -24.62 19.45
CA HIS C 43 -34.02 -24.08 18.19
C HIS C 43 -34.43 -25.23 17.26
N LEU C 44 -33.56 -26.27 17.14
CA LEU C 44 -33.89 -27.44 16.31
C LEU C 44 -35.12 -28.14 16.84
N CYS C 45 -35.17 -28.38 18.16
CA CYS C 45 -36.30 -29.06 18.81
C CYS C 45 -37.62 -28.34 18.60
N LEU C 46 -37.59 -27.01 18.39
CA LEU C 46 -38.79 -26.20 18.21
C LEU C 46 -39.21 -25.99 16.77
N LEU C 47 -38.45 -26.52 15.78
CA LEU C 47 -38.84 -26.41 14.37
C LEU C 47 -40.15 -27.15 14.17
N ASP C 48 -41.09 -26.54 13.50
CA ASP C 48 -42.44 -27.04 13.39
C ASP C 48 -42.88 -27.08 11.94
N ILE C 49 -43.24 -28.27 11.45
CA ILE C 49 -43.74 -28.43 10.08
C ILE C 49 -45.06 -27.66 9.85
N ASP C 50 -45.81 -27.33 10.92
CA ASP C 50 -47.05 -26.56 10.78
C ASP C 50 -46.81 -25.04 10.89
N SER C 51 -45.59 -24.58 11.14
CA SER C 51 -45.30 -23.15 11.22
C SER C 51 -45.03 -22.68 9.78
N GLU C 52 -46.00 -22.01 9.18
CA GLU C 52 -45.90 -21.63 7.77
C GLU C 52 -45.00 -20.43 7.51
N PRO C 53 -44.20 -20.52 6.43
CA PRO C 53 -43.35 -19.36 6.08
C PRO C 53 -44.23 -18.20 5.64
N VAL C 54 -43.84 -16.99 5.99
CA VAL C 54 -44.62 -15.81 5.61
C VAL C 54 -43.79 -14.86 4.76
N ALA C 55 -42.52 -14.71 5.13
CA ALA C 55 -41.63 -13.81 4.40
C ALA C 55 -41.43 -14.26 2.94
N ALA C 56 -41.13 -13.29 2.07
CA ALA C 56 -40.79 -13.58 0.69
C ALA C 56 -39.48 -14.40 0.66
N ARG C 57 -39.35 -15.30 -0.31
CA ARG C 57 -38.16 -16.13 -0.44
C ARG C 57 -36.95 -15.25 -0.73
N SER C 58 -35.93 -15.35 0.10
CA SER C 58 -34.76 -14.49 0.03
C SER C 58 -33.54 -15.06 -0.69
N THR C 59 -33.45 -16.38 -0.84
CA THR C 59 -32.31 -17.01 -1.52
C THR C 59 -32.58 -17.01 -3.00
N SER C 60 -31.78 -16.30 -3.79
CA SER C 60 -32.03 -16.27 -5.22
C SER C 60 -31.83 -17.60 -5.89
N ILE C 61 -32.61 -17.82 -6.93
CA ILE C 61 -32.52 -19.04 -7.71
C ILE C 61 -31.89 -18.70 -9.04
N ILE C 62 -30.80 -19.41 -9.36
CA ILE C 62 -30.13 -19.30 -10.64
C ILE C 62 -30.59 -20.50 -11.44
N ALA C 63 -31.17 -20.27 -12.61
CA ALA C 63 -31.59 -21.39 -13.47
C ALA C 63 -30.81 -21.32 -14.76
N THR C 64 -30.27 -22.46 -15.18
CA THR C 64 -29.51 -22.53 -16.42
C THR C 64 -30.47 -22.59 -17.57
N ILE C 65 -30.33 -21.66 -18.50
CA ILE C 65 -31.19 -21.60 -19.67
C ILE C 65 -30.53 -22.34 -20.82
N GLY C 66 -31.19 -23.39 -21.28
CA GLY C 66 -30.71 -24.22 -22.37
C GLY C 66 -31.85 -24.76 -23.19
N PRO C 67 -31.61 -25.89 -23.88
CA PRO C 67 -32.66 -26.46 -24.76
C PRO C 67 -34.05 -26.62 -24.14
N ALA C 68 -34.12 -27.06 -22.86
CA ALA C 68 -35.41 -27.30 -22.22
C ALA C 68 -36.10 -26.08 -21.67
N SER C 69 -35.44 -24.91 -21.68
CA SER C 69 -35.97 -23.74 -21.00
C SER C 69 -35.78 -22.43 -21.73
N ARG C 70 -35.52 -22.48 -23.04
CA ARG C 70 -35.21 -21.31 -23.87
C ARG C 70 -36.37 -20.53 -24.40
N SER C 71 -37.53 -21.18 -24.60
CA SER C 71 -38.65 -20.49 -25.23
C SER C 71 -39.16 -19.38 -24.34
N VAL C 72 -39.66 -18.30 -24.96
CA VAL C 72 -40.21 -17.16 -24.24
C VAL C 72 -41.36 -17.60 -23.31
N GLU C 73 -42.21 -18.51 -23.79
CA GLU C 73 -43.33 -18.99 -22.98
C GLU C 73 -42.87 -19.77 -21.75
N ARG C 74 -41.86 -20.63 -21.91
CA ARG C 74 -41.30 -21.40 -20.82
C ARG C 74 -40.57 -20.47 -19.84
N LEU C 75 -39.81 -19.48 -20.35
CA LEU C 75 -39.13 -18.48 -19.53
C LEU C 75 -40.08 -17.65 -18.68
N LYS C 76 -41.29 -17.37 -19.20
CA LYS C 76 -42.30 -16.66 -18.41
C LYS C 76 -42.73 -17.52 -17.23
N GLU C 77 -42.88 -18.84 -17.44
CA GLU C 77 -43.24 -19.75 -16.37
C GLU C 77 -42.09 -19.88 -15.36
N MET C 78 -40.84 -19.85 -15.83
CA MET C 78 -39.68 -19.93 -14.95
CA MET C 78 -39.69 -19.93 -14.94
C MET C 78 -39.56 -18.69 -14.09
N ILE C 79 -39.87 -17.51 -14.66
CA ILE C 79 -39.84 -16.26 -13.91
C ILE C 79 -40.93 -16.30 -12.84
N LYS C 80 -42.13 -16.78 -13.20
CA LYS C 80 -43.23 -16.87 -12.24
C LYS C 80 -42.94 -17.89 -11.13
N ALA C 81 -42.25 -18.96 -11.48
CA ALA C 81 -41.86 -19.98 -10.54
C ALA C 81 -40.79 -19.48 -9.53
N GLY C 82 -40.02 -18.45 -9.89
CA GLY C 82 -39.03 -17.89 -8.98
C GLY C 82 -37.62 -17.65 -9.48
N MET C 83 -37.34 -17.94 -10.76
CA MET C 83 -36.02 -17.70 -11.32
C MET C 83 -35.62 -16.21 -11.21
N ASN C 84 -34.45 -15.94 -10.61
CA ASN C 84 -33.95 -14.56 -10.43
C ASN C 84 -32.77 -14.25 -11.32
N ILE C 85 -31.98 -15.30 -11.64
CA ILE C 85 -30.78 -15.19 -12.44
C ILE C 85 -30.80 -16.28 -13.49
N ALA C 86 -30.61 -15.91 -14.76
CA ALA C 86 -30.55 -16.84 -15.88
C ALA C 86 -29.08 -17.12 -16.16
N ARG C 87 -28.68 -18.37 -16.08
CA ARG C 87 -27.28 -18.75 -16.33
C ARG C 87 -27.14 -19.30 -17.76
N LEU C 88 -26.13 -18.82 -18.49
CA LEU C 88 -25.85 -19.33 -19.82
C LEU C 88 -24.52 -20.05 -19.76
N ASN C 89 -24.54 -21.34 -20.00
CA ASN C 89 -23.34 -22.15 -19.92
C ASN C 89 -22.57 -22.14 -21.24
N PHE C 90 -21.45 -21.39 -21.29
CA PHE C 90 -20.67 -21.29 -22.51
C PHE C 90 -19.77 -22.52 -22.77
N SER C 91 -19.90 -23.59 -21.96
CA SER C 91 -19.28 -24.89 -22.30
C SER C 91 -20.10 -25.53 -23.45
N HIS C 92 -21.33 -25.06 -23.70
CA HIS C 92 -22.23 -25.58 -24.70
C HIS C 92 -22.68 -24.45 -25.62
N GLY C 93 -23.40 -24.82 -26.68
CA GLY C 93 -24.00 -23.89 -27.62
C GLY C 93 -22.99 -23.05 -28.34
N SER C 94 -23.43 -21.87 -28.74
CA SER C 94 -22.61 -20.94 -29.47
C SER C 94 -23.02 -19.50 -29.07
N HIS C 95 -22.31 -18.49 -29.60
CA HIS C 95 -22.67 -17.10 -29.34
C HIS C 95 -24.07 -16.82 -29.86
N GLU C 96 -24.39 -17.32 -31.06
CA GLU C 96 -25.71 -17.11 -31.64
C GLU C 96 -26.82 -17.78 -30.83
N TYR C 97 -26.58 -19.00 -30.36
CA TYR C 97 -27.55 -19.76 -29.59
C TYR C 97 -27.80 -19.04 -28.25
N HIS C 98 -26.73 -18.69 -27.52
CA HIS C 98 -26.86 -17.99 -26.25
C HIS C 98 -27.42 -16.56 -26.41
N ALA C 99 -27.14 -15.86 -27.51
CA ALA C 99 -27.70 -14.52 -27.74
C ALA C 99 -29.22 -14.65 -27.87
N GLU C 100 -29.69 -15.73 -28.55
CA GLU C 100 -31.12 -15.98 -28.72
CA GLU C 100 -31.12 -15.94 -28.71
C GLU C 100 -31.75 -16.25 -27.35
N SER C 101 -31.09 -17.08 -26.53
CA SER C 101 -31.56 -17.39 -25.20
C SER C 101 -31.67 -16.12 -24.33
N ILE C 102 -30.66 -15.23 -24.36
CA ILE C 102 -30.63 -13.95 -23.64
C ILE C 102 -31.77 -13.05 -24.12
N ALA C 103 -31.96 -12.93 -25.45
CA ALA C 103 -33.06 -12.15 -26.00
C ALA C 103 -34.41 -12.70 -25.52
N ASN C 104 -34.54 -14.03 -25.47
CA ASN C 104 -35.79 -14.66 -25.00
C ASN C 104 -36.01 -14.38 -23.52
N VAL C 105 -34.94 -14.38 -22.70
CA VAL C 105 -35.04 -14.06 -21.28
C VAL C 105 -35.52 -12.61 -21.14
N ARG C 106 -34.88 -11.67 -21.85
CA ARG C 106 -35.26 -10.26 -21.77
C ARG C 106 -36.69 -10.03 -22.26
N GLU C 107 -37.13 -10.77 -23.27
CA GLU C 107 -38.51 -10.64 -23.77
C GLU C 107 -39.48 -11.17 -22.73
N ALA C 108 -39.16 -12.30 -22.10
CA ALA C 108 -40.03 -12.86 -21.06
C ALA C 108 -40.08 -11.93 -19.86
N VAL C 109 -38.95 -11.33 -19.45
CA VAL C 109 -38.90 -10.41 -18.31
C VAL C 109 -39.74 -9.17 -18.60
N GLU C 110 -39.55 -8.59 -19.81
CA GLU C 110 -40.27 -7.38 -20.16
C GLU C 110 -41.76 -7.61 -20.43
N SER C 111 -42.20 -8.86 -20.62
CA SER C 111 -43.63 -9.15 -20.79
C SER C 111 -44.46 -8.85 -19.53
N PHE C 112 -43.81 -8.68 -18.37
CA PHE C 112 -44.45 -8.37 -17.10
C PHE C 112 -44.37 -6.89 -16.74
N ALA C 113 -43.80 -6.03 -17.60
CA ALA C 113 -43.68 -4.61 -17.28
C ALA C 113 -45.03 -3.87 -17.12
N GLY C 114 -46.12 -4.44 -17.65
CA GLY C 114 -47.44 -3.85 -17.52
C GLY C 114 -48.13 -4.08 -16.18
N SER C 115 -47.47 -4.79 -15.25
CA SER C 115 -47.99 -5.08 -13.92
C SER C 115 -46.90 -4.96 -12.86
N PRO C 116 -47.02 -3.96 -11.96
CA PRO C 116 -46.01 -3.81 -10.89
C PRO C 116 -45.93 -5.00 -9.91
N LEU C 117 -47.02 -5.76 -9.80
CA LEU C 117 -47.15 -6.91 -8.91
C LEU C 117 -46.35 -8.11 -9.42
N SER C 118 -46.17 -8.25 -10.76
CA SER C 118 -45.42 -9.39 -11.29
CA SER C 118 -45.44 -9.38 -11.33
C SER C 118 -44.08 -9.02 -11.96
N TYR C 119 -43.85 -7.74 -12.33
CA TYR C 119 -42.57 -7.38 -12.94
C TYR C 119 -41.40 -7.61 -11.97
N ARG C 120 -40.37 -8.33 -12.43
CA ARG C 120 -39.18 -8.56 -11.60
C ARG C 120 -37.94 -8.55 -12.44
N PRO C 121 -36.90 -7.81 -12.03
CA PRO C 121 -35.62 -7.88 -12.75
C PRO C 121 -35.07 -9.32 -12.73
N VAL C 122 -34.40 -9.73 -13.80
CA VAL C 122 -33.78 -11.04 -13.86
C VAL C 122 -32.34 -10.81 -14.35
N ALA C 123 -31.34 -11.22 -13.57
CA ALA C 123 -29.95 -11.05 -13.98
C ALA C 123 -29.56 -12.05 -15.05
N ILE C 124 -28.60 -11.69 -15.88
CA ILE C 124 -28.06 -12.60 -16.88
C ILE C 124 -26.62 -12.90 -16.53
N ALA C 125 -26.30 -14.15 -16.36
CA ALA C 125 -25.00 -14.59 -15.92
C ALA C 125 -24.38 -15.49 -16.98
N LEU C 126 -23.12 -15.23 -17.30
CA LEU C 126 -22.41 -16.00 -18.30
C LEU C 126 -21.44 -16.92 -17.56
N ASP C 127 -21.56 -18.22 -17.78
CA ASP C 127 -20.68 -19.20 -17.13
C ASP C 127 -19.63 -19.63 -18.16
N THR C 128 -18.36 -19.36 -17.91
CA THR C 128 -17.32 -19.64 -18.87
C THR C 128 -16.96 -21.13 -19.04
N LYS C 129 -16.42 -21.47 -20.21
CA LYS C 129 -15.98 -22.83 -20.50
C LYS C 129 -14.82 -23.22 -19.59
N GLY C 130 -13.87 -22.30 -19.40
CA GLY C 130 -12.76 -22.54 -18.50
C GLY C 130 -11.42 -22.67 -19.18
N PRO C 131 -10.35 -22.77 -18.38
CA PRO C 131 -9.00 -22.82 -18.95
C PRO C 131 -8.62 -24.17 -19.55
N PRO C 135 -2.56 -22.50 -19.22
CA PRO C 135 -1.55 -21.46 -19.01
C PRO C 135 -2.13 -20.12 -18.51
N GLY C 136 -3.15 -19.55 -19.17
CA GLY C 136 -3.82 -18.32 -18.68
C GLY C 136 -5.31 -18.39 -19.00
N LEU C 137 -5.92 -17.29 -19.42
CA LEU C 137 -7.33 -17.38 -19.90
C LEU C 137 -7.31 -18.03 -21.29
N SER C 138 -8.24 -18.93 -21.57
CA SER C 138 -8.30 -19.53 -22.89
C SER C 138 -8.79 -18.53 -23.91
N GLU C 139 -8.49 -18.79 -25.20
CA GLU C 139 -8.93 -17.90 -26.28
C GLU C 139 -10.47 -17.85 -26.30
N GLN C 140 -11.10 -19.01 -26.10
CA GLN C 140 -12.55 -19.09 -26.10
C GLN C 140 -13.11 -18.24 -24.96
N ASP C 141 -12.52 -18.30 -23.76
CA ASP C 141 -12.98 -17.48 -22.64
C ASP C 141 -12.84 -16.00 -22.95
N VAL C 142 -11.72 -15.56 -23.59
CA VAL C 142 -11.58 -14.15 -23.97
C VAL C 142 -12.75 -13.72 -24.89
N ARG C 143 -13.06 -14.54 -25.89
CA ARG C 143 -14.13 -14.24 -26.82
C ARG C 143 -15.50 -14.30 -26.18
N ASP C 144 -15.73 -15.26 -25.26
CA ASP C 144 -17.02 -15.40 -24.60
C ASP C 144 -17.23 -14.27 -23.59
N LEU C 145 -16.18 -13.85 -22.89
CA LEU C 145 -16.25 -12.71 -21.98
C LEU C 145 -16.55 -11.43 -22.77
N ARG C 146 -15.95 -11.28 -23.96
CA ARG C 146 -16.23 -10.15 -24.83
C ARG C 146 -17.69 -10.17 -25.27
N PHE C 147 -18.21 -11.36 -25.62
CA PHE C 147 -19.63 -11.53 -25.96
C PHE C 147 -20.50 -11.07 -24.77
N GLY C 148 -20.12 -11.45 -23.56
CA GLY C 148 -20.82 -11.04 -22.35
C GLY C 148 -20.92 -9.54 -22.18
N VAL C 149 -19.79 -8.84 -22.39
CA VAL C 149 -19.76 -7.39 -22.32
C VAL C 149 -20.66 -6.79 -23.40
N GLU C 150 -20.54 -7.29 -24.64
CA GLU C 150 -21.34 -6.77 -25.75
C GLU C 150 -22.81 -7.02 -25.58
N HIS C 151 -23.18 -8.11 -24.88
CA HIS C 151 -24.60 -8.40 -24.66
C HIS C 151 -25.12 -7.87 -23.31
N GLY C 152 -24.31 -7.12 -22.58
CA GLY C 152 -24.71 -6.50 -21.33
C GLY C 152 -25.04 -7.46 -20.21
N VAL C 153 -24.27 -8.55 -20.07
CA VAL C 153 -24.51 -9.51 -18.99
C VAL C 153 -24.18 -8.83 -17.66
N ASP C 154 -24.82 -9.30 -16.60
CA ASP C 154 -24.63 -8.72 -15.28
C ASP C 154 -23.54 -9.39 -14.48
N ILE C 155 -23.35 -10.69 -14.69
CA ILE C 155 -22.47 -11.52 -13.89
C ILE C 155 -21.70 -12.49 -14.76
N VAL C 156 -20.50 -12.84 -14.33
CA VAL C 156 -19.70 -13.86 -14.96
C VAL C 156 -19.45 -14.91 -13.87
N PHE C 157 -19.75 -16.17 -14.15
CA PHE C 157 -19.37 -17.27 -13.27
C PHE C 157 -18.09 -17.79 -13.93
N ALA C 158 -16.94 -17.44 -13.40
CA ALA C 158 -15.64 -17.80 -13.98
C ALA C 158 -15.24 -19.21 -13.58
N SER C 159 -15.16 -20.10 -14.55
CA SER C 159 -14.83 -21.49 -14.31
C SER C 159 -13.39 -21.73 -13.92
N PHE C 160 -13.19 -22.70 -13.01
CA PHE C 160 -11.88 -23.15 -12.57
C PHE C 160 -10.96 -22.05 -12.12
N VAL C 161 -11.44 -21.17 -11.21
CA VAL C 161 -10.58 -20.14 -10.67
C VAL C 161 -9.70 -20.82 -9.64
N ARG C 162 -8.39 -20.67 -9.77
CA ARG C 162 -7.45 -21.38 -8.89
C ARG C 162 -6.57 -20.47 -8.07
N LYS C 163 -6.49 -19.18 -8.46
CA LYS C 163 -5.63 -18.20 -7.83
C LYS C 163 -6.12 -16.80 -8.20
N ALA C 164 -5.65 -15.78 -7.46
CA ALA C 164 -6.02 -14.39 -7.69
C ALA C 164 -5.73 -13.92 -9.11
N SER C 165 -4.62 -14.38 -9.73
CA SER C 165 -4.30 -13.96 -11.10
C SER C 165 -5.30 -14.44 -12.13
N ASP C 166 -6.04 -15.53 -11.83
CA ASP C 166 -7.10 -15.98 -12.74
C ASP C 166 -8.22 -14.94 -12.75
N VAL C 167 -8.56 -14.38 -11.59
CA VAL C 167 -9.59 -13.36 -11.47
C VAL C 167 -9.13 -12.09 -12.17
N ALA C 168 -7.84 -11.71 -12.02
CA ALA C 168 -7.30 -10.53 -12.70
C ALA C 168 -7.41 -10.70 -14.22
N ALA C 169 -7.17 -11.91 -14.74
CA ALA C 169 -7.27 -12.17 -16.17
C ALA C 169 -8.72 -12.02 -16.65
N VAL C 170 -9.68 -12.54 -15.88
CA VAL C 170 -11.10 -12.41 -16.24
C VAL C 170 -11.52 -10.94 -16.22
N ARG C 171 -11.10 -10.22 -15.19
CA ARG C 171 -11.37 -8.79 -15.01
C ARG C 171 -10.80 -7.99 -16.19
N ALA C 172 -9.57 -8.31 -16.63
CA ALA C 172 -8.94 -7.62 -17.77
C ALA C 172 -9.71 -7.88 -19.06
N ALA C 173 -10.22 -9.11 -19.23
CA ALA C 173 -10.99 -9.50 -20.41
C ALA C 173 -12.39 -8.83 -20.46
N LEU C 174 -12.87 -8.31 -19.31
CA LEU C 174 -14.14 -7.59 -19.24
CA LEU C 174 -14.14 -7.61 -19.29
C LEU C 174 -14.01 -6.16 -19.80
N GLY C 175 -12.77 -5.74 -20.00
CA GLY C 175 -12.33 -4.53 -20.65
C GLY C 175 -12.90 -3.21 -20.34
N PRO C 176 -12.93 -2.30 -21.34
CA PRO C 176 -13.27 -0.94 -21.00
C PRO C 176 -14.75 -0.77 -20.68
N GLU C 177 -15.64 -1.57 -21.28
CA GLU C 177 -17.08 -1.38 -21.04
C GLU C 177 -17.65 -2.25 -19.94
N GLY C 178 -16.95 -3.29 -19.51
CA GLY C 178 -17.54 -4.27 -18.61
C GLY C 178 -17.06 -4.33 -17.19
N HIS C 179 -16.42 -3.25 -16.70
CA HIS C 179 -15.93 -3.24 -15.32
C HIS C 179 -17.00 -3.34 -14.24
N GLY C 180 -18.24 -3.04 -14.57
CA GLY C 180 -19.34 -3.17 -13.63
C GLY C 180 -19.91 -4.58 -13.51
N ILE C 181 -19.44 -5.52 -14.34
CA ILE C 181 -19.92 -6.89 -14.31
C ILE C 181 -19.36 -7.60 -13.07
N LYS C 182 -20.20 -8.33 -12.34
CA LYS C 182 -19.76 -9.02 -11.15
C LYS C 182 -19.04 -10.32 -11.53
N ILE C 183 -17.89 -10.57 -10.90
CA ILE C 183 -17.16 -11.81 -11.17
C ILE C 183 -17.34 -12.73 -9.99
N ILE C 184 -18.07 -13.81 -10.21
CA ILE C 184 -18.27 -14.85 -9.22
C ILE C 184 -17.27 -15.97 -9.59
N SER C 185 -16.26 -16.17 -8.77
CA SER C 185 -15.25 -17.19 -9.03
C SER C 185 -15.75 -18.56 -8.68
N LYS C 186 -15.68 -19.50 -9.62
CA LYS C 186 -16.11 -20.87 -9.37
C LYS C 186 -14.93 -21.65 -8.79
N ILE C 187 -15.11 -22.22 -7.61
CA ILE C 187 -14.08 -23.03 -6.96
C ILE C 187 -14.39 -24.45 -7.30
N GLU C 188 -13.52 -25.08 -8.09
CA GLU C 188 -13.78 -26.39 -8.66
C GLU C 188 -12.69 -27.42 -8.44
N ASN C 189 -11.59 -27.05 -7.78
CA ASN C 189 -10.51 -28.02 -7.58
C ASN C 189 -9.77 -27.75 -6.26
N HIS C 190 -8.79 -28.60 -5.94
CA HIS C 190 -8.03 -28.48 -4.72
C HIS C 190 -7.31 -27.15 -4.61
N GLU C 191 -6.66 -26.70 -5.69
CA GLU C 191 -5.93 -25.43 -5.64
C GLU C 191 -6.86 -24.24 -5.33
N GLY C 192 -8.04 -24.21 -5.95
CA GLY C 192 -9.02 -23.17 -5.68
C GLY C 192 -9.44 -23.15 -4.22
N VAL C 193 -9.61 -24.33 -3.61
CA VAL C 193 -9.98 -24.41 -2.19
C VAL C 193 -8.83 -23.91 -1.32
N LYS C 194 -7.59 -24.36 -1.62
CA LYS C 194 -6.42 -23.94 -0.84
C LYS C 194 -6.08 -22.47 -0.97
N ARG C 195 -6.29 -21.90 -2.15
CA ARG C 195 -6.05 -20.47 -2.38
C ARG C 195 -7.34 -19.65 -2.28
N PHE C 196 -8.36 -20.16 -1.58
CA PHE C 196 -9.65 -19.52 -1.43
C PHE C 196 -9.58 -18.08 -0.95
N ASP C 197 -8.82 -17.80 0.11
CA ASP C 197 -8.77 -16.45 0.65
C ASP C 197 -8.28 -15.42 -0.35
N GLU C 198 -7.22 -15.76 -1.10
CA GLU C 198 -6.70 -14.83 -2.09
C GLU C 198 -7.70 -14.63 -3.24
N ILE C 199 -8.46 -15.69 -3.58
CA ILE C 199 -9.43 -15.62 -4.67
C ILE C 199 -10.62 -14.76 -4.22
N LEU C 200 -11.15 -15.02 -3.02
CA LEU C 200 -12.30 -14.27 -2.50
C LEU C 200 -11.99 -12.78 -2.40
N GLU C 201 -10.77 -12.45 -1.98
CA GLU C 201 -10.34 -11.06 -1.81
C GLU C 201 -10.50 -10.24 -3.08
N VAL C 202 -10.23 -10.83 -4.26
CA VAL C 202 -10.34 -10.10 -5.52
C VAL C 202 -11.62 -10.40 -6.31
N SER C 203 -12.48 -11.30 -5.82
CA SER C 203 -13.71 -11.64 -6.52
C SER C 203 -14.89 -10.90 -5.93
N ASP C 204 -15.96 -10.77 -6.69
CA ASP C 204 -17.20 -10.21 -6.13
C ASP C 204 -17.95 -11.28 -5.30
N GLY C 205 -17.72 -12.54 -5.57
CA GLY C 205 -18.38 -13.63 -4.88
C GLY C 205 -17.82 -14.97 -5.33
N ILE C 206 -18.41 -16.04 -4.85
CA ILE C 206 -17.92 -17.38 -5.09
C ILE C 206 -19.02 -18.31 -5.47
N MET C 207 -18.71 -19.30 -6.33
CA MET C 207 -19.64 -20.36 -6.59
C MET C 207 -18.94 -21.65 -6.13
N VAL C 208 -19.61 -22.45 -5.30
CA VAL C 208 -19.13 -23.76 -4.88
C VAL C 208 -19.60 -24.67 -6.01
N ALA C 209 -18.72 -24.90 -6.98
CA ALA C 209 -19.03 -25.67 -8.19
C ALA C 209 -18.79 -27.13 -7.89
N ARG C 210 -19.77 -27.77 -7.25
CA ARG C 210 -19.62 -29.11 -6.69
C ARG C 210 -19.42 -30.23 -7.69
N GLY C 211 -19.82 -30.05 -8.95
CA GLY C 211 -19.64 -31.08 -9.98
C GLY C 211 -18.18 -31.42 -10.17
N ASP C 212 -17.39 -30.44 -10.61
CA ASP C 212 -15.96 -30.64 -10.77
C ASP C 212 -15.28 -30.81 -9.44
N LEU C 213 -15.70 -30.06 -8.41
CA LEU C 213 -15.08 -30.19 -7.09
C LEU C 213 -15.13 -31.65 -6.57
N GLY C 214 -16.26 -32.31 -6.79
CA GLY C 214 -16.47 -33.69 -6.38
C GLY C 214 -15.70 -34.74 -7.17
N ILE C 215 -15.08 -34.34 -8.28
CA ILE C 215 -14.21 -35.21 -9.09
C ILE C 215 -12.74 -34.85 -8.81
N GLU C 216 -12.44 -33.56 -8.52
CA GLU C 216 -11.10 -33.07 -8.25
C GLU C 216 -10.61 -33.40 -6.85
N ILE C 217 -11.51 -33.44 -5.89
CA ILE C 217 -11.18 -33.81 -4.51
C ILE C 217 -12.09 -35.00 -4.15
N PRO C 218 -11.78 -35.77 -3.08
CA PRO C 218 -12.67 -36.88 -2.71
C PRO C 218 -14.12 -36.41 -2.53
N ALA C 219 -15.08 -37.15 -3.06
CA ALA C 219 -16.49 -36.79 -3.01
C ALA C 219 -16.97 -36.55 -1.58
N GLU C 220 -16.46 -37.33 -0.63
CA GLU C 220 -16.83 -37.21 0.77
C GLU C 220 -16.31 -35.94 1.45
N LYS C 221 -15.45 -35.16 0.78
CA LYS C 221 -14.90 -33.93 1.35
C LYS C 221 -15.61 -32.67 0.79
N VAL C 222 -16.43 -32.79 -0.25
CA VAL C 222 -17.10 -31.63 -0.85
C VAL C 222 -17.90 -30.82 0.16
N PHE C 223 -18.65 -31.49 1.06
CA PHE C 223 -19.45 -30.74 2.04
C PHE C 223 -18.58 -29.84 2.94
N LEU C 224 -17.32 -30.25 3.22
CA LEU C 224 -16.41 -29.46 4.04
C LEU C 224 -16.02 -28.21 3.27
N ALA C 225 -15.70 -28.37 1.97
CA ALA C 225 -15.32 -27.23 1.15
C ALA C 225 -16.52 -26.30 1.00
N GLN C 226 -17.72 -26.84 0.82
CA GLN C 226 -18.93 -26.03 0.69
C GLN C 226 -19.18 -25.22 1.96
N LYS C 227 -19.19 -25.88 3.13
CA LYS C 227 -19.45 -25.19 4.38
C LYS C 227 -18.40 -24.16 4.70
N MET C 228 -17.12 -24.49 4.42
CA MET C 228 -16.04 -23.55 4.67
C MET C 228 -16.18 -22.29 3.78
N MET C 229 -16.41 -22.49 2.47
CA MET C 229 -16.51 -21.38 1.55
C MET C 229 -17.72 -20.51 1.83
N ILE C 230 -18.84 -21.14 2.19
CA ILE C 230 -20.04 -20.37 2.53
C ILE C 230 -19.78 -19.55 3.80
N GLY C 231 -19.16 -20.16 4.82
CA GLY C 231 -18.82 -19.46 6.05
C GLY C 231 -17.90 -18.27 5.80
N ARG C 232 -16.84 -18.47 5.00
CA ARG C 232 -15.91 -17.39 4.69
C ARG C 232 -16.54 -16.27 3.89
N CYS C 233 -17.43 -16.62 2.96
CA CYS C 233 -18.12 -15.60 2.18
C CYS C 233 -19.07 -14.83 3.06
N ASN C 234 -19.77 -15.51 3.98
CA ASN C 234 -20.68 -14.84 4.92
C ASN C 234 -19.88 -13.86 5.80
N LEU C 235 -18.70 -14.27 6.23
CA LEU C 235 -17.83 -13.42 7.05
C LEU C 235 -17.35 -12.22 6.23
N ALA C 236 -16.96 -12.43 4.97
CA ALA C 236 -16.51 -11.34 4.09
C ALA C 236 -17.66 -10.47 3.56
N GLY C 237 -18.90 -10.90 3.72
CA GLY C 237 -20.05 -10.17 3.19
C GLY C 237 -20.13 -10.20 1.68
N LYS C 238 -19.67 -11.31 1.08
CA LYS C 238 -19.70 -11.45 -0.38
C LYS C 238 -20.61 -12.61 -0.76
N PRO C 239 -21.35 -12.49 -1.87
CA PRO C 239 -22.28 -13.55 -2.23
C PRO C 239 -21.64 -14.91 -2.52
N VAL C 240 -22.34 -15.97 -2.13
CA VAL C 240 -21.86 -17.32 -2.38
C VAL C 240 -23.00 -18.12 -2.95
N VAL C 241 -22.70 -18.89 -4.00
CA VAL C 241 -23.68 -19.69 -4.69
C VAL C 241 -23.39 -21.15 -4.43
N CYS C 242 -24.43 -21.92 -4.10
CA CYS C 242 -24.26 -23.36 -4.02
C CYS C 242 -24.78 -23.92 -5.33
N ALA C 243 -23.98 -24.78 -5.96
CA ALA C 243 -24.34 -25.28 -7.30
C ALA C 243 -24.12 -26.74 -7.47
N THR C 244 -24.86 -27.33 -8.43
CA THR C 244 -24.71 -28.63 -9.08
C THR C 244 -25.28 -29.80 -8.34
N GLN C 245 -26.19 -30.50 -9.05
CA GLN C 245 -26.86 -31.71 -8.62
C GLN C 245 -27.75 -31.52 -7.42
N MET C 246 -28.22 -30.27 -7.16
CA MET C 246 -29.09 -30.01 -6.02
C MET C 246 -30.41 -30.75 -6.16
N LEU C 247 -30.98 -30.79 -7.36
CA LEU C 247 -32.22 -31.53 -7.60
C LEU C 247 -32.03 -32.44 -8.84
N GLU C 248 -30.86 -33.08 -8.97
CA GLU C 248 -30.45 -33.87 -10.12
C GLU C 248 -31.50 -34.84 -10.65
N SER C 249 -32.11 -35.65 -9.77
CA SER C 249 -33.13 -36.62 -10.21
C SER C 249 -34.30 -35.96 -10.94
N MET C 250 -34.55 -34.65 -10.72
CA MET C 250 -35.62 -33.93 -11.41
C MET C 250 -35.33 -33.69 -12.91
N ILE C 251 -34.14 -34.06 -13.41
CA ILE C 251 -33.87 -34.02 -14.86
C ILE C 251 -34.85 -35.02 -15.55
N THR C 252 -35.16 -36.16 -14.90
CA THR C 252 -36.07 -37.16 -15.46
C THR C 252 -37.33 -37.40 -14.63
N LYS C 253 -37.31 -37.07 -13.32
CA LYS C 253 -38.45 -37.34 -12.45
C LYS C 253 -39.16 -36.08 -12.01
N PRO C 254 -40.50 -36.14 -11.87
CA PRO C 254 -41.23 -34.91 -11.48
C PRO C 254 -41.03 -34.47 -10.03
N ARG C 255 -40.52 -35.35 -9.17
CA ARG C 255 -40.29 -35.04 -7.76
C ARG C 255 -38.87 -35.40 -7.39
N PRO C 256 -38.24 -34.60 -6.51
CA PRO C 256 -36.85 -34.90 -6.13
C PRO C 256 -36.73 -35.99 -5.05
N THR C 257 -35.50 -36.46 -4.82
CA THR C 257 -35.26 -37.43 -3.77
C THR C 257 -35.23 -36.71 -2.40
N ARG C 258 -35.23 -37.49 -1.31
CA ARG C 258 -35.15 -36.91 0.03
C ARG C 258 -33.80 -36.24 0.24
N ALA C 259 -32.72 -36.76 -0.38
CA ALA C 259 -31.40 -36.16 -0.24
C ALA C 259 -31.32 -34.82 -0.94
N GLU C 260 -32.02 -34.68 -2.07
CA GLU C 260 -32.03 -33.45 -2.84
C GLU C 260 -32.76 -32.33 -2.13
N THR C 261 -33.94 -32.59 -1.54
CA THR C 261 -34.63 -31.54 -0.78
C THR C 261 -33.80 -31.15 0.44
N SER C 262 -33.16 -32.14 1.08
CA SER C 262 -32.29 -31.89 2.22
C SER C 262 -31.11 -31.00 1.78
N ASP C 263 -30.51 -31.31 0.63
CA ASP C 263 -29.36 -30.56 0.12
C ASP C 263 -29.70 -29.09 -0.12
N VAL C 264 -30.86 -28.83 -0.72
CA VAL C 264 -31.29 -27.45 -0.96
C VAL C 264 -31.50 -26.71 0.38
N ALA C 265 -32.20 -27.35 1.31
CA ALA C 265 -32.46 -26.74 2.62
C ALA C 265 -31.17 -26.47 3.37
N ASN C 266 -30.24 -27.43 3.34
CA ASN C 266 -28.96 -27.27 4.03
C ASN C 266 -28.06 -26.26 3.39
N ALA C 267 -28.15 -26.05 2.05
CA ALA C 267 -27.34 -24.99 1.42
C ALA C 267 -27.81 -23.62 1.96
N VAL C 268 -29.12 -23.42 2.11
CA VAL C 268 -29.68 -22.19 2.66
C VAL C 268 -29.28 -22.04 4.13
N LEU C 269 -29.42 -23.11 4.92
CA LEU C 269 -29.02 -23.08 6.34
C LEU C 269 -27.52 -22.87 6.51
N ASP C 270 -26.71 -23.35 5.55
CA ASP C 270 -25.25 -23.14 5.58
C ASP C 270 -24.92 -21.65 5.44
N GLY C 271 -25.75 -20.90 4.70
CA GLY C 271 -25.58 -19.49 4.48
C GLY C 271 -25.47 -19.07 3.03
N ALA C 272 -25.85 -19.96 2.09
CA ALA C 272 -25.73 -19.62 0.66
C ALA C 272 -26.65 -18.45 0.30
N ASP C 273 -26.13 -17.50 -0.46
CA ASP C 273 -26.93 -16.39 -0.96
C ASP C 273 -27.81 -16.86 -2.12
N CYS C 274 -27.28 -17.73 -2.97
CA CYS C 274 -27.99 -18.25 -4.13
C CYS C 274 -27.89 -19.76 -4.19
N ILE C 275 -28.89 -20.38 -4.81
CA ILE C 275 -28.89 -21.80 -5.11
C ILE C 275 -29.07 -21.90 -6.62
N MET C 276 -28.54 -22.99 -7.21
CA MET C 276 -28.53 -23.11 -8.67
C MET C 276 -29.13 -24.39 -9.17
N LEU C 277 -29.61 -24.34 -10.41
CA LEU C 277 -30.10 -25.46 -11.17
C LEU C 277 -29.29 -25.46 -12.47
N SER C 278 -28.77 -26.62 -12.85
CA SER C 278 -28.01 -26.75 -14.07
C SER C 278 -28.80 -27.62 -15.04
N GLY C 279 -28.49 -28.92 -15.14
CA GLY C 279 -29.20 -29.85 -16.03
C GLY C 279 -30.68 -29.90 -15.76
N GLU C 280 -31.08 -29.66 -14.49
CA GLU C 280 -32.50 -29.64 -14.10
C GLU C 280 -33.32 -28.69 -14.93
N THR C 281 -32.72 -27.55 -15.31
CA THR C 281 -33.44 -26.55 -16.10
C THR C 281 -32.90 -26.40 -17.52
N ALA C 282 -31.62 -26.75 -17.75
CA ALA C 282 -31.01 -26.63 -19.06
C ALA C 282 -31.51 -27.71 -20.02
N LYS C 283 -31.65 -28.94 -19.54
CA LYS C 283 -31.99 -30.05 -20.43
C LYS C 283 -33.01 -31.05 -19.91
N GLY C 284 -33.39 -30.94 -18.64
CA GLY C 284 -34.32 -31.89 -18.06
C GLY C 284 -35.76 -31.72 -18.50
N ASN C 285 -36.59 -32.68 -18.13
CA ASN C 285 -38.01 -32.72 -18.49
C ASN C 285 -38.91 -31.89 -17.60
N PHE C 286 -38.40 -31.39 -16.46
CA PHE C 286 -39.23 -30.61 -15.54
C PHE C 286 -38.51 -29.30 -15.07
N PRO C 287 -38.13 -28.41 -16.00
CA PRO C 287 -37.41 -27.18 -15.59
C PRO C 287 -38.21 -26.28 -14.67
N VAL C 288 -39.50 -26.07 -14.96
CA VAL C 288 -40.33 -25.20 -14.13
C VAL C 288 -40.55 -25.79 -12.74
N GLU C 289 -40.79 -27.10 -12.69
CA GLU C 289 -41.01 -27.81 -11.43
C GLU C 289 -39.76 -27.76 -10.56
N ALA C 290 -38.57 -27.85 -11.17
CA ALA C 290 -37.30 -27.78 -10.44
C ALA C 290 -37.17 -26.39 -9.78
N VAL C 291 -37.54 -25.33 -10.51
CA VAL C 291 -37.50 -23.97 -9.96
C VAL C 291 -38.51 -23.85 -8.81
N LYS C 292 -39.71 -24.38 -9.01
CA LYS C 292 -40.76 -24.33 -7.97
C LYS C 292 -40.33 -25.06 -6.71
N MET C 293 -39.62 -26.17 -6.87
CA MET C 293 -39.14 -26.96 -5.75
C MET C 293 -38.09 -26.20 -4.97
N GLN C 294 -37.12 -25.57 -5.67
CA GLN C 294 -36.11 -24.75 -4.97
C GLN C 294 -36.73 -23.60 -4.24
N HIS C 295 -37.75 -22.95 -4.85
CA HIS C 295 -38.45 -21.85 -4.20
C HIS C 295 -39.12 -22.32 -2.91
N ALA C 296 -39.86 -23.45 -2.98
CA ALA C 296 -40.60 -23.97 -1.84
C ALA C 296 -39.66 -24.36 -0.68
N ILE C 297 -38.55 -25.04 -1.00
CA ILE C 297 -37.60 -25.43 0.03
C ILE C 297 -36.89 -24.22 0.63
N ALA C 298 -36.38 -23.30 -0.21
CA ALA C 298 -35.66 -22.13 0.29
C ALA C 298 -36.48 -21.30 1.25
N ARG C 299 -37.77 -21.13 0.97
CA ARG C 299 -38.65 -20.37 1.84
C ARG C 299 -38.78 -21.03 3.22
N GLU C 300 -38.89 -22.37 3.25
CA GLU C 300 -38.98 -23.10 4.51
C GLU C 300 -37.65 -23.01 5.28
N ALA C 301 -36.53 -23.18 4.56
CA ALA C 301 -35.20 -23.15 5.18
C ALA C 301 -34.82 -21.79 5.72
N GLU C 302 -35.22 -20.72 5.04
CA GLU C 302 -34.91 -19.36 5.50
C GLU C 302 -35.58 -19.06 6.83
N ALA C 303 -36.82 -19.52 7.01
CA ALA C 303 -37.51 -19.32 8.29
C ALA C 303 -36.86 -20.11 9.42
N ALA C 304 -36.23 -21.26 9.10
CA ALA C 304 -35.53 -22.14 10.04
C ALA C 304 -34.13 -21.67 10.39
N VAL C 305 -33.63 -20.58 9.82
CA VAL C 305 -32.31 -20.05 10.15
C VAL C 305 -32.35 -19.56 11.62
N TYR C 306 -31.32 -19.87 12.40
CA TYR C 306 -31.25 -19.46 13.80
C TYR C 306 -30.58 -18.08 13.85
N HIS C 307 -31.35 -17.03 13.52
CA HIS C 307 -30.87 -15.66 13.45
C HIS C 307 -30.23 -15.18 14.73
N ARG C 308 -30.72 -15.61 15.89
CA ARG C 308 -30.15 -15.16 17.18
C ARG C 308 -28.65 -15.44 17.26
N GLN C 309 -28.23 -16.65 16.86
CA GLN C 309 -26.80 -16.98 16.89
C GLN C 309 -26.11 -16.37 15.69
N LEU C 310 -26.71 -16.47 14.51
CA LEU C 310 -26.09 -15.96 13.28
C LEU C 310 -25.75 -14.47 13.39
N PHE C 311 -26.72 -13.65 13.82
CA PHE C 311 -26.49 -12.21 13.97
C PHE C 311 -25.41 -11.94 15.02
N GLU C 312 -25.46 -12.63 16.17
CA GLU C 312 -24.46 -12.47 17.24
C GLU C 312 -23.06 -12.80 16.70
N GLU C 313 -22.93 -13.91 15.95
CA GLU C 313 -21.64 -14.30 15.42
C GLU C 313 -21.14 -13.42 14.30
N LEU C 314 -22.03 -12.95 13.42
CA LEU C 314 -21.64 -12.05 12.33
C LEU C 314 -21.15 -10.74 12.92
N ARG C 315 -21.84 -10.23 13.96
CA ARG C 315 -21.45 -9.00 14.66
C ARG C 315 -20.09 -9.16 15.34
N ARG C 316 -19.92 -10.24 16.11
CA ARG C 316 -18.68 -10.53 16.83
C ARG C 316 -17.47 -10.68 15.89
N ALA C 317 -17.68 -11.32 14.73
CA ALA C 317 -16.59 -11.56 13.80
C ALA C 317 -16.29 -10.39 12.89
N ALA C 318 -17.32 -9.60 12.54
CA ALA C 318 -17.11 -8.45 11.65
C ALA C 318 -16.30 -7.41 12.40
N PRO C 319 -15.19 -6.95 11.81
CA PRO C 319 -14.37 -5.94 12.49
C PRO C 319 -15.09 -4.62 12.65
N LEU C 320 -14.57 -3.78 13.55
CA LEU C 320 -15.06 -2.42 13.75
C LEU C 320 -14.87 -1.66 12.44
N SER C 321 -15.76 -0.73 12.17
CA SER C 321 -15.70 -0.01 10.91
C SER C 321 -16.00 1.44 11.11
N ARG C 322 -15.32 2.28 10.37
CA ARG C 322 -15.61 3.71 10.36
C ARG C 322 -16.32 4.11 9.04
N ASP C 323 -16.76 3.13 8.24
CA ASP C 323 -17.45 3.39 6.99
C ASP C 323 -18.92 3.60 7.39
N PRO C 324 -19.47 4.77 7.12
CA PRO C 324 -20.85 5.04 7.55
C PRO C 324 -21.87 4.08 6.97
N THR C 325 -21.65 3.55 5.75
CA THR C 325 -22.61 2.61 5.17
C THR C 325 -22.67 1.35 6.00
N GLU C 326 -21.48 0.83 6.40
CA GLU C 326 -21.39 -0.37 7.22
CA GLU C 326 -21.39 -0.37 7.22
C GLU C 326 -22.00 -0.12 8.60
N VAL C 327 -21.70 1.03 9.20
CA VAL C 327 -22.22 1.39 10.52
C VAL C 327 -23.75 1.52 10.48
N THR C 328 -24.28 2.15 9.43
CA THR C 328 -25.73 2.31 9.27
C THR C 328 -26.37 0.96 9.08
N ALA C 329 -25.75 0.08 8.27
CA ALA C 329 -26.30 -1.22 7.99
C ALA C 329 -26.51 -2.05 9.25
N ILE C 330 -25.49 -2.10 10.14
CA ILE C 330 -25.64 -2.92 11.35
C ILE C 330 -26.67 -2.31 12.29
N GLY C 331 -26.73 -0.98 12.38
CA GLY C 331 -27.75 -0.29 13.16
C GLY C 331 -29.14 -0.58 12.62
N ALA C 332 -29.30 -0.56 11.29
CA ALA C 332 -30.60 -0.83 10.66
C ALA C 332 -31.04 -2.28 10.88
N VAL C 333 -30.12 -3.24 10.77
CA VAL C 333 -30.47 -4.65 10.96
C VAL C 333 -30.85 -4.90 12.43
N GLU C 334 -30.12 -4.29 13.35
CA GLU C 334 -30.43 -4.37 14.78
CA GLU C 334 -30.43 -4.38 14.78
C GLU C 334 -31.82 -3.77 15.04
N ALA C 335 -32.11 -2.60 14.45
CA ALA C 335 -33.41 -1.95 14.59
C ALA C 335 -34.52 -2.84 14.03
N ALA C 336 -34.27 -3.46 12.86
CA ALA C 336 -35.27 -4.33 12.24
C ALA C 336 -35.59 -5.53 13.13
N PHE C 337 -34.58 -6.14 13.75
CA PHE C 337 -34.80 -7.28 14.66
C PHE C 337 -35.59 -6.83 15.91
N LYS C 338 -35.30 -5.64 16.43
CA LYS C 338 -35.97 -5.12 17.61
C LYS C 338 -37.49 -4.97 17.45
N CYS C 339 -37.95 -4.57 16.26
CA CYS C 339 -39.38 -4.35 16.03
C CYS C 339 -40.03 -5.37 15.13
N CYS C 340 -39.30 -6.45 14.72
CA CYS C 340 -39.80 -7.44 13.74
C CYS C 340 -40.23 -6.71 12.48
N ALA C 341 -39.39 -5.76 12.02
CA ALA C 341 -39.73 -4.91 10.86
C ALA C 341 -40.09 -5.73 9.67
N ALA C 342 -41.15 -5.34 9.02
CA ALA C 342 -41.63 -6.04 7.83
C ALA C 342 -40.57 -5.91 6.70
N ALA C 343 -39.82 -4.80 6.67
CA ALA C 343 -38.81 -4.60 5.63
C ALA C 343 -37.81 -3.55 6.06
N ILE C 344 -36.66 -3.52 5.37
CA ILE C 344 -35.67 -2.47 5.42
C ILE C 344 -35.68 -1.92 4.00
N ILE C 345 -36.08 -0.67 3.81
CA ILE C 345 -36.08 -0.07 2.49
C ILE C 345 -34.79 0.70 2.37
N VAL C 346 -33.99 0.41 1.34
CA VAL C 346 -32.72 1.09 1.17
C VAL C 346 -32.63 1.71 -0.21
N LEU C 347 -32.10 2.94 -0.29
CA LEU C 347 -31.87 3.57 -1.59
C LEU C 347 -30.42 3.23 -1.95
N THR C 348 -30.21 2.71 -3.17
CA THR C 348 -28.86 2.33 -3.57
C THR C 348 -28.66 2.54 -5.08
N THR C 349 -27.51 3.05 -5.48
CA THR C 349 -27.23 3.23 -6.90
C THR C 349 -26.40 2.06 -7.43
N THR C 350 -25.43 1.60 -6.63
CA THR C 350 -24.58 0.47 -7.02
C THR C 350 -25.03 -0.87 -6.43
N GLY C 351 -25.87 -0.85 -5.41
CA GLY C 351 -26.31 -2.05 -4.71
C GLY C 351 -25.56 -2.24 -3.40
N ARG C 352 -24.44 -1.50 -3.21
CA ARG C 352 -23.56 -1.69 -2.06
C ARG C 352 -24.26 -1.52 -0.71
N SER C 353 -25.12 -0.49 -0.55
CA SER C 353 -25.82 -0.30 0.73
C SER C 353 -26.74 -1.50 1.03
N ALA C 354 -27.35 -2.10 0.00
CA ALA C 354 -28.22 -3.28 0.19
C ALA C 354 -27.36 -4.50 0.53
N GLN C 355 -26.20 -4.62 -0.12
CA GLN C 355 -25.28 -5.73 0.15
C GLN C 355 -24.78 -5.69 1.61
N LEU C 356 -24.49 -4.50 2.12
CA LEU C 356 -24.03 -4.37 3.51
C LEU C 356 -25.14 -4.69 4.51
N LEU C 357 -26.42 -4.48 4.14
CA LEU C 357 -27.52 -4.88 5.01
C LEU C 357 -27.64 -6.41 4.96
N SER C 358 -27.60 -6.98 3.74
CA SER C 358 -27.71 -8.40 3.50
C SER C 358 -26.65 -9.21 4.28
N ARG C 359 -25.44 -8.69 4.40
CA ARG C 359 -24.36 -9.40 5.10
C ARG C 359 -24.69 -9.71 6.58
N TYR C 360 -25.59 -8.90 7.21
CA TYR C 360 -26.01 -9.16 8.58
C TYR C 360 -27.19 -10.08 8.71
N ARG C 361 -27.69 -10.59 7.58
CA ARG C 361 -28.77 -11.56 7.51
C ARG C 361 -30.00 -11.16 8.31
N PRO C 362 -30.59 -10.00 8.00
CA PRO C 362 -31.84 -9.63 8.68
C PRO C 362 -32.95 -10.58 8.27
N ARG C 363 -33.88 -10.82 9.17
CA ARG C 363 -35.10 -11.56 8.81
C ARG C 363 -35.98 -10.63 7.90
N ALA C 364 -35.93 -9.30 8.14
CA ALA C 364 -36.68 -8.33 7.34
C ALA C 364 -36.14 -8.35 5.91
N ALA C 365 -37.05 -8.31 4.94
CA ALA C 365 -36.70 -8.20 3.54
C ALA C 365 -35.97 -6.88 3.29
N VAL C 366 -34.93 -6.87 2.49
CA VAL C 366 -34.20 -5.65 2.16
C VAL C 366 -34.75 -5.21 0.79
N ILE C 367 -35.62 -4.20 0.77
CA ILE C 367 -36.21 -3.71 -0.45
C ILE C 367 -35.26 -2.61 -0.97
N ALA C 368 -34.59 -2.89 -2.08
CA ALA C 368 -33.58 -1.98 -2.61
C ALA C 368 -34.13 -1.19 -3.76
N VAL C 369 -34.27 0.12 -3.58
CA VAL C 369 -34.82 0.99 -4.61
C VAL C 369 -33.65 1.62 -5.33
N THR C 370 -33.59 1.40 -6.64
CA THR C 370 -32.48 1.87 -7.45
C THR C 370 -32.93 2.35 -8.81
N ARG C 371 -32.22 3.31 -9.38
CA ARG C 371 -32.45 3.74 -10.77
C ARG C 371 -31.59 2.89 -11.74
N SER C 372 -30.57 2.17 -11.23
CA SER C 372 -29.71 1.36 -12.07
C SER C 372 -30.33 0.02 -12.37
N ALA C 373 -30.68 -0.23 -13.63
CA ALA C 373 -31.23 -1.53 -14.04
C ALA C 373 -30.19 -2.65 -13.78
N GLN C 374 -28.90 -2.33 -13.98
CA GLN C 374 -27.85 -3.30 -13.75
C GLN C 374 -27.75 -3.65 -12.27
N ALA C 375 -27.76 -2.63 -11.39
CA ALA C 375 -27.67 -2.90 -9.96
C ALA C 375 -28.88 -3.69 -9.50
N ALA C 376 -30.07 -3.39 -10.05
CA ALA C 376 -31.29 -4.11 -9.70
C ALA C 376 -31.16 -5.60 -10.05
N ARG C 377 -30.56 -5.95 -11.19
CA ARG C 377 -30.37 -7.34 -11.56
C ARG C 377 -29.28 -7.98 -10.69
N GLN C 378 -28.16 -7.26 -10.47
CA GLN C 378 -27.02 -7.81 -9.73
C GLN C 378 -27.27 -8.04 -8.25
N VAL C 379 -28.16 -7.25 -7.61
CA VAL C 379 -28.40 -7.46 -6.17
C VAL C 379 -29.13 -8.74 -5.86
N HIS C 380 -29.64 -9.46 -6.88
CA HIS C 380 -30.18 -10.80 -6.67
C HIS C 380 -29.07 -11.74 -6.12
N LEU C 381 -27.79 -11.41 -6.29
CA LEU C 381 -26.70 -12.21 -5.73
C LEU C 381 -26.68 -12.16 -4.19
N CYS C 382 -27.29 -11.14 -3.57
CA CYS C 382 -27.27 -10.96 -2.12
C CYS C 382 -28.54 -11.45 -1.51
N ARG C 383 -28.41 -12.38 -0.55
CA ARG C 383 -29.59 -12.93 0.09
C ARG C 383 -30.50 -11.88 0.72
N GLY C 384 -31.78 -12.01 0.45
CA GLY C 384 -32.77 -11.14 1.06
C GLY C 384 -32.91 -9.76 0.48
N VAL C 385 -32.29 -9.51 -0.69
CA VAL C 385 -32.44 -8.22 -1.35
C VAL C 385 -33.47 -8.34 -2.47
N PHE C 386 -34.52 -7.51 -2.40
CA PHE C 386 -35.61 -7.47 -3.36
C PHE C 386 -35.48 -6.17 -4.13
N PRO C 387 -34.96 -6.25 -5.36
CA PRO C 387 -34.72 -5.00 -6.11
C PRO C 387 -35.97 -4.41 -6.74
N LEU C 388 -36.08 -3.08 -6.66
CA LEU C 388 -37.16 -2.34 -7.29
C LEU C 388 -36.53 -1.32 -8.19
N LEU C 389 -36.75 -1.43 -9.49
CA LEU C 389 -36.20 -0.49 -10.45
C LEU C 389 -37.11 0.72 -10.53
N TYR C 390 -36.54 1.88 -10.25
CA TYR C 390 -37.22 3.16 -10.22
C TYR C 390 -36.89 3.96 -11.47
N ARG C 391 -37.91 4.34 -12.21
CA ARG C 391 -37.71 5.03 -13.48
C ARG C 391 -38.36 6.41 -13.56
N GLU C 392 -38.86 6.96 -12.44
CA GLU C 392 -39.46 8.30 -12.49
C GLU C 392 -38.35 9.31 -12.73
N PRO C 393 -38.66 10.40 -13.46
CA PRO C 393 -37.61 11.41 -13.67
C PRO C 393 -37.21 12.07 -12.34
N PRO C 394 -35.93 12.46 -12.21
CA PRO C 394 -35.46 13.09 -10.97
C PRO C 394 -36.18 14.35 -10.61
N GLU C 395 -36.56 14.49 -9.32
CA GLU C 395 -37.19 15.67 -8.78
C GLU C 395 -36.12 16.75 -8.66
N ALA C 396 -36.50 18.02 -8.80
CA ALA C 396 -35.56 19.15 -8.66
C ALA C 396 -35.04 19.25 -7.23
N ILE C 397 -35.91 18.99 -6.24
CA ILE C 397 -35.47 19.05 -4.84
C ILE C 397 -35.07 17.62 -4.47
N TRP C 398 -33.80 17.43 -4.12
CA TRP C 398 -33.28 16.11 -3.84
C TRP C 398 -34.01 15.41 -2.71
N ALA C 399 -34.36 16.14 -1.63
CA ALA C 399 -35.13 15.54 -0.54
C ALA C 399 -36.47 14.98 -1.04
N ASP C 400 -37.12 15.64 -2.00
CA ASP C 400 -38.39 15.15 -2.57
C ASP C 400 -38.16 13.91 -3.40
N ASP C 401 -37.04 13.83 -4.12
CA ASP C 401 -36.73 12.66 -4.95
C ASP C 401 -36.46 11.42 -4.05
N VAL C 402 -35.83 11.66 -2.89
CA VAL C 402 -35.56 10.61 -1.92
C VAL C 402 -36.89 10.16 -1.34
N ASP C 403 -37.76 11.12 -0.93
CA ASP C 403 -39.05 10.77 -0.35
C ASP C 403 -39.90 9.99 -1.33
N ARG C 404 -39.88 10.38 -2.60
CA ARG C 404 -40.61 9.68 -3.63
C ARG C 404 -40.13 8.23 -3.77
N ARG C 405 -38.81 8.01 -3.68
CA ARG C 405 -38.27 6.65 -3.79
C ARG C 405 -38.57 5.80 -2.58
N VAL C 406 -38.57 6.41 -1.40
CA VAL C 406 -38.93 5.67 -0.20
C VAL C 406 -40.41 5.26 -0.27
N GLN C 407 -41.29 6.20 -0.67
CA GLN C 407 -42.71 5.88 -0.83
C GLN C 407 -42.94 4.86 -1.92
N PHE C 408 -42.12 4.87 -2.98
CA PHE C 408 -42.18 3.85 -4.05
C PHE C 408 -41.88 2.45 -3.47
N GLY C 409 -40.90 2.39 -2.58
CA GLY C 409 -40.55 1.14 -1.90
C GLY C 409 -41.69 0.69 -1.03
N ILE C 410 -42.30 1.62 -0.28
CA ILE C 410 -43.42 1.32 0.61
C ILE C 410 -44.64 0.84 -0.20
N GLU C 411 -45.01 1.57 -1.25
CA GLU C 411 -46.18 1.21 -2.04
C GLU C 411 -45.98 -0.09 -2.79
N SER C 412 -44.73 -0.37 -3.24
CA SER C 412 -44.44 -1.64 -3.88
C SER C 412 -44.56 -2.77 -2.85
N GLY C 413 -44.08 -2.52 -1.63
CA GLY C 413 -44.14 -3.47 -0.52
C GLY C 413 -45.58 -3.80 -0.15
N LYS C 414 -46.46 -2.79 -0.17
CA LYS C 414 -47.88 -3.00 0.13
C LYS C 414 -48.49 -3.82 -1.00
N LEU C 415 -48.22 -3.48 -2.26
CA LEU C 415 -48.79 -4.21 -3.40
C LEU C 415 -48.32 -5.68 -3.42
N ARG C 416 -47.05 -5.91 -3.08
CA ARG C 416 -46.46 -7.26 -3.08
C ARG C 416 -46.72 -8.10 -1.84
N GLY C 417 -47.32 -7.55 -0.81
CA GLY C 417 -47.60 -8.32 0.41
C GLY C 417 -46.56 -8.26 1.51
N PHE C 418 -45.48 -7.48 1.33
CA PHE C 418 -44.44 -7.34 2.37
C PHE C 418 -44.96 -6.47 3.54
N LEU C 419 -45.75 -5.43 3.20
CA LEU C 419 -46.16 -4.38 4.14
C LEU C 419 -47.64 -4.12 4.22
N ARG C 420 -48.08 -3.70 5.40
CA ARG C 420 -49.45 -3.28 5.67
C ARG C 420 -49.38 -1.99 6.48
N VAL C 421 -50.46 -1.20 6.49
CA VAL C 421 -50.54 0.01 7.30
C VAL C 421 -50.45 -0.38 8.77
N GLY C 422 -49.66 0.37 9.52
CA GLY C 422 -49.40 0.05 10.91
C GLY C 422 -48.09 -0.71 11.10
N ASP C 423 -47.54 -1.30 10.04
CA ASP C 423 -46.23 -1.98 10.15
C ASP C 423 -45.11 -0.97 10.40
N LEU C 424 -43.98 -1.45 10.94
CA LEU C 424 -42.81 -0.61 11.06
C LEU C 424 -41.83 -1.05 9.98
N VAL C 425 -41.20 -0.08 9.34
CA VAL C 425 -40.15 -0.36 8.36
C VAL C 425 -38.93 0.45 8.74
N ILE C 426 -37.77 -0.07 8.40
CA ILE C 426 -36.52 0.65 8.62
C ILE C 426 -36.14 1.21 7.27
N VAL C 427 -35.72 2.44 7.24
CA VAL C 427 -35.39 3.11 5.99
C VAL C 427 -33.98 3.59 6.03
N VAL C 428 -33.18 3.19 5.04
CA VAL C 428 -31.78 3.54 4.97
C VAL C 428 -31.52 4.43 3.77
N THR C 429 -30.94 5.60 4.04
CA THR C 429 -30.61 6.58 3.02
C THR C 429 -29.24 7.23 3.34
N GLY C 430 -28.79 8.14 2.50
CA GLY C 430 -27.58 8.92 2.76
C GLY C 430 -27.90 10.39 2.88
N TRP C 431 -26.93 11.18 3.28
CA TRP C 431 -27.13 12.62 3.52
C TRP C 431 -27.03 13.51 2.28
N ARG C 432 -26.54 12.94 1.17
CA ARG C 432 -26.40 13.68 -0.07
C ARG C 432 -26.49 12.70 -1.24
N PRO C 433 -26.76 13.19 -2.46
CA PRO C 433 -26.89 12.28 -3.60
C PRO C 433 -25.54 11.72 -4.04
N GLY C 434 -25.62 10.63 -4.77
CA GLY C 434 -24.46 9.91 -5.26
C GLY C 434 -24.17 8.73 -4.37
N SER C 435 -23.62 7.70 -4.97
CA SER C 435 -23.20 6.51 -4.25
C SER C 435 -22.17 6.83 -3.17
N GLY C 436 -22.16 6.02 -2.12
CA GLY C 436 -21.12 6.08 -1.10
C GLY C 436 -21.35 6.93 0.12
N TYR C 437 -22.54 7.54 0.24
CA TYR C 437 -22.84 8.41 1.37
C TYR C 437 -23.89 7.90 2.32
N THR C 438 -24.31 6.62 2.24
CA THR C 438 -25.31 6.10 3.17
C THR C 438 -24.87 6.30 4.64
N ASN C 439 -25.72 6.95 5.42
CA ASN C 439 -25.38 7.22 6.84
C ASN C 439 -26.64 7.44 7.70
N ILE C 440 -27.84 7.15 7.17
CA ILE C 440 -29.06 7.42 7.91
C ILE C 440 -29.94 6.22 7.95
N MET C 441 -30.46 5.98 9.14
CA MET C 441 -31.43 4.95 9.34
C MET C 441 -32.63 5.60 10.03
N ARG C 442 -33.81 5.38 9.50
CA ARG C 442 -35.03 5.91 10.09
C ARG C 442 -36.01 4.78 10.35
N VAL C 443 -36.87 4.97 11.34
CA VAL C 443 -37.91 4.01 11.68
C VAL C 443 -39.22 4.67 11.29
N LEU C 444 -39.92 4.11 10.33
CA LEU C 444 -41.16 4.67 9.84
C LEU C 444 -42.34 3.75 10.14
N SER C 445 -43.47 4.34 10.49
CA SER C 445 -44.72 3.60 10.67
C SER C 445 -45.40 3.73 9.31
N ILE C 446 -45.85 2.62 8.74
CA ILE C 446 -46.49 2.61 7.43
C ILE C 446 -47.88 3.22 7.51
N SER C 447 -48.12 4.26 6.72
CA SER C 447 -49.42 4.89 6.62
C SER C 447 -49.99 4.74 5.21
N GLY D 23 -5.16 4.25 15.96
CA GLY D 23 -3.83 4.08 16.54
C GLY D 23 -3.77 3.05 17.65
N THR D 24 -2.56 2.55 17.92
CA THR D 24 -2.36 1.56 18.98
C THR D 24 -2.56 2.16 20.37
N ALA D 25 -2.27 3.47 20.54
CA ALA D 25 -2.43 4.13 21.83
C ALA D 25 -3.90 4.12 22.24
N PHE D 26 -4.81 4.34 21.28
CA PHE D 26 -6.26 4.32 21.52
C PHE D 26 -6.69 2.98 22.10
N PHE D 27 -6.21 1.87 21.52
CA PHE D 27 -6.59 0.54 21.96
C PHE D 27 -5.92 0.06 23.26
N GLN D 28 -5.00 0.84 23.83
CA GLN D 28 -4.41 0.46 25.13
C GLN D 28 -5.15 1.18 26.31
N GLN D 29 -5.80 2.33 26.01
CA GLN D 29 -6.53 3.12 27.00
C GLN D 29 -7.91 2.52 27.28
N GLN D 30 -8.60 3.08 28.31
CA GLN D 30 -9.96 2.77 28.74
C GLN D 30 -10.25 1.28 28.81
N GLN D 31 -9.28 0.50 29.30
CA GLN D 31 -9.39 -0.94 29.48
C GLN D 31 -9.83 -1.65 28.19
N LEU D 32 -9.46 -1.11 27.02
CA LEU D 32 -9.86 -1.73 25.75
C LEU D 32 -9.28 -3.16 25.58
N PRO D 33 -8.06 -3.50 26.02
CA PRO D 33 -7.63 -4.92 25.96
C PRO D 33 -8.59 -5.82 26.78
N ALA D 34 -9.02 -5.39 27.98
CA ALA D 34 -9.97 -6.16 28.79
C ALA D 34 -11.37 -6.17 28.13
N ALA D 35 -11.73 -5.10 27.41
CA ALA D 35 -13.00 -5.02 26.72
C ALA D 35 -13.12 -6.03 25.58
N MET D 36 -11.99 -6.34 24.93
CA MET D 36 -11.99 -7.29 23.83
C MET D 36 -11.92 -8.76 24.25
N ALA D 37 -11.81 -9.05 25.55
CA ALA D 37 -11.72 -10.43 26.03
C ALA D 37 -12.94 -11.25 25.70
N ASP D 38 -12.72 -12.55 25.48
CA ASP D 38 -13.79 -13.47 25.12
C ASP D 38 -14.57 -14.02 26.30
N THR D 39 -14.03 -13.92 27.52
CA THR D 39 -14.76 -14.35 28.72
C THR D 39 -14.64 -13.25 29.80
N PHE D 40 -15.56 -13.25 30.76
CA PHE D 40 -15.51 -12.32 31.89
C PHE D 40 -14.23 -12.57 32.72
N LEU D 41 -13.84 -13.84 32.90
CA LEU D 41 -12.63 -14.16 33.64
C LEU D 41 -11.39 -13.56 32.94
N GLU D 42 -11.27 -13.72 31.62
CA GLU D 42 -10.13 -13.15 30.89
C GLU D 42 -10.19 -11.62 30.89
N HIS D 43 -11.40 -11.04 30.88
CA HIS D 43 -11.62 -9.61 30.98
C HIS D 43 -11.01 -9.11 32.31
N LEU D 44 -11.25 -9.82 33.43
CA LEU D 44 -10.68 -9.46 34.72
C LEU D 44 -9.17 -9.54 34.68
N CYS D 45 -8.62 -10.64 34.13
CA CYS D 45 -7.18 -10.86 34.01
C CYS D 45 -6.47 -9.77 33.21
N LEU D 46 -7.19 -9.10 32.29
CA LEU D 46 -6.63 -8.08 31.43
C LEU D 46 -6.79 -6.65 31.95
N LEU D 47 -7.47 -6.45 33.11
CA LEU D 47 -7.62 -5.12 33.69
C LEU D 47 -6.23 -4.59 34.06
N ASP D 48 -5.96 -3.37 33.64
CA ASP D 48 -4.64 -2.79 33.76
C ASP D 48 -4.70 -1.43 34.47
N ILE D 49 -3.99 -1.32 35.60
CA ILE D 49 -3.94 -0.07 36.34
C ILE D 49 -3.27 1.06 35.52
N ASP D 50 -2.49 0.73 34.48
CA ASP D 50 -1.86 1.75 33.63
C ASP D 50 -2.75 2.12 32.43
N SER D 51 -3.90 1.50 32.24
CA SER D 51 -4.81 1.83 31.14
C SER D 51 -5.69 2.97 31.64
N GLU D 52 -5.39 4.18 31.20
CA GLU D 52 -6.08 5.36 31.70
C GLU D 52 -7.46 5.56 31.12
N PRO D 53 -8.41 5.98 31.98
CA PRO D 53 -9.76 6.24 31.48
C PRO D 53 -9.74 7.45 30.53
N VAL D 54 -10.54 7.41 29.49
CA VAL D 54 -10.59 8.46 28.48
C VAL D 54 -11.99 9.07 28.46
N ALA D 55 -13.01 8.23 28.51
CA ALA D 55 -14.39 8.68 28.45
C ALA D 55 -14.75 9.58 29.61
N ALA D 56 -15.74 10.44 29.40
CA ALA D 56 -16.24 11.28 30.46
C ALA D 56 -16.95 10.35 31.48
N ARG D 57 -16.90 10.71 32.75
CA ARG D 57 -17.52 9.93 33.81
C ARG D 57 -19.02 9.91 33.63
N SER D 58 -19.60 8.72 33.56
CA SER D 58 -20.99 8.55 33.21
C SER D 58 -21.95 8.31 34.38
N THR D 59 -21.45 7.83 35.53
CA THR D 59 -22.32 7.59 36.68
C THR D 59 -22.48 8.93 37.39
N SER D 60 -23.71 9.42 37.56
CA SER D 60 -23.94 10.71 38.20
CA SER D 60 -23.96 10.71 38.21
C SER D 60 -23.66 10.67 39.70
N ILE D 61 -23.22 11.77 40.23
CA ILE D 61 -22.94 11.90 41.65
C ILE D 61 -24.02 12.77 42.29
N ILE D 62 -24.67 12.22 43.32
CA ILE D 62 -25.65 12.96 44.09
C ILE D 62 -24.94 13.37 45.38
N ALA D 63 -24.90 14.66 45.67
CA ALA D 63 -24.27 15.15 46.90
C ALA D 63 -25.37 15.75 47.78
N THR D 64 -25.45 15.33 49.03
CA THR D 64 -26.38 15.87 50.00
C THR D 64 -25.92 17.23 50.48
N ILE D 65 -26.85 18.20 50.47
CA ILE D 65 -26.56 19.57 50.87
C ILE D 65 -26.73 19.73 52.37
N GLY D 66 -25.78 20.40 52.98
CA GLY D 66 -25.85 20.66 54.40
C GLY D 66 -24.92 21.78 54.75
N PRO D 67 -24.66 21.92 56.07
CA PRO D 67 -23.71 22.95 56.51
C PRO D 67 -22.34 22.90 55.84
N ALA D 68 -21.81 21.72 55.50
CA ALA D 68 -20.50 21.61 54.86
C ALA D 68 -20.51 22.03 53.38
N SER D 69 -21.69 22.15 52.75
CA SER D 69 -21.77 22.35 51.30
C SER D 69 -22.83 23.36 50.89
N ARG D 70 -23.27 24.23 51.78
CA ARG D 70 -24.33 25.20 51.47
C ARG D 70 -23.83 26.51 50.93
N SER D 71 -22.60 26.87 51.22
CA SER D 71 -22.02 28.12 50.73
C SER D 71 -22.07 28.14 49.20
N VAL D 72 -22.45 29.26 48.60
CA VAL D 72 -22.51 29.41 47.15
C VAL D 72 -21.15 29.12 46.53
N GLU D 73 -20.08 29.65 47.15
CA GLU D 73 -18.73 29.43 46.64
CA GLU D 73 -18.72 29.44 46.65
C GLU D 73 -18.28 27.97 46.75
N ARG D 74 -18.66 27.29 47.84
CA ARG D 74 -18.33 25.87 48.00
C ARG D 74 -19.15 25.06 46.94
N LEU D 75 -20.42 25.46 46.72
CA LEU D 75 -21.26 24.79 45.71
C LEU D 75 -20.66 24.88 44.32
N LYS D 76 -20.01 26.00 43.98
CA LYS D 76 -19.34 26.17 42.69
C LYS D 76 -18.19 25.17 42.57
N GLU D 77 -17.44 24.95 43.66
CA GLU D 77 -16.38 23.95 43.65
C GLU D 77 -16.93 22.54 43.51
N MET D 78 -18.07 22.26 44.15
CA MET D 78 -18.69 20.95 44.07
CA MET D 78 -18.69 20.94 44.08
C MET D 78 -19.20 20.65 42.66
N ILE D 79 -19.74 21.68 41.98
CA ILE D 79 -20.22 21.54 40.61
C ILE D 79 -19.03 21.23 39.72
N LYS D 80 -17.91 21.96 39.90
CA LYS D 80 -16.70 21.72 39.10
C LYS D 80 -16.09 20.34 39.39
N ALA D 81 -16.19 19.86 40.65
CA ALA D 81 -15.68 18.53 41.05
C ALA D 81 -16.50 17.36 40.44
N GLY D 82 -17.75 17.63 40.09
CA GLY D 82 -18.58 16.62 39.44
C GLY D 82 -19.97 16.38 40.01
N MET D 83 -20.43 17.19 41.00
CA MET D 83 -21.77 16.99 41.56
C MET D 83 -22.82 17.25 40.47
N ASN D 84 -23.73 16.30 40.28
CA ASN D 84 -24.76 16.42 39.25
C ASN D 84 -26.12 16.66 39.83
N ILE D 85 -26.38 16.11 41.02
CA ILE D 85 -27.66 16.22 41.69
C ILE D 85 -27.39 16.66 43.13
N ALA D 86 -28.12 17.63 43.60
CA ALA D 86 -28.01 18.15 44.96
C ALA D 86 -29.22 17.61 45.72
N ARG D 87 -28.96 16.81 46.74
CA ARG D 87 -30.01 16.19 47.52
C ARG D 87 -30.29 17.04 48.77
N LEU D 88 -31.57 17.35 48.99
CA LEU D 88 -32.04 18.07 50.15
C LEU D 88 -32.67 17.05 51.08
N ASN D 89 -32.06 16.83 52.25
CA ASN D 89 -32.59 15.83 53.16
C ASN D 89 -33.62 16.45 54.12
N PHE D 90 -34.90 16.22 53.84
CA PHE D 90 -35.96 16.81 54.61
C PHE D 90 -36.16 16.16 55.98
N SER D 91 -35.27 15.21 56.38
CA SER D 91 -35.26 14.72 57.74
C SER D 91 -34.58 15.76 58.67
N HIS D 92 -33.83 16.75 58.11
CA HIS D 92 -33.13 17.77 58.89
C HIS D 92 -33.47 19.15 58.37
N GLY D 93 -33.76 20.09 59.26
CA GLY D 93 -33.97 21.46 58.85
C GLY D 93 -35.39 21.79 58.43
N SER D 94 -35.71 23.05 58.55
CA SER D 94 -37.03 23.56 58.25
C SER D 94 -37.21 23.85 56.74
N HIS D 95 -38.42 24.28 56.33
CA HIS D 95 -38.65 24.68 54.95
C HIS D 95 -37.77 25.90 54.60
N GLU D 96 -37.59 26.82 55.52
CA GLU D 96 -36.76 28.01 55.33
C GLU D 96 -35.31 27.60 55.06
N TYR D 97 -34.83 26.60 55.78
CA TYR D 97 -33.48 26.08 55.56
C TYR D 97 -33.37 25.52 54.12
N HIS D 98 -34.33 24.69 53.72
CA HIS D 98 -34.25 24.06 52.39
C HIS D 98 -34.45 25.05 51.26
N ALA D 99 -35.26 26.10 51.48
CA ALA D 99 -35.45 27.12 50.46
C ALA D 99 -34.15 27.88 50.23
N GLU D 100 -33.39 28.15 51.32
CA GLU D 100 -32.10 28.81 51.19
C GLU D 100 -31.13 27.86 50.48
N SER D 101 -31.17 26.53 50.79
CA SER D 101 -30.30 25.56 50.12
C SER D 101 -30.57 25.58 48.61
N ILE D 102 -31.85 25.60 48.22
CA ILE D 102 -32.25 25.63 46.81
C ILE D 102 -31.76 26.89 46.16
N ALA D 103 -31.94 28.04 46.81
CA ALA D 103 -31.49 29.31 46.26
C ALA D 103 -29.98 29.32 46.08
N ASN D 104 -29.22 28.82 47.08
CA ASN D 104 -27.75 28.77 46.93
C ASN D 104 -27.32 27.85 45.81
N VAL D 105 -28.00 26.69 45.69
CA VAL D 105 -27.64 25.75 44.63
C VAL D 105 -27.86 26.43 43.27
N ARG D 106 -29.04 27.03 43.10
CA ARG D 106 -29.37 27.69 41.83
C ARG D 106 -28.42 28.84 41.54
N GLU D 107 -28.02 29.61 42.55
CA GLU D 107 -27.08 30.71 42.32
C GLU D 107 -25.74 30.16 41.84
N ALA D 108 -25.22 29.11 42.49
CA ALA D 108 -23.94 28.53 42.07
C ALA D 108 -24.06 27.95 40.65
N VAL D 109 -25.15 27.26 40.37
CA VAL D 109 -25.33 26.62 39.05
C VAL D 109 -25.41 27.70 37.95
N GLU D 110 -26.24 28.72 38.20
CA GLU D 110 -26.42 29.79 37.22
C GLU D 110 -25.23 30.70 37.06
N SER D 111 -24.23 30.64 37.99
CA SER D 111 -23.00 31.44 37.84
C SER D 111 -22.18 31.03 36.65
N PHE D 112 -22.40 29.82 36.11
CA PHE D 112 -21.70 29.29 34.94
C PHE D 112 -22.51 29.45 33.63
N ALA D 113 -23.74 29.96 33.70
CA ALA D 113 -24.60 30.10 32.53
C ALA D 113 -24.08 31.04 31.45
N GLY D 114 -23.19 31.97 31.83
CA GLY D 114 -22.58 32.92 30.92
C GLY D 114 -21.68 32.26 29.88
N SER D 115 -21.31 30.97 30.09
CA SER D 115 -20.54 30.20 29.13
C SER D 115 -21.39 28.97 28.77
N PRO D 116 -22.31 29.13 27.80
CA PRO D 116 -23.26 28.05 27.49
C PRO D 116 -22.66 26.74 27.00
N LEU D 117 -21.47 26.76 26.38
CA LEU D 117 -20.83 25.52 25.90
C LEU D 117 -20.27 24.65 27.02
N SER D 118 -20.14 25.20 28.24
CA SER D 118 -19.57 24.51 29.39
CA SER D 118 -19.60 24.44 29.36
C SER D 118 -20.56 24.38 30.56
N TYR D 119 -21.69 25.10 30.51
CA TYR D 119 -22.72 25.10 31.55
C TYR D 119 -23.19 23.67 31.91
N ARG D 120 -23.18 23.38 33.20
CA ARG D 120 -23.58 22.09 33.69
C ARG D 120 -24.85 22.20 34.47
N PRO D 121 -25.94 21.62 33.95
CA PRO D 121 -27.17 21.57 34.76
C PRO D 121 -26.94 20.74 36.04
N VAL D 122 -27.65 21.07 37.11
CA VAL D 122 -27.58 20.34 38.38
C VAL D 122 -29.00 20.15 38.88
N ALA D 123 -29.42 18.90 39.11
CA ALA D 123 -30.77 18.64 39.57
C ALA D 123 -30.89 18.91 41.06
N ILE D 124 -32.10 19.19 41.50
CA ILE D 124 -32.38 19.31 42.91
C ILE D 124 -33.36 18.23 43.25
N ALA D 125 -33.01 17.42 44.23
CA ALA D 125 -33.79 16.29 44.66
C ALA D 125 -34.21 16.48 46.11
N LEU D 126 -35.48 16.23 46.40
CA LEU D 126 -36.00 16.37 47.74
C LEU D 126 -36.14 14.97 48.29
N ASP D 127 -35.48 14.70 49.41
CA ASP D 127 -35.52 13.39 50.04
C ASP D 127 -36.44 13.52 51.24
N THR D 128 -37.56 12.81 51.23
CA THR D 128 -38.54 12.94 52.28
C THR D 128 -38.14 12.33 53.62
N LYS D 129 -38.74 12.84 54.70
CA LYS D 129 -38.51 12.34 56.04
C LYS D 129 -39.04 10.88 56.14
N GLY D 130 -40.20 10.62 55.56
CA GLY D 130 -40.76 9.27 55.55
C GLY D 130 -41.99 9.09 56.40
N PRO D 131 -42.52 7.87 56.39
CA PRO D 131 -43.78 7.61 57.12
C PRO D 131 -43.69 7.47 58.62
N GLY D 132 -42.49 7.24 59.14
CA GLY D 132 -42.31 6.98 60.57
C GLY D 132 -43.04 5.72 60.98
N SER D 133 -43.86 5.78 62.03
CA SER D 133 -44.62 4.61 62.51
C SER D 133 -45.97 4.51 61.79
N GLY D 134 -46.22 5.40 60.84
CA GLY D 134 -47.51 5.40 60.12
C GLY D 134 -47.52 4.42 58.96
N PRO D 135 -48.70 4.13 58.41
CA PRO D 135 -48.81 3.10 57.36
C PRO D 135 -48.67 3.64 55.95
N GLY D 136 -48.32 4.91 55.79
CA GLY D 136 -48.27 5.54 54.45
C GLY D 136 -47.83 6.99 54.51
N LEU D 137 -48.26 7.82 53.55
CA LEU D 137 -47.75 9.24 53.46
C LEU D 137 -48.07 10.02 54.72
N SER D 138 -47.04 10.54 55.38
CA SER D 138 -47.18 11.33 56.62
C SER D 138 -47.70 12.73 56.31
N GLU D 139 -48.24 13.43 57.31
CA GLU D 139 -48.67 14.79 57.08
C GLU D 139 -47.51 15.74 56.81
N GLN D 140 -46.35 15.50 57.45
CA GLN D 140 -45.17 16.30 57.18
C GLN D 140 -44.70 16.06 55.74
N ASP D 141 -44.75 14.80 55.24
CA ASP D 141 -44.38 14.53 53.86
C ASP D 141 -45.31 15.24 52.90
N VAL D 142 -46.61 15.31 53.19
CA VAL D 142 -47.55 16.07 52.34
C VAL D 142 -47.13 17.56 52.23
N ARG D 143 -46.78 18.17 53.36
CA ARG D 143 -46.34 19.55 53.36
C ARG D 143 -45.01 19.74 52.65
N ASP D 144 -44.08 18.80 52.84
CA ASP D 144 -42.76 18.86 52.21
C ASP D 144 -42.85 18.68 50.72
N LEU D 145 -43.71 17.75 50.27
CA LEU D 145 -43.90 17.53 48.85
C LEU D 145 -44.51 18.78 48.20
N ARG D 146 -45.47 19.45 48.89
CA ARG D 146 -46.04 20.68 48.32
CA ARG D 146 -46.06 20.69 48.36
C ARG D 146 -44.96 21.74 48.24
N PHE D 147 -44.10 21.85 49.27
CA PHE D 147 -42.96 22.77 49.24
C PHE D 147 -42.05 22.48 48.01
N GLY D 148 -41.78 21.19 47.75
CA GLY D 148 -40.98 20.75 46.61
C GLY D 148 -41.54 21.23 45.29
N VAL D 149 -42.86 21.06 45.09
CA VAL D 149 -43.52 21.53 43.88
C VAL D 149 -43.43 23.05 43.78
N GLU D 150 -43.74 23.77 44.87
CA GLU D 150 -43.68 25.23 44.87
C GLU D 150 -42.29 25.77 44.61
N HIS D 151 -41.24 25.02 45.02
CA HIS D 151 -39.87 25.45 44.76
C HIS D 151 -39.24 24.83 43.51
N GLY D 152 -40.02 24.11 42.71
CA GLY D 152 -39.56 23.55 41.44
C GLY D 152 -38.47 22.48 41.54
N VAL D 153 -38.54 21.60 42.57
CA VAL D 153 -37.54 20.50 42.65
C VAL D 153 -37.75 19.55 41.45
N ASP D 154 -36.69 18.88 41.03
CA ASP D 154 -36.75 18.01 39.86
C ASP D 154 -37.12 16.57 40.18
N ILE D 155 -36.72 16.12 41.37
CA ILE D 155 -36.82 14.74 41.77
C ILE D 155 -37.24 14.63 43.21
N VAL D 156 -37.99 13.59 43.52
CA VAL D 156 -38.31 13.26 44.88
C VAL D 156 -37.69 11.89 45.18
N PHE D 157 -36.92 11.78 46.25
CA PHE D 157 -36.43 10.51 46.72
C PHE D 157 -37.40 10.19 47.83
N ALA D 158 -38.40 9.33 47.56
CA ALA D 158 -39.45 9.00 48.52
C ALA D 158 -38.99 7.95 49.50
N SER D 159 -38.87 8.32 50.77
CA SER D 159 -38.39 7.43 51.81
C SER D 159 -39.37 6.31 52.16
N PHE D 160 -38.82 5.13 52.46
CA PHE D 160 -39.54 3.95 52.92
C PHE D 160 -40.71 3.57 52.06
N VAL D 161 -40.49 3.49 50.74
CA VAL D 161 -41.54 3.05 49.84
C VAL D 161 -41.67 1.53 50.05
N ARG D 162 -42.88 1.08 50.43
CA ARG D 162 -43.15 -0.32 50.72
C ARG D 162 -44.09 -1.02 49.74
N LYS D 163 -44.78 -0.27 48.92
CA LYS D 163 -45.77 -0.80 47.98
C LYS D 163 -46.13 0.27 46.96
N ALA D 164 -46.77 -0.14 45.85
CA ALA D 164 -47.16 0.77 44.78
C ALA D 164 -48.06 1.90 45.27
N SER D 165 -48.95 1.65 46.25
CA SER D 165 -49.83 2.71 46.76
C SER D 165 -49.07 3.84 47.47
N ASP D 166 -47.87 3.55 47.99
CA ASP D 166 -47.02 4.60 48.58
C ASP D 166 -46.58 5.57 47.47
N VAL D 167 -46.24 5.05 46.28
CA VAL D 167 -45.81 5.87 45.16
C VAL D 167 -46.99 6.69 44.67
N ALA D 168 -48.20 6.10 44.59
CA ALA D 168 -49.39 6.80 44.16
C ALA D 168 -49.68 7.97 45.12
N ALA D 169 -49.52 7.75 46.42
CA ALA D 169 -49.73 8.80 47.41
C ALA D 169 -48.75 9.94 47.24
N VAL D 170 -47.46 9.64 46.94
CA VAL D 170 -46.47 10.69 46.73
C VAL D 170 -46.84 11.50 45.49
N ARG D 171 -47.24 10.80 44.42
CA ARG D 171 -47.65 11.39 43.16
C ARG D 171 -48.85 12.32 43.37
N ALA D 172 -49.86 11.86 44.13
CA ALA D 172 -51.07 12.66 44.40
C ALA D 172 -50.71 13.92 45.20
N ALA D 173 -49.79 13.77 46.18
CA ALA D 173 -49.33 14.90 47.00
C ALA D 173 -48.53 15.94 46.19
N LEU D 174 -47.94 15.54 45.06
CA LEU D 174 -47.25 16.50 44.19
C LEU D 174 -48.28 17.37 43.38
N GLY D 175 -49.52 16.91 43.29
CA GLY D 175 -50.61 17.64 42.64
C GLY D 175 -50.49 17.76 41.14
N PRO D 176 -51.36 18.59 40.55
CA PRO D 176 -51.34 18.76 39.10
C PRO D 176 -50.10 19.51 38.60
N GLU D 177 -49.50 20.37 39.43
CA GLU D 177 -48.31 21.12 39.02
C GLU D 177 -46.99 20.32 39.12
N GLY D 178 -47.02 19.19 39.80
CA GLY D 178 -45.81 18.37 39.96
C GLY D 178 -45.79 17.11 39.14
N HIS D 179 -46.55 17.06 38.02
CA HIS D 179 -46.61 15.87 37.16
CA HIS D 179 -46.61 15.86 37.17
C HIS D 179 -45.25 15.51 36.53
N GLY D 180 -44.43 16.52 36.29
CA GLY D 180 -43.12 16.33 35.67
C GLY D 180 -42.01 15.95 36.64
N ILE D 181 -42.24 16.00 37.95
CA ILE D 181 -41.23 15.62 38.95
C ILE D 181 -41.00 14.10 38.93
N LYS D 182 -39.74 13.67 38.92
CA LYS D 182 -39.44 12.23 38.92
C LYS D 182 -39.53 11.67 40.33
N ILE D 183 -40.18 10.53 40.49
CA ILE D 183 -40.29 9.89 41.79
C ILE D 183 -39.33 8.69 41.83
N ILE D 184 -38.30 8.79 42.65
CA ILE D 184 -37.33 7.72 42.85
C ILE D 184 -37.71 7.10 44.17
N SER D 185 -38.18 5.85 44.15
CA SER D 185 -38.60 5.18 45.36
C SER D 185 -37.41 4.64 46.14
N LYS D 186 -37.31 4.98 47.41
CA LYS D 186 -36.23 4.47 48.25
C LYS D 186 -36.67 3.15 48.84
N ILE D 187 -35.89 2.08 48.60
CA ILE D 187 -36.18 0.76 49.15
C ILE D 187 -35.32 0.65 50.38
N GLU D 188 -35.98 0.60 51.54
CA GLU D 188 -35.27 0.66 52.81
C GLU D 188 -35.61 -0.44 53.79
N ASN D 189 -36.51 -1.35 53.43
CA ASN D 189 -36.89 -2.41 54.36
C ASN D 189 -37.27 -3.69 53.63
N HIS D 190 -37.58 -4.75 54.38
CA HIS D 190 -37.90 -6.04 53.79
C HIS D 190 -39.10 -5.97 52.86
N GLU D 191 -40.18 -5.28 53.27
CA GLU D 191 -41.36 -5.18 52.43
C GLU D 191 -41.08 -4.51 51.08
N GLY D 192 -40.28 -3.44 51.09
CA GLY D 192 -39.91 -2.76 49.86
C GLY D 192 -39.14 -3.68 48.92
N VAL D 193 -38.25 -4.51 49.47
CA VAL D 193 -37.50 -5.46 48.65
C VAL D 193 -38.44 -6.52 48.09
N LYS D 194 -39.34 -7.06 48.92
CA LYS D 194 -40.28 -8.09 48.48
C LYS D 194 -41.31 -7.61 47.47
N ARG D 195 -41.74 -6.35 47.59
CA ARG D 195 -42.68 -5.77 46.65
C ARG D 195 -42.00 -4.90 45.61
N PHE D 196 -40.69 -5.13 45.37
CA PHE D 196 -39.88 -4.37 44.45
C PHE D 196 -40.49 -4.23 43.07
N ASP D 197 -40.97 -5.35 42.47
CA ASP D 197 -41.50 -5.27 41.11
C ASP D 197 -42.69 -4.33 40.98
N GLU D 198 -43.62 -4.39 41.91
CA GLU D 198 -44.79 -3.50 41.88
C GLU D 198 -44.38 -2.03 42.12
N ILE D 199 -43.34 -1.80 42.93
CA ILE D 199 -42.87 -0.45 43.20
C ILE D 199 -42.16 0.10 41.98
N LEU D 200 -41.25 -0.68 41.38
CA LEU D 200 -40.51 -0.24 40.20
C LEU D 200 -41.46 0.12 39.05
N GLU D 201 -42.50 -0.69 38.87
CA GLU D 201 -43.48 -0.49 37.80
C GLU D 201 -44.09 0.90 37.81
N VAL D 202 -44.38 1.45 38.99
CA VAL D 202 -45.00 2.77 39.10
C VAL D 202 -44.02 3.91 39.44
N SER D 203 -42.74 3.60 39.65
CA SER D 203 -41.76 4.64 39.98
C SER D 203 -40.97 5.03 38.75
N ASP D 204 -40.34 6.20 38.79
CA ASP D 204 -39.42 6.58 37.73
C ASP D 204 -38.05 5.90 37.91
N GLY D 205 -37.74 5.48 39.13
CA GLY D 205 -36.48 4.84 39.46
C GLY D 205 -36.44 4.43 40.91
N ILE D 206 -35.29 3.90 41.34
CA ILE D 206 -35.14 3.36 42.68
C ILE D 206 -33.87 3.86 43.34
N MET D 207 -33.89 3.98 44.66
CA MET D 207 -32.70 4.22 45.43
C MET D 207 -32.53 3.03 46.37
N VAL D 208 -31.35 2.43 46.37
CA VAL D 208 -31.01 1.36 47.30
C VAL D 208 -30.50 2.13 48.54
N ALA D 209 -31.39 2.34 49.51
CA ALA D 209 -31.12 3.18 50.68
C ALA D 209 -30.53 2.29 51.74
N ARG D 210 -29.22 2.05 51.63
CA ARG D 210 -28.56 1.02 52.42
C ARG D 210 -28.48 1.26 53.90
N GLY D 211 -28.60 2.50 54.35
CA GLY D 211 -28.57 2.85 55.79
C GLY D 211 -29.68 2.12 56.53
N ASP D 212 -30.93 2.44 56.20
CA ASP D 212 -32.08 1.79 56.81
C ASP D 212 -32.16 0.35 56.39
N LEU D 213 -31.88 0.03 55.11
CA LEU D 213 -31.93 -1.35 54.64
C LEU D 213 -31.04 -2.30 55.49
N GLY D 214 -29.85 -1.82 55.84
CA GLY D 214 -28.88 -2.55 56.65
C GLY D 214 -29.24 -2.72 58.11
N ILE D 215 -30.30 -2.04 58.58
CA ILE D 215 -30.83 -2.16 59.94
C ILE D 215 -32.17 -2.94 59.89
N GLU D 216 -32.92 -2.84 58.77
CA GLU D 216 -34.19 -3.52 58.58
C GLU D 216 -34.03 -4.98 58.18
N ILE D 217 -32.97 -5.31 57.46
CA ILE D 217 -32.66 -6.69 57.08
C ILE D 217 -31.23 -6.97 57.59
N PRO D 218 -30.80 -8.25 57.72
CA PRO D 218 -29.41 -8.50 58.17
C PRO D 218 -28.39 -7.76 57.29
N ALA D 219 -27.41 -7.12 57.91
CA ALA D 219 -26.41 -6.32 57.21
C ALA D 219 -25.71 -7.11 56.11
N GLU D 220 -25.44 -8.39 56.35
CA GLU D 220 -24.77 -9.27 55.40
C GLU D 220 -25.62 -9.62 54.18
N LYS D 221 -26.91 -9.25 54.15
CA LYS D 221 -27.78 -9.50 53.01
C LYS D 221 -27.98 -8.24 52.12
N VAL D 222 -27.53 -7.07 52.57
CA VAL D 222 -27.74 -5.83 51.80
C VAL D 222 -27.15 -5.90 50.40
N PHE D 223 -25.95 -6.50 50.23
CA PHE D 223 -25.36 -6.58 48.89
C PHE D 223 -26.25 -7.37 47.91
N LEU D 224 -27.00 -8.39 48.40
CA LEU D 224 -27.91 -9.17 47.56
C LEU D 224 -29.05 -8.27 47.10
N ALA D 225 -29.63 -7.49 48.03
CA ALA D 225 -30.74 -6.58 47.68
C ALA D 225 -30.23 -5.51 46.71
N GLN D 226 -29.02 -4.98 46.95
CA GLN D 226 -28.45 -3.96 46.06
C GLN D 226 -28.25 -4.52 44.65
N LYS D 227 -27.58 -5.70 44.53
CA LYS D 227 -27.33 -6.28 43.23
C LYS D 227 -28.60 -6.65 42.50
N MET D 228 -29.57 -7.17 43.24
CA MET D 228 -30.85 -7.54 42.63
C MET D 228 -31.58 -6.31 42.09
N MET D 229 -31.68 -5.26 42.91
CA MET D 229 -32.41 -4.06 42.51
C MET D 229 -31.74 -3.35 41.38
N ILE D 230 -30.39 -3.31 41.38
CA ILE D 230 -29.67 -2.68 40.28
C ILE D 230 -29.91 -3.49 38.98
N GLY D 231 -29.82 -4.83 39.07
CA GLY D 231 -30.06 -5.69 37.90
C GLY D 231 -31.46 -5.50 37.34
N ARG D 232 -32.48 -5.46 38.22
CA ARG D 232 -33.86 -5.28 37.76
C ARG D 232 -34.11 -3.90 37.17
N CYS D 233 -33.50 -2.87 37.76
CA CYS D 233 -33.62 -1.51 37.19
C CYS D 233 -32.93 -1.43 35.85
N ASN D 234 -31.77 -2.08 35.71
CA ASN D 234 -31.06 -2.10 34.42
C ASN D 234 -31.92 -2.79 33.36
N LEU D 235 -32.57 -3.90 33.74
CA LEU D 235 -33.46 -4.64 32.86
C LEU D 235 -34.67 -3.77 32.47
N ALA D 236 -35.25 -3.05 33.44
CA ALA D 236 -36.40 -2.17 33.18
C ALA D 236 -36.02 -0.86 32.48
N GLY D 237 -34.73 -0.54 32.38
CA GLY D 237 -34.30 0.72 31.81
C GLY D 237 -34.70 1.93 32.63
N LYS D 238 -34.73 1.76 33.96
CA LYS D 238 -35.07 2.83 34.88
C LYS D 238 -33.89 3.11 35.80
N PRO D 239 -33.67 4.40 36.15
CA PRO D 239 -32.50 4.74 36.98
C PRO D 239 -32.47 4.12 38.36
N VAL D 240 -31.27 3.73 38.79
CA VAL D 240 -31.09 3.19 40.12
C VAL D 240 -29.94 3.91 40.77
N VAL D 241 -30.12 4.25 42.03
CA VAL D 241 -29.11 4.98 42.80
C VAL D 241 -28.58 4.07 43.89
N CYS D 242 -27.26 4.05 44.06
CA CYS D 242 -26.68 3.35 45.20
C CYS D 242 -26.38 4.42 46.24
N ALA D 243 -26.79 4.19 47.49
CA ALA D 243 -26.64 5.23 48.50
C ALA D 243 -26.15 4.71 49.82
N THR D 244 -25.50 5.60 50.61
CA THR D 244 -25.21 5.53 52.03
C THR D 244 -23.96 4.80 52.40
N GLN D 245 -23.09 5.55 53.09
CA GLN D 245 -21.81 5.13 53.65
C GLN D 245 -20.81 4.72 52.60
N MET D 246 -20.96 5.20 51.35
CA MET D 246 -20.03 4.80 50.29
C MET D 246 -18.62 5.29 50.57
N LEU D 247 -18.47 6.52 51.13
CA LEU D 247 -17.15 7.03 51.47
C LEU D 247 -17.22 7.59 52.91
N GLU D 248 -17.90 6.88 53.81
CA GLU D 248 -18.17 7.33 55.18
C GLU D 248 -16.97 7.93 55.92
N SER D 249 -15.82 7.26 55.86
CA SER D 249 -14.64 7.75 56.60
C SER D 249 -14.17 9.12 56.12
N MET D 250 -14.57 9.56 54.88
CA MET D 250 -14.23 10.89 54.37
C MET D 250 -15.04 12.03 55.01
N ILE D 251 -15.94 11.70 55.93
CA ILE D 251 -16.60 12.72 56.74
C ILE D 251 -15.50 13.40 57.63
N THR D 252 -14.51 12.63 58.10
CA THR D 252 -13.46 13.14 58.98
C THR D 252 -12.06 12.98 58.43
N LYS D 253 -11.83 12.05 57.51
CA LYS D 253 -10.50 11.78 56.97
C LYS D 253 -10.35 12.20 55.53
N PRO D 254 -9.16 12.68 55.12
CA PRO D 254 -9.00 13.17 53.74
C PRO D 254 -9.03 12.07 52.67
N ARG D 255 -8.80 10.81 53.06
CA ARG D 255 -8.76 9.70 52.11
C ARG D 255 -9.68 8.59 52.60
N PRO D 256 -10.32 7.88 51.65
CA PRO D 256 -11.25 6.82 52.08
C PRO D 256 -10.54 5.50 52.39
N THR D 257 -11.27 4.55 52.98
CA THR D 257 -10.71 3.23 53.26
C THR D 257 -10.68 2.39 51.96
N ARG D 258 -9.98 1.25 51.99
CA ARG D 258 -9.93 0.36 50.84
C ARG D 258 -11.34 -0.21 50.55
N ALA D 259 -12.16 -0.42 51.58
CA ALA D 259 -13.51 -0.97 51.40
C ALA D 259 -14.43 0.06 50.74
N GLU D 260 -14.25 1.34 51.07
CA GLU D 260 -15.03 2.42 50.50
C GLU D 260 -14.76 2.63 49.01
N THR D 261 -13.49 2.63 48.59
CA THR D 261 -13.20 2.76 47.15
C THR D 261 -13.73 1.55 46.42
N SER D 262 -13.59 0.35 47.02
CA SER D 262 -14.11 -0.87 46.43
C SER D 262 -15.65 -0.79 46.31
N ASP D 263 -16.34 -0.29 47.34
CA ASP D 263 -17.80 -0.17 47.35
C ASP D 263 -18.29 0.74 46.21
N VAL D 264 -17.62 1.89 46.00
CA VAL D 264 -17.99 2.80 44.93
C VAL D 264 -17.76 2.13 43.57
N ALA D 265 -16.57 1.52 43.39
CA ALA D 265 -16.29 0.83 42.12
C ALA D 265 -17.28 -0.28 41.83
N ASN D 266 -17.61 -1.08 42.86
CA ASN D 266 -18.55 -2.18 42.69
C ASN D 266 -19.97 -1.72 42.44
N ALA D 267 -20.39 -0.57 43.00
CA ALA D 267 -21.75 -0.05 42.70
C ALA D 267 -21.85 0.30 41.20
N VAL D 268 -20.78 0.89 40.64
CA VAL D 268 -20.73 1.22 39.21
C VAL D 268 -20.68 -0.07 38.36
N LEU D 269 -19.84 -1.04 38.75
CA LEU D 269 -19.78 -2.33 38.04
C LEU D 269 -21.09 -3.09 38.16
N ASP D 270 -21.82 -2.91 39.25
CA ASP D 270 -23.13 -3.55 39.45
C ASP D 270 -24.15 -3.04 38.41
N GLY D 271 -24.00 -1.77 38.02
CA GLY D 271 -24.87 -1.11 37.04
C GLY D 271 -25.60 0.10 37.56
N ALA D 272 -25.14 0.67 38.72
CA ALA D 272 -25.83 1.84 39.27
C ALA D 272 -25.75 3.02 38.31
N ASP D 273 -26.88 3.68 38.11
CA ASP D 273 -26.88 4.91 37.30
C ASP D 273 -26.26 6.05 38.08
N CYS D 274 -26.53 6.11 39.40
CA CYS D 274 -26.03 7.19 40.26
C CYS D 274 -25.43 6.62 41.51
N ILE D 275 -24.49 7.38 42.07
CA ILE D 275 -23.89 7.06 43.37
C ILE D 275 -24.10 8.29 44.24
N MET D 276 -24.20 8.09 45.56
CA MET D 276 -24.56 9.16 46.43
C MET D 276 -23.59 9.39 47.58
N LEU D 277 -23.57 10.62 48.06
CA LEU D 277 -22.84 11.07 49.22
C LEU D 277 -23.87 11.71 50.16
N SER D 278 -23.79 11.38 51.44
CA SER D 278 -24.72 11.89 52.43
C SER D 278 -23.94 12.76 53.39
N GLY D 279 -23.55 12.22 54.56
CA GLY D 279 -22.75 12.96 55.51
C GLY D 279 -21.43 13.46 54.93
N GLU D 280 -20.88 12.75 53.93
CA GLU D 280 -19.63 13.10 53.26
C GLU D 280 -19.68 14.47 52.65
N THR D 281 -20.87 14.90 52.18
CA THR D 281 -20.98 16.24 51.63
C THR D 281 -21.84 17.16 52.51
N ALA D 282 -22.76 16.62 53.32
CA ALA D 282 -23.67 17.44 54.10
C ALA D 282 -23.00 18.02 55.29
N LYS D 283 -22.17 17.25 55.98
CA LYS D 283 -21.59 17.72 57.21
C LYS D 283 -20.11 17.48 57.42
N GLY D 284 -19.47 16.77 56.50
CA GLY D 284 -18.07 16.41 56.70
C GLY D 284 -17.08 17.52 56.39
N ASN D 285 -15.79 17.25 56.63
CA ASN D 285 -14.75 18.25 56.37
C ASN D 285 -14.14 18.15 54.96
N PHE D 286 -14.59 17.19 54.13
CA PHE D 286 -14.04 16.99 52.79
C PHE D 286 -15.14 16.86 51.73
N PRO D 287 -16.15 17.76 51.70
CA PRO D 287 -17.24 17.57 50.74
C PRO D 287 -16.74 17.58 49.30
N VAL D 288 -15.85 18.52 48.92
CA VAL D 288 -15.37 18.58 47.54
C VAL D 288 -14.50 17.36 47.23
N GLU D 289 -13.65 16.95 48.16
CA GLU D 289 -12.77 15.80 47.96
C GLU D 289 -13.57 14.52 47.84
N ALA D 290 -14.69 14.40 48.56
CA ALA D 290 -15.56 13.21 48.50
C ALA D 290 -16.18 13.13 47.09
N VAL D 291 -16.61 14.28 46.54
CA VAL D 291 -17.13 14.34 45.18
C VAL D 291 -16.02 13.95 44.19
N LYS D 292 -14.83 14.51 44.36
CA LYS D 292 -13.70 14.21 43.48
C LYS D 292 -13.32 12.72 43.53
N MET D 293 -13.41 12.10 44.71
CA MET D 293 -13.08 10.69 44.88
C MET D 293 -14.11 9.81 44.17
N GLN D 294 -15.42 10.13 44.31
CA GLN D 294 -16.44 9.36 43.60
C GLN D 294 -16.28 9.50 42.10
N HIS D 295 -15.93 10.71 41.63
CA HIS D 295 -15.68 10.96 40.22
C HIS D 295 -14.52 10.09 39.72
N ALA D 296 -13.39 10.11 40.44
CA ALA D 296 -12.20 9.36 40.03
C ALA D 296 -12.45 7.85 40.00
N ILE D 297 -13.13 7.31 41.02
CA ILE D 297 -13.43 5.89 41.06
C ILE D 297 -14.41 5.50 39.97
N ALA D 298 -15.50 6.25 39.83
CA ALA D 298 -16.53 5.94 38.83
C ALA D 298 -15.94 5.88 37.41
N ARG D 299 -15.06 6.81 37.09
CA ARG D 299 -14.43 6.83 35.76
C ARG D 299 -13.59 5.56 35.52
N GLU D 300 -12.84 5.11 36.53
CA GLU D 300 -12.05 3.89 36.40
C GLU D 300 -12.97 2.66 36.27
N ALA D 301 -14.04 2.62 37.09
CA ALA D 301 -14.96 1.49 37.09
C ALA D 301 -15.78 1.38 35.82
N GLU D 302 -16.15 2.52 35.22
CA GLU D 302 -16.91 2.51 33.97
C GLU D 302 -16.11 1.89 32.83
N ALA D 303 -14.81 2.19 32.77
CA ALA D 303 -13.94 1.59 31.74
C ALA D 303 -13.78 0.08 31.94
N ALA D 304 -13.85 -0.38 33.21
CA ALA D 304 -13.75 -1.79 33.57
C ALA D 304 -15.04 -2.59 33.39
N VAL D 305 -16.13 -1.96 32.93
CA VAL D 305 -17.40 -2.65 32.64
C VAL D 305 -17.15 -3.58 31.42
N TYR D 306 -17.61 -4.81 31.49
CA TYR D 306 -17.42 -5.76 30.39
C TYR D 306 -18.60 -5.57 29.42
N HIS D 307 -18.55 -4.51 28.59
CA HIS D 307 -19.64 -4.16 27.67
C HIS D 307 -20.05 -5.28 26.75
N ARG D 308 -19.10 -6.16 26.36
CA ARG D 308 -19.42 -7.27 25.44
C ARG D 308 -20.55 -8.14 26.01
N GLN D 309 -20.42 -8.51 27.29
CA GLN D 309 -21.46 -9.30 27.92
C GLN D 309 -22.67 -8.44 28.27
N LEU D 310 -22.44 -7.25 28.85
CA LEU D 310 -23.54 -6.39 29.26
C LEU D 310 -24.49 -6.03 28.10
N PHE D 311 -23.93 -5.58 26.96
CA PHE D 311 -24.77 -5.22 25.80
C PHE D 311 -25.53 -6.42 25.29
N GLU D 312 -24.86 -7.57 25.19
CA GLU D 312 -25.48 -8.81 24.72
C GLU D 312 -26.65 -9.21 25.63
N GLU D 313 -26.45 -9.13 26.96
CA GLU D 313 -27.50 -9.49 27.90
C GLU D 313 -28.63 -8.48 27.97
N LEU D 314 -28.34 -7.17 27.84
CA LEU D 314 -29.39 -6.15 27.85
C LEU D 314 -30.26 -6.31 26.61
N ARG D 315 -29.64 -6.59 25.45
CA ARG D 315 -30.42 -6.78 24.22
C ARG D 315 -31.28 -8.01 24.31
N ARG D 316 -30.68 -9.14 24.73
CA ARG D 316 -31.38 -10.43 24.84
C ARG D 316 -32.58 -10.33 25.77
N ALA D 317 -32.44 -9.58 26.88
CA ALA D 317 -33.50 -9.46 27.86
C ALA D 317 -34.54 -8.41 27.50
N ALA D 318 -34.14 -7.34 26.79
CA ALA D 318 -35.09 -6.30 26.42
C ALA D 318 -36.08 -6.86 25.43
N PRO D 319 -37.39 -6.70 25.73
CA PRO D 319 -38.40 -7.26 24.83
C PRO D 319 -38.41 -6.56 23.47
N LEU D 320 -39.08 -7.19 22.50
CA LEU D 320 -39.31 -6.57 21.19
C LEU D 320 -40.14 -5.31 21.41
N SER D 321 -39.93 -4.30 20.58
CA SER D 321 -40.66 -3.06 20.75
C SER D 321 -41.11 -2.51 19.43
N ARG D 322 -42.31 -1.94 19.41
CA ARG D 322 -42.81 -1.24 18.24
C ARG D 322 -42.77 0.31 18.43
N ASP D 323 -42.08 0.79 19.47
CA ASP D 323 -41.97 2.20 19.75
C ASP D 323 -40.77 2.70 18.96
N PRO D 324 -40.98 3.63 18.03
CA PRO D 324 -39.85 4.09 17.19
C PRO D 324 -38.68 4.67 17.95
N THR D 325 -38.91 5.32 19.12
CA THR D 325 -37.81 5.87 19.90
C THR D 325 -36.93 4.74 20.41
N GLU D 326 -37.55 3.68 20.93
CA GLU D 326 -36.84 2.53 21.45
C GLU D 326 -36.08 1.82 20.32
N VAL D 327 -36.74 1.65 19.16
CA VAL D 327 -36.12 1.00 18.01
C VAL D 327 -34.92 1.80 17.50
N THR D 328 -35.08 3.14 17.41
CA THR D 328 -33.97 4.00 16.98
C THR D 328 -32.83 3.93 18.01
N ALA D 329 -33.17 3.91 19.31
CA ALA D 329 -32.13 3.87 20.36
C ALA D 329 -31.24 2.64 20.25
N ILE D 330 -31.82 1.44 20.07
CA ILE D 330 -30.99 0.23 19.97
C ILE D 330 -30.15 0.25 18.69
N GLY D 331 -30.72 0.77 17.59
CA GLY D 331 -29.98 0.91 16.34
C GLY D 331 -28.81 1.86 16.51
N ALA D 332 -29.04 2.99 17.22
CA ALA D 332 -28.00 3.99 17.46
C ALA D 332 -26.89 3.43 18.35
N VAL D 333 -27.25 2.67 19.39
CA VAL D 333 -26.24 2.09 20.31
C VAL D 333 -25.40 1.06 19.58
N GLU D 334 -26.04 0.25 18.75
CA GLU D 334 -25.35 -0.76 17.95
CA GLU D 334 -25.35 -0.76 17.96
C GLU D 334 -24.39 -0.06 16.98
N ALA D 335 -24.88 1.01 16.31
CA ALA D 335 -24.05 1.78 15.37
C ALA D 335 -22.85 2.41 16.13
N ALA D 336 -23.08 2.95 17.33
CA ALA D 336 -22.02 3.57 18.11
C ALA D 336 -20.92 2.55 18.45
N PHE D 337 -21.30 1.35 18.85
CA PHE D 337 -20.32 0.31 19.18
C PHE D 337 -19.54 -0.12 17.92
N LYS D 338 -20.21 -0.18 16.76
CA LYS D 338 -19.58 -0.60 15.53
C LYS D 338 -18.42 0.30 15.10
N CYS D 339 -18.56 1.62 15.32
CA CYS D 339 -17.53 2.56 14.89
C CYS D 339 -16.73 3.16 16.01
N CYS D 340 -16.92 2.72 17.28
CA CYS D 340 -16.26 3.32 18.44
C CYS D 340 -16.60 4.80 18.48
N ALA D 341 -17.92 5.12 18.30
CA ALA D 341 -18.35 6.51 18.27
C ALA D 341 -17.95 7.23 19.57
N ALA D 342 -17.46 8.45 19.47
CA ALA D 342 -17.09 9.25 20.64
C ALA D 342 -18.33 9.65 21.40
N ALA D 343 -19.48 9.85 20.70
CA ALA D 343 -20.70 10.26 21.36
C ALA D 343 -21.93 9.93 20.51
N ILE D 344 -23.08 9.85 21.17
CA ILE D 344 -24.39 9.79 20.55
C ILE D 344 -25.02 11.15 20.94
N ILE D 345 -25.27 12.05 19.99
CA ILE D 345 -25.89 13.33 20.28
C ILE D 345 -27.37 13.15 20.05
N VAL D 346 -28.19 13.39 21.06
CA VAL D 346 -29.62 13.18 20.94
C VAL D 346 -30.35 14.46 21.31
N LEU D 347 -31.37 14.81 20.53
CA LEU D 347 -32.23 15.94 20.87
C LEU D 347 -33.37 15.35 21.65
N THR D 348 -33.70 15.98 22.79
CA THR D 348 -34.78 15.47 23.62
C THR D 348 -35.53 16.60 24.31
N THR D 349 -36.85 16.45 24.43
CA THR D 349 -37.68 17.46 25.09
C THR D 349 -37.90 17.05 26.56
N THR D 350 -38.22 15.79 26.80
CA THR D 350 -38.50 15.27 28.13
C THR D 350 -37.34 14.49 28.75
N GLY D 351 -36.32 14.15 27.97
CA GLY D 351 -35.21 13.30 28.36
C GLY D 351 -35.39 11.85 27.94
N ARG D 352 -36.62 11.46 27.55
CA ARG D 352 -36.94 10.08 27.21
C ARG D 352 -36.04 9.45 26.13
N SER D 353 -35.76 10.17 25.03
CA SER D 353 -34.91 9.60 23.97
C SER D 353 -33.50 9.33 24.51
N ALA D 354 -32.99 10.18 25.42
CA ALA D 354 -31.67 9.95 26.01
C ALA D 354 -31.74 8.76 26.98
N GLN D 355 -32.82 8.63 27.74
CA GLN D 355 -32.97 7.53 28.67
C GLN D 355 -32.99 6.18 27.92
N LEU D 356 -33.67 6.14 26.77
CA LEU D 356 -33.73 4.91 25.99
C LEU D 356 -32.40 4.54 25.38
N LEU D 357 -31.53 5.52 25.11
CA LEU D 357 -30.18 5.23 24.65
C LEU D 357 -29.36 4.68 25.83
N SER D 358 -29.45 5.36 26.99
CA SER D 358 -28.74 5.01 28.23
C SER D 358 -29.03 3.57 28.69
N ARG D 359 -30.27 3.11 28.52
CA ARG D 359 -30.64 1.76 28.96
C ARG D 359 -29.82 0.64 28.27
N TYR D 360 -29.27 0.91 27.09
CA TYR D 360 -28.42 -0.05 26.38
C TYR D 360 -26.95 0.07 26.75
N ARG D 361 -26.61 0.94 27.68
CA ARG D 361 -25.27 1.15 28.20
C ARG D 361 -24.21 1.29 27.11
N PRO D 362 -24.36 2.26 26.21
CA PRO D 362 -23.30 2.49 25.22
C PRO D 362 -22.01 2.96 25.92
N ARG D 363 -20.86 2.63 25.35
CA ARG D 363 -19.59 3.17 25.83
C ARG D 363 -19.55 4.67 25.36
N ALA D 364 -20.12 5.00 24.19
CA ALA D 364 -20.20 6.37 23.70
C ALA D 364 -21.04 7.23 24.65
N ALA D 365 -20.58 8.44 24.95
CA ALA D 365 -21.30 9.38 25.81
C ALA D 365 -22.62 9.77 25.11
N VAL D 366 -23.71 9.84 25.84
CA VAL D 366 -24.99 10.28 25.27
C VAL D 366 -25.11 11.77 25.58
N ILE D 367 -24.84 12.64 24.60
CA ILE D 367 -24.92 14.07 24.78
C ILE D 367 -26.33 14.48 24.47
N ALA D 368 -27.10 14.86 25.49
CA ALA D 368 -28.51 15.19 25.31
C ALA D 368 -28.73 16.68 25.23
N VAL D 369 -29.16 17.15 24.07
CA VAL D 369 -29.41 18.58 23.87
C VAL D 369 -30.89 18.84 24.07
N THR D 370 -31.21 19.73 25.00
CA THR D 370 -32.61 20.05 25.30
C THR D 370 -32.80 21.51 25.62
N ARG D 371 -34.01 22.01 25.38
CA ARG D 371 -34.38 23.36 25.82
C ARG D 371 -35.01 23.34 27.20
N SER D 372 -35.47 22.17 27.67
CA SER D 372 -36.11 22.04 28.95
C SER D 372 -35.05 22.01 30.03
N ALA D 373 -35.02 23.06 30.87
CA ALA D 373 -34.10 23.13 31.98
C ALA D 373 -34.37 21.97 32.94
N GLN D 374 -35.66 21.65 33.17
CA GLN D 374 -35.99 20.53 34.02
C GLN D 374 -35.54 19.19 33.47
N ALA D 375 -35.76 18.93 32.16
CA ALA D 375 -35.30 17.68 31.57
C ALA D 375 -33.77 17.57 31.62
N ALA D 376 -33.08 18.68 31.40
CA ALA D 376 -31.62 18.70 31.46
C ALA D 376 -31.11 18.31 32.86
N ARG D 377 -31.80 18.77 33.91
CA ARG D 377 -31.46 18.39 35.27
C ARG D 377 -31.81 16.91 35.55
N GLN D 378 -33.02 16.49 35.17
CA GLN D 378 -33.47 15.14 35.44
C GLN D 378 -32.70 14.02 34.73
N VAL D 379 -32.18 14.26 33.51
CA VAL D 379 -31.49 13.19 32.79
C VAL D 379 -30.18 12.76 33.44
N HIS D 380 -29.69 13.51 34.44
CA HIS D 380 -28.54 13.07 35.24
C HIS D 380 -28.84 11.73 35.94
N LEU D 381 -30.12 11.38 36.12
CA LEU D 381 -30.48 10.10 36.71
C LEU D 381 -30.07 8.92 35.84
N CYS D 382 -29.87 9.12 34.53
CA CYS D 382 -29.54 8.06 33.58
C CYS D 382 -28.09 7.99 33.29
N ARG D 383 -27.47 6.83 33.51
CA ARG D 383 -26.03 6.70 33.29
C ARG D 383 -25.60 7.06 31.88
N GLY D 384 -24.53 7.84 31.80
CA GLY D 384 -23.95 8.19 30.52
C GLY D 384 -24.65 9.26 29.77
N VAL D 385 -25.60 9.96 30.39
CA VAL D 385 -26.28 11.07 29.72
C VAL D 385 -25.67 12.37 30.22
N PHE D 386 -25.16 13.18 29.28
CA PHE D 386 -24.52 14.45 29.54
C PHE D 386 -25.47 15.54 29.01
N PRO D 387 -26.26 16.15 29.89
CA PRO D 387 -27.22 17.15 29.42
C PRO D 387 -26.61 18.49 29.07
N LEU D 388 -27.09 19.06 27.95
CA LEU D 388 -26.67 20.37 27.50
C LEU D 388 -27.94 21.19 27.38
N LEU D 389 -28.02 22.30 28.11
CA LEU D 389 -29.17 23.16 28.05
C LEU D 389 -28.97 24.15 26.91
N TYR D 390 -29.83 24.06 25.91
CA TYR D 390 -29.78 24.95 24.75
C TYR D 390 -30.72 26.14 25.03
N ARG D 391 -30.18 27.35 25.00
CA ARG D 391 -30.97 28.53 25.38
C ARG D 391 -31.49 29.36 24.24
N GLU D 392 -31.03 29.15 23.01
CA GLU D 392 -31.48 29.98 21.89
C GLU D 392 -32.93 29.75 21.54
N PRO D 393 -33.67 30.81 21.22
CA PRO D 393 -35.07 30.61 20.78
C PRO D 393 -35.10 29.86 19.44
N PRO D 394 -36.22 29.18 19.14
CA PRO D 394 -36.28 28.41 17.90
C PRO D 394 -36.05 29.19 16.62
N GLU D 395 -35.25 28.61 15.70
CA GLU D 395 -35.05 29.12 14.36
C GLU D 395 -36.41 29.02 13.62
N ALA D 396 -36.61 29.87 12.60
CA ALA D 396 -37.86 29.84 11.84
C ALA D 396 -38.00 28.51 11.08
N ILE D 397 -36.89 27.98 10.53
CA ILE D 397 -36.94 26.72 9.82
C ILE D 397 -36.56 25.60 10.82
N TRP D 398 -37.48 24.67 11.04
CA TRP D 398 -37.28 23.61 12.03
C TRP D 398 -36.03 22.78 11.78
N ALA D 399 -35.73 22.41 10.53
CA ALA D 399 -34.53 21.66 10.21
C ALA D 399 -33.26 22.44 10.60
N ASP D 400 -33.27 23.78 10.49
CA ASP D 400 -32.14 24.61 10.90
C ASP D 400 -32.04 24.62 12.42
N ASP D 401 -33.16 24.66 13.11
CA ASP D 401 -33.17 24.65 14.57
C ASP D 401 -32.59 23.32 15.08
N VAL D 402 -33.00 22.23 14.45
CA VAL D 402 -32.46 20.89 14.81
C VAL D 402 -30.94 20.88 14.57
N ASP D 403 -30.48 21.36 13.42
CA ASP D 403 -29.04 21.39 13.06
C ASP D 403 -28.22 22.25 14.04
N ARG D 404 -28.76 23.39 14.46
CA ARG D 404 -28.03 24.30 15.37
C ARG D 404 -27.85 23.61 16.73
N ARG D 405 -28.86 22.86 17.14
CA ARG D 405 -28.78 22.11 18.41
C ARG D 405 -27.75 20.97 18.29
N VAL D 406 -27.70 20.28 17.15
CA VAL D 406 -26.70 19.26 16.95
C VAL D 406 -25.31 19.92 16.96
N GLN D 407 -25.16 21.09 16.29
CA GLN D 407 -23.91 21.82 16.29
C GLN D 407 -23.52 22.30 17.67
N PHE D 408 -24.49 22.69 18.48
CA PHE D 408 -24.26 23.07 19.86
C PHE D 408 -23.73 21.87 20.66
N GLY D 409 -24.29 20.67 20.41
CA GLY D 409 -23.82 19.44 21.02
C GLY D 409 -22.38 19.16 20.65
N ILE D 410 -22.04 19.32 19.37
CA ILE D 410 -20.69 19.14 18.86
C ILE D 410 -19.71 20.16 19.46
N GLU D 411 -20.06 21.45 19.44
CA GLU D 411 -19.19 22.49 19.97
C GLU D 411 -18.97 22.32 21.47
N SER D 412 -20.03 21.95 22.21
CA SER D 412 -19.90 21.70 23.64
C SER D 412 -19.00 20.48 23.87
N GLY D 413 -19.18 19.44 23.06
CA GLY D 413 -18.39 18.22 23.14
C GLY D 413 -16.92 18.46 22.86
N LYS D 414 -16.60 19.30 21.88
CA LYS D 414 -15.21 19.63 21.56
C LYS D 414 -14.58 20.41 22.72
N LEU D 415 -15.28 21.42 23.24
CA LEU D 415 -14.79 22.23 24.33
C LEU D 415 -14.58 21.39 25.59
N ARG D 416 -15.48 20.46 25.87
CA ARG D 416 -15.37 19.62 27.07
C ARG D 416 -14.45 18.40 26.94
N GLY D 417 -13.94 18.12 25.75
CA GLY D 417 -13.03 16.99 25.55
C GLY D 417 -13.69 15.70 25.12
N PHE D 418 -15.02 15.70 24.93
CA PHE D 418 -15.72 14.51 24.45
C PHE D 418 -15.37 14.23 22.99
N LEU D 419 -15.20 15.28 22.19
CA LEU D 419 -15.05 15.15 20.76
C LEU D 419 -13.86 15.87 20.23
N ARG D 420 -13.35 15.34 19.14
CA ARG D 420 -12.28 15.92 18.38
C ARG D 420 -12.61 15.78 16.90
N VAL D 421 -11.95 16.56 16.05
CA VAL D 421 -12.08 16.49 14.60
C VAL D 421 -11.67 15.08 14.14
N GLY D 422 -12.47 14.46 13.28
CA GLY D 422 -12.19 13.10 12.84
C GLY D 422 -12.99 12.04 13.59
N ASP D 423 -13.53 12.39 14.77
CA ASP D 423 -14.36 11.44 15.51
C ASP D 423 -15.67 11.16 14.76
N LEU D 424 -16.24 10.00 15.01
CA LEU D 424 -17.55 9.68 14.47
C LEU D 424 -18.53 9.85 15.60
N VAL D 425 -19.69 10.40 15.32
CA VAL D 425 -20.76 10.55 16.28
C VAL D 425 -22.02 9.98 15.64
N ILE D 426 -22.92 9.48 16.47
CA ILE D 426 -24.25 9.04 16.04
C ILE D 426 -25.19 10.17 16.48
N VAL D 427 -26.04 10.67 15.58
CA VAL D 427 -26.94 11.78 15.90
C VAL D 427 -28.35 11.24 15.84
N VAL D 428 -29.11 11.44 16.92
CA VAL D 428 -30.44 10.90 17.05
C VAL D 428 -31.42 12.05 17.15
N THR D 429 -32.33 12.11 16.16
CA THR D 429 -33.33 13.19 16.10
C THR D 429 -34.71 12.55 15.75
N GLY D 430 -35.74 13.39 15.56
CA GLY D 430 -37.06 12.91 15.18
C GLY D 430 -37.56 13.58 13.91
N TRP D 431 -38.73 13.16 13.45
CA TRP D 431 -39.23 13.64 12.16
C TRP D 431 -40.10 14.90 12.23
N ARG D 432 -40.47 15.31 13.47
CA ARG D 432 -41.27 16.51 13.63
C ARG D 432 -41.02 17.10 15.02
N PRO D 433 -41.38 18.39 15.21
CA PRO D 433 -41.23 18.99 16.56
C PRO D 433 -42.12 18.28 17.59
N GLY D 434 -41.79 18.48 18.85
CA GLY D 434 -42.53 17.90 19.95
C GLY D 434 -41.97 16.58 20.40
N SER D 435 -42.22 16.25 21.66
CA SER D 435 -41.78 14.99 22.28
CA SER D 435 -41.76 14.97 22.25
C SER D 435 -42.45 13.78 21.65
N GLY D 436 -41.75 12.63 21.62
CA GLY D 436 -42.31 11.36 21.18
C GLY D 436 -42.09 10.93 19.75
N TYR D 437 -41.38 11.74 18.96
CA TYR D 437 -41.22 11.44 17.54
C TYR D 437 -39.79 11.12 17.11
N THR D 438 -38.92 10.73 18.06
CA THR D 438 -37.56 10.31 17.68
C THR D 438 -37.65 9.07 16.79
N ASN D 439 -36.99 9.15 15.65
CA ASN D 439 -37.04 8.05 14.71
C ASN D 439 -35.85 8.02 13.75
N ILE D 440 -34.82 8.85 13.95
CA ILE D 440 -33.73 8.95 13.00
C ILE D 440 -32.41 8.82 13.69
N MET D 441 -31.52 8.04 13.10
CA MET D 441 -30.16 7.85 13.57
C MET D 441 -29.24 8.19 12.36
N ARG D 442 -28.23 9.02 12.58
CA ARG D 442 -27.33 9.40 11.51
C ARG D 442 -25.82 9.34 11.93
N VAL D 443 -24.97 8.82 11.04
CA VAL D 443 -23.53 8.71 11.31
C VAL D 443 -22.85 9.96 10.78
N LEU D 444 -22.22 10.72 11.67
CA LEU D 444 -21.63 12.00 11.31
C LEU D 444 -20.15 12.03 11.66
N SER D 445 -19.34 12.55 10.75
CA SER D 445 -17.92 12.73 10.99
C SER D 445 -17.73 14.15 11.52
N ILE D 446 -17.01 14.29 12.64
CA ILE D 446 -16.78 15.60 13.22
C ILE D 446 -15.76 16.38 12.41
N SER D 447 -16.13 17.58 11.96
CA SER D 447 -15.22 18.43 11.21
C SER D 447 -14.84 19.68 12.05
N ALA E 25 14.00 32.51 -0.59
CA ALA E 25 12.97 33.35 -1.22
C ALA E 25 13.43 33.78 -2.62
N PHE E 26 14.71 34.17 -2.75
CA PHE E 26 15.29 34.58 -4.03
C PHE E 26 15.16 33.46 -5.07
N PHE E 27 15.47 32.23 -4.67
CA PHE E 27 15.43 31.09 -5.59
C PHE E 27 14.04 30.56 -5.90
N GLN E 28 12.99 31.10 -5.27
CA GLN E 28 11.62 30.72 -5.61
C GLN E 28 10.99 31.69 -6.63
N GLN E 29 11.50 32.93 -6.70
CA GLN E 29 11.02 33.98 -7.60
C GLN E 29 11.56 33.80 -9.00
N GLN E 30 11.03 34.61 -9.96
CA GLN E 30 11.40 34.70 -11.36
C GLN E 30 11.60 33.35 -12.06
N GLN E 31 10.75 32.36 -11.71
CA GLN E 31 10.79 31.01 -12.26
C GLN E 31 12.18 30.37 -12.14
N LEU E 32 12.93 30.72 -11.08
CA LEU E 32 14.27 30.14 -10.89
C LEU E 32 14.24 28.61 -10.72
N PRO E 33 13.26 27.96 -10.04
CA PRO E 33 13.23 26.48 -10.05
C PRO E 33 13.11 25.93 -11.48
N ALA E 34 12.28 26.53 -12.34
CA ALA E 34 12.16 26.09 -13.74
C ALA E 34 13.45 26.41 -14.53
N ALA E 35 14.14 27.51 -14.18
CA ALA E 35 15.39 27.89 -14.82
C ALA E 35 16.49 26.86 -14.56
N MET E 36 16.49 26.23 -13.39
CA MET E 36 17.51 25.24 -13.03
C MET E 36 17.26 23.84 -13.59
N ALA E 37 16.14 23.61 -14.28
CA ALA E 37 15.81 22.28 -14.80
C ALA E 37 16.81 21.79 -15.82
N ASP E 38 17.01 20.47 -15.88
CA ASP E 38 17.97 19.84 -16.78
C ASP E 38 17.43 19.60 -18.19
N THR E 39 16.08 19.63 -18.37
CA THR E 39 15.51 19.47 -19.71
C THR E 39 14.42 20.54 -19.89
N PHE E 40 14.06 20.82 -21.15
CA PHE E 40 13.00 21.75 -21.45
C PHE E 40 11.66 21.23 -20.90
N LEU E 41 11.42 19.91 -21.01
CA LEU E 41 10.20 19.32 -20.47
C LEU E 41 10.12 19.53 -18.94
N GLU E 42 11.21 19.27 -18.20
CA GLU E 42 11.24 19.50 -16.75
CA GLU E 42 11.20 19.49 -16.75
C GLU E 42 11.05 20.98 -16.43
N HIS E 43 11.62 21.86 -17.27
CA HIS E 43 11.51 23.30 -17.12
C HIS E 43 10.02 23.70 -17.19
N LEU E 44 9.27 23.16 -18.16
CA LEU E 44 7.82 23.42 -18.29
C LEU E 44 7.09 22.94 -17.06
N CYS E 45 7.38 21.70 -16.60
CA CYS E 45 6.75 21.12 -15.42
C CYS E 45 6.97 21.94 -14.16
N LEU E 46 8.04 22.73 -14.11
CA LEU E 46 8.40 23.51 -12.92
C LEU E 46 7.93 24.95 -12.96
N LEU E 47 7.29 25.40 -14.07
CA LEU E 47 6.73 26.75 -14.16
C LEU E 47 5.67 26.90 -13.08
N ASP E 48 5.74 28.01 -12.34
CA ASP E 48 4.91 28.22 -11.19
C ASP E 48 4.19 29.55 -11.26
N ILE E 49 2.86 29.52 -11.22
CA ILE E 49 2.08 30.76 -11.24
C ILE E 49 2.32 31.62 -9.99
N ASP E 50 2.81 31.03 -8.89
CA ASP E 50 3.12 31.78 -7.67
C ASP E 50 4.57 32.33 -7.66
N SER E 51 5.38 32.03 -8.68
CA SER E 51 6.74 32.53 -8.74
C SER E 51 6.69 33.90 -9.40
N GLU E 52 6.80 34.96 -8.59
CA GLU E 52 6.64 36.31 -9.10
C GLU E 52 7.82 36.85 -9.87
N PRO E 53 7.55 37.55 -10.98
CA PRO E 53 8.66 38.15 -11.74
C PRO E 53 9.31 39.25 -10.91
N VAL E 54 10.62 39.36 -10.98
CA VAL E 54 11.33 40.41 -10.26
C VAL E 54 12.09 41.31 -11.21
N ALA E 55 12.65 40.74 -12.27
CA ALA E 55 13.39 41.50 -13.26
C ALA E 55 12.52 42.52 -13.97
N ALA E 56 13.16 43.60 -14.44
CA ALA E 56 12.45 44.60 -15.20
C ALA E 56 12.01 43.99 -16.53
N ARG E 57 10.87 44.46 -17.08
CA ARG E 57 10.35 43.94 -18.32
C ARG E 57 11.30 44.28 -19.46
N SER E 58 11.77 43.27 -20.18
CA SER E 58 12.81 43.44 -21.19
C SER E 58 12.33 43.55 -22.63
N THR E 59 11.14 43.04 -22.97
CA THR E 59 10.64 43.10 -24.34
C THR E 59 10.00 44.47 -24.50
N SER E 60 10.46 45.28 -25.46
CA SER E 60 9.90 46.62 -25.65
C SER E 60 8.51 46.57 -26.22
N ILE E 61 7.71 47.56 -25.83
CA ILE E 61 6.36 47.70 -26.33
C ILE E 61 6.31 48.85 -27.32
N ILE E 62 5.84 48.56 -28.52
CA ILE E 62 5.63 49.57 -29.55
C ILE E 62 4.13 49.85 -29.54
N ALA E 63 3.73 51.10 -29.30
CA ALA E 63 2.32 51.45 -29.31
C ALA E 63 2.04 52.40 -30.46
N THR E 64 1.00 52.12 -31.24
CA THR E 64 0.67 52.98 -32.36
C THR E 64 -0.09 54.19 -31.84
N ILE E 65 0.40 55.39 -32.17
CA ILE E 65 -0.22 56.62 -31.71
C ILE E 65 -1.16 57.14 -32.77
N GLY E 66 -2.44 57.21 -32.39
CA GLY E 66 -3.48 57.67 -33.30
C GLY E 66 -4.58 58.41 -32.54
N PRO E 67 -5.79 58.45 -33.13
CA PRO E 67 -6.90 59.18 -32.47
C PRO E 67 -7.14 58.89 -31.00
N ALA E 68 -7.03 57.61 -30.58
CA ALA E 68 -7.29 57.23 -29.19
C ALA E 68 -6.17 57.45 -28.23
N SER E 69 -4.98 57.82 -28.72
CA SER E 69 -3.80 57.90 -27.85
C SER E 69 -2.89 59.09 -28.11
N ARG E 70 -3.38 60.12 -28.77
CA ARG E 70 -2.63 61.31 -29.16
C ARG E 70 -2.44 62.38 -28.13
N SER E 71 -3.34 62.50 -27.15
CA SER E 71 -3.24 63.61 -26.20
C SER E 71 -2.03 63.48 -25.31
N VAL E 72 -1.43 64.60 -24.91
CA VAL E 72 -0.26 64.62 -24.05
C VAL E 72 -0.55 63.91 -22.72
N GLU E 73 -1.73 64.12 -22.15
CA GLU E 73 -2.11 63.49 -20.89
C GLU E 73 -2.17 61.96 -21.03
N ARG E 74 -2.76 61.47 -22.14
CA ARG E 74 -2.90 60.04 -22.41
C ARG E 74 -1.51 59.45 -22.67
N LEU E 75 -0.67 60.15 -23.44
CA LEU E 75 0.69 59.73 -23.73
C LEU E 75 1.55 59.61 -22.49
N LYS E 76 1.33 60.46 -21.48
CA LYS E 76 2.06 60.34 -20.21
C LYS E 76 1.67 59.04 -19.52
N GLU E 77 0.39 58.67 -19.56
CA GLU E 77 -0.09 57.41 -18.97
C GLU E 77 0.46 56.22 -19.75
N MET E 78 0.58 56.33 -21.08
CA MET E 78 1.11 55.27 -21.91
CA MET E 78 1.11 55.26 -21.91
C MET E 78 2.59 55.05 -21.64
N ILE E 79 3.34 56.15 -21.41
CA ILE E 79 4.77 56.06 -21.09
C ILE E 79 4.91 55.38 -19.73
N LYS E 80 4.11 55.76 -18.75
CA LYS E 80 4.17 55.15 -17.43
C LYS E 80 3.74 53.66 -17.46
N ALA E 81 2.78 53.32 -18.34
CA ALA E 81 2.29 51.96 -18.51
C ALA E 81 3.37 51.04 -19.14
N GLY E 82 4.32 51.61 -19.88
CA GLY E 82 5.42 50.85 -20.44
C GLY E 82 5.74 51.06 -21.91
N MET E 83 5.06 52.01 -22.59
CA MET E 83 5.34 52.25 -24.02
C MET E 83 6.80 52.71 -24.20
N ASN E 84 7.55 52.02 -25.07
CA ASN E 84 8.96 52.36 -25.31
C ASN E 84 9.16 52.99 -26.67
N ILE E 85 8.32 52.63 -27.65
CA ILE E 85 8.41 53.10 -29.01
C ILE E 85 7.01 53.55 -29.44
N ALA E 86 6.90 54.78 -29.98
CA ALA E 86 5.64 55.30 -30.50
C ALA E 86 5.65 55.10 -32.00
N ARG E 87 4.66 54.37 -32.52
CA ARG E 87 4.59 54.10 -33.96
C ARG E 87 3.59 55.06 -34.62
N LEU E 88 3.96 55.64 -35.76
CA LEU E 88 3.06 56.52 -36.52
C LEU E 88 2.80 55.85 -37.82
N ASN E 89 1.55 55.48 -38.05
CA ASN E 89 1.18 54.75 -39.23
C ASN E 89 0.85 55.71 -40.39
N PHE E 90 1.78 55.83 -41.35
CA PHE E 90 1.59 56.73 -42.47
C PHE E 90 0.63 56.19 -43.54
N SER E 91 -0.04 55.06 -43.28
CA SER E 91 -1.14 54.62 -44.13
C SER E 91 -2.40 55.50 -43.82
N HIS E 92 -2.45 56.15 -42.64
CA HIS E 92 -3.53 57.01 -42.20
C HIS E 92 -3.01 58.43 -41.91
N GLY E 93 -3.93 59.33 -41.64
CA GLY E 93 -3.61 60.70 -41.28
C GLY E 93 -2.94 61.46 -42.38
N SER E 94 -2.10 62.39 -41.98
CA SER E 94 -1.38 63.27 -42.89
C SER E 94 -0.09 63.70 -42.20
N HIS E 95 0.77 64.46 -42.91
CA HIS E 95 2.01 64.96 -42.32
C HIS E 95 1.70 65.88 -41.14
N GLU E 96 0.69 66.75 -41.29
CA GLU E 96 0.31 67.66 -40.22
C GLU E 96 -0.22 66.91 -38.99
N TYR E 97 -1.06 65.90 -39.22
CA TYR E 97 -1.63 65.10 -38.15
C TYR E 97 -0.53 64.35 -37.39
N HIS E 98 0.35 63.66 -38.14
CA HIS E 98 1.44 62.91 -37.51
C HIS E 98 2.48 63.80 -36.85
N ALA E 99 2.76 65.02 -37.40
CA ALA E 99 3.68 65.96 -36.75
C ALA E 99 3.14 66.37 -35.39
N GLU E 100 1.82 66.58 -35.30
CA GLU E 100 1.20 66.96 -34.03
C GLU E 100 1.27 65.81 -33.03
N SER E 101 1.05 64.58 -33.49
CA SER E 101 1.16 63.40 -32.60
C SER E 101 2.59 63.26 -32.09
N ILE E 102 3.61 63.44 -32.99
CA ILE E 102 5.03 63.39 -32.63
C ILE E 102 5.35 64.45 -31.58
N ALA E 103 4.85 65.69 -31.79
CA ALA E 103 5.09 66.77 -30.83
C ALA E 103 4.46 66.43 -29.49
N ASN E 104 3.27 65.82 -29.50
CA ASN E 104 2.60 65.42 -28.25
C ASN E 104 3.38 64.33 -27.55
N VAL E 105 3.94 63.37 -28.32
CA VAL E 105 4.78 62.30 -27.74
C VAL E 105 6.01 62.92 -27.09
N ARG E 106 6.71 63.79 -27.82
CA ARG E 106 7.89 64.46 -27.28
C ARG E 106 7.59 65.31 -26.06
N GLU E 107 6.43 65.98 -26.03
CA GLU E 107 6.06 66.77 -24.86
C GLU E 107 5.82 65.86 -23.68
N ALA E 108 5.12 64.75 -23.89
CA ALA E 108 4.86 63.79 -22.80
C ALA E 108 6.16 63.18 -22.31
N VAL E 109 7.07 62.81 -23.22
CA VAL E 109 8.36 62.20 -22.85
C VAL E 109 9.20 63.19 -22.07
N GLU E 110 9.30 64.43 -22.56
CA GLU E 110 10.12 65.44 -21.91
C GLU E 110 9.53 65.95 -20.60
N SER E 111 8.25 65.67 -20.31
CA SER E 111 7.66 66.04 -19.02
C SER E 111 8.32 65.29 -17.84
N PHE E 112 9.06 64.20 -18.11
CA PHE E 112 9.74 63.40 -17.11
C PHE E 112 11.27 63.66 -17.07
N ALA E 113 11.82 64.44 -18.03
CA ALA E 113 13.26 64.76 -18.13
C ALA E 113 13.84 65.56 -16.94
N GLY E 114 12.98 66.20 -16.16
CA GLY E 114 13.39 66.92 -14.96
C GLY E 114 14.01 66.02 -13.91
N SER E 115 13.78 64.69 -14.00
CA SER E 115 14.37 63.71 -13.11
C SER E 115 15.21 62.75 -13.99
N PRO E 116 16.48 63.11 -14.25
CA PRO E 116 17.34 62.31 -15.14
C PRO E 116 17.56 60.84 -14.75
N LEU E 117 17.55 60.51 -13.45
CA LEU E 117 17.73 59.15 -12.95
C LEU E 117 16.54 58.23 -13.27
N SER E 118 15.36 58.81 -13.55
CA SER E 118 14.18 58.02 -13.87
C SER E 118 13.63 58.29 -15.28
N TYR E 119 14.25 59.20 -16.04
CA TYR E 119 13.84 59.56 -17.40
C TYR E 119 13.81 58.35 -18.33
N ARG E 120 12.68 58.16 -19.00
CA ARG E 120 12.56 57.06 -19.93
C ARG E 120 12.53 57.54 -21.36
N PRO E 121 13.60 57.26 -22.12
CA PRO E 121 13.57 57.60 -23.54
C PRO E 121 12.46 56.85 -24.28
N VAL E 122 11.86 57.47 -25.31
CA VAL E 122 10.82 56.82 -26.11
C VAL E 122 11.16 57.06 -27.57
N ALA E 123 11.31 55.99 -28.35
CA ALA E 123 11.65 56.12 -29.75
C ALA E 123 10.44 56.52 -30.58
N ILE E 124 10.67 57.16 -31.72
CA ILE E 124 9.61 57.52 -32.63
C ILE E 124 9.85 56.76 -33.91
N ALA E 125 8.87 55.95 -34.31
CA ALA E 125 8.99 55.09 -35.47
C ALA E 125 7.96 55.46 -36.50
N LEU E 126 8.38 55.56 -37.75
CA LEU E 126 7.49 55.90 -38.85
C LEU E 126 7.22 54.63 -39.62
N ASP E 127 5.97 54.25 -39.74
CA ASP E 127 5.58 53.06 -40.49
C ASP E 127 5.05 53.51 -41.84
N THR E 128 5.72 53.12 -42.92
CA THR E 128 5.35 53.58 -44.25
C THR E 128 4.06 52.96 -44.80
N LYS E 129 3.41 53.68 -45.73
CA LYS E 129 2.20 53.21 -46.38
C LYS E 129 2.51 51.97 -47.20
N GLY E 130 3.62 52.00 -47.91
CA GLY E 130 4.05 50.86 -48.72
C GLY E 130 3.94 51.06 -50.21
N PRO E 131 4.37 50.05 -50.98
CA PRO E 131 4.31 50.16 -52.44
C PRO E 131 2.89 50.08 -53.03
N GLY E 136 8.21 48.60 -56.04
CA GLY E 136 9.28 49.47 -55.57
C GLY E 136 8.79 50.66 -54.77
N LEU E 137 9.73 51.54 -54.36
CA LEU E 137 9.41 52.72 -53.56
C LEU E 137 8.46 53.69 -54.24
N SER E 138 7.27 53.84 -53.66
CA SER E 138 6.24 54.73 -54.17
C SER E 138 6.60 56.20 -53.88
N GLU E 139 5.92 57.14 -54.56
CA GLU E 139 6.18 58.57 -54.36
C GLU E 139 5.73 59.07 -53.00
N GLN E 140 4.63 58.52 -52.46
CA GLN E 140 4.17 58.90 -51.13
C GLN E 140 5.20 58.46 -50.08
N ASP E 141 5.79 57.27 -50.25
CA ASP E 141 6.82 56.80 -49.33
C ASP E 141 8.04 57.69 -49.36
N VAL E 142 8.44 58.18 -50.55
CA VAL E 142 9.57 59.12 -50.64
C VAL E 142 9.29 60.38 -49.82
N ARG E 143 8.08 60.95 -49.95
CA ARG E 143 7.71 62.14 -49.19
C ARG E 143 7.60 61.88 -47.69
N ASP E 144 7.04 60.72 -47.30
CA ASP E 144 6.88 60.37 -45.89
C ASP E 144 8.22 60.09 -45.24
N LEU E 145 9.14 59.45 -45.95
CA LEU E 145 10.49 59.20 -45.45
C LEU E 145 11.24 60.51 -45.28
N ARG E 146 11.04 61.48 -46.20
CA ARG E 146 11.62 62.81 -46.06
C ARG E 146 11.06 63.50 -44.83
N PHE E 147 9.74 63.38 -44.60
CA PHE E 147 9.08 63.91 -43.40
C PHE E 147 9.74 63.32 -42.14
N GLY E 148 9.97 62.01 -42.16
CA GLY E 148 10.61 61.31 -41.06
C GLY E 148 11.97 61.86 -40.71
N VAL E 149 12.81 62.09 -41.73
CA VAL E 149 14.13 62.67 -41.54
C VAL E 149 14.02 64.09 -40.97
N GLU E 150 13.13 64.91 -41.55
CA GLU E 150 12.94 66.28 -41.08
C GLU E 150 12.40 66.36 -39.66
N HIS E 151 11.61 65.37 -39.25
CA HIS E 151 11.08 65.33 -37.90
C HIS E 151 11.91 64.52 -36.90
N GLY E 152 13.09 64.05 -37.31
CA GLY E 152 14.01 63.34 -36.45
C GLY E 152 13.53 62.00 -35.93
N VAL E 153 12.80 61.23 -36.77
CA VAL E 153 12.34 59.91 -36.33
C VAL E 153 13.54 58.98 -36.12
N ASP E 154 13.42 58.03 -35.20
CA ASP E 154 14.51 57.12 -34.88
C ASP E 154 14.53 55.87 -35.73
N ILE E 155 13.33 55.41 -36.13
CA ILE E 155 13.15 54.15 -36.80
C ILE E 155 12.16 54.26 -37.93
N VAL E 156 12.36 53.49 -38.97
CA VAL E 156 11.42 53.36 -40.05
C VAL E 156 10.99 51.90 -40.08
N PHE E 157 9.68 51.64 -40.04
CA PHE E 157 9.14 50.31 -40.23
C PHE E 157 8.76 50.34 -41.71
N ALA E 158 9.59 49.76 -42.58
CA ALA E 158 9.35 49.80 -44.02
C ALA E 158 8.37 48.73 -44.45
N SER E 159 7.19 49.14 -44.92
CA SER E 159 6.15 48.22 -45.33
C SER E 159 6.46 47.44 -46.59
N PHE E 160 6.00 46.18 -46.62
CA PHE E 160 6.09 45.29 -47.76
C PHE E 160 7.49 45.19 -48.36
N VAL E 161 8.49 44.93 -47.52
CA VAL E 161 9.85 44.74 -48.01
C VAL E 161 9.88 43.34 -48.62
N ARG E 162 10.21 43.24 -49.90
CA ARG E 162 10.22 41.99 -50.65
C ARG E 162 11.60 41.52 -51.09
N LYS E 163 12.61 42.39 -51.02
CA LYS E 163 13.95 42.08 -51.47
C LYS E 163 14.93 43.14 -50.94
N ALA E 164 16.23 42.86 -51.00
CA ALA E 164 17.27 43.77 -50.53
C ALA E 164 17.21 45.16 -51.19
N SER E 165 16.86 45.21 -52.49
CA SER E 165 16.80 46.51 -53.19
C SER E 165 15.68 47.41 -52.65
N ASP E 166 14.65 46.84 -52.01
CA ASP E 166 13.61 47.65 -51.37
C ASP E 166 14.21 48.39 -50.18
N VAL E 167 15.09 47.74 -49.41
CA VAL E 167 15.75 48.34 -48.27
C VAL E 167 16.71 49.43 -48.74
N ALA E 168 17.44 49.17 -49.84
CA ALA E 168 18.37 50.15 -50.41
C ALA E 168 17.61 51.41 -50.83
N ALA E 169 16.41 51.24 -51.43
CA ALA E 169 15.57 52.36 -51.85
C ALA E 169 15.10 53.19 -50.66
N VAL E 170 14.73 52.54 -49.55
CA VAL E 170 14.30 53.25 -48.35
C VAL E 170 15.48 54.05 -47.79
N ARG E 171 16.65 53.42 -47.74
CA ARG E 171 17.88 54.04 -47.25
C ARG E 171 18.23 55.28 -48.09
N ALA E 172 18.14 55.15 -49.43
CA ALA E 172 18.42 56.27 -50.34
C ALA E 172 17.44 57.42 -50.12
N ALA E 173 16.15 57.10 -49.92
CA ALA E 173 15.12 58.09 -49.66
C ALA E 173 15.28 58.82 -48.33
N LEU E 174 15.99 58.23 -47.37
CA LEU E 174 16.28 58.90 -46.10
C LEU E 174 17.40 59.97 -46.28
N GLY E 175 18.15 59.90 -47.38
CA GLY E 175 19.19 60.85 -47.73
C GLY E 175 20.40 60.86 -46.83
N PRO E 176 21.27 61.87 -47.02
CA PRO E 176 22.49 61.95 -46.19
C PRO E 176 22.21 62.27 -44.73
N GLU E 177 21.10 62.96 -44.44
CA GLU E 177 20.77 63.32 -43.05
C GLU E 177 20.11 62.18 -42.24
N GLY E 178 19.64 61.15 -42.91
CA GLY E 178 18.97 60.04 -42.24
C GLY E 178 19.78 58.76 -42.15
N HIS E 179 21.12 58.86 -42.21
CA HIS E 179 22.01 57.71 -42.13
CA HIS E 179 22.00 57.70 -42.14
C HIS E 179 21.88 56.95 -40.80
N GLY E 180 21.55 57.66 -39.72
CA GLY E 180 21.43 57.07 -38.40
C GLY E 180 20.08 56.43 -38.08
N ILE E 181 19.08 56.62 -38.94
CA ILE E 181 17.76 56.04 -38.72
C ILE E 181 17.80 54.52 -38.92
N LYS E 182 17.21 53.75 -38.00
CA LYS E 182 17.17 52.30 -38.11
C LYS E 182 16.08 51.88 -39.09
N ILE E 183 16.40 50.98 -40.01
CA ILE E 183 15.41 50.46 -40.92
C ILE E 183 15.00 49.06 -40.49
N ILE E 184 13.75 48.92 -40.05
CA ILE E 184 13.17 47.63 -39.67
C ILE E 184 12.29 47.22 -40.83
N SER E 185 12.69 46.17 -41.54
CA SER E 185 11.92 45.72 -42.69
C SER E 185 10.70 44.90 -42.29
N LYS E 186 9.52 45.28 -42.78
CA LYS E 186 8.31 44.55 -42.49
C LYS E 186 8.15 43.43 -43.51
N ILE E 187 8.05 42.18 -43.03
CA ILE E 187 7.85 41.03 -43.89
C ILE E 187 6.37 40.76 -43.89
N GLU E 188 5.73 40.96 -45.04
CA GLU E 188 4.29 40.91 -45.15
C GLU E 188 3.74 40.01 -46.22
N ASN E 189 4.59 39.34 -46.99
CA ASN E 189 4.11 38.48 -48.07
C ASN E 189 5.04 37.30 -48.32
N HIS E 190 4.65 36.40 -49.23
CA HIS E 190 5.46 35.22 -49.53
C HIS E 190 6.86 35.56 -50.01
N GLU E 191 7.01 36.55 -50.90
CA GLU E 191 8.33 36.92 -51.39
C GLU E 191 9.26 37.40 -50.28
N GLY E 192 8.74 38.23 -49.37
CA GLY E 192 9.52 38.70 -48.23
C GLY E 192 10.01 37.56 -47.36
N VAL E 193 9.16 36.53 -47.16
CA VAL E 193 9.55 35.36 -46.38
C VAL E 193 10.63 34.57 -47.11
N LYS E 194 10.43 34.34 -48.42
CA LYS E 194 11.40 33.58 -49.22
C LYS E 194 12.75 34.28 -49.39
N ARG E 195 12.73 35.61 -49.48
CA ARG E 195 13.97 36.39 -49.59
C ARG E 195 14.41 36.98 -48.24
N PHE E 196 13.95 36.37 -47.13
CA PHE E 196 14.24 36.83 -45.80
C PHE E 196 15.72 37.07 -45.53
N ASP E 197 16.58 36.10 -45.87
CA ASP E 197 18.01 36.23 -45.58
C ASP E 197 18.64 37.44 -46.23
N GLU E 198 18.33 37.69 -47.50
CA GLU E 198 18.88 38.85 -48.19
C GLU E 198 18.36 40.16 -47.60
N ILE E 199 17.10 40.17 -47.13
CA ILE E 199 16.49 41.35 -46.53
C ILE E 199 17.09 41.62 -45.15
N LEU E 200 17.23 40.58 -44.32
CA LEU E 200 17.79 40.74 -42.98
C LEU E 200 19.23 41.25 -43.05
N GLU E 201 20.00 40.74 -44.02
CA GLU E 201 21.40 41.11 -44.23
CA GLU E 201 21.40 41.11 -44.21
C GLU E 201 21.59 42.64 -44.34
N VAL E 202 20.69 43.31 -45.05
CA VAL E 202 20.79 44.76 -45.25
C VAL E 202 19.90 45.61 -44.34
N SER E 203 19.09 44.99 -43.49
CA SER E 203 18.20 45.72 -42.59
C SER E 203 18.79 45.79 -41.19
N ASP E 204 18.32 46.75 -40.38
CA ASP E 204 18.72 46.79 -38.97
C ASP E 204 17.92 45.78 -38.14
N GLY E 205 16.76 45.37 -38.64
CA GLY E 205 15.88 44.44 -37.97
C GLY E 205 14.68 44.11 -38.81
N ILE E 206 13.77 43.32 -38.24
CA ILE E 206 12.60 42.84 -38.97
C ILE E 206 11.34 43.01 -38.16
N MET E 207 10.21 43.19 -38.86
CA MET E 207 8.92 43.16 -38.23
C MET E 207 8.13 42.05 -38.89
N VAL E 208 7.58 41.14 -38.08
CA VAL E 208 6.71 40.08 -38.59
C VAL E 208 5.33 40.74 -38.63
N ALA E 209 4.96 41.28 -39.80
CA ALA E 209 3.73 42.05 -39.98
C ALA E 209 2.61 41.08 -40.30
N ARG E 210 2.06 40.46 -39.25
CA ARG E 210 1.12 39.36 -39.39
C ARG E 210 -0.21 39.66 -40.04
N GLY E 211 -0.65 40.93 -40.02
CA GLY E 211 -1.91 41.32 -40.66
C GLY E 211 -1.91 40.99 -42.14
N ASP E 212 -1.01 41.64 -42.90
CA ASP E 212 -0.87 41.36 -44.33
C ASP E 212 -0.34 39.98 -44.56
N LEU E 213 0.63 39.52 -43.74
CA LEU E 213 1.18 38.17 -43.92
C LEU E 213 0.10 37.08 -43.87
N GLY E 214 -0.88 37.24 -42.98
CA GLY E 214 -2.00 36.32 -42.81
C GLY E 214 -3.02 36.34 -43.92
N ILE E 215 -2.95 37.32 -44.82
CA ILE E 215 -3.80 37.43 -46.01
C ILE E 215 -3.00 37.01 -47.27
N GLU E 216 -1.68 37.26 -47.27
CA GLU E 216 -0.79 36.94 -48.37
C GLU E 216 -0.42 35.47 -48.43
N ILE E 217 -0.29 34.84 -47.26
CA ILE E 217 -0.02 33.40 -47.18
C ILE E 217 -1.16 32.77 -46.34
N PRO E 218 -1.38 31.44 -46.41
CA PRO E 218 -2.46 30.83 -45.58
C PRO E 218 -2.31 31.21 -44.11
N ALA E 219 -3.42 31.59 -43.47
CA ALA E 219 -3.43 32.05 -42.09
C ALA E 219 -2.79 31.02 -41.14
N GLU E 220 -3.00 29.73 -41.42
CA GLU E 220 -2.45 28.65 -40.61
C GLU E 220 -0.93 28.51 -40.72
N LYS E 221 -0.27 29.24 -41.66
CA LYS E 221 1.18 29.16 -41.82
C LYS E 221 1.93 30.33 -41.20
N VAL E 222 1.22 31.39 -40.78
CA VAL E 222 1.85 32.58 -40.21
C VAL E 222 2.75 32.26 -39.03
N PHE E 223 2.32 31.36 -38.12
CA PHE E 223 3.16 31.03 -36.96
C PHE E 223 4.52 30.43 -37.38
N LEU E 224 4.57 29.71 -38.53
CA LEU E 224 5.84 29.13 -39.02
C LEU E 224 6.75 30.26 -39.48
N ALA E 225 6.20 31.24 -40.23
CA ALA E 225 6.97 32.38 -40.69
C ALA E 225 7.43 33.21 -39.48
N GLN E 226 6.56 33.41 -38.49
CA GLN E 226 6.92 34.16 -37.28
C GLN E 226 8.06 33.48 -36.53
N LYS E 227 7.93 32.17 -36.25
CA LYS E 227 8.96 31.46 -35.49
C LYS E 227 10.27 31.39 -36.25
N MET E 228 10.21 31.17 -37.57
CA MET E 228 11.40 31.15 -38.40
C MET E 228 12.12 32.51 -38.39
N MET E 229 11.37 33.60 -38.60
CA MET E 229 11.98 34.93 -38.66
C MET E 229 12.54 35.36 -37.34
N ILE E 230 11.84 35.02 -36.25
CA ILE E 230 12.36 35.35 -34.92
C ILE E 230 13.65 34.57 -34.65
N GLY E 231 13.65 33.28 -34.97
CA GLY E 231 14.84 32.45 -34.81
C GLY E 231 16.03 32.98 -35.58
N ARG E 232 15.83 33.31 -36.86
CA ARG E 232 16.90 33.87 -37.70
C ARG E 232 17.41 35.21 -37.22
N CYS E 233 16.51 36.08 -36.73
CA CYS E 233 16.93 37.36 -36.18
C CYS E 233 17.71 37.17 -34.91
N ASN E 234 17.29 36.23 -34.05
CA ASN E 234 18.01 35.93 -32.81
C ASN E 234 19.42 35.41 -33.15
N LEU E 235 19.53 34.58 -34.17
CA LEU E 235 20.82 34.05 -34.61
C LEU E 235 21.70 35.19 -35.17
N ALA E 236 21.11 36.12 -35.93
CA ALA E 236 21.86 37.26 -36.47
C ALA E 236 22.14 38.37 -35.43
N GLY E 237 21.52 38.30 -34.26
CA GLY E 237 21.68 39.32 -33.25
C GLY E 237 21.04 40.63 -33.67
N LYS E 238 19.96 40.58 -34.48
CA LYS E 238 19.26 41.78 -34.95
C LYS E 238 17.83 41.80 -34.41
N PRO E 239 17.31 42.99 -34.07
CA PRO E 239 15.97 43.05 -33.48
C PRO E 239 14.84 42.53 -34.33
N VAL E 240 13.88 41.88 -33.70
CA VAL E 240 12.70 41.39 -34.40
C VAL E 240 11.47 41.80 -33.62
N VAL E 241 10.45 42.27 -34.35
CA VAL E 241 9.22 42.75 -33.74
C VAL E 241 8.11 41.81 -34.11
N CYS E 242 7.28 41.40 -33.14
CA CYS E 242 6.07 40.65 -33.46
C CYS E 242 4.93 41.67 -33.47
N ALA E 243 4.12 41.66 -34.53
CA ALA E 243 3.09 42.68 -34.67
C ALA E 243 1.76 42.12 -35.12
N THR E 244 0.68 42.87 -34.79
CA THR E 244 -0.68 42.80 -35.30
C THR E 244 -1.58 41.78 -34.66
N GLN E 245 -2.69 42.29 -34.13
CA GLN E 245 -3.78 41.56 -33.51
C GLN E 245 -3.37 40.81 -32.25
N MET E 246 -2.30 41.24 -31.59
CA MET E 246 -1.82 40.57 -30.37
C MET E 246 -2.84 40.68 -29.27
N LEU E 247 -3.50 41.84 -29.13
CA LEU E 247 -4.54 42.02 -28.11
C LEU E 247 -5.78 42.64 -28.77
N GLU E 248 -6.11 42.19 -30.00
CA GLU E 248 -7.17 42.76 -30.82
C GLU E 248 -8.49 43.02 -30.11
N SER E 249 -9.00 42.06 -29.33
CA SER E 249 -10.29 42.22 -28.66
C SER E 249 -10.29 43.42 -27.70
N MET E 250 -9.10 43.86 -27.24
CA MET E 250 -8.99 45.01 -26.35
C MET E 250 -9.31 46.34 -27.05
N ILE E 251 -9.56 46.34 -28.38
CA ILE E 251 -10.02 47.53 -29.08
C ILE E 251 -11.43 47.91 -28.49
N THR E 252 -12.25 46.89 -28.11
CA THR E 252 -13.56 47.15 -27.54
C THR E 252 -13.75 46.61 -26.13
N LYS E 253 -12.93 45.65 -25.69
CA LYS E 253 -13.10 45.04 -24.36
C LYS E 253 -11.98 45.39 -23.42
N PRO E 254 -12.29 45.54 -22.11
CA PRO E 254 -11.23 45.92 -21.15
C PRO E 254 -10.20 44.82 -20.85
N ARG E 255 -10.56 43.56 -21.15
CA ARG E 255 -9.68 42.42 -20.90
C ARG E 255 -9.53 41.63 -22.18
N PRO E 256 -8.32 41.06 -22.42
CA PRO E 256 -8.11 40.30 -23.66
C PRO E 256 -8.61 38.86 -23.56
N THR E 257 -8.66 38.17 -24.73
CA THR E 257 -9.05 36.77 -24.73
C THR E 257 -7.87 35.90 -24.25
N ARG E 258 -8.14 34.61 -23.95
CA ARG E 258 -7.10 33.67 -23.56
C ARG E 258 -6.10 33.47 -24.69
N ALA E 259 -6.53 33.53 -25.95
CA ALA E 259 -5.61 33.37 -27.07
C ALA E 259 -4.67 34.56 -27.21
N GLU E 260 -5.17 35.77 -26.92
CA GLU E 260 -4.36 36.99 -27.01
C GLU E 260 -3.27 37.03 -25.97
N THR E 261 -3.56 36.66 -24.71
CA THR E 261 -2.51 36.64 -23.68
C THR E 261 -1.48 35.56 -24.04
N SER E 262 -1.95 34.42 -24.53
CA SER E 262 -1.08 33.34 -24.96
C SER E 262 -0.18 33.82 -26.11
N ASP E 263 -0.75 34.52 -27.11
CA ASP E 263 -0.01 35.06 -28.24
C ASP E 263 1.13 35.98 -27.82
N VAL E 264 0.84 36.90 -26.88
CA VAL E 264 1.86 37.82 -26.39
C VAL E 264 2.97 37.02 -25.66
N ALA E 265 2.58 36.10 -24.77
CA ALA E 265 3.56 35.30 -24.05
C ALA E 265 4.42 34.46 -25.00
N ASN E 266 3.80 33.84 -26.01
CA ASN E 266 4.52 33.03 -26.96
C ASN E 266 5.41 33.85 -27.87
N ALA E 267 5.05 35.11 -28.20
CA ALA E 267 5.95 35.95 -29.02
C ALA E 267 7.25 36.19 -28.23
N VAL E 268 7.14 36.45 -26.93
CA VAL E 268 8.29 36.65 -26.05
C VAL E 268 9.10 35.35 -25.95
N LEU E 269 8.42 34.21 -25.70
CA LEU E 269 9.10 32.92 -25.61
C LEU E 269 9.76 32.52 -26.94
N ASP E 270 9.17 32.94 -28.08
CA ASP E 270 9.75 32.70 -29.42
C ASP E 270 11.08 33.40 -29.56
N GLY E 271 11.24 34.55 -28.91
CA GLY E 271 12.46 35.35 -28.95
C GLY E 271 12.29 36.76 -29.49
N ALA E 272 11.02 37.25 -29.58
CA ALA E 272 10.81 38.61 -30.09
C ALA E 272 11.47 39.65 -29.21
N ASP E 273 12.17 40.61 -29.83
CA ASP E 273 12.75 41.71 -29.08
C ASP E 273 11.64 42.71 -28.69
N CYS E 274 10.68 42.93 -29.57
CA CYS E 274 9.59 43.88 -29.33
C CYS E 274 8.26 43.24 -29.64
N ILE E 275 7.23 43.74 -28.98
CA ILE E 275 5.84 43.38 -29.25
C ILE E 275 5.11 44.68 -29.57
N MET E 276 4.08 44.60 -30.41
CA MET E 276 3.42 45.80 -30.89
C MET E 276 1.93 45.81 -30.67
N LEU E 277 1.38 47.02 -30.60
CA LEU E 277 -0.04 47.30 -30.50
C LEU E 277 -0.36 48.24 -31.67
N SER E 278 -1.39 47.90 -32.42
CA SER E 278 -1.81 48.72 -33.55
C SER E 278 -3.16 49.37 -33.22
N GLY E 279 -4.28 48.81 -33.68
CA GLY E 279 -5.61 49.34 -33.40
C GLY E 279 -5.91 49.45 -31.93
N GLU E 280 -5.30 48.54 -31.11
CA GLU E 280 -5.48 48.53 -29.66
C GLU E 280 -5.14 49.88 -29.03
N THR E 281 -4.19 50.62 -29.60
CA THR E 281 -3.80 51.92 -29.07
C THR E 281 -4.15 53.05 -30.02
N ALA E 282 -4.11 52.80 -31.33
CA ALA E 282 -4.39 53.83 -32.31
C ALA E 282 -5.85 54.28 -32.27
N LYS E 283 -6.81 53.35 -32.13
CA LYS E 283 -8.21 53.69 -32.18
C LYS E 283 -9.11 53.03 -31.14
N GLY E 284 -8.56 52.17 -30.32
CA GLY E 284 -9.34 51.44 -29.34
C GLY E 284 -9.79 52.21 -28.11
N ASN E 285 -10.70 51.60 -27.37
CA ASN E 285 -11.24 52.20 -26.16
C ASN E 285 -10.37 52.01 -24.94
N PHE E 286 -9.35 51.12 -25.00
CA PHE E 286 -8.51 50.85 -23.85
C PHE E 286 -7.00 50.88 -24.21
N PRO E 287 -6.48 52.00 -24.78
CA PRO E 287 -5.06 52.02 -25.17
C PRO E 287 -4.09 51.83 -24.01
N VAL E 288 -4.34 52.48 -22.86
CA VAL E 288 -3.43 52.35 -21.73
C VAL E 288 -3.47 50.94 -21.15
N GLU E 289 -4.68 50.36 -21.06
CA GLU E 289 -4.85 49.01 -20.55
C GLU E 289 -4.17 47.99 -21.46
N ALA E 290 -4.18 48.21 -22.78
CA ALA E 290 -3.53 47.31 -23.72
C ALA E 290 -2.01 47.33 -23.49
N VAL E 291 -1.43 48.53 -23.24
CA VAL E 291 -0.01 48.65 -22.93
C VAL E 291 0.29 47.94 -21.60
N LYS E 292 -0.57 48.16 -20.58
CA LYS E 292 -0.37 47.53 -19.28
C LYS E 292 -0.42 46.01 -19.37
N MET E 293 -1.31 45.49 -20.22
CA MET E 293 -1.47 44.07 -20.41
C MET E 293 -0.24 43.47 -21.07
N GLN E 294 0.29 44.11 -22.14
CA GLN E 294 1.52 43.62 -22.76
C GLN E 294 2.68 43.64 -21.80
N HIS E 295 2.75 44.70 -20.96
CA HIS E 295 3.80 44.77 -19.96
C HIS E 295 3.71 43.61 -18.97
N ALA E 296 2.51 43.36 -18.42
CA ALA E 296 2.29 42.31 -17.43
C ALA E 296 2.60 40.91 -18.01
N ILE E 297 2.17 40.65 -19.24
CA ILE E 297 2.44 39.35 -19.87
C ILE E 297 3.91 39.18 -20.19
N ALA E 298 4.54 40.19 -20.81
CA ALA E 298 5.95 40.10 -21.19
C ALA E 298 6.84 39.82 -20.00
N ARG E 299 6.57 40.44 -18.87
CA ARG E 299 7.36 40.21 -17.66
C ARG E 299 7.26 38.75 -17.19
N GLU E 300 6.03 38.18 -17.24
CA GLU E 300 5.83 36.80 -16.84
C GLU E 300 6.55 35.85 -17.82
N ALA E 301 6.42 36.13 -19.13
CA ALA E 301 7.02 35.28 -20.17
C ALA E 301 8.53 35.33 -20.18
N GLU E 302 9.12 36.49 -19.89
CA GLU E 302 10.58 36.62 -19.84
C GLU E 302 11.19 35.76 -18.75
N ALA E 303 10.53 35.69 -17.58
CA ALA E 303 11.01 34.82 -16.50
C ALA E 303 10.88 33.33 -16.85
N ALA E 304 9.90 32.97 -17.70
CA ALA E 304 9.64 31.60 -18.16
C ALA E 304 10.55 31.15 -19.32
N VAL E 305 11.45 32.02 -19.81
CA VAL E 305 12.37 31.64 -20.87
C VAL E 305 13.35 30.60 -20.28
N TYR E 306 13.62 29.53 -21.00
CA TYR E 306 14.55 28.50 -20.54
C TYR E 306 15.96 28.92 -20.92
N HIS E 307 16.54 29.85 -20.16
CA HIS E 307 17.86 30.41 -20.46
C HIS E 307 18.97 29.40 -20.59
N ARG E 308 18.92 28.31 -19.84
CA ARG E 308 19.96 27.28 -19.90
C ARG E 308 20.13 26.75 -21.33
N GLN E 309 19.02 26.44 -22.01
CA GLN E 309 19.11 25.98 -23.38
C GLN E 309 19.33 27.14 -24.34
N LEU E 310 18.61 28.25 -24.14
CA LEU E 310 18.73 29.40 -25.03
C LEU E 310 20.17 29.94 -25.09
N PHE E 311 20.80 30.15 -23.94
CA PHE E 311 22.18 30.65 -23.90
C PHE E 311 23.12 29.66 -24.56
N GLU E 312 22.99 28.36 -24.25
CA GLU E 312 23.85 27.35 -24.86
CA GLU E 312 23.85 27.37 -24.88
C GLU E 312 23.72 27.36 -26.38
N GLU E 313 22.48 27.44 -26.88
CA GLU E 313 22.26 27.45 -28.32
C GLU E 313 22.73 28.74 -29.01
N LEU E 314 22.53 29.89 -28.36
CA LEU E 314 22.97 31.17 -28.93
C LEU E 314 24.49 31.25 -28.92
N ARG E 315 25.09 30.86 -27.82
CA ARG E 315 26.53 30.86 -27.65
C ARG E 315 27.20 29.91 -28.68
N ARG E 316 26.60 28.73 -28.94
CA ARG E 316 27.15 27.77 -29.89
C ARG E 316 27.00 28.24 -31.34
N ALA E 317 25.87 28.85 -31.67
CA ALA E 317 25.62 29.32 -33.03
C ALA E 317 26.32 30.64 -33.35
N ALA E 318 26.61 31.47 -32.34
CA ALA E 318 27.28 32.76 -32.56
C ALA E 318 28.70 32.46 -32.96
N PRO E 319 29.15 33.01 -34.10
CA PRO E 319 30.45 32.63 -34.62
C PRO E 319 31.60 33.04 -33.76
N LEU E 320 32.77 32.40 -33.95
CA LEU E 320 33.99 32.80 -33.29
C LEU E 320 34.35 34.19 -33.81
N SER E 321 34.93 35.01 -32.94
CA SER E 321 35.19 36.38 -33.29
C SER E 321 36.43 36.88 -32.66
N ARG E 322 37.13 37.75 -33.35
CA ARG E 322 38.29 38.44 -32.83
CA ARG E 322 38.28 38.43 -32.78
C ARG E 322 37.96 39.94 -32.52
N ASP E 323 36.67 40.31 -32.57
CA ASP E 323 36.21 41.66 -32.27
C ASP E 323 36.14 41.72 -30.74
N PRO E 324 36.90 42.61 -30.12
CA PRO E 324 36.89 42.68 -28.66
C PRO E 324 35.54 42.97 -28.04
N THR E 325 34.66 43.73 -28.72
CA THR E 325 33.33 44.01 -28.17
C THR E 325 32.52 42.72 -28.09
N GLU E 326 32.56 41.91 -29.16
CA GLU E 326 31.86 40.62 -29.22
C GLU E 326 32.42 39.66 -28.14
N VAL E 327 33.76 39.64 -28.00
CA VAL E 327 34.42 38.78 -27.03
C VAL E 327 34.05 39.18 -25.60
N THR E 328 34.08 40.49 -25.33
CA THR E 328 33.72 41.00 -24.02
C THR E 328 32.24 40.72 -23.73
N ALA E 329 31.36 40.89 -24.71
CA ALA E 329 29.93 40.67 -24.52
C ALA E 329 29.60 39.25 -24.06
N ILE E 330 30.19 38.22 -24.72
CA ILE E 330 29.90 36.85 -24.31
C ILE E 330 30.50 36.54 -22.93
N GLY E 331 31.68 37.09 -22.66
CA GLY E 331 32.30 36.93 -21.35
C GLY E 331 31.47 37.57 -20.25
N ALA E 332 30.92 38.78 -20.52
CA ALA E 332 30.06 39.50 -19.56
C ALA E 332 28.75 38.75 -19.32
N VAL E 333 28.13 38.20 -20.36
CA VAL E 333 26.88 37.46 -20.21
C VAL E 333 27.12 36.17 -19.42
N GLU E 334 28.24 35.48 -19.68
CA GLU E 334 28.62 34.27 -18.96
C GLU E 334 28.83 34.62 -17.49
N ALA E 335 29.57 35.71 -17.23
CA ALA E 335 29.81 36.18 -15.87
C ALA E 335 28.51 36.52 -15.15
N ALA E 336 27.59 37.18 -15.85
CA ALA E 336 26.31 37.58 -15.27
C ALA E 336 25.51 36.34 -14.85
N PHE E 337 25.48 35.30 -15.69
CA PHE E 337 24.77 34.07 -15.36
C PHE E 337 25.39 33.36 -14.18
N LYS E 338 26.72 33.38 -14.08
CA LYS E 338 27.44 32.71 -13.02
C LYS E 338 27.11 33.24 -11.63
N CYS E 339 26.89 34.56 -11.52
CA CYS E 339 26.60 35.16 -10.22
C CYS E 339 25.17 35.65 -10.06
N CYS E 340 24.27 35.37 -11.02
CA CYS E 340 22.89 35.87 -10.99
C CYS E 340 22.92 37.40 -10.91
N ALA E 341 23.80 38.04 -11.70
CA ALA E 341 23.96 39.50 -11.65
C ALA E 341 22.64 40.22 -11.83
N ALA E 342 22.38 41.26 -11.03
CA ALA E 342 21.15 42.03 -11.15
C ALA E 342 21.16 42.79 -12.49
N ALA E 343 22.36 43.22 -12.96
CA ALA E 343 22.44 43.98 -14.20
C ALA E 343 23.84 43.91 -14.83
N ILE E 344 23.91 44.22 -16.10
CA ILE E 344 25.13 44.43 -16.83
C ILE E 344 25.05 45.91 -17.20
N ILE E 345 25.95 46.73 -16.67
CA ILE E 345 25.96 48.15 -16.99
C ILE E 345 26.96 48.34 -18.10
N VAL E 346 26.54 48.87 -19.23
CA VAL E 346 27.42 49.05 -20.37
C VAL E 346 27.42 50.50 -20.85
N LEU E 347 28.59 51.02 -21.18
CA LEU E 347 28.70 52.35 -21.76
C LEU E 347 28.67 52.16 -23.25
N THR E 348 27.83 52.93 -23.96
CA THR E 348 27.73 52.78 -25.41
C THR E 348 27.45 54.10 -26.09
N THR E 349 28.04 54.30 -27.26
CA THR E 349 27.86 55.52 -28.03
C THR E 349 26.76 55.32 -29.06
N THR E 350 26.81 54.19 -29.78
CA THR E 350 25.86 53.87 -30.83
C THR E 350 24.77 52.88 -30.42
N GLY E 351 24.94 52.21 -29.29
CA GLY E 351 24.08 51.14 -28.85
C GLY E 351 24.68 49.76 -29.13
N ARG E 352 25.70 49.67 -30.01
CA ARG E 352 26.30 48.40 -30.44
C ARG E 352 26.78 47.50 -29.30
N SER E 353 27.48 48.04 -28.28
CA SER E 353 27.96 47.20 -27.18
C SER E 353 26.78 46.60 -26.41
N ALA E 354 25.68 47.36 -26.26
CA ALA E 354 24.49 46.85 -25.58
C ALA E 354 23.80 45.79 -26.46
N GLN E 355 23.75 46.01 -27.77
CA GLN E 355 23.14 45.07 -28.71
C GLN E 355 23.88 43.72 -28.68
N LEU E 356 25.23 43.76 -28.59
CA LEU E 356 26.01 42.53 -28.53
C LEU E 356 25.80 41.77 -27.23
N LEU E 357 25.47 42.47 -26.14
CA LEU E 357 25.17 41.82 -24.88
C LEU E 357 23.76 41.19 -25.01
N SER E 358 22.78 41.98 -25.52
CA SER E 358 21.39 41.57 -25.72
CA SER E 358 21.41 41.54 -25.69
C SER E 358 21.24 40.30 -26.56
N ARG E 359 22.10 40.15 -27.59
CA ARG E 359 22.02 39.00 -28.48
C ARG E 359 22.21 37.66 -27.73
N TYR E 360 22.89 37.67 -26.58
CA TYR E 360 23.09 36.45 -25.78
C TYR E 360 21.97 36.20 -24.77
N ARG E 361 20.95 37.06 -24.77
CA ARG E 361 19.78 36.97 -23.91
C ARG E 361 20.11 36.74 -22.45
N PRO E 362 20.91 37.64 -21.84
CA PRO E 362 21.15 37.51 -20.40
C PRO E 362 19.86 37.70 -19.62
N ARG E 363 19.76 37.05 -18.47
CA ARG E 363 18.65 37.28 -17.56
C ARG E 363 18.86 38.68 -16.90
N ALA E 364 20.14 39.06 -16.66
CA ALA E 364 20.49 40.35 -16.10
C ALA E 364 20.08 41.45 -17.07
N ALA E 365 19.50 42.53 -16.55
CA ALA E 365 19.11 43.69 -17.33
C ALA E 365 20.37 44.33 -17.91
N VAL E 366 20.35 44.75 -19.17
CA VAL E 366 21.49 45.44 -19.76
C VAL E 366 21.19 46.95 -19.63
N ILE E 367 21.81 47.61 -18.66
CA ILE E 367 21.61 49.04 -18.44
C ILE E 367 22.61 49.80 -19.31
N ALA E 368 22.13 50.42 -20.39
CA ALA E 368 23.01 51.07 -21.35
C ALA E 368 23.10 52.57 -21.09
N VAL E 369 24.27 53.04 -20.70
CA VAL E 369 24.47 54.46 -20.44
C VAL E 369 25.07 55.10 -21.67
N THR E 370 24.35 56.09 -22.22
CA THR E 370 24.81 56.77 -23.42
C THR E 370 24.53 58.28 -23.37
N ARG E 371 25.36 59.06 -24.05
CA ARG E 371 25.11 60.50 -24.23
C ARG E 371 24.25 60.75 -25.47
N SER E 372 24.17 59.77 -26.41
CA SER E 372 23.40 59.92 -27.62
C SER E 372 21.92 59.69 -27.33
N ALA E 373 21.13 60.77 -27.46
CA ALA E 373 19.68 60.70 -27.29
C ALA E 373 19.06 59.76 -28.30
N GLN E 374 19.54 59.80 -29.55
CA GLN E 374 19.02 58.91 -30.57
C GLN E 374 19.36 57.45 -30.27
N ALA E 375 20.60 57.14 -29.84
CA ALA E 375 20.99 55.75 -29.50
C ALA E 375 20.15 55.27 -28.32
N ALA E 376 19.87 56.14 -27.34
CA ALA E 376 19.05 55.79 -26.18
C ALA E 376 17.64 55.40 -26.61
N ARG E 377 17.07 56.08 -27.60
CA ARG E 377 15.75 55.75 -28.10
C ARG E 377 15.80 54.46 -28.92
N GLN E 378 16.80 54.33 -29.80
CA GLN E 378 16.91 53.18 -30.68
C GLN E 378 17.22 51.85 -30.00
N VAL E 379 17.95 51.85 -28.86
CA VAL E 379 18.28 50.59 -28.21
C VAL E 379 17.07 49.87 -27.62
N HIS E 380 15.90 50.54 -27.57
CA HIS E 380 14.66 49.88 -27.18
C HIS E 380 14.33 48.73 -28.14
N LEU E 381 14.89 48.73 -29.36
CA LEU E 381 14.68 47.66 -30.30
C LEU E 381 15.33 46.33 -29.82
N CYS E 382 16.32 46.40 -28.92
CA CYS E 382 17.05 45.22 -28.44
C CYS E 382 16.51 44.75 -27.12
N ARG E 383 16.08 43.48 -27.04
CA ARG E 383 15.54 42.96 -25.79
C ARG E 383 16.47 43.08 -24.63
N GLY E 384 15.94 43.52 -23.51
CA GLY E 384 16.68 43.59 -22.28
C GLY E 384 17.62 44.75 -22.16
N VAL E 385 17.54 45.73 -23.08
CA VAL E 385 18.40 46.92 -22.97
C VAL E 385 17.56 48.06 -22.41
N PHE E 386 18.00 48.62 -21.28
CA PHE E 386 17.36 49.71 -20.57
C PHE E 386 18.23 50.93 -20.75
N PRO E 387 17.84 51.83 -21.68
CA PRO E 387 18.69 52.98 -21.96
C PRO E 387 18.59 54.08 -20.93
N LEU E 388 19.73 54.65 -20.58
CA LEU E 388 19.82 55.77 -19.66
C LEU E 388 20.53 56.87 -20.40
N LEU E 389 19.86 58.01 -20.59
CA LEU E 389 20.46 59.13 -21.28
C LEU E 389 21.25 59.95 -20.28
N TYR E 390 22.56 60.02 -20.48
CA TYR E 390 23.48 60.77 -19.62
C TYR E 390 23.63 62.18 -20.22
N ARG E 391 23.34 63.22 -19.43
CA ARG E 391 23.38 64.60 -19.95
C ARG E 391 24.54 65.44 -19.45
N GLU E 392 25.26 65.00 -18.41
CA GLU E 392 26.37 65.75 -17.84
CA GLU E 392 26.37 65.75 -17.84
C GLU E 392 27.51 65.97 -18.82
N PRO E 393 28.15 67.15 -18.77
CA PRO E 393 29.29 67.40 -19.66
C PRO E 393 30.50 66.53 -19.26
N PRO E 394 31.39 66.25 -20.23
CA PRO E 394 32.55 65.40 -19.92
C PRO E 394 33.47 65.91 -18.84
N GLU E 395 33.90 65.01 -17.93
CA GLU E 395 34.89 65.27 -16.89
C GLU E 395 36.24 65.52 -17.56
N ALA E 396 37.15 66.21 -16.87
CA ALA E 396 38.48 66.52 -17.41
C ALA E 396 39.27 65.23 -17.68
N ILE E 397 39.24 64.29 -16.74
CA ILE E 397 39.92 63.02 -16.90
C ILE E 397 38.89 62.01 -17.46
N TRP E 398 39.18 61.43 -18.64
CA TRP E 398 38.28 60.48 -19.28
C TRP E 398 37.92 59.28 -18.39
N ALA E 399 38.88 58.71 -17.64
CA ALA E 399 38.59 57.60 -16.72
C ALA E 399 37.57 57.99 -15.67
N ASP E 400 37.59 59.26 -15.21
CA ASP E 400 36.61 59.75 -14.24
C ASP E 400 35.26 59.91 -14.92
N ASP E 401 35.22 60.34 -16.18
CA ASP E 401 33.99 60.49 -16.93
C ASP E 401 33.33 59.11 -17.11
N VAL E 402 34.15 58.07 -17.37
CA VAL E 402 33.67 56.69 -17.51
C VAL E 402 33.08 56.24 -16.17
N ASP E 403 33.83 56.43 -15.08
CA ASP E 403 33.38 56.07 -13.74
CA ASP E 403 33.38 56.07 -13.74
C ASP E 403 32.09 56.78 -13.36
N ARG E 404 31.93 58.06 -13.73
CA ARG E 404 30.72 58.80 -13.42
C ARG E 404 29.52 58.26 -14.19
N ARG E 405 29.73 57.84 -15.44
CA ARG E 405 28.65 57.24 -16.22
C ARG E 405 28.23 55.87 -15.65
N VAL E 406 29.19 55.10 -15.10
CA VAL E 406 28.88 53.81 -14.45
C VAL E 406 28.08 54.08 -13.17
N GLN E 407 28.49 55.12 -12.40
CA GLN E 407 27.78 55.51 -11.18
C GLN E 407 26.37 56.00 -11.48
N PHE E 408 26.19 56.69 -12.61
CA PHE E 408 24.87 57.13 -13.04
C PHE E 408 23.97 55.91 -13.34
N GLY E 409 24.56 54.87 -13.95
CA GLY E 409 23.87 53.62 -14.22
C GLY E 409 23.45 52.95 -12.93
N ILE E 410 24.34 52.91 -11.95
CA ILE E 410 24.06 52.32 -10.64
C ILE E 410 22.96 53.10 -9.90
N GLU E 411 23.09 54.44 -9.82
CA GLU E 411 22.10 55.24 -9.10
CA GLU E 411 22.11 55.26 -9.12
C GLU E 411 20.74 55.18 -9.79
N SER E 412 20.71 55.17 -11.14
CA SER E 412 19.43 55.06 -11.84
C SER E 412 18.81 53.68 -11.57
N GLY E 413 19.63 52.64 -11.58
CA GLY E 413 19.18 51.28 -11.31
C GLY E 413 18.60 51.14 -9.93
N LYS E 414 19.27 51.72 -8.90
CA LYS E 414 18.78 51.68 -7.52
C LYS E 414 17.44 52.40 -7.41
N LEU E 415 17.31 53.58 -8.02
CA LEU E 415 16.08 54.35 -7.97
C LEU E 415 14.94 53.61 -8.65
N ARG E 416 15.22 52.96 -9.79
CA ARG E 416 14.21 52.23 -10.54
C ARG E 416 13.90 50.82 -10.03
N GLY E 417 14.65 50.32 -9.05
CA GLY E 417 14.40 48.99 -8.51
C GLY E 417 15.18 47.86 -9.14
N PHE E 418 16.04 48.15 -10.12
CA PHE E 418 16.89 47.12 -10.75
C PHE E 418 17.95 46.62 -9.78
N LEU E 419 18.49 47.53 -8.94
CA LEU E 419 19.62 47.23 -8.09
C LEU E 419 19.37 47.60 -6.65
N ARG E 420 20.02 46.88 -5.77
CA ARG E 420 20.01 47.16 -4.35
C ARG E 420 21.45 46.94 -3.85
N VAL E 421 21.76 47.45 -2.66
CA VAL E 421 23.08 47.28 -2.05
C VAL E 421 23.32 45.78 -1.81
N GLY E 422 24.51 45.31 -2.17
CA GLY E 422 24.83 43.89 -2.04
C GLY E 422 24.72 43.13 -3.34
N ASP E 423 23.99 43.67 -4.32
CA ASP E 423 23.88 43.03 -5.64
C ASP E 423 25.21 43.01 -6.36
N LEU E 424 25.38 42.04 -7.25
CA LEU E 424 26.55 42.01 -8.11
C LEU E 424 26.12 42.51 -9.47
N VAL E 425 26.96 43.32 -10.08
CA VAL E 425 26.73 43.81 -11.42
C VAL E 425 27.97 43.56 -12.25
N ILE E 426 27.78 43.41 -13.55
CA ILE E 426 28.88 43.27 -14.48
C ILE E 426 28.97 44.62 -15.18
N VAL E 427 30.15 45.23 -15.25
CA VAL E 427 30.29 46.54 -15.88
C VAL E 427 31.14 46.40 -17.12
N VAL E 428 30.63 46.85 -18.25
CA VAL E 428 31.28 46.73 -19.53
C VAL E 428 31.67 48.10 -20.07
N THR E 429 32.98 48.32 -20.22
CA THR E 429 33.51 49.59 -20.70
C THR E 429 34.61 49.32 -21.77
N GLY E 430 35.21 50.39 -22.31
CA GLY E 430 36.25 50.30 -23.31
C GLY E 430 37.54 50.97 -22.86
N TRP E 431 38.62 50.78 -23.62
CA TRP E 431 39.92 51.27 -23.22
C TRP E 431 40.23 52.71 -23.68
N ARG E 432 39.43 53.26 -24.59
CA ARG E 432 39.60 54.63 -25.08
C ARG E 432 38.25 55.22 -25.54
N PRO E 433 38.15 56.58 -25.63
CA PRO E 433 36.88 57.17 -26.08
C PRO E 433 36.53 56.80 -27.51
N GLY E 434 35.29 57.03 -27.90
CA GLY E 434 34.82 56.70 -29.23
C GLY E 434 34.19 55.33 -29.26
N SER E 435 33.35 55.09 -30.26
CA SER E 435 32.67 53.83 -30.47
CA SER E 435 32.67 53.80 -30.45
C SER E 435 33.65 52.75 -30.99
N GLY E 436 33.40 51.49 -30.63
CA GLY E 436 34.20 50.38 -31.13
C GLY E 436 35.35 49.88 -30.31
N TYR E 437 35.53 50.40 -29.10
CA TYR E 437 36.67 50.02 -28.27
C TYR E 437 36.29 49.33 -26.96
N THR E 438 35.04 48.82 -26.84
CA THR E 438 34.66 48.05 -25.64
C THR E 438 35.56 46.80 -25.54
N ASN E 439 36.17 46.59 -24.39
CA ASN E 439 37.06 45.46 -24.20
C ASN E 439 37.23 45.06 -22.74
N ILE E 440 36.43 45.63 -21.82
CA ILE E 440 36.63 45.39 -20.41
C ILE E 440 35.35 44.98 -19.73
N MET E 441 35.46 43.97 -18.89
CA MET E 441 34.33 43.52 -18.08
CA MET E 441 34.35 43.44 -18.10
C MET E 441 34.81 43.43 -16.63
N ARG E 442 34.04 44.02 -15.72
CA ARG E 442 34.38 44.05 -14.31
C ARG E 442 33.23 43.53 -13.49
N VAL E 443 33.53 42.79 -12.41
CA VAL E 443 32.48 42.32 -11.52
C VAL E 443 32.48 43.23 -10.28
N LEU E 444 31.38 43.94 -10.09
CA LEU E 444 31.26 44.97 -9.07
C LEU E 444 30.17 44.70 -8.09
N SER E 445 30.45 44.90 -6.81
CA SER E 445 29.45 44.74 -5.77
CA SER E 445 29.46 44.73 -5.76
C SER E 445 28.83 46.11 -5.51
N ILE E 446 27.51 46.20 -5.53
CA ILE E 446 26.81 47.45 -5.32
C ILE E 446 26.89 47.90 -3.87
N SER E 447 27.42 49.11 -3.64
CA SER E 447 27.53 49.65 -2.29
C SER E 447 26.55 50.80 -2.05
N ALA F 13 29.62 27.95 -40.62
CA ALA F 13 29.21 29.34 -40.50
C ALA F 13 29.71 29.98 -39.20
N ASP F 14 29.75 29.20 -38.10
CA ASP F 14 30.24 29.69 -36.81
C ASP F 14 31.78 29.90 -36.80
N VAL F 15 32.50 29.40 -37.81
CA VAL F 15 33.95 29.57 -37.89
C VAL F 15 34.41 30.19 -39.21
N ALA F 16 33.48 30.53 -40.13
CA ALA F 16 33.83 31.04 -41.46
C ALA F 16 34.62 32.36 -41.47
N GLN F 17 34.25 33.33 -40.63
CA GLN F 17 34.95 34.61 -40.59
C GLN F 17 36.36 34.43 -40.01
N LEU F 18 36.47 33.71 -38.88
CA LEU F 18 37.78 33.43 -38.29
C LEU F 18 38.65 32.55 -39.18
N THR F 19 38.04 31.69 -40.00
CA THR F 19 38.80 30.87 -40.93
C THR F 19 39.39 31.76 -41.98
N GLN F 20 38.63 32.74 -42.49
CA GLN F 20 39.17 33.68 -43.47
C GLN F 20 40.33 34.50 -42.88
N GLU F 21 40.15 34.99 -41.62
CA GLU F 21 41.14 35.81 -40.94
C GLU F 21 42.39 35.07 -40.52
N LEU F 22 42.24 33.92 -39.85
CA LEU F 22 43.35 33.11 -39.33
C LEU F 22 43.90 32.11 -40.33
N GLY F 23 43.12 31.79 -41.35
CA GLY F 23 43.52 30.85 -42.37
C GLY F 23 43.09 29.42 -42.11
N THR F 24 43.03 28.63 -43.18
CA THR F 24 42.67 27.22 -43.07
C THR F 24 43.75 26.45 -42.36
N ALA F 25 45.04 26.83 -42.48
CA ALA F 25 46.11 26.08 -41.81
C ALA F 25 45.95 26.12 -40.30
N PHE F 26 45.56 27.29 -39.75
CA PHE F 26 45.31 27.44 -38.32
C PHE F 26 44.22 26.44 -37.85
N PHE F 27 43.13 26.35 -38.60
CA PHE F 27 42.01 25.49 -38.22
C PHE F 27 42.23 24.01 -38.50
N GLN F 28 43.34 23.62 -39.12
CA GLN F 28 43.65 22.21 -39.30
C GLN F 28 44.59 21.69 -38.18
N GLN F 29 45.31 22.60 -37.48
CA GLN F 29 46.19 22.27 -36.37
C GLN F 29 45.43 22.04 -35.06
N GLN F 30 46.15 21.57 -34.04
CA GLN F 30 45.73 21.34 -32.66
C GLN F 30 44.36 20.68 -32.54
N GLN F 31 44.09 19.72 -33.43
CA GLN F 31 42.82 18.99 -33.46
C GLN F 31 41.61 19.90 -33.49
N LEU F 32 41.75 21.09 -34.11
CA LEU F 32 40.62 22.00 -34.19
C LEU F 32 39.43 21.44 -34.98
N PRO F 33 39.59 20.63 -36.07
CA PRO F 33 38.40 20.04 -36.70
C PRO F 33 37.66 19.14 -35.71
N ALA F 34 38.38 18.35 -34.90
CA ALA F 34 37.74 17.50 -33.89
C ALA F 34 37.11 18.35 -32.78
N ALA F 35 37.73 19.50 -32.46
CA ALA F 35 37.21 20.42 -31.45
C ALA F 35 35.86 20.99 -31.86
N MET F 36 35.63 21.22 -33.15
CA MET F 36 34.38 21.79 -33.62
C MET F 36 33.24 20.78 -33.79
N ALA F 37 33.49 19.49 -33.54
CA ALA F 37 32.46 18.48 -33.73
C ALA F 37 31.28 18.66 -32.80
N ASP F 38 30.09 18.28 -33.25
CA ASP F 38 28.87 18.41 -32.49
C ASP F 38 28.62 17.27 -31.51
N THR F 39 29.30 16.13 -31.66
CA THR F 39 29.16 15.01 -30.72
C THR F 39 30.55 14.47 -30.39
N PHE F 40 30.66 13.77 -29.25
CA PHE F 40 31.93 13.16 -28.85
C PHE F 40 32.34 12.10 -29.88
N LEU F 41 31.39 11.35 -30.42
CA LEU F 41 31.67 10.34 -31.43
C LEU F 41 32.28 11.01 -32.68
N GLU F 42 31.67 12.11 -33.17
CA GLU F 42 32.19 12.83 -34.34
CA GLU F 42 32.20 12.79 -34.34
C GLU F 42 33.57 13.40 -34.03
N HIS F 43 33.79 13.86 -32.79
CA HIS F 43 35.04 14.41 -32.32
C HIS F 43 36.12 13.33 -32.45
N LEU F 44 35.85 12.10 -32.01
CA LEU F 44 36.82 10.99 -32.15
C LEU F 44 37.11 10.72 -33.63
N CYS F 45 36.06 10.66 -34.46
CA CYS F 45 36.22 10.40 -35.90
C CYS F 45 37.07 11.45 -36.59
N LEU F 46 37.13 12.67 -36.04
CA LEU F 46 37.88 13.76 -36.65
C LEU F 46 39.29 13.93 -36.13
N LEU F 47 39.72 13.13 -35.12
CA LEU F 47 41.09 13.20 -34.61
C LEU F 47 42.05 12.84 -35.75
N ASP F 48 43.09 13.63 -35.91
CA ASP F 48 43.96 13.53 -37.06
C ASP F 48 45.41 13.47 -36.63
N ILE F 49 46.12 12.41 -37.02
CA ILE F 49 47.55 12.29 -36.69
C ILE F 49 48.39 13.36 -37.38
N ASP F 50 47.89 13.99 -38.47
CA ASP F 50 48.60 15.06 -39.15
C ASP F 50 48.25 16.46 -38.58
N SER F 51 47.36 16.54 -37.57
CA SER F 51 47.02 17.81 -36.97
C SER F 51 48.00 18.04 -35.85
N GLU F 52 49.00 18.90 -36.07
CA GLU F 52 50.06 19.10 -35.12
C GLU F 52 49.68 19.93 -33.91
N PRO F 53 50.14 19.54 -32.71
CA PRO F 53 49.87 20.37 -31.53
C PRO F 53 50.62 21.70 -31.65
N VAL F 54 50.01 22.78 -31.19
CA VAL F 54 50.60 24.10 -31.27
C VAL F 54 50.82 24.65 -29.86
N ALA F 55 49.83 24.46 -28.98
CA ALA F 55 49.89 25.01 -27.64
C ALA F 55 51.05 24.46 -26.82
N ALA F 56 51.50 25.24 -25.84
CA ALA F 56 52.51 24.79 -24.88
C ALA F 56 51.86 23.65 -24.05
N ARG F 57 52.64 22.67 -23.67
CA ARG F 57 52.17 21.52 -22.93
C ARG F 57 51.67 21.97 -21.55
N SER F 58 50.43 21.67 -21.26
CA SER F 58 49.76 22.13 -20.08
C SER F 58 49.74 21.15 -18.89
N THR F 59 49.86 19.85 -19.11
CA THR F 59 49.86 18.88 -18.01
C THR F 59 51.28 18.85 -17.46
N SER F 60 51.45 19.16 -16.16
CA SER F 60 52.78 19.15 -15.57
C SER F 60 53.36 17.78 -15.42
N ILE F 61 54.67 17.70 -15.52
CA ILE F 61 55.38 16.46 -15.37
C ILE F 61 56.10 16.48 -14.03
N ILE F 62 55.85 15.46 -13.23
CA ILE F 62 56.50 15.25 -11.96
C ILE F 62 57.53 14.18 -12.22
N ALA F 63 58.82 14.47 -12.00
CA ALA F 63 59.86 13.49 -12.21
C ALA F 63 60.50 13.16 -10.84
N THR F 64 60.63 11.87 -10.54
CA THR F 64 61.25 11.46 -9.29
C THR F 64 62.75 11.60 -9.44
N ILE F 65 63.37 12.31 -8.50
CA ILE F 65 64.81 12.52 -8.56
C ILE F 65 65.52 11.53 -7.65
N GLY F 66 66.33 10.69 -8.25
CA GLY F 66 67.06 9.65 -7.54
C GLY F 66 68.43 9.43 -8.14
N PRO F 67 68.98 8.22 -7.94
CA PRO F 67 70.33 7.92 -8.45
C PRO F 67 70.60 8.24 -9.91
N ALA F 68 69.61 8.00 -10.80
CA ALA F 68 69.83 8.23 -12.23
C ALA F 68 69.64 9.65 -12.68
N SER F 69 69.14 10.54 -11.80
CA SER F 69 68.76 11.87 -12.23
C SER F 69 69.13 12.97 -11.26
N ARG F 70 70.09 12.73 -10.37
CA ARG F 70 70.51 13.65 -9.32
C ARG F 70 71.53 14.67 -9.71
N SER F 71 72.40 14.37 -10.69
CA SER F 71 73.47 15.33 -11.02
C SER F 71 72.89 16.62 -11.55
N VAL F 72 73.57 17.75 -11.25
CA VAL F 72 73.14 19.07 -11.70
C VAL F 72 73.03 19.11 -13.22
N GLU F 73 73.99 18.49 -13.93
CA GLU F 73 73.96 18.48 -15.38
C GLU F 73 72.77 17.71 -15.93
N ARG F 74 72.43 16.58 -15.32
CA ARG F 74 71.30 15.77 -15.73
C ARG F 74 70.00 16.53 -15.42
N LEU F 75 69.91 17.16 -14.24
CA LEU F 75 68.77 17.96 -13.83
C LEU F 75 68.51 19.15 -14.77
N LYS F 76 69.56 19.75 -15.33
CA LYS F 76 69.40 20.84 -16.31
C LYS F 76 68.74 20.26 -17.56
N GLU F 77 69.14 19.05 -18.00
CA GLU F 77 68.55 18.39 -19.16
CA GLU F 77 68.52 18.43 -19.16
C GLU F 77 67.08 18.04 -18.86
N MET F 78 66.78 17.62 -17.62
CA MET F 78 65.41 17.26 -17.24
CA MET F 78 65.41 17.26 -17.25
C MET F 78 64.50 18.48 -17.22
N ILE F 79 65.04 19.64 -16.76
CA ILE F 79 64.27 20.88 -16.73
C ILE F 79 63.99 21.29 -18.20
N LYS F 80 65.00 21.21 -19.07
CA LYS F 80 64.80 21.55 -20.49
C LYS F 80 63.85 20.58 -21.20
N ALA F 81 63.84 19.31 -20.78
CA ALA F 81 62.94 18.30 -21.34
C ALA F 81 61.47 18.52 -20.92
N GLY F 82 61.25 19.20 -19.80
CA GLY F 82 59.91 19.53 -19.36
C GLY F 82 59.53 19.23 -17.92
N MET F 83 60.48 18.78 -17.09
CA MET F 83 60.17 18.52 -15.68
C MET F 83 59.71 19.81 -14.96
N ASN F 84 58.53 19.76 -14.32
CA ASN F 84 57.99 20.92 -13.62
C ASN F 84 58.05 20.76 -12.12
N ILE F 85 57.96 19.49 -11.64
CA ILE F 85 57.98 19.18 -10.22
C ILE F 85 58.97 18.04 -10.00
N ALA F 86 59.88 18.21 -9.04
CA ALA F 86 60.87 17.20 -8.69
C ALA F 86 60.32 16.47 -7.46
N ARG F 87 60.18 15.15 -7.55
CA ARG F 87 59.65 14.36 -6.43
C ARG F 87 60.80 13.66 -5.72
N LEU F 88 60.79 13.71 -4.38
CA LEU F 88 61.80 13.01 -3.58
C LEU F 88 61.07 11.96 -2.79
N ASN F 89 61.39 10.71 -3.06
CA ASN F 89 60.72 9.59 -2.43
C ASN F 89 61.39 9.21 -1.10
N PHE F 90 60.75 9.59 0.01
CA PHE F 90 61.31 9.32 1.34
C PHE F 90 61.13 7.87 1.80
N SER F 91 60.65 6.96 0.90
CA SER F 91 60.68 5.54 1.18
C SER F 91 62.14 5.03 0.97
N HIS F 92 62.98 5.78 0.22
CA HIS F 92 64.37 5.45 -0.08
C HIS F 92 65.31 6.57 0.43
N GLY F 93 66.62 6.34 0.24
CA GLY F 93 67.66 7.31 0.59
C GLY F 93 67.67 7.66 2.05
N SER F 94 68.07 8.89 2.34
CA SER F 94 68.16 9.44 3.68
C SER F 94 67.93 10.95 3.61
N HIS F 95 67.89 11.65 4.77
CA HIS F 95 67.76 13.09 4.79
C HIS F 95 68.95 13.74 4.08
N GLU F 96 70.15 13.24 4.32
CA GLU F 96 71.35 13.77 3.70
C GLU F 96 71.33 13.57 2.17
N TYR F 97 70.90 12.39 1.73
CA TYR F 97 70.85 12.08 0.30
C TYR F 97 69.83 12.98 -0.39
N HIS F 98 68.62 13.07 0.17
CA HIS F 98 67.57 13.91 -0.41
C HIS F 98 67.89 15.40 -0.33
N ALA F 99 68.59 15.87 0.74
CA ALA F 99 68.99 17.28 0.83
C ALA F 99 69.95 17.62 -0.30
N GLU F 100 70.88 16.71 -0.62
CA GLU F 100 71.82 16.93 -1.70
C GLU F 100 71.08 16.95 -3.05
N SER F 101 70.09 16.06 -3.23
CA SER F 101 69.28 16.03 -4.47
C SER F 101 68.54 17.36 -4.61
N ILE F 102 67.91 17.86 -3.53
CA ILE F 102 67.19 19.13 -3.51
C ILE F 102 68.13 20.28 -3.87
N ALA F 103 69.34 20.31 -3.26
CA ALA F 103 70.32 21.35 -3.57
C ALA F 103 70.72 21.29 -5.05
N ASN F 104 70.86 20.08 -5.60
CA ASN F 104 71.20 19.92 -7.02
C ASN F 104 70.07 20.41 -7.91
N VAL F 105 68.81 20.16 -7.52
CA VAL F 105 67.64 20.64 -8.26
C VAL F 105 67.64 22.16 -8.25
N ARG F 106 67.79 22.76 -7.06
CA ARG F 106 67.83 24.22 -6.94
C ARG F 106 68.98 24.84 -7.72
N GLU F 107 70.15 24.20 -7.75
CA GLU F 107 71.27 24.71 -8.52
C GLU F 107 70.95 24.66 -10.02
N ALA F 108 70.37 23.54 -10.48
CA ALA F 108 70.01 23.41 -11.90
C ALA F 108 68.93 24.45 -12.26
N VAL F 109 67.94 24.66 -11.39
CA VAL F 109 66.85 25.62 -11.63
C VAL F 109 67.41 27.04 -11.70
N GLU F 110 68.27 27.41 -10.75
CA GLU F 110 68.83 28.75 -10.71
C GLU F 110 69.87 29.01 -11.82
N SER F 111 70.37 27.97 -12.48
CA SER F 111 71.28 28.16 -13.63
C SER F 111 70.57 28.84 -14.84
N PHE F 112 69.21 28.84 -14.85
CA PHE F 112 68.44 29.51 -15.89
C PHE F 112 67.81 30.83 -15.41
N ALA F 113 68.08 31.27 -14.17
CA ALA F 113 67.51 32.48 -13.60
C ALA F 113 67.98 33.80 -14.19
N GLY F 114 68.91 33.76 -15.14
CA GLY F 114 69.39 34.99 -15.75
C GLY F 114 68.33 35.75 -16.54
N SER F 115 67.19 35.09 -16.86
CA SER F 115 66.18 35.72 -17.71
C SER F 115 64.79 35.07 -17.53
N PRO F 116 63.69 35.79 -17.77
CA PRO F 116 62.37 35.14 -17.76
C PRO F 116 62.11 34.31 -19.03
N LEU F 117 63.03 34.31 -20.01
CA LEU F 117 62.89 33.51 -21.23
C LEU F 117 63.43 32.09 -20.98
N SER F 118 64.40 31.95 -20.07
CA SER F 118 65.01 30.68 -19.74
C SER F 118 64.52 30.15 -18.39
N TYR F 119 64.12 31.04 -17.44
CA TYR F 119 63.71 30.60 -16.09
C TYR F 119 62.50 29.68 -16.08
N ARG F 120 62.62 28.57 -15.39
CA ARG F 120 61.53 27.63 -15.23
C ARG F 120 61.43 27.30 -13.75
N PRO F 121 60.41 27.82 -13.05
CA PRO F 121 60.24 27.44 -11.64
C PRO F 121 59.95 25.94 -11.56
N VAL F 122 60.62 25.28 -10.64
CA VAL F 122 60.44 23.84 -10.48
C VAL F 122 60.05 23.60 -9.05
N ALA F 123 58.90 22.97 -8.82
CA ALA F 123 58.46 22.70 -7.47
C ALA F 123 59.22 21.52 -6.87
N ILE F 124 59.35 21.50 -5.55
CA ILE F 124 60.02 20.39 -4.86
C ILE F 124 58.96 19.71 -4.02
N ALA F 125 58.75 18.42 -4.28
CA ALA F 125 57.71 17.66 -3.60
C ALA F 125 58.32 16.52 -2.80
N LEU F 126 57.87 16.35 -1.58
CA LEU F 126 58.36 15.31 -0.71
C LEU F 126 57.28 14.24 -0.63
N ASP F 127 57.62 13.02 -1.00
CA ASP F 127 56.68 11.91 -0.98
C ASP F 127 57.00 11.07 0.25
N THR F 128 56.07 11.00 1.20
CA THR F 128 56.32 10.31 2.46
C THR F 128 56.37 8.79 2.35
N LYS F 129 57.08 8.16 3.32
CA LYS F 129 57.18 6.72 3.37
C LYS F 129 55.79 6.11 3.66
N GLY F 130 55.04 6.73 4.56
CA GLY F 130 53.71 6.26 4.87
C GLY F 130 53.55 5.63 6.24
N PRO F 131 52.32 5.24 6.58
CA PRO F 131 52.06 4.70 7.92
C PRO F 131 52.52 3.28 8.16
N PRO F 135 48.41 2.91 10.74
CA PRO F 135 47.77 3.23 12.04
C PRO F 135 47.87 4.71 12.41
N GLY F 136 47.89 5.59 11.41
CA GLY F 136 48.07 7.02 11.63
C GLY F 136 49.49 7.48 11.32
N LEU F 137 49.82 8.75 11.57
CA LEU F 137 51.14 9.30 11.24
C LEU F 137 52.30 8.61 11.96
N SER F 138 53.21 8.02 11.18
CA SER F 138 54.38 7.32 11.72
C SER F 138 55.44 8.29 12.22
N GLU F 139 56.38 7.80 13.04
CA GLU F 139 57.45 8.64 13.57
C GLU F 139 58.41 9.07 12.47
N GLN F 140 58.67 8.18 11.48
CA GLN F 140 59.54 8.55 10.36
C GLN F 140 58.90 9.66 9.55
N ASP F 141 57.56 9.59 9.34
CA ASP F 141 56.86 10.65 8.61
C ASP F 141 56.93 11.96 9.35
N VAL F 142 56.83 11.96 10.69
CA VAL F 142 56.97 13.21 11.47
C VAL F 142 58.35 13.85 11.23
N ARG F 143 59.42 13.05 11.27
CA ARG F 143 60.76 13.55 11.03
C ARG F 143 60.97 14.02 9.58
N ASP F 144 60.43 13.26 8.60
CA ASP F 144 60.56 13.61 7.19
C ASP F 144 59.78 14.85 6.85
N LEU F 145 58.59 15.04 7.46
CA LEU F 145 57.79 16.23 7.24
C LEU F 145 58.50 17.45 7.84
N ARG F 146 59.16 17.27 8.99
CA ARG F 146 59.95 18.35 9.60
C ARG F 146 61.10 18.72 8.67
N PHE F 147 61.77 17.71 8.07
CA PHE F 147 62.85 17.91 7.09
C PHE F 147 62.30 18.73 5.91
N GLY F 148 61.11 18.39 5.43
CA GLY F 148 60.45 19.08 4.34
C GLY F 148 60.27 20.56 4.60
N VAL F 149 59.75 20.89 5.79
CA VAL F 149 59.57 22.28 6.21
C VAL F 149 60.91 23.00 6.29
N GLU F 150 61.90 22.37 6.92
CA GLU F 150 63.23 22.97 7.05
C GLU F 150 63.92 23.19 5.72
N HIS F 151 63.64 22.32 4.73
CA HIS F 151 64.23 22.46 3.41
C HIS F 151 63.35 23.25 2.42
N GLY F 152 62.25 23.82 2.87
CA GLY F 152 61.38 24.66 2.05
C GLY F 152 60.68 23.96 0.90
N VAL F 153 60.25 22.70 1.11
CA VAL F 153 59.55 21.98 0.04
C VAL F 153 58.22 22.68 -0.25
N ASP F 154 57.75 22.58 -1.49
CA ASP F 154 56.50 23.23 -1.89
C ASP F 154 55.29 22.35 -1.70
N ILE F 155 55.48 21.03 -1.81
CA ILE F 155 54.40 20.07 -1.81
C ILE F 155 54.76 18.84 -1.02
N VAL F 156 53.78 18.23 -0.40
CA VAL F 156 53.92 16.96 0.25
C VAL F 156 52.96 16.00 -0.46
N PHE F 157 53.46 14.84 -0.92
CA PHE F 157 52.61 13.80 -1.46
C PHE F 157 52.49 12.87 -0.26
N ALA F 158 51.37 12.93 0.45
CA ALA F 158 51.17 12.14 1.66
C ALA F 158 50.72 10.72 1.34
N SER F 159 51.57 9.74 1.62
CA SER F 159 51.27 8.35 1.33
C SER F 159 50.16 7.74 2.18
N PHE F 160 49.38 6.87 1.56
CA PHE F 160 48.32 6.11 2.20
C PHE F 160 47.35 6.94 3.02
N VAL F 161 46.81 7.99 2.42
CA VAL F 161 45.80 8.81 3.10
C VAL F 161 44.50 8.01 3.05
N ARG F 162 43.94 7.70 4.21
CA ARG F 162 42.73 6.88 4.33
C ARG F 162 41.50 7.62 4.84
N LYS F 163 41.69 8.81 5.40
CA LYS F 163 40.61 9.59 5.98
C LYS F 163 41.09 11.02 6.22
N ALA F 164 40.15 11.95 6.46
CA ALA F 164 40.46 13.36 6.69
C ALA F 164 41.44 13.58 7.84
N SER F 165 41.36 12.77 8.92
CA SER F 165 42.28 12.95 10.05
C SER F 165 43.74 12.65 9.69
N ASP F 166 43.98 11.85 8.63
CA ASP F 166 45.35 11.61 8.16
C ASP F 166 45.92 12.92 7.58
N VAL F 167 45.10 13.68 6.85
CA VAL F 167 45.51 14.94 6.27
C VAL F 167 45.78 15.95 7.41
N ALA F 168 44.90 15.97 8.42
CA ALA F 168 45.07 16.86 9.58
C ALA F 168 46.39 16.56 10.30
N ALA F 169 46.73 15.27 10.44
CA ALA F 169 47.99 14.87 11.08
C ALA F 169 49.20 15.34 10.29
N VAL F 170 49.15 15.24 8.95
CA VAL F 170 50.25 15.70 8.11
C VAL F 170 50.40 17.23 8.25
N ARG F 171 49.26 17.94 8.21
CA ARG F 171 49.21 19.39 8.35
CA ARG F 171 49.22 19.40 8.35
C ARG F 171 49.81 19.81 9.70
N ALA F 172 49.44 19.13 10.79
CA ALA F 172 49.95 19.42 12.13
C ALA F 172 51.46 19.20 12.19
N ALA F 173 51.95 18.11 11.58
CA ALA F 173 53.39 17.80 11.54
C ALA F 173 54.22 18.80 10.73
N LEU F 174 53.58 19.53 9.81
CA LEU F 174 54.27 20.58 9.05
C LEU F 174 54.47 21.86 9.93
N GLY F 175 53.71 21.98 11.02
CA GLY F 175 53.80 23.08 11.98
C GLY F 175 53.39 24.44 11.47
N PRO F 176 53.67 25.48 12.28
CA PRO F 176 53.29 26.85 11.88
C PRO F 176 54.06 27.35 10.67
N GLU F 177 55.30 26.88 10.45
CA GLU F 177 56.11 27.34 9.31
C GLU F 177 55.77 26.66 7.98
N GLY F 178 55.02 25.56 8.01
CA GLY F 178 54.66 24.85 6.80
C GLY F 178 53.21 25.02 6.37
N HIS F 179 52.56 26.11 6.79
CA HIS F 179 51.16 26.36 6.42
C HIS F 179 50.96 26.56 4.91
N GLY F 180 51.99 27.03 4.21
CA GLY F 180 51.93 27.28 2.79
C GLY F 180 52.18 26.07 1.91
N ILE F 181 52.65 24.97 2.50
CA ILE F 181 52.95 23.75 1.75
C ILE F 181 51.66 23.08 1.27
N LYS F 182 51.60 22.68 0.00
CA LYS F 182 50.41 22.00 -0.52
C LYS F 182 50.43 20.53 -0.12
N ILE F 183 49.31 20.02 0.37
CA ILE F 183 49.20 18.62 0.73
C ILE F 183 48.41 17.90 -0.35
N ILE F 184 49.08 17.01 -1.06
CA ILE F 184 48.44 16.20 -2.10
C ILE F 184 48.28 14.82 -1.47
N SER F 185 47.05 14.43 -1.20
CA SER F 185 46.78 13.13 -0.59
C SER F 185 46.87 11.99 -1.58
N LYS F 186 47.71 10.99 -1.28
CA LYS F 186 47.84 9.83 -2.15
C LYS F 186 46.77 8.80 -1.78
N ILE F 187 45.93 8.43 -2.75
CA ILE F 187 44.88 7.44 -2.54
C ILE F 187 45.45 6.13 -3.02
N GLU F 188 45.68 5.21 -2.08
CA GLU F 188 46.39 3.96 -2.36
C GLU F 188 45.67 2.70 -1.93
N ASN F 189 44.48 2.81 -1.34
CA ASN F 189 43.77 1.60 -0.90
C ASN F 189 42.26 1.77 -0.96
N HIS F 190 41.51 0.72 -0.62
CA HIS F 190 40.07 0.75 -0.66
C HIS F 190 39.47 1.83 0.22
N GLU F 191 39.96 1.96 1.47
CA GLU F 191 39.44 2.98 2.37
C GLU F 191 39.60 4.41 1.83
N GLY F 192 40.77 4.71 1.26
CA GLY F 192 41.01 6.01 0.67
C GLY F 192 40.05 6.32 -0.46
N VAL F 193 39.73 5.29 -1.28
CA VAL F 193 38.76 5.48 -2.37
C VAL F 193 37.37 5.71 -1.80
N LYS F 194 36.96 4.89 -0.82
CA LYS F 194 35.64 5.02 -0.22
C LYS F 194 35.43 6.32 0.55
N ARG F 195 36.48 6.81 1.19
CA ARG F 195 36.41 8.07 1.95
C ARG F 195 36.96 9.25 1.14
N PHE F 196 37.01 9.12 -0.21
CA PHE F 196 37.55 10.11 -1.10
C PHE F 196 37.02 11.51 -0.88
N ASP F 197 35.68 11.67 -0.77
CA ASP F 197 35.11 13.00 -0.64
C ASP F 197 35.60 13.74 0.60
N GLU F 198 35.67 13.04 1.73
CA GLU F 198 36.16 13.68 2.97
C GLU F 198 37.66 14.02 2.87
N ILE F 199 38.43 13.20 2.14
CA ILE F 199 39.86 13.43 1.98
C ILE F 199 40.10 14.63 1.05
N LEU F 200 39.41 14.65 -0.10
CA LEU F 200 39.54 15.75 -1.06
C LEU F 200 39.16 17.09 -0.43
N GLU F 201 38.10 17.10 0.39
CA GLU F 201 37.63 18.30 1.07
C GLU F 201 38.73 19.02 1.85
N VAL F 202 39.60 18.25 2.54
CA VAL F 202 40.64 18.85 3.36
C VAL F 202 42.02 18.86 2.71
N SER F 203 42.17 18.31 1.50
CA SER F 203 43.47 18.26 0.84
C SER F 203 43.54 19.37 -0.20
N ASP F 204 44.77 19.72 -0.61
CA ASP F 204 44.95 20.65 -1.71
C ASP F 204 44.76 19.96 -3.09
N GLY F 205 44.95 18.66 -3.10
CA GLY F 205 44.81 17.85 -4.30
C GLY F 205 44.99 16.38 -3.99
N ILE F 206 44.96 15.56 -5.04
CA ILE F 206 45.03 14.12 -4.88
C ILE F 206 46.03 13.51 -5.82
N MET F 207 46.62 12.39 -5.42
CA MET F 207 47.44 11.60 -6.30
C MET F 207 46.79 10.21 -6.39
N VAL F 208 46.54 9.74 -7.61
CA VAL F 208 46.04 8.38 -7.85
C VAL F 208 47.32 7.53 -7.86
N ALA F 209 47.65 6.93 -6.71
CA ALA F 209 48.89 6.18 -6.52
C ALA F 209 48.62 4.76 -6.92
N ARG F 210 48.71 4.50 -8.23
CA ARG F 210 48.26 3.24 -8.81
C ARG F 210 49.05 2.01 -8.43
N GLY F 211 50.31 2.14 -8.03
CA GLY F 211 51.15 1.02 -7.61
C GLY F 211 50.53 0.26 -6.45
N ASP F 212 50.37 0.93 -5.31
CA ASP F 212 49.72 0.32 -4.15
C ASP F 212 48.25 0.12 -4.40
N LEU F 213 47.57 1.05 -5.08
CA LEU F 213 46.13 0.88 -5.35
C LEU F 213 45.84 -0.42 -6.10
N GLY F 214 46.71 -0.76 -7.05
CA GLY F 214 46.59 -1.97 -7.85
C GLY F 214 46.89 -3.28 -7.14
N ILE F 215 47.42 -3.20 -5.91
CA ILE F 215 47.69 -4.34 -5.03
C ILE F 215 46.61 -4.40 -3.93
N GLU F 216 46.11 -3.25 -3.49
CA GLU F 216 45.10 -3.11 -2.44
C GLU F 216 43.70 -3.44 -2.94
N ILE F 217 43.40 -3.10 -4.19
CA ILE F 217 42.12 -3.41 -4.82
C ILE F 217 42.41 -4.23 -6.08
N PRO F 218 41.44 -4.98 -6.65
CA PRO F 218 41.72 -5.73 -7.88
C PRO F 218 42.33 -4.84 -8.97
N ALA F 219 43.38 -5.32 -9.63
CA ALA F 219 44.08 -4.55 -10.66
C ALA F 219 43.15 -4.03 -11.76
N GLU F 220 42.14 -4.85 -12.12
CA GLU F 220 41.19 -4.50 -13.16
C GLU F 220 40.20 -3.39 -12.73
N LYS F 221 40.21 -2.95 -11.47
CA LYS F 221 39.33 -1.89 -10.98
C LYS F 221 40.06 -0.54 -10.84
N VAL F 222 41.41 -0.51 -10.95
CA VAL F 222 42.16 0.72 -10.78
C VAL F 222 41.71 1.82 -11.73
N PHE F 223 41.42 1.49 -13.01
CA PHE F 223 40.98 2.52 -13.95
C PHE F 223 39.69 3.20 -13.50
N LEU F 224 38.80 2.47 -12.80
CA LEU F 224 37.53 3.05 -12.31
C LEU F 224 37.85 4.06 -11.22
N ALA F 225 38.74 3.69 -10.28
CA ALA F 225 39.14 4.58 -9.20
C ALA F 225 39.85 5.80 -9.78
N GLN F 226 40.73 5.59 -10.78
CA GLN F 226 41.44 6.70 -11.42
C GLN F 226 40.46 7.68 -12.08
N LYS F 227 39.54 7.15 -12.92
CA LYS F 227 38.60 8.01 -13.64
C LYS F 227 37.66 8.74 -12.69
N MET F 228 37.20 8.05 -11.64
CA MET F 228 36.32 8.65 -10.65
C MET F 228 37.04 9.79 -9.90
N MET F 229 38.27 9.54 -9.44
CA MET F 229 39.00 10.54 -8.65
C MET F 229 39.37 11.73 -9.50
N ILE F 230 39.76 11.51 -10.76
CA ILE F 230 40.10 12.60 -11.65
C ILE F 230 38.84 13.44 -11.91
N GLY F 231 37.71 12.79 -12.18
CA GLY F 231 36.45 13.49 -12.41
C GLY F 231 36.04 14.32 -11.20
N ARG F 232 36.12 13.75 -9.99
CA ARG F 232 35.76 14.49 -8.79
C ARG F 232 36.69 15.66 -8.51
N CYS F 233 37.99 15.48 -8.76
CA CYS F 233 38.95 16.58 -8.58
C CYS F 233 38.67 17.67 -9.58
N ASN F 234 38.36 17.31 -10.84
CA ASN F 234 38.03 18.30 -11.88
C ASN F 234 36.77 19.08 -11.46
N LEU F 235 35.79 18.40 -10.91
CA LEU F 235 34.56 19.03 -10.47
C LEU F 235 34.86 19.98 -9.29
N ALA F 236 35.71 19.56 -8.34
CA ALA F 236 36.10 20.38 -7.18
C ALA F 236 37.11 21.51 -7.55
N GLY F 237 37.69 21.46 -8.75
CA GLY F 237 38.70 22.44 -9.15
C GLY F 237 39.99 22.28 -8.38
N LYS F 238 40.34 21.04 -7.98
CA LYS F 238 41.58 20.77 -7.25
C LYS F 238 42.50 19.87 -8.05
N PRO F 239 43.82 20.08 -7.96
CA PRO F 239 44.74 19.27 -8.79
C PRO F 239 44.73 17.78 -8.51
N VAL F 240 44.89 17.00 -9.57
CA VAL F 240 44.93 15.56 -9.46
C VAL F 240 46.12 15.06 -10.26
N VAL F 241 46.89 14.17 -9.67
CA VAL F 241 48.05 13.59 -10.31
C VAL F 241 47.76 12.14 -10.66
N CYS F 242 48.13 11.71 -11.86
CA CYS F 242 48.10 10.29 -12.20
C CYS F 242 49.53 9.79 -12.05
N ALA F 243 49.71 8.69 -11.32
CA ALA F 243 51.05 8.19 -11.04
C ALA F 243 51.20 6.70 -11.21
N THR F 244 52.47 6.28 -11.45
CA THR F 244 53.03 4.93 -11.36
C THR F 244 52.86 4.06 -12.56
N GLN F 245 54.01 3.62 -13.08
CA GLN F 245 54.19 2.73 -14.21
C GLN F 245 53.65 3.29 -15.50
N MET F 246 53.58 4.63 -15.64
CA MET F 246 53.06 5.22 -16.86
C MET F 246 53.95 4.90 -18.04
N LEU F 247 55.28 4.92 -17.86
CA LEU F 247 56.22 4.59 -18.95
C LEU F 247 57.26 3.59 -18.40
N GLU F 248 56.80 2.63 -17.58
CA GLU F 248 57.66 1.67 -16.89
C GLU F 248 58.75 1.04 -17.74
N SER F 249 58.43 0.54 -18.95
CA SER F 249 59.44 -0.11 -19.79
C SER F 249 60.62 0.79 -20.16
N MET F 250 60.43 2.13 -20.08
CA MET F 250 61.49 3.08 -20.35
C MET F 250 62.58 3.10 -19.25
N ILE F 251 62.39 2.33 -18.15
CA ILE F 251 63.45 2.15 -17.17
C ILE F 251 64.67 1.48 -17.88
N THR F 252 64.43 0.58 -18.86
CA THR F 252 65.52 -0.07 -19.59
C THR F 252 65.48 0.14 -21.10
N LYS F 253 64.33 0.53 -21.66
CA LYS F 253 64.22 0.69 -23.11
C LYS F 253 64.10 2.14 -23.52
N PRO F 254 64.68 2.53 -24.67
CA PRO F 254 64.61 3.94 -25.08
C PRO F 254 63.22 4.39 -25.56
N ARG F 255 62.34 3.43 -25.90
CA ARG F 255 60.99 3.71 -26.37
C ARG F 255 59.98 2.96 -25.52
N PRO F 256 58.82 3.56 -25.25
CA PRO F 256 57.82 2.87 -24.40
C PRO F 256 56.97 1.88 -25.18
N THR F 257 56.16 1.08 -24.47
CA THR F 257 55.23 0.17 -25.13
C THR F 257 54.00 0.97 -25.63
N ARG F 258 53.16 0.34 -26.45
CA ARG F 258 51.94 0.96 -26.96
C ARG F 258 50.97 1.21 -25.82
N ALA F 259 50.94 0.32 -24.81
CA ALA F 259 50.05 0.52 -23.65
C ALA F 259 50.48 1.72 -22.81
N GLU F 260 51.79 1.94 -22.68
CA GLU F 260 52.31 3.05 -21.91
C GLU F 260 52.00 4.40 -22.52
N THR F 261 52.18 4.54 -23.86
CA THR F 261 51.83 5.82 -24.51
C THR F 261 50.32 6.07 -24.39
N SER F 262 49.52 4.99 -24.54
CA SER F 262 48.08 5.06 -24.41
C SER F 262 47.73 5.50 -22.97
N ASP F 263 48.36 4.92 -21.96
CA ASP F 263 48.09 5.24 -20.57
C ASP F 263 48.35 6.73 -20.27
N VAL F 264 49.47 7.29 -20.76
CA VAL F 264 49.79 8.69 -20.57
C VAL F 264 48.74 9.56 -21.25
N ALA F 265 48.40 9.23 -22.51
CA ALA F 265 47.42 10.03 -23.23
C ALA F 265 46.07 10.00 -22.54
N ASN F 266 45.63 8.80 -22.09
CA ASN F 266 44.35 8.65 -21.44
C ASN F 266 44.30 9.30 -20.07
N ALA F 267 45.44 9.40 -19.35
CA ALA F 267 45.44 10.13 -18.06
C ALA F 267 45.14 11.63 -18.32
N VAL F 268 45.73 12.18 -19.38
CA VAL F 268 45.49 13.58 -19.78
C VAL F 268 44.05 13.76 -20.24
N LEU F 269 43.56 12.85 -21.09
CA LEU F 269 42.16 12.92 -21.54
C LEU F 269 41.18 12.72 -20.40
N ASP F 270 41.54 11.94 -19.37
CA ASP F 270 40.69 11.74 -18.19
C ASP F 270 40.51 13.07 -17.43
N GLY F 271 41.52 13.93 -17.47
CA GLY F 271 41.51 15.24 -16.82
C GLY F 271 42.61 15.43 -15.80
N ALA F 272 43.66 14.60 -15.83
CA ALA F 272 44.75 14.74 -14.85
C ALA F 272 45.45 16.08 -15.02
N ASP F 273 45.72 16.77 -13.91
CA ASP F 273 46.48 18.01 -13.96
C ASP F 273 47.96 17.71 -14.14
N CYS F 274 48.45 16.64 -13.49
CA CYS F 274 49.85 16.24 -13.57
C CYS F 274 49.95 14.77 -13.90
N ILE F 275 51.09 14.40 -14.49
CA ILE F 275 51.45 13.02 -14.74
C ILE F 275 52.83 12.82 -14.10
N MET F 276 53.13 11.59 -13.70
CA MET F 276 54.33 11.34 -12.94
C MET F 276 55.21 10.26 -13.51
N LEU F 277 56.50 10.36 -13.22
CA LEU F 277 57.51 9.38 -13.53
C LEU F 277 58.16 9.01 -12.19
N SER F 278 58.31 7.71 -11.94
CA SER F 278 58.90 7.21 -10.71
C SER F 278 60.23 6.56 -11.08
N GLY F 279 60.30 5.23 -11.19
CA GLY F 279 61.53 4.53 -11.56
C GLY F 279 62.12 4.99 -12.88
N GLU F 280 61.24 5.46 -13.79
CA GLU F 280 61.67 5.92 -15.12
C GLU F 280 62.74 7.02 -15.01
N THR F 281 62.63 7.90 -14.03
CA THR F 281 63.61 8.97 -13.84
C THR F 281 64.49 8.72 -12.58
N ALA F 282 63.93 8.07 -11.53
CA ALA F 282 64.68 7.84 -10.31
C ALA F 282 65.86 6.90 -10.51
N LYS F 283 65.69 5.84 -11.31
CA LYS F 283 66.71 4.81 -11.42
C LYS F 283 66.96 4.25 -12.82
N GLY F 284 66.13 4.64 -13.79
CA GLY F 284 66.25 4.07 -15.12
C GLY F 284 67.41 4.57 -15.95
N ASN F 285 67.59 3.98 -17.11
CA ASN F 285 68.64 4.33 -18.04
C ASN F 285 68.29 5.49 -18.96
N PHE F 286 67.02 5.91 -19.01
CA PHE F 286 66.60 6.98 -19.91
C PHE F 286 65.72 8.03 -19.18
N PRO F 287 66.20 8.65 -18.08
CA PRO F 287 65.36 9.62 -17.37
C PRO F 287 64.93 10.81 -18.21
N VAL F 288 65.86 11.38 -18.99
CA VAL F 288 65.54 12.55 -19.81
C VAL F 288 64.56 12.17 -20.93
N GLU F 289 64.78 11.01 -21.57
CA GLU F 289 63.91 10.53 -22.65
C GLU F 289 62.50 10.24 -22.13
N ALA F 290 62.37 9.74 -20.87
CA ALA F 290 61.06 9.48 -20.27
C ALA F 290 60.31 10.80 -20.09
N VAL F 291 61.02 11.86 -19.65
CA VAL F 291 60.41 13.19 -19.50
C VAL F 291 60.00 13.71 -20.89
N LYS F 292 60.88 13.55 -21.88
CA LYS F 292 60.57 14.00 -23.24
C LYS F 292 59.33 13.27 -23.83
N MET F 293 59.20 11.98 -23.51
CA MET F 293 58.08 11.18 -24.00
C MET F 293 56.80 11.62 -23.36
N GLN F 294 56.78 11.86 -22.03
CA GLN F 294 55.56 12.37 -21.38
C GLN F 294 55.18 13.72 -21.94
N HIS F 295 56.18 14.59 -22.18
CA HIS F 295 55.92 15.89 -22.78
C HIS F 295 55.25 15.75 -24.15
N ALA F 296 55.82 14.89 -25.02
CA ALA F 296 55.31 14.69 -26.37
C ALA F 296 53.89 14.12 -26.38
N ILE F 297 53.62 13.14 -25.52
CA ILE F 297 52.28 12.56 -25.45
C ILE F 297 51.27 13.53 -24.88
N ALA F 298 51.61 14.20 -23.75
CA ALA F 298 50.69 15.14 -23.12
C ALA F 298 50.26 16.24 -24.08
N ARG F 299 51.18 16.74 -24.89
CA ARG F 299 50.86 17.81 -25.83
C ARG F 299 49.86 17.31 -26.90
N GLU F 300 50.04 16.09 -27.39
CA GLU F 300 49.11 15.51 -28.35
C GLU F 300 47.73 15.30 -27.69
N ALA F 301 47.71 14.76 -26.45
CA ALA F 301 46.47 14.45 -25.76
C ALA F 301 45.68 15.70 -25.35
N GLU F 302 46.37 16.77 -24.96
CA GLU F 302 45.71 18.02 -24.60
C GLU F 302 44.94 18.60 -25.77
N ALA F 303 45.52 18.54 -26.97
CA ALA F 303 44.81 19.03 -28.16
C ALA F 303 43.59 18.17 -28.49
N ALA F 304 43.62 16.86 -28.13
CA ALA F 304 42.52 15.91 -28.37
C ALA F 304 41.41 15.97 -27.35
N VAL F 305 41.52 16.81 -26.31
CA VAL F 305 40.46 16.97 -25.33
C VAL F 305 39.22 17.58 -26.05
N TYR F 306 38.01 17.06 -25.78
CA TYR F 306 36.80 17.57 -26.40
C TYR F 306 36.30 18.74 -25.53
N HIS F 307 36.94 19.91 -25.66
CA HIS F 307 36.61 21.09 -24.85
C HIS F 307 35.17 21.51 -24.90
N ARG F 308 34.49 21.33 -26.04
CA ARG F 308 33.09 21.71 -26.18
C ARG F 308 32.23 21.04 -25.12
N GLN F 309 32.42 19.73 -24.91
CA GLN F 309 31.64 19.03 -23.91
C GLN F 309 32.19 19.30 -22.53
N LEU F 310 33.52 19.27 -22.38
CA LEU F 310 34.15 19.49 -21.09
C LEU F 310 33.75 20.84 -20.47
N PHE F 311 33.86 21.92 -21.23
CA PHE F 311 33.50 23.26 -20.75
C PHE F 311 32.03 23.32 -20.40
N GLU F 312 31.16 22.77 -21.25
CA GLU F 312 29.73 22.76 -21.01
C GLU F 312 29.40 21.99 -19.73
N GLU F 313 30.05 20.82 -19.52
CA GLU F 313 29.81 20.04 -18.32
C GLU F 313 30.37 20.68 -17.06
N LEU F 314 31.56 21.28 -17.13
CA LEU F 314 32.16 21.95 -15.97
C LEU F 314 31.28 23.15 -15.57
N ARG F 315 30.75 23.88 -16.55
CA ARG F 315 29.85 25.02 -16.31
C ARG F 315 28.53 24.55 -15.68
N ARG F 316 27.91 23.52 -16.25
CA ARG F 316 26.65 22.95 -15.76
C ARG F 316 26.76 22.41 -14.33
N ALA F 317 27.89 21.78 -14.01
CA ALA F 317 28.08 21.18 -12.70
C ALA F 317 28.56 22.17 -11.64
N ALA F 318 29.33 23.20 -12.05
CA ALA F 318 29.83 24.17 -11.08
C ALA F 318 28.66 25.02 -10.60
N PRO F 319 28.51 25.12 -9.28
CA PRO F 319 27.39 25.91 -8.75
C PRO F 319 27.53 27.40 -9.05
N LEU F 320 26.42 28.14 -8.89
CA LEU F 320 26.44 29.61 -9.00
C LEU F 320 27.40 30.16 -7.96
N SER F 321 28.08 31.25 -8.30
CA SER F 321 29.06 31.81 -7.39
C SER F 321 28.93 33.29 -7.30
N ARG F 322 29.09 33.82 -6.09
CA ARG F 322 29.14 35.25 -5.90
C ARG F 322 30.58 35.73 -5.60
N ASP F 323 31.58 34.85 -5.79
CA ASP F 323 32.97 35.19 -5.60
C ASP F 323 33.43 35.84 -6.89
N PRO F 324 33.85 37.10 -6.84
CA PRO F 324 34.27 37.78 -8.08
C PRO F 324 35.42 37.11 -8.83
N THR F 325 36.34 36.42 -8.12
CA THR F 325 37.44 35.74 -8.80
C THR F 325 36.88 34.60 -9.67
N GLU F 326 35.94 33.84 -9.12
CA GLU F 326 35.31 32.72 -9.81
C GLU F 326 34.48 33.24 -11.00
N VAL F 327 33.74 34.33 -10.78
CA VAL F 327 32.92 34.94 -11.83
C VAL F 327 33.79 35.47 -12.97
N THR F 328 34.90 36.14 -12.64
CA THR F 328 35.83 36.65 -13.62
C THR F 328 36.48 35.50 -14.38
N ALA F 329 36.88 34.43 -13.68
CA ALA F 329 37.51 33.27 -14.30
C ALA F 329 36.65 32.63 -15.39
N ILE F 330 35.35 32.39 -15.12
CA ILE F 330 34.49 31.77 -16.14
C ILE F 330 34.25 32.74 -17.31
N GLY F 331 34.14 34.03 -17.02
CA GLY F 331 34.01 35.03 -18.07
C GLY F 331 35.23 35.08 -18.95
N ALA F 332 36.42 35.01 -18.35
CA ALA F 332 37.69 35.03 -19.06
C ALA F 332 37.87 33.78 -19.94
N VAL F 333 37.52 32.61 -19.41
CA VAL F 333 37.64 31.35 -20.17
C VAL F 333 36.67 31.38 -21.35
N GLU F 334 35.45 31.86 -21.13
CA GLU F 334 34.45 31.97 -22.19
CA GLU F 334 34.46 31.97 -22.19
C GLU F 334 34.96 32.92 -23.28
N ALA F 335 35.51 34.08 -22.86
CA ALA F 335 36.06 35.07 -23.80
C ALA F 335 37.23 34.46 -24.60
N ALA F 336 38.09 33.70 -23.92
CA ALA F 336 39.23 33.07 -24.57
C ALA F 336 38.76 32.09 -25.66
N PHE F 337 37.73 31.28 -25.38
CA PHE F 337 37.21 30.33 -26.36
C PHE F 337 36.58 31.07 -27.55
N LYS F 338 35.91 32.20 -27.29
CA LYS F 338 35.23 32.96 -28.34
C LYS F 338 36.19 33.47 -29.43
N CYS F 339 37.40 33.85 -29.04
CA CYS F 339 38.37 34.38 -29.98
C CYS F 339 39.57 33.51 -30.25
N CYS F 340 39.58 32.25 -29.75
CA CYS F 340 40.74 31.36 -29.86
C CYS F 340 41.97 32.06 -29.26
N ALA F 341 41.80 32.73 -28.09
CA ALA F 341 42.89 33.49 -27.44
C ALA F 341 44.13 32.63 -27.26
N ALA F 342 45.26 33.22 -27.55
CA ALA F 342 46.53 32.52 -27.39
C ALA F 342 46.82 32.29 -25.89
N ALA F 343 46.41 33.24 -25.03
CA ALA F 343 46.70 33.13 -23.60
C ALA F 343 45.73 33.94 -22.77
N ILE F 344 45.66 33.60 -21.49
CA ILE F 344 44.97 34.34 -20.47
C ILE F 344 46.11 34.74 -19.51
N ILE F 345 46.38 36.04 -19.39
CA ILE F 345 47.42 36.51 -18.48
C ILE F 345 46.73 36.88 -17.20
N VAL F 346 47.15 36.31 -16.09
CA VAL F 346 46.52 36.60 -14.80
C VAL F 346 47.58 37.00 -13.78
N LEU F 347 47.27 38.01 -12.97
CA LEU F 347 48.14 38.41 -11.88
C LEU F 347 47.64 37.66 -10.67
N THR F 348 48.55 37.02 -9.94
CA THR F 348 48.16 36.25 -8.78
C THR F 348 49.20 36.29 -7.69
N THR F 349 48.77 36.35 -6.44
CA THR F 349 49.69 36.37 -5.31
C THR F 349 49.88 34.92 -4.79
N THR F 350 48.79 34.20 -4.61
CA THR F 350 48.80 32.85 -4.07
C THR F 350 48.67 31.73 -5.12
N GLY F 351 48.31 32.11 -6.36
CA GLY F 351 48.04 31.16 -7.43
C GLY F 351 46.54 30.92 -7.60
N ARG F 352 45.70 31.32 -6.61
CA ARG F 352 44.26 31.06 -6.64
C ARG F 352 43.54 31.56 -7.90
N SER F 353 43.80 32.79 -8.36
CA SER F 353 43.14 33.29 -9.58
C SER F 353 43.50 32.41 -10.81
N ALA F 354 44.74 31.92 -10.87
CA ALA F 354 45.16 31.05 -11.98
C ALA F 354 44.48 29.68 -11.83
N GLN F 355 44.36 29.17 -10.59
CA GLN F 355 43.71 27.88 -10.33
C GLN F 355 42.25 27.92 -10.75
N LEU F 356 41.56 29.03 -10.48
CA LEU F 356 40.16 29.18 -10.88
C LEU F 356 39.98 29.27 -12.40
N LEU F 357 40.98 29.78 -13.11
CA LEU F 357 40.93 29.80 -14.58
C LEU F 357 41.16 28.34 -15.07
N SER F 358 42.19 27.68 -14.51
CA SER F 358 42.56 26.31 -14.84
C SER F 358 41.39 25.32 -14.68
N ARG F 359 40.55 25.50 -13.66
CA ARG F 359 39.43 24.59 -13.40
C ARG F 359 38.43 24.53 -14.56
N TYR F 360 38.36 25.59 -15.40
CA TYR F 360 37.47 25.58 -16.56
C TYR F 360 38.11 25.02 -17.81
N ARG F 361 39.35 24.56 -17.71
CA ARG F 361 40.10 23.92 -18.76
C ARG F 361 40.11 24.71 -20.06
N PRO F 362 40.60 25.97 -20.04
CA PRO F 362 40.73 26.72 -21.30
C PRO F 362 41.76 26.08 -22.19
N ARG F 363 41.57 26.19 -23.49
CA ARG F 363 42.59 25.76 -24.44
C ARG F 363 43.77 26.80 -24.39
N ALA F 364 43.45 28.08 -24.12
CA ALA F 364 44.44 29.16 -23.98
C ALA F 364 45.33 28.89 -22.77
N ALA F 365 46.64 29.10 -22.92
CA ALA F 365 47.61 28.98 -21.81
C ALA F 365 47.27 30.02 -20.74
N VAL F 366 47.37 29.66 -19.46
CA VAL F 366 47.13 30.62 -18.38
C VAL F 366 48.52 31.07 -17.92
N ILE F 367 48.94 32.26 -18.32
CA ILE F 367 50.24 32.81 -17.94
C ILE F 367 50.06 33.55 -16.60
N ALA F 368 50.57 32.96 -15.51
CA ALA F 368 50.37 33.52 -14.18
C ALA F 368 51.58 34.34 -13.76
N VAL F 369 51.38 35.66 -13.61
CA VAL F 369 52.46 36.56 -13.20
C VAL F 369 52.37 36.74 -11.69
N THR F 370 53.41 36.33 -10.99
CA THR F 370 53.44 36.40 -9.54
C THR F 370 54.80 36.81 -9.02
N ARG F 371 54.83 37.49 -7.88
CA ARG F 371 56.08 37.81 -7.18
C ARG F 371 56.46 36.66 -6.21
N SER F 372 55.50 35.78 -5.85
CA SER F 372 55.77 34.70 -4.93
C SER F 372 56.48 33.55 -5.62
N ALA F 373 57.73 33.30 -5.26
CA ALA F 373 58.50 32.20 -5.81
C ALA F 373 57.83 30.85 -5.46
N GLN F 374 57.29 30.73 -4.25
CA GLN F 374 56.59 29.51 -3.86
C GLN F 374 55.31 29.30 -4.65
N ALA F 375 54.47 30.36 -4.84
CA ALA F 375 53.25 30.23 -5.63
C ALA F 375 53.59 29.87 -7.07
N ALA F 376 54.69 30.44 -7.64
CA ALA F 376 55.13 30.13 -8.99
C ALA F 376 55.47 28.63 -9.12
N ARG F 377 56.09 28.03 -8.08
CA ARG F 377 56.42 26.61 -8.11
C ARG F 377 55.15 25.76 -7.93
N GLN F 378 54.29 26.13 -6.98
CA GLN F 378 53.10 25.36 -6.68
C GLN F 378 52.03 25.36 -7.77
N VAL F 379 51.90 26.44 -8.57
CA VAL F 379 50.87 26.48 -9.62
C VAL F 379 51.10 25.46 -10.72
N HIS F 380 52.28 24.84 -10.77
CA HIS F 380 52.52 23.72 -11.70
C HIS F 380 51.52 22.56 -11.42
N LEU F 381 50.92 22.52 -10.22
CA LEU F 381 49.94 21.49 -9.92
C LEU F 381 48.65 21.66 -10.75
N CYS F 382 48.37 22.87 -11.26
CA CYS F 382 47.15 23.19 -12.01
C CYS F 382 47.39 23.14 -13.48
N ARG F 383 46.59 22.32 -14.19
CA ARG F 383 46.78 22.20 -15.62
C ARG F 383 46.71 23.53 -16.37
N GLY F 384 47.66 23.73 -17.25
CA GLY F 384 47.65 24.88 -18.14
C GLY F 384 48.11 26.18 -17.53
N VAL F 385 48.69 26.15 -16.34
CA VAL F 385 49.21 27.36 -15.69
C VAL F 385 50.71 27.43 -15.90
N PHE F 386 51.19 28.51 -16.52
CA PHE F 386 52.60 28.76 -16.84
C PHE F 386 53.05 29.91 -15.95
N PRO F 387 53.77 29.58 -14.87
CA PRO F 387 54.18 30.62 -13.93
C PRO F 387 55.33 31.50 -14.44
N LEU F 388 55.20 32.81 -14.25
CA LEU F 388 56.24 33.79 -14.57
C LEU F 388 56.58 34.50 -13.28
N LEU F 389 57.80 34.30 -12.79
CA LEU F 389 58.22 34.92 -11.56
C LEU F 389 58.68 36.36 -11.85
N TYR F 390 57.99 37.32 -11.25
CA TYR F 390 58.24 38.74 -11.43
C TYR F 390 59.16 39.17 -10.28
N ARG F 391 60.32 39.77 -10.60
CA ARG F 391 61.25 40.14 -9.53
C ARG F 391 61.40 41.65 -9.28
N GLU F 392 60.77 42.50 -10.10
CA GLU F 392 60.90 43.95 -9.93
C GLU F 392 60.23 44.50 -8.69
N PRO F 393 60.89 45.48 -8.00
CA PRO F 393 60.27 46.11 -6.82
C PRO F 393 59.02 46.91 -7.20
N PRO F 394 58.02 46.95 -6.31
CA PRO F 394 56.76 47.64 -6.67
C PRO F 394 56.91 49.09 -7.08
N GLU F 395 56.20 49.47 -8.15
CA GLU F 395 56.14 50.85 -8.65
C GLU F 395 55.45 51.70 -7.59
N ALA F 396 55.69 53.02 -7.62
CA ALA F 396 55.08 53.94 -6.66
C ALA F 396 53.55 53.93 -6.81
N ILE F 397 53.08 53.96 -8.06
CA ILE F 397 51.64 53.94 -8.33
C ILE F 397 51.24 52.48 -8.58
N TRP F 398 50.31 51.95 -7.78
CA TRP F 398 49.88 50.57 -7.90
C TRP F 398 49.35 50.22 -9.31
N ALA F 399 48.55 51.08 -9.94
CA ALA F 399 48.04 50.83 -11.29
C ALA F 399 49.18 50.66 -12.29
N ASP F 400 50.29 51.41 -12.10
CA ASP F 400 51.47 51.28 -12.98
C ASP F 400 52.15 49.95 -12.71
N ASP F 401 52.22 49.51 -11.45
CA ASP F 401 52.82 48.24 -11.08
C ASP F 401 52.04 47.08 -11.72
N VAL F 402 50.70 47.18 -11.72
CA VAL F 402 49.82 46.18 -12.33
C VAL F 402 50.08 46.16 -13.84
N ASP F 403 50.11 47.35 -14.49
CA ASP F 403 50.36 47.45 -15.92
C ASP F 403 51.71 46.88 -16.31
N ARG F 404 52.73 47.13 -15.49
CA ARG F 404 54.07 46.63 -15.78
C ARG F 404 54.10 45.10 -15.73
N ARG F 405 53.37 44.50 -14.76
CA ARG F 405 53.31 43.05 -14.64
C ARG F 405 52.56 42.44 -15.81
N VAL F 406 51.49 43.08 -16.29
CA VAL F 406 50.76 42.58 -17.45
C VAL F 406 51.66 42.64 -18.69
N GLN F 407 52.40 43.76 -18.84
CA GLN F 407 53.33 43.92 -19.95
C GLN F 407 54.46 42.92 -19.89
N PHE F 408 54.93 42.58 -18.68
CA PHE F 408 55.95 41.55 -18.46
C PHE F 408 55.42 40.19 -18.95
N GLY F 409 54.15 39.89 -18.66
CA GLY F 409 53.50 38.66 -19.12
C GLY F 409 53.44 38.62 -20.63
N ILE F 410 53.06 39.76 -21.25
CA ILE F 410 52.98 39.87 -22.72
C ILE F 410 54.34 39.71 -23.38
N GLU F 411 55.34 40.45 -22.87
CA GLU F 411 56.69 40.40 -23.43
C GLU F 411 57.31 39.05 -23.24
N SER F 412 57.13 38.40 -22.08
CA SER F 412 57.63 37.06 -21.85
C SER F 412 56.94 36.08 -22.80
N GLY F 413 55.62 36.23 -22.98
CA GLY F 413 54.83 35.37 -23.85
C GLY F 413 55.28 35.46 -25.29
N LYS F 414 55.58 36.68 -25.76
CA LYS F 414 56.07 36.88 -27.13
C LYS F 414 57.43 36.24 -27.32
N LEU F 415 58.33 36.45 -26.37
CA LEU F 415 59.67 35.90 -26.44
C LEU F 415 59.68 34.38 -26.36
N ARG F 416 58.76 33.78 -25.58
CA ARG F 416 58.66 32.33 -25.45
C ARG F 416 57.83 31.64 -26.55
N GLY F 417 57.19 32.39 -27.42
CA GLY F 417 56.38 31.80 -28.48
C GLY F 417 54.91 31.55 -28.14
N PHE F 418 54.47 31.92 -26.91
CA PHE F 418 53.07 31.81 -26.53
C PHE F 418 52.23 32.83 -27.31
N LEU F 419 52.79 34.02 -27.53
CA LEU F 419 52.05 35.10 -28.15
C LEU F 419 52.74 35.63 -29.37
N ARG F 420 51.94 35.94 -30.36
CA ARG F 420 52.40 36.46 -31.62
C ARG F 420 51.64 37.79 -31.84
N VAL F 421 52.25 38.77 -32.55
CA VAL F 421 51.56 40.02 -32.86
C VAL F 421 50.27 39.72 -33.64
N GLY F 422 49.16 40.35 -33.25
CA GLY F 422 47.87 40.07 -33.86
C GLY F 422 47.01 39.15 -32.99
N ASP F 423 47.63 38.39 -32.07
CA ASP F 423 46.88 37.51 -31.19
C ASP F 423 46.00 38.30 -30.24
N LEU F 424 44.93 37.67 -29.78
CA LEU F 424 44.13 38.24 -28.72
C LEU F 424 44.53 37.50 -27.44
N VAL F 425 44.63 38.26 -26.36
CA VAL F 425 44.92 37.71 -25.05
C VAL F 425 43.84 38.26 -24.12
N ILE F 426 43.51 37.47 -23.12
CA ILE F 426 42.56 37.87 -22.10
C ILE F 426 43.41 38.20 -20.89
N VAL F 427 43.21 39.36 -20.26
CA VAL F 427 44.01 39.75 -19.09
C VAL F 427 43.13 39.82 -17.87
N VAL F 428 43.52 39.14 -16.81
CA VAL F 428 42.75 39.05 -15.60
C VAL F 428 43.49 39.70 -14.43
N THR F 429 42.91 40.75 -13.87
CA THR F 429 43.50 41.52 -12.78
C THR F 429 42.42 41.79 -11.71
N GLY F 430 42.78 42.52 -10.63
CA GLY F 430 41.86 42.87 -9.57
C GLY F 430 41.84 44.37 -9.31
N TRP F 431 40.92 44.83 -8.49
CA TRP F 431 40.69 46.26 -8.28
C TRP F 431 41.53 46.92 -7.16
N ARG F 432 42.16 46.13 -6.31
CA ARG F 432 43.01 46.63 -5.22
C ARG F 432 44.11 45.60 -4.90
N PRO F 433 45.25 46.03 -4.30
CA PRO F 433 46.33 45.08 -3.97
C PRO F 433 45.91 44.00 -2.99
N GLY F 434 46.69 42.95 -2.90
CA GLY F 434 46.41 41.83 -2.03
C GLY F 434 45.60 40.74 -2.71
N SER F 435 45.70 39.52 -2.20
CA SER F 435 44.95 38.36 -2.69
C SER F 435 43.47 38.50 -2.47
N GLY F 436 42.67 37.95 -3.38
CA GLY F 436 41.23 37.88 -3.20
C GLY F 436 40.38 38.92 -3.87
N TYR F 437 41.00 39.83 -4.63
CA TYR F 437 40.25 40.92 -5.26
C TYR F 437 40.25 40.90 -6.78
N THR F 438 40.55 39.74 -7.41
CA THR F 438 40.46 39.64 -8.86
C THR F 438 39.02 39.85 -9.28
N ASN F 439 38.77 40.77 -10.22
CA ASN F 439 37.42 41.07 -10.66
C ASN F 439 37.37 41.67 -12.05
N ILE F 440 38.48 41.70 -12.79
CA ILE F 440 38.52 42.36 -14.08
C ILE F 440 39.04 41.46 -15.17
N MET F 441 38.40 41.50 -16.32
CA MET F 441 38.84 40.76 -17.47
CA MET F 441 38.78 40.74 -17.49
C MET F 441 38.88 41.74 -18.65
N ARG F 442 40.00 41.77 -19.35
CA ARG F 442 40.19 42.66 -20.48
C ARG F 442 40.60 41.89 -21.72
N VAL F 443 40.13 42.31 -22.89
CA VAL F 443 40.50 41.69 -24.16
C VAL F 443 41.54 42.61 -24.79
N LEU F 444 42.74 42.10 -24.97
CA LEU F 444 43.82 42.89 -25.54
CA LEU F 444 43.84 42.89 -25.51
C LEU F 444 44.38 42.29 -26.81
N SER F 445 44.66 43.15 -27.79
CA SER F 445 45.24 42.72 -29.05
C SER F 445 46.75 42.91 -28.90
N ILE F 446 47.53 41.88 -29.20
CA ILE F 446 48.98 41.97 -29.06
CA ILE F 446 48.98 41.94 -29.07
C ILE F 446 49.59 42.76 -30.20
N SER F 447 50.33 43.83 -29.88
CA SER F 447 50.93 44.67 -30.92
C SER F 447 52.43 44.54 -31.01
N GLY G 23 13.26 9.97 -52.22
CA GLY G 23 13.54 11.15 -53.03
C GLY G 23 13.74 12.43 -52.24
N THR G 24 14.21 13.46 -52.96
CA THR G 24 14.48 14.80 -52.42
C THR G 24 13.17 15.49 -51.98
N ALA G 25 12.09 15.26 -52.73
CA ALA G 25 10.79 15.86 -52.43
C ALA G 25 10.30 15.44 -51.07
N PHE G 26 10.49 14.15 -50.71
CA PHE G 26 10.10 13.60 -49.41
C PHE G 26 10.76 14.38 -48.27
N PHE G 27 12.07 14.65 -48.41
CA PHE G 27 12.81 15.32 -47.36
C PHE G 27 12.59 16.83 -47.28
N GLN G 28 11.83 17.41 -48.20
CA GLN G 28 11.50 18.83 -48.12
C GLN G 28 10.12 19.04 -47.43
N GLN G 29 9.24 18.02 -47.44
CA GLN G 29 7.90 18.07 -46.85
C GLN G 29 7.94 17.87 -45.33
N GLN G 30 6.77 18.10 -44.67
CA GLN G 30 6.50 17.92 -43.24
C GLN G 30 7.59 18.47 -42.33
N GLN G 31 8.17 19.62 -42.71
CA GLN G 31 9.23 20.28 -41.94
C GLN G 31 10.40 19.35 -41.64
N LEU G 32 10.68 18.41 -42.54
CA LEU G 32 11.81 17.48 -42.33
C LEU G 32 13.17 18.19 -42.26
N PRO G 33 13.48 19.27 -43.02
CA PRO G 33 14.76 19.97 -42.80
C PRO G 33 14.86 20.52 -41.37
N ALA G 34 13.76 21.08 -40.81
CA ALA G 34 13.75 21.58 -39.43
C ALA G 34 13.83 20.41 -38.43
N ALA G 35 13.26 19.26 -38.79
CA ALA G 35 13.30 18.07 -37.95
C ALA G 35 14.74 17.56 -37.76
N MET G 36 15.58 17.69 -38.79
CA MET G 36 16.96 17.22 -38.73
C MET G 36 17.94 18.18 -38.03
N ALA G 37 17.47 19.36 -37.60
CA ALA G 37 18.35 20.33 -36.95
C ALA G 37 18.95 19.83 -35.65
N ASP G 38 20.16 20.27 -35.35
CA ASP G 38 20.86 19.86 -34.14
C ASP G 38 20.52 20.65 -32.89
N THR G 39 19.88 21.82 -33.05
CA THR G 39 19.44 22.60 -31.88
C THR G 39 18.01 23.10 -32.13
N PHE G 40 17.31 23.46 -31.05
CA PHE G 40 15.96 24.00 -31.17
C PHE G 40 15.98 25.33 -31.94
N LEU G 41 17.00 26.16 -31.70
CA LEU G 41 17.14 27.43 -32.41
C LEU G 41 17.29 27.20 -33.92
N GLU G 42 18.15 26.25 -34.34
CA GLU G 42 18.33 25.90 -35.75
CA GLU G 42 18.32 25.95 -35.76
C GLU G 42 17.03 25.35 -36.33
N HIS G 43 16.32 24.54 -35.53
CA HIS G 43 15.04 23.95 -35.92
C HIS G 43 14.04 25.07 -36.28
N LEU G 44 13.96 26.12 -35.43
CA LEU G 44 13.08 27.27 -35.71
C LEU G 44 13.50 27.95 -37.00
N CYS G 45 14.81 28.22 -37.17
CA CYS G 45 15.35 28.88 -38.36
C CYS G 45 15.05 28.12 -39.64
N LEU G 46 14.86 26.79 -39.56
CA LEU G 46 14.61 25.96 -40.73
C LEU G 46 13.14 25.71 -41.04
N LEU G 47 12.22 26.22 -40.20
CA LEU G 47 10.77 26.08 -40.48
C LEU G 47 10.45 26.78 -41.79
N ASP G 48 9.69 26.11 -42.64
CA ASP G 48 9.44 26.58 -43.99
C ASP G 48 7.96 26.59 -44.29
N ILE G 49 7.41 27.77 -44.63
CA ILE G 49 6.00 27.88 -44.98
C ILE G 49 5.65 27.09 -46.25
N ASP G 50 6.63 26.77 -47.10
CA ASP G 50 6.40 25.96 -48.31
C ASP G 50 6.55 24.46 -48.06
N SER G 51 6.91 24.04 -46.85
CA SER G 51 7.05 22.62 -46.53
C SER G 51 5.68 22.13 -46.13
N GLU G 52 5.00 21.43 -47.06
CA GLU G 52 3.63 21.02 -46.83
C GLU G 52 3.48 19.86 -45.87
N PRO G 53 2.48 19.93 -44.97
CA PRO G 53 2.25 18.81 -44.07
C PRO G 53 1.74 17.62 -44.89
N VAL G 54 2.17 16.44 -44.53
CA VAL G 54 1.76 15.23 -45.22
C VAL G 54 1.02 14.31 -44.27
N ALA G 55 1.52 14.21 -43.04
CA ALA G 55 0.91 13.39 -42.03
C ALA G 55 -0.53 13.80 -41.73
N ALA G 56 -1.35 12.84 -41.32
CA ALA G 56 -2.72 13.13 -40.92
C ALA G 56 -2.66 13.97 -39.62
N ARG G 57 -3.66 14.82 -39.43
CA ARG G 57 -3.70 15.69 -38.26
C ARG G 57 -3.88 14.87 -37.01
N SER G 58 -2.97 14.99 -36.06
CA SER G 58 -2.93 14.15 -34.88
C SER G 58 -3.56 14.73 -33.60
N THR G 59 -3.68 16.04 -33.48
CA THR G 59 -4.28 16.65 -32.28
C THR G 59 -5.78 16.57 -32.47
N SER G 60 -6.51 15.89 -31.59
CA SER G 60 -7.96 15.80 -31.74
C SER G 60 -8.66 17.12 -31.50
N ILE G 61 -9.76 17.30 -32.20
CA ILE G 61 -10.56 18.49 -32.07
C ILE G 61 -11.83 18.14 -31.31
N ILE G 62 -12.06 18.86 -30.21
CA ILE G 62 -13.28 18.72 -29.45
C ILE G 62 -14.16 19.89 -29.86
N ALA G 63 -15.37 19.60 -30.34
CA ALA G 63 -16.28 20.69 -30.72
C ALA G 63 -17.48 20.64 -29.81
N THR G 64 -17.89 21.79 -29.27
CA THR G 64 -19.05 21.83 -28.40
C THR G 64 -20.27 21.86 -29.27
N ILE G 65 -21.20 20.96 -28.98
CA ILE G 65 -22.42 20.86 -29.77
C ILE G 65 -23.53 21.58 -29.05
N GLY G 66 -24.07 22.60 -29.71
CA GLY G 66 -25.15 23.40 -29.16
C GLY G 66 -26.07 23.91 -30.24
N PRO G 67 -26.76 25.03 -29.98
CA PRO G 67 -27.70 25.58 -30.96
C PRO G 67 -27.19 25.75 -32.40
N ALA G 68 -25.92 26.17 -32.57
CA ALA G 68 -25.36 26.38 -33.91
C ALA G 68 -24.87 25.13 -34.63
N SER G 69 -24.82 23.99 -33.94
CA SER G 69 -24.18 22.81 -34.49
C SER G 69 -24.88 21.50 -34.20
N ARG G 70 -26.15 21.52 -33.85
CA ARG G 70 -26.93 20.37 -33.44
C ARG G 70 -27.55 19.56 -34.55
N SER G 71 -27.83 20.17 -35.72
CA SER G 71 -28.55 19.43 -36.76
C SER G 71 -27.70 18.31 -37.33
N VAL G 72 -28.35 17.22 -37.74
CA VAL G 72 -27.66 16.06 -38.31
C VAL G 72 -26.84 16.47 -39.54
N GLU G 73 -27.42 17.33 -40.39
CA GLU G 73 -26.69 17.77 -41.59
C GLU G 73 -25.44 18.58 -41.26
N ARG G 74 -25.52 19.47 -40.27
CA ARG G 74 -24.40 20.28 -39.83
C ARG G 74 -23.35 19.38 -39.15
N LEU G 75 -23.79 18.43 -38.34
CA LEU G 75 -22.89 17.48 -37.68
C LEU G 75 -22.11 16.62 -38.66
N LYS G 76 -22.72 16.26 -39.82
CA LYS G 76 -22.01 15.53 -40.86
C LYS G 76 -20.88 16.39 -41.42
N GLU G 77 -21.13 17.70 -41.60
CA GLU G 77 -20.10 18.61 -42.07
C GLU G 77 -19.01 18.79 -41.02
N MET G 78 -19.38 18.82 -39.74
CA MET G 78 -18.39 18.97 -38.66
CA MET G 78 -18.39 18.96 -38.67
C MET G 78 -17.50 17.73 -38.57
N ILE G 79 -18.08 16.53 -38.78
CA ILE G 79 -17.31 15.30 -38.76
C ILE G 79 -16.32 15.30 -39.94
N LYS G 80 -16.80 15.72 -41.13
CA LYS G 80 -15.92 15.80 -42.30
C LYS G 80 -14.83 16.85 -42.14
N ALA G 81 -15.14 17.94 -41.47
CA ALA G 81 -14.20 19.02 -41.19
C ALA G 81 -13.09 18.59 -40.19
N GLY G 82 -13.36 17.61 -39.36
CA GLY G 82 -12.34 17.08 -38.44
C GLY G 82 -12.73 16.91 -36.98
N MET G 83 -14.01 17.14 -36.62
CA MET G 83 -14.44 16.98 -35.22
C MET G 83 -14.26 15.51 -34.79
N ASN G 84 -13.55 15.31 -33.69
CA ASN G 84 -13.31 13.94 -33.18
C ASN G 84 -14.11 13.66 -31.92
N ILE G 85 -14.35 14.71 -31.10
CA ILE G 85 -15.06 14.56 -29.85
C ILE G 85 -16.14 15.64 -29.81
N ALA G 86 -17.37 15.26 -29.51
CA ALA G 86 -18.51 16.17 -29.38
C ALA G 86 -18.69 16.48 -27.89
N ARG G 87 -18.57 17.72 -27.50
CA ARG G 87 -18.71 18.11 -26.10
C ARG G 87 -20.14 18.64 -25.85
N LEU G 88 -20.77 18.18 -24.78
CA LEU G 88 -22.08 18.66 -24.38
C LEU G 88 -21.91 19.40 -23.09
N ASN G 89 -22.19 20.68 -23.09
CA ASN G 89 -22.00 21.52 -21.92
C ASN G 89 -23.23 21.52 -21.04
N PHE G 90 -23.16 20.78 -19.91
CA PHE G 90 -24.31 20.68 -19.02
C PHE G 90 -24.51 21.92 -18.13
N SER G 91 -23.74 22.99 -18.35
CA SER G 91 -24.05 24.28 -17.73
C SER G 91 -25.27 24.90 -18.46
N HIS G 92 -25.58 24.46 -19.69
CA HIS G 92 -26.70 24.94 -20.50
C HIS G 92 -27.65 23.80 -20.87
N GLY G 93 -28.77 24.15 -21.49
CA GLY G 93 -29.74 23.19 -21.98
C GLY G 93 -30.40 22.39 -20.88
N SER G 94 -30.78 21.18 -21.21
CA SER G 94 -31.44 20.26 -20.31
C SER G 94 -31.06 18.83 -20.73
N HIS G 95 -31.51 17.81 -19.97
CA HIS G 95 -31.27 16.42 -20.30
C HIS G 95 -31.91 16.10 -21.66
N GLU G 96 -33.15 16.56 -21.90
CA GLU G 96 -33.84 16.32 -23.15
C GLU G 96 -33.11 16.98 -24.32
N TYR G 97 -32.64 18.20 -24.14
CA TYR G 97 -31.95 18.94 -25.19
C TYR G 97 -30.63 18.23 -25.54
N HIS G 98 -29.85 17.89 -24.53
CA HIS G 98 -28.57 17.22 -24.74
C HIS G 98 -28.74 15.79 -25.29
N ALA G 99 -29.80 15.06 -24.86
CA ALA G 99 -30.07 13.74 -25.41
C ALA G 99 -30.34 13.83 -26.90
N GLU G 100 -31.06 14.88 -27.34
CA GLU G 100 -31.37 15.10 -28.76
CA GLU G 100 -31.34 15.04 -28.76
C GLU G 100 -30.07 15.38 -29.51
N SER G 101 -29.19 16.22 -28.95
CA SER G 101 -27.92 16.55 -29.58
C SER G 101 -27.06 15.28 -29.75
N ILE G 102 -27.00 14.43 -28.69
CA ILE G 102 -26.27 13.16 -28.69
C ILE G 102 -26.81 12.26 -29.78
N ALA G 103 -28.15 12.13 -29.87
CA ALA G 103 -28.78 11.30 -30.88
C ALA G 103 -28.46 11.82 -32.28
N ASN G 104 -28.43 13.15 -32.46
CA ASN G 104 -28.09 13.75 -33.75
C ASN G 104 -26.62 13.48 -34.10
N VAL G 105 -25.73 13.54 -33.10
CA VAL G 105 -24.30 13.23 -33.31
C VAL G 105 -24.17 11.77 -33.75
N ARG G 106 -24.81 10.83 -33.03
CA ARG G 106 -24.76 9.43 -33.38
C ARG G 106 -25.35 9.14 -34.75
N GLU G 107 -26.42 9.85 -35.13
CA GLU G 107 -27.02 9.66 -36.45
C GLU G 107 -26.03 10.13 -37.52
N ALA G 108 -25.42 11.29 -37.31
CA ALA G 108 -24.44 11.82 -38.27
C ALA G 108 -23.23 10.89 -38.37
N VAL G 109 -22.71 10.41 -37.24
CA VAL G 109 -21.55 9.51 -37.21
C VAL G 109 -21.87 8.21 -37.94
N GLU G 110 -23.02 7.61 -37.62
CA GLU G 110 -23.39 6.34 -38.22
C GLU G 110 -23.79 6.44 -39.69
N SER G 111 -24.04 7.65 -40.21
CA SER G 111 -24.32 7.83 -41.63
C SER G 111 -23.11 7.46 -42.52
N PHE G 112 -21.90 7.37 -41.94
CA PHE G 112 -20.67 7.01 -42.66
C PHE G 112 -20.24 5.54 -42.45
N ALA G 113 -20.97 4.78 -41.60
CA ALA G 113 -20.62 3.38 -41.26
C ALA G 113 -20.70 2.40 -42.45
N GLY G 114 -21.43 2.79 -43.50
CA GLY G 114 -21.54 2.02 -44.74
C GLY G 114 -20.24 1.85 -45.48
N SER G 115 -19.22 2.67 -45.15
CA SER G 115 -17.88 2.53 -45.74
C SER G 115 -16.91 2.31 -44.56
N PRO G 116 -16.73 1.03 -44.15
CA PRO G 116 -15.91 0.74 -42.97
C PRO G 116 -14.44 1.15 -43.04
N LEU G 117 -13.85 1.24 -44.26
CA LEU G 117 -12.44 1.66 -44.39
C LEU G 117 -12.22 3.16 -44.15
N SER G 118 -13.30 3.96 -44.16
CA SER G 118 -13.19 5.39 -43.98
C SER G 118 -14.00 5.90 -42.76
N TYR G 119 -14.77 5.02 -42.10
CA TYR G 119 -15.60 5.37 -40.95
C TYR G 119 -14.76 5.98 -39.84
N ARG G 120 -15.20 7.14 -39.35
CA ARG G 120 -14.53 7.84 -38.26
C ARG G 120 -15.35 7.82 -36.99
N PRO G 121 -14.87 7.13 -35.95
CA PRO G 121 -15.59 7.15 -34.66
C PRO G 121 -15.55 8.58 -34.07
N VAL G 122 -16.57 8.99 -33.33
CA VAL G 122 -16.61 10.33 -32.68
C VAL G 122 -17.00 10.12 -31.23
N ALA G 123 -16.18 10.61 -30.29
CA ALA G 123 -16.47 10.44 -28.88
C ALA G 123 -17.55 11.43 -28.42
N ILE G 124 -18.25 11.07 -27.36
CA ILE G 124 -19.24 11.95 -26.76
C ILE G 124 -18.76 12.27 -25.36
N ALA G 125 -18.55 13.55 -25.08
CA ALA G 125 -18.02 14.02 -23.82
C ALA G 125 -19.05 14.90 -23.11
N LEU G 126 -19.26 14.66 -21.82
CA LEU G 126 -20.19 15.42 -21.04
C LEU G 126 -19.38 16.36 -20.16
N ASP G 127 -19.63 17.66 -20.26
CA ASP G 127 -18.92 18.65 -19.46
C ASP G 127 -19.87 19.09 -18.34
N THR G 128 -19.49 18.84 -17.09
CA THR G 128 -20.36 19.13 -15.97
C THR G 128 -20.50 20.63 -15.64
N LYS G 129 -21.64 20.96 -15.03
CA LYS G 129 -21.91 22.34 -14.60
C LYS G 129 -20.90 22.75 -13.53
N GLY G 130 -20.59 21.85 -12.60
CA GLY G 130 -19.61 22.14 -11.58
C GLY G 130 -20.20 22.31 -10.20
N PRO G 131 -19.33 22.55 -9.22
CA PRO G 131 -19.80 22.62 -7.83
C PRO G 131 -20.54 23.88 -7.44
N PRO G 135 -19.15 23.12 -2.23
CA PRO G 135 -18.46 22.09 -1.47
C PRO G 135 -18.60 20.71 -2.12
N GLY G 136 -17.76 20.41 -3.11
CA GLY G 136 -17.80 19.04 -3.64
C GLY G 136 -18.88 18.78 -4.67
N LEU G 137 -19.15 17.51 -4.94
CA LEU G 137 -20.09 17.17 -6.03
C LEU G 137 -21.50 17.73 -5.77
N SER G 138 -21.96 18.52 -6.70
CA SER G 138 -23.28 19.12 -6.60
C SER G 138 -24.36 18.10 -6.95
N GLU G 139 -25.59 18.36 -6.52
CA GLU G 139 -26.71 17.47 -6.80
C GLU G 139 -26.97 17.41 -8.30
N GLN G 140 -26.85 18.56 -9.00
CA GLN G 140 -27.05 18.59 -10.43
C GLN G 140 -25.98 17.75 -11.13
N ASP G 141 -24.72 17.80 -10.68
CA ASP G 141 -23.66 16.99 -11.27
C ASP G 141 -23.94 15.53 -11.07
N VAL G 142 -24.48 15.10 -9.90
CA VAL G 142 -24.81 13.70 -9.70
C VAL G 142 -25.83 13.24 -10.75
N ARG G 143 -26.88 14.06 -10.96
CA ARG G 143 -27.90 13.71 -11.95
C ARG G 143 -27.38 13.75 -13.40
N ASP G 144 -26.53 14.72 -13.71
CA ASP G 144 -26.00 14.85 -15.08
C ASP G 144 -24.99 13.71 -15.36
N LEU G 145 -24.20 13.30 -14.36
CA LEU G 145 -23.28 12.17 -14.51
C LEU G 145 -24.08 10.88 -14.70
N ARG G 146 -25.24 10.73 -14.01
CA ARG G 146 -26.12 9.57 -14.18
C ARG G 146 -26.68 9.57 -15.62
N PHE G 147 -27.09 10.76 -16.11
CA PHE G 147 -27.55 10.90 -17.48
C PHE G 147 -26.42 10.43 -18.46
N GLY G 148 -25.18 10.85 -18.20
CA GLY G 148 -24.03 10.47 -19.00
C GLY G 148 -23.84 8.98 -19.10
N VAL G 149 -23.92 8.30 -17.95
CA VAL G 149 -23.82 6.85 -17.91
C VAL G 149 -24.96 6.20 -18.69
N GLU G 150 -26.20 6.66 -18.49
CA GLU G 150 -27.34 6.09 -19.17
C GLU G 150 -27.31 6.32 -20.67
N HIS G 151 -26.69 7.42 -21.12
CA HIS G 151 -26.58 7.72 -22.53
C HIS G 151 -25.27 7.22 -23.16
N GLY G 152 -24.45 6.47 -22.41
CA GLY G 152 -23.23 5.87 -22.92
C GLY G 152 -22.17 6.86 -23.36
N VAL G 153 -21.97 7.94 -22.60
CA VAL G 153 -20.96 8.92 -22.95
C VAL G 153 -19.57 8.26 -22.74
N ASP G 154 -18.59 8.72 -23.49
CA ASP G 154 -17.25 8.17 -23.41
C ASP G 154 -16.38 8.88 -22.39
N ILE G 155 -16.60 10.19 -22.23
CA ILE G 155 -15.73 11.04 -21.44
C ILE G 155 -16.53 12.01 -20.60
N VAL G 156 -15.97 12.37 -19.45
CA VAL G 156 -16.54 13.39 -18.60
C VAL G 156 -15.48 14.46 -18.44
N PHE G 157 -15.81 15.70 -18.74
CA PHE G 157 -14.92 16.83 -18.47
C PHE G 157 -15.48 17.37 -17.14
N ALA G 158 -14.83 17.04 -16.02
CA ALA G 158 -15.30 17.42 -14.68
C ALA G 158 -14.89 18.85 -14.34
N SER G 159 -15.87 19.72 -14.21
CA SER G 159 -15.62 21.14 -13.94
C SER G 159 -15.10 21.42 -12.55
N PHE G 160 -14.19 22.41 -12.45
CA PHE G 160 -13.66 22.91 -11.19
C PHE G 160 -13.13 21.84 -10.27
N VAL G 161 -12.27 20.96 -10.79
CA VAL G 161 -11.63 19.95 -9.97
C VAL G 161 -10.54 20.68 -9.18
N ARG G 162 -10.61 20.59 -7.86
CA ARG G 162 -9.67 21.30 -7.00
C ARG G 162 -8.73 20.40 -6.22
N LYS G 163 -9.07 19.11 -6.09
CA LYS G 163 -8.32 18.15 -5.28
C LYS G 163 -8.70 16.74 -5.70
N ALA G 164 -7.90 15.74 -5.30
CA ALA G 164 -8.13 14.33 -5.63
C ALA G 164 -9.49 13.85 -5.21
N SER G 165 -10.01 14.30 -4.04
CA SER G 165 -11.34 13.85 -3.59
C SER G 165 -12.47 14.29 -4.52
N ASP G 166 -12.27 15.38 -5.27
CA ASP G 166 -13.27 15.79 -6.26
C ASP G 166 -13.36 14.74 -7.37
N VAL G 167 -12.21 14.21 -7.79
CA VAL G 167 -12.18 13.16 -8.83
C VAL G 167 -12.78 11.89 -8.30
N ALA G 168 -12.49 11.54 -7.02
CA ALA G 168 -13.06 10.33 -6.41
C ALA G 168 -14.58 10.42 -6.36
N ALA G 169 -15.13 11.62 -6.08
CA ALA G 169 -16.58 11.84 -6.05
C ALA G 169 -17.19 11.67 -7.45
N VAL G 170 -16.52 12.21 -8.49
CA VAL G 170 -16.99 11.99 -9.87
C VAL G 170 -16.94 10.48 -10.21
N ARG G 171 -15.82 9.80 -9.89
CA ARG G 171 -15.67 8.35 -10.13
C ARG G 171 -16.80 7.56 -9.48
N ALA G 172 -17.10 7.88 -8.21
CA ALA G 172 -18.16 7.20 -7.46
C ALA G 172 -19.52 7.42 -8.10
N ALA G 173 -19.76 8.60 -8.65
CA ALA G 173 -21.02 8.96 -9.31
C ALA G 173 -21.20 8.33 -10.70
N LEU G 174 -20.12 7.76 -11.29
CA LEU G 174 -20.28 7.07 -12.56
C LEU G 174 -20.87 5.65 -12.36
N GLY G 175 -21.61 5.47 -11.24
CA GLY G 175 -22.44 4.33 -10.85
C GLY G 175 -21.76 3.04 -11.10
N PRO G 176 -22.54 1.95 -11.14
CA PRO G 176 -21.92 0.66 -11.44
C PRO G 176 -21.62 0.48 -12.95
N GLU G 177 -22.36 1.17 -13.83
CA GLU G 177 -22.19 0.97 -15.28
C GLU G 177 -21.12 1.85 -15.94
N GLY G 178 -20.62 2.88 -15.29
CA GLY G 178 -19.74 3.86 -15.95
C GLY G 178 -18.28 3.93 -15.56
N HIS G 179 -17.74 2.84 -15.01
CA HIS G 179 -16.33 2.82 -14.64
C HIS G 179 -15.36 2.95 -15.82
N GLY G 180 -15.82 2.63 -17.02
CA GLY G 180 -15.02 2.73 -18.23
C GLY G 180 -14.95 4.14 -18.82
N ILE G 181 -15.79 5.06 -18.32
CA ILE G 181 -15.82 6.44 -18.80
C ILE G 181 -14.54 7.15 -18.36
N LYS G 182 -13.91 7.89 -19.28
CA LYS G 182 -12.68 8.63 -18.95
C LYS G 182 -13.01 9.93 -18.22
N ILE G 183 -12.32 10.19 -17.12
CA ILE G 183 -12.52 11.43 -16.37
C ILE G 183 -11.39 12.38 -16.67
N ILE G 184 -11.70 13.45 -17.35
CA ILE G 184 -10.74 14.51 -17.67
C ILE G 184 -11.04 15.64 -16.68
N SER G 185 -10.14 15.88 -15.74
CA SER G 185 -10.34 16.91 -14.74
C SER G 185 -10.04 18.29 -15.29
N LYS G 186 -11.01 19.21 -15.16
CA LYS G 186 -10.81 20.57 -15.62
C LYS G 186 -10.15 21.38 -14.50
N ILE G 187 -8.99 21.99 -14.80
CA ILE G 187 -8.28 22.81 -13.84
C ILE G 187 -8.67 24.25 -14.16
N GLU G 188 -9.38 24.87 -13.22
CA GLU G 188 -10.00 26.17 -13.47
C GLU G 188 -9.69 27.23 -12.43
N ASN G 189 -8.93 26.90 -11.38
CA ASN G 189 -8.64 27.90 -10.35
C ASN G 189 -7.26 27.67 -9.72
N HIS G 190 -6.87 28.54 -8.79
CA HIS G 190 -5.57 28.45 -8.15
C HIS G 190 -5.37 27.13 -7.42
N GLU G 191 -6.39 26.67 -6.68
CA GLU G 191 -6.26 25.42 -5.93
C GLU G 191 -6.02 24.22 -6.86
N GLY G 192 -6.75 24.15 -7.97
CA GLY G 192 -6.56 23.07 -8.94
C GLY G 192 -5.15 23.06 -9.50
N VAL G 193 -4.57 24.26 -9.76
CA VAL G 193 -3.21 24.33 -10.25
C VAL G 193 -2.22 23.87 -9.15
N LYS G 194 -2.40 24.35 -7.92
CA LYS G 194 -1.52 23.98 -6.82
C LYS G 194 -1.60 22.53 -6.43
N ARG G 195 -2.78 21.93 -6.52
CA ARG G 195 -2.94 20.50 -6.22
C ARG G 195 -2.97 19.64 -7.50
N PHE G 196 -2.37 20.15 -8.58
CA PHE G 196 -2.34 19.48 -9.87
C PHE G 196 -1.82 18.05 -9.80
N ASP G 197 -0.70 17.81 -9.12
CA ASP G 197 -0.12 16.48 -9.09
C ASP G 197 -1.06 15.43 -8.52
N GLU G 198 -1.72 15.77 -7.40
CA GLU G 198 -2.65 14.84 -6.79
C GLU G 198 -3.88 14.60 -7.68
N ILE G 199 -4.30 15.62 -8.43
CA ILE G 199 -5.46 15.51 -9.32
C ILE G 199 -5.09 14.65 -10.53
N LEU G 200 -3.95 14.91 -11.15
CA LEU G 200 -3.51 14.15 -12.32
C LEU G 200 -3.35 12.67 -12.00
N GLU G 201 -2.82 12.37 -10.81
CA GLU G 201 -2.61 11.00 -10.36
C GLU G 201 -3.87 10.16 -10.41
N VAL G 202 -5.01 10.74 -10.04
CA VAL G 202 -6.27 9.99 -10.03
C VAL G 202 -7.16 10.23 -11.24
N SER G 203 -6.79 11.13 -12.16
CA SER G 203 -7.62 11.42 -13.34
C SER G 203 -7.12 10.66 -14.54
N ASP G 204 -7.97 10.51 -15.56
CA ASP G 204 -7.51 9.94 -16.83
C ASP G 204 -6.76 11.00 -17.68
N GLY G 205 -7.00 12.28 -17.41
CA GLY G 205 -6.39 13.36 -18.13
C GLY G 205 -6.83 14.70 -17.57
N ILE G 206 -6.41 15.77 -18.22
CA ILE G 206 -6.65 17.11 -17.72
C ILE G 206 -7.15 18.02 -18.81
N MET G 207 -7.96 19.02 -18.45
CA MET G 207 -8.32 20.08 -19.36
C MET G 207 -7.84 21.38 -18.73
N VAL G 208 -7.07 22.16 -19.48
CA VAL G 208 -6.66 23.50 -19.06
C VAL G 208 -7.86 24.38 -19.46
N ALA G 209 -8.75 24.64 -18.50
CA ALA G 209 -10.01 25.35 -18.73
C ALA G 209 -9.71 26.84 -18.55
N ARG G 210 -9.18 27.46 -19.61
CA ARG G 210 -8.64 28.81 -19.53
C ARG G 210 -9.62 29.92 -19.26
N GLY G 211 -10.90 29.70 -19.52
CA GLY G 211 -11.93 30.73 -19.27
C GLY G 211 -12.00 31.09 -17.81
N ASP G 212 -12.36 30.12 -16.97
CA ASP G 212 -12.38 30.34 -15.52
C ASP G 212 -11.00 30.55 -14.97
N LEU G 213 -9.99 29.79 -15.47
CA LEU G 213 -8.62 29.98 -14.97
C LEU G 213 -8.14 31.45 -15.12
N GLY G 214 -8.47 32.08 -16.25
CA GLY G 214 -8.11 33.46 -16.53
C GLY G 214 -8.86 34.51 -15.72
N ILE G 215 -9.90 34.11 -14.98
CA ILE G 215 -10.66 34.98 -14.06
C ILE G 215 -10.24 34.65 -12.60
N GLU G 216 -9.90 33.39 -12.31
CA GLU G 216 -9.49 32.92 -10.99
C GLU G 216 -8.05 33.29 -10.65
N ILE G 217 -7.18 33.34 -11.63
CA ILE G 217 -5.79 33.75 -11.42
C ILE G 217 -5.53 34.92 -12.39
N PRO G 218 -4.47 35.73 -12.19
CA PRO G 218 -4.20 36.82 -13.14
C PRO G 218 -4.12 36.31 -14.59
N ALA G 219 -4.76 37.01 -15.53
CA ALA G 219 -4.80 36.61 -16.93
C ALA G 219 -3.41 36.39 -17.52
N GLU G 220 -2.44 37.22 -17.10
CA GLU G 220 -1.07 37.12 -17.60
C GLU G 220 -0.33 35.87 -17.09
N LYS G 221 -0.91 35.10 -16.15
CA LYS G 221 -0.28 33.88 -15.64
C LYS G 221 -0.86 32.58 -16.26
N VAL G 222 -1.98 32.69 -17.01
CA VAL G 222 -2.61 31.49 -17.58
C VAL G 222 -1.66 30.68 -18.46
N PHE G 223 -0.83 31.33 -19.28
CA PHE G 223 0.09 30.59 -20.15
C PHE G 223 1.08 29.71 -19.33
N LEU G 224 1.46 30.17 -18.11
CA LEU G 224 2.36 29.40 -17.26
C LEU G 224 1.65 28.15 -16.78
N ALA G 225 0.38 28.30 -16.34
CA ALA G 225 -0.40 27.15 -15.89
C ALA G 225 -0.63 26.19 -17.06
N GLN G 226 -0.93 26.72 -18.25
CA GLN G 226 -1.14 25.88 -19.43
C GLN G 226 0.12 25.07 -19.77
N LYS G 227 1.28 25.75 -19.89
CA LYS G 227 2.51 25.09 -20.25
C LYS G 227 2.94 24.08 -19.20
N MET G 228 2.78 24.41 -17.93
CA MET G 228 3.12 23.50 -16.83
C MET G 228 2.24 22.25 -16.88
N MET G 229 0.91 22.42 -17.00
CA MET G 229 0.02 21.28 -16.99
C MET G 229 0.19 20.39 -18.20
N ILE G 230 0.44 20.99 -19.37
CA ILE G 230 0.69 20.20 -20.56
C ILE G 230 2.00 19.41 -20.41
N GLY G 231 3.06 20.07 -19.91
CA GLY G 231 4.32 19.39 -19.66
C GLY G 231 4.19 18.21 -18.70
N ARG G 232 3.47 18.42 -17.60
CA ARG G 232 3.28 17.34 -16.60
C ARG G 232 2.45 16.20 -17.13
N CYS G 233 1.42 16.51 -17.95
CA CYS G 233 0.61 15.46 -18.55
C CYS G 233 1.42 14.69 -19.56
N ASN G 234 2.26 15.37 -20.35
CA ASN G 234 3.11 14.71 -21.33
C ASN G 234 4.08 13.75 -20.60
N LEU G 235 4.60 14.18 -19.45
CA LEU G 235 5.50 13.37 -18.66
C LEU G 235 4.75 12.14 -18.09
N ALA G 236 3.51 12.35 -17.64
CA ALA G 236 2.70 11.25 -17.10
C ALA G 236 2.09 10.36 -18.18
N GLY G 237 2.14 10.76 -19.46
CA GLY G 237 1.53 9.99 -20.53
C GLY G 237 0.02 9.95 -20.44
N LYS G 238 -0.56 11.08 -19.98
CA LYS G 238 -2.01 11.20 -19.87
C LYS G 238 -2.49 12.36 -20.73
N PRO G 239 -3.65 12.21 -21.36
CA PRO G 239 -4.12 13.28 -22.27
C PRO G 239 -4.36 14.64 -21.62
N VAL G 240 -4.04 15.69 -22.34
CA VAL G 240 -4.26 17.05 -21.88
C VAL G 240 -4.96 17.84 -22.98
N VAL G 241 -6.00 18.57 -22.61
CA VAL G 241 -6.78 19.35 -23.53
C VAL G 241 -6.50 20.81 -23.30
N CYS G 242 -6.30 21.59 -24.37
CA CYS G 242 -6.23 23.03 -24.25
C CYS G 242 -7.61 23.54 -24.64
N ALA G 243 -8.20 24.40 -23.79
CA ALA G 243 -9.55 24.85 -24.07
C ALA G 243 -9.75 26.34 -23.87
N THR G 244 -10.79 26.88 -24.54
CA THR G 244 -11.45 28.18 -24.36
C THR G 244 -10.78 29.36 -25.02
N GLN G 245 -11.59 30.03 -25.87
CA GLN G 245 -11.26 31.22 -26.60
C GLN G 245 -10.12 31.03 -27.58
N MET G 246 -9.90 29.77 -28.04
CA MET G 246 -8.82 29.53 -29.01
C MET G 246 -9.08 30.24 -30.33
N LEU G 247 -10.33 30.25 -30.78
CA LEU G 247 -10.69 30.95 -32.02
C LEU G 247 -11.93 31.84 -31.74
N GLU G 248 -11.96 32.51 -30.57
CA GLU G 248 -13.08 33.30 -30.09
C GLU G 248 -13.73 34.23 -31.11
N SER G 249 -12.93 35.02 -31.85
CA SER G 249 -13.47 35.94 -32.84
C SER G 249 -14.30 35.24 -33.92
N MET G 250 -14.07 33.93 -34.15
CA MET G 250 -14.84 33.16 -35.13
C MET G 250 -16.28 32.88 -34.69
N ILE G 251 -16.67 33.27 -33.47
CA ILE G 251 -18.08 33.19 -33.06
C ILE G 251 -18.90 34.15 -33.98
N THR G 252 -18.31 35.27 -34.41
CA THR G 252 -19.00 36.21 -35.31
C THR G 252 -18.31 36.42 -36.65
N LYS G 253 -16.99 36.16 -36.74
CA LYS G 253 -16.25 36.39 -37.97
C LYS G 253 -15.84 35.12 -38.69
N PRO G 254 -15.80 35.13 -40.03
CA PRO G 254 -15.44 33.91 -40.76
C PRO G 254 -13.96 33.52 -40.67
N ARG G 255 -13.08 34.46 -40.29
CA ARG G 255 -11.66 34.22 -40.18
C ARG G 255 -11.18 34.63 -38.79
N PRO G 256 -10.21 33.89 -38.23
CA PRO G 256 -9.73 34.23 -36.88
C PRO G 256 -8.66 35.33 -36.89
N THR G 257 -8.32 35.83 -35.71
CA THR G 257 -7.26 36.81 -35.59
C THR G 257 -5.88 36.12 -35.66
N ARG G 258 -4.80 36.90 -35.80
CA ARG G 258 -3.45 36.36 -35.82
C ARG G 258 -3.09 35.76 -34.45
N ALA G 259 -3.64 36.29 -33.35
CA ALA G 259 -3.38 35.75 -32.03
C ALA G 259 -4.04 34.38 -31.85
N GLU G 260 -5.22 34.20 -32.43
CA GLU G 260 -5.96 32.97 -32.33
C GLU G 260 -5.30 31.84 -33.09
N THR G 261 -4.82 32.08 -34.33
CA THR G 261 -4.10 31.04 -35.06
C THR G 261 -2.80 30.68 -34.34
N SER G 262 -2.12 31.69 -33.79
CA SER G 262 -0.91 31.49 -32.99
C SER G 262 -1.23 30.64 -31.75
N ASP G 263 -2.33 30.94 -31.05
CA ASP G 263 -2.74 30.22 -29.86
C ASP G 263 -2.96 28.73 -30.14
N VAL G 264 -3.67 28.42 -31.25
CA VAL G 264 -3.91 27.03 -31.61
C VAL G 264 -2.57 26.33 -31.93
N ALA G 265 -1.72 26.98 -32.72
CA ALA G 265 -0.41 26.39 -33.06
C ALA G 265 0.43 26.16 -31.84
N ASN G 266 0.47 27.14 -30.91
CA ASN G 266 1.26 27.02 -29.71
C ASN G 266 0.72 25.99 -28.74
N ALA G 267 -0.60 25.75 -28.71
CA ALA G 267 -1.14 24.70 -27.84
C ALA G 267 -0.60 23.33 -28.33
N VAL G 268 -0.56 23.12 -29.65
CA VAL G 268 -0.03 21.90 -30.24
C VAL G 268 1.47 21.78 -29.96
N LEU G 269 2.22 22.87 -30.20
CA LEU G 269 3.67 22.88 -29.92
C LEU G 269 3.99 22.68 -28.44
N ASP G 270 3.08 23.12 -27.54
CA ASP G 270 3.24 22.94 -26.10
C ASP G 270 3.17 21.46 -25.74
N GLY G 271 2.37 20.69 -26.50
CA GLY G 271 2.18 19.27 -26.27
C GLY G 271 0.76 18.85 -26.01
N ALA G 272 -0.24 19.73 -26.32
CA ALA G 272 -1.63 19.36 -26.07
C ALA G 272 -2.05 18.18 -26.91
N ASP G 273 -2.75 17.23 -26.30
CA ASP G 273 -3.30 16.10 -27.03
C ASP G 273 -4.53 16.51 -27.81
N CYS G 274 -5.36 17.38 -27.22
CA CYS G 274 -6.59 17.86 -27.86
C CYS G 274 -6.66 19.38 -27.77
N ILE G 275 -7.38 19.96 -28.72
CA ILE G 275 -7.73 21.38 -28.73
C ILE G 275 -9.26 21.45 -28.80
N MET G 276 -9.83 22.53 -28.24
CA MET G 276 -11.25 22.60 -28.11
C MET G 276 -11.84 23.87 -28.68
N LEU G 277 -13.11 23.76 -29.04
CA LEU G 277 -13.95 24.85 -29.50
C LEU G 277 -15.16 24.83 -28.59
N SER G 278 -15.51 26.00 -28.07
CA SER G 278 -16.64 26.12 -27.18
CA SER G 278 -16.62 26.13 -27.17
C SER G 278 -17.71 26.97 -27.86
N GLY G 279 -17.80 28.28 -27.57
CA GLY G 279 -18.80 29.16 -28.20
C GLY G 279 -18.66 29.18 -29.70
N GLU G 280 -17.41 28.98 -30.22
CA GLU G 280 -17.16 28.94 -31.65
C GLU G 280 -18.03 27.92 -32.37
N THR G 281 -18.30 26.74 -31.73
CA THR G 281 -19.17 25.76 -32.37
C THR G 281 -20.53 25.65 -31.71
N ALA G 282 -20.65 25.98 -30.42
CA ALA G 282 -21.91 25.83 -29.72
C ALA G 282 -22.92 26.89 -30.17
N LYS G 283 -22.48 28.12 -30.36
CA LYS G 283 -23.41 29.21 -30.67
C LYS G 283 -22.94 30.17 -31.77
N GLY G 284 -21.77 29.92 -32.35
CA GLY G 284 -21.24 30.82 -33.35
C GLY G 284 -21.86 30.72 -34.73
N ASN G 285 -21.51 31.68 -35.58
CA ASN G 285 -22.01 31.76 -36.96
C ASN G 285 -21.23 30.89 -37.92
N PHE G 286 -20.01 30.43 -37.53
CA PHE G 286 -19.18 29.64 -38.44
C PHE G 286 -18.64 28.37 -37.74
N PRO G 287 -19.52 27.50 -37.21
CA PRO G 287 -19.02 26.31 -36.51
C PRO G 287 -18.11 25.41 -37.36
N VAL G 288 -18.52 25.11 -38.62
CA VAL G 288 -17.73 24.23 -39.49
C VAL G 288 -16.38 24.84 -39.84
N GLU G 289 -16.37 26.14 -40.11
CA GLU G 289 -15.15 26.86 -40.45
C GLU G 289 -14.18 26.89 -39.27
N ALA G 290 -14.70 26.98 -38.04
CA ALA G 290 -13.86 26.97 -36.83
C ALA G 290 -13.17 25.60 -36.72
N VAL G 291 -13.90 24.50 -36.99
CA VAL G 291 -13.32 23.16 -36.97
C VAL G 291 -12.26 23.05 -38.06
N LYS G 292 -12.57 23.54 -39.28
CA LYS G 292 -11.62 23.50 -40.39
C LYS G 292 -10.35 24.27 -40.07
N MET G 293 -10.48 25.40 -39.38
CA MET G 293 -9.35 26.24 -39.03
C MET G 293 -8.46 25.52 -38.01
N GLN G 294 -9.05 24.90 -36.96
CA GLN G 294 -8.25 24.14 -35.99
C GLN G 294 -7.53 22.98 -36.68
N HIS G 295 -8.21 22.31 -37.61
CA HIS G 295 -7.60 21.21 -38.36
C HIS G 295 -6.39 21.72 -39.16
N ALA G 296 -6.55 22.82 -39.92
CA ALA G 296 -5.49 23.37 -40.75
C ALA G 296 -4.27 23.79 -39.94
N ILE G 297 -4.50 24.50 -38.81
CA ILE G 297 -3.42 24.93 -37.96
C ILE G 297 -2.72 23.75 -37.28
N ALA G 298 -3.50 22.82 -36.69
CA ALA G 298 -2.91 21.69 -35.97
C ALA G 298 -1.99 20.86 -36.86
N ARG G 299 -2.39 20.66 -38.12
CA ARG G 299 -1.59 19.90 -39.06
C ARG G 299 -0.23 20.56 -39.31
N GLU G 300 -0.23 21.90 -39.46
CA GLU G 300 1.00 22.65 -39.67
C GLU G 300 1.88 22.60 -38.42
N ALA G 301 1.25 22.76 -37.23
CA ALA G 301 1.99 22.80 -35.97
C ALA G 301 2.60 21.45 -35.61
N GLU G 302 1.89 20.36 -35.89
CA GLU G 302 2.41 19.03 -35.61
C GLU G 302 3.69 18.73 -36.37
N ALA G 303 3.76 19.15 -37.64
CA ALA G 303 4.98 18.96 -38.43
C ALA G 303 6.14 19.81 -37.88
N ALA G 304 5.83 20.95 -37.25
CA ALA G 304 6.80 21.87 -36.67
C ALA G 304 7.28 21.48 -35.26
N VAL G 305 6.78 20.38 -34.70
CA VAL G 305 7.24 19.89 -33.41
C VAL G 305 8.71 19.43 -33.57
N TYR G 306 9.59 19.75 -32.61
CA TYR G 306 10.98 19.36 -32.68
C TYR G 306 11.12 17.98 -32.02
N HIS G 307 10.73 16.95 -32.76
CA HIS G 307 10.72 15.59 -32.22
C HIS G 307 12.05 15.10 -31.70
N ARG G 308 13.16 15.55 -32.27
CA ARG G 308 14.49 15.12 -31.81
C ARG G 308 14.69 15.39 -30.33
N GLN G 309 14.32 16.60 -29.89
CA GLN G 309 14.45 16.94 -28.48
C GLN G 309 13.29 16.34 -27.67
N LEU G 310 12.06 16.45 -28.18
CA LEU G 310 10.90 15.92 -27.47
C LEU G 310 11.03 14.41 -27.14
N PHE G 311 11.39 13.59 -28.13
CA PHE G 311 11.58 12.16 -27.92
C PHE G 311 12.69 11.90 -26.92
N GLU G 312 13.82 12.59 -27.06
CA GLU G 312 14.97 12.45 -26.14
C GLU G 312 14.55 12.78 -24.71
N GLU G 313 13.77 13.87 -24.52
CA GLU G 313 13.34 14.26 -23.18
C GLU G 313 12.28 13.34 -22.60
N LEU G 314 11.35 12.85 -23.44
CA LEU G 314 10.33 11.93 -22.95
C LEU G 314 10.97 10.60 -22.54
N ARG G 315 11.97 10.13 -23.31
CA ARG G 315 12.71 8.89 -23.03
C ARG G 315 13.51 9.05 -21.72
N ARG G 316 14.25 10.17 -21.57
CA ARG G 316 15.07 10.45 -20.39
C ARG G 316 14.22 10.53 -19.13
N ALA G 317 13.02 11.12 -19.22
CA ALA G 317 12.17 11.29 -18.05
C ALA G 317 11.34 10.07 -17.71
N ALA G 318 10.95 9.27 -18.72
CA ALA G 318 10.13 8.10 -18.47
C ALA G 318 10.99 7.05 -17.74
N PRO G 319 10.48 6.54 -16.62
CA PRO G 319 11.25 5.56 -15.85
C PRO G 319 11.40 4.23 -16.58
N LEU G 320 12.34 3.40 -16.10
CA LEU G 320 12.50 2.03 -16.57
C LEU G 320 11.21 1.26 -16.31
N SER G 321 10.86 0.34 -17.19
CA SER G 321 9.62 -0.38 -17.05
C SER G 321 9.81 -1.84 -17.37
N ARG G 322 9.14 -2.70 -16.65
CA ARG G 322 9.10 -4.12 -16.93
C ARG G 322 7.75 -4.52 -17.60
N ASP G 323 6.90 -3.55 -17.92
CA ASP G 323 5.61 -3.80 -18.54
C ASP G 323 5.90 -4.01 -20.04
N PRO G 324 5.62 -5.20 -20.59
CA PRO G 324 5.92 -5.44 -22.01
C PRO G 324 5.25 -4.47 -22.96
N THR G 325 4.04 -3.97 -22.62
CA THR G 325 3.36 -3.03 -23.51
C THR G 325 4.16 -1.73 -23.61
N GLU G 326 4.63 -1.22 -22.46
CA GLU G 326 5.42 0.00 -22.41
CA GLU G 326 5.42 0.00 -22.42
C GLU G 326 6.77 -0.21 -23.12
N VAL G 327 7.41 -1.37 -22.90
CA VAL G 327 8.69 -1.69 -23.52
C VAL G 327 8.54 -1.78 -25.04
N THR G 328 7.45 -2.42 -25.50
CA THR G 328 7.18 -2.55 -26.93
C THR G 328 6.91 -1.19 -27.53
N ALA G 329 6.14 -0.34 -26.82
CA ALA G 329 5.79 0.97 -27.31
C ALA G 329 7.02 1.83 -27.60
N ILE G 330 7.98 1.88 -26.65
CA ILE G 330 9.18 2.72 -26.89
C ILE G 330 10.04 2.14 -28.01
N GLY G 331 10.11 0.82 -28.11
CA GLY G 331 10.84 0.15 -29.19
C GLY G 331 10.21 0.46 -30.53
N ALA G 332 8.86 0.42 -30.59
CA ALA G 332 8.11 0.73 -31.81
C ALA G 332 8.29 2.17 -32.24
N VAL G 333 8.24 3.11 -31.30
CA VAL G 333 8.39 4.53 -31.62
C VAL G 333 9.83 4.81 -32.10
N GLU G 334 10.82 4.18 -31.47
CA GLU G 334 12.22 4.31 -31.89
CA GLU G 334 12.22 4.31 -31.90
C GLU G 334 12.38 3.75 -33.33
N ALA G 335 11.77 2.58 -33.59
CA ALA G 335 11.82 1.97 -34.92
C ALA G 335 11.17 2.88 -35.96
N ALA G 336 10.00 3.48 -35.60
CA ALA G 336 9.28 4.35 -36.51
C ALA G 336 10.15 5.57 -36.88
N PHE G 337 10.84 6.16 -35.92
CA PHE G 337 11.71 7.32 -36.19
C PHE G 337 12.90 6.92 -37.09
N LYS G 338 13.44 5.73 -36.89
CA LYS G 338 14.58 5.25 -37.68
C LYS G 338 14.28 5.14 -39.18
N CYS G 339 13.05 4.74 -39.54
CA CYS G 339 12.71 4.57 -40.94
C CYS G 339 11.74 5.60 -41.49
N CYS G 340 11.38 6.62 -40.69
CA CYS G 340 10.35 7.59 -41.02
C CYS G 340 9.06 6.88 -41.40
N ALA G 341 8.68 5.89 -40.56
CA ALA G 341 7.50 5.06 -40.81
C ALA G 341 6.27 5.90 -41.05
N ALA G 342 5.49 5.52 -42.03
CA ALA G 342 4.25 6.23 -42.33
C ALA G 342 3.23 6.04 -41.19
N ALA G 343 3.29 4.90 -40.50
CA ALA G 343 2.35 4.62 -39.41
C ALA G 343 2.85 3.53 -38.49
N ILE G 344 2.30 3.48 -37.30
CA ILE G 344 2.43 2.40 -36.35
C ILE G 344 1.02 1.85 -36.25
N ILE G 345 0.80 0.61 -36.70
CA ILE G 345 -0.52 -0.01 -36.59
C ILE G 345 -0.53 -0.82 -35.33
N VAL G 346 -1.48 -0.58 -34.46
CA VAL G 346 -1.56 -1.30 -33.18
C VAL G 346 -2.93 -1.90 -33.00
N LEU G 347 -2.99 -3.13 -32.50
CA LEU G 347 -4.27 -3.76 -32.16
C LEU G 347 -4.47 -3.46 -30.68
N THR G 348 -5.68 -3.02 -30.32
CA THR G 348 -5.95 -2.66 -28.93
C THR G 348 -7.41 -2.92 -28.59
N THR G 349 -7.66 -3.43 -27.39
CA THR G 349 -9.04 -3.64 -26.96
C THR G 349 -9.50 -2.49 -26.08
N THR G 350 -8.62 -2.03 -25.19
CA THR G 350 -8.94 -0.95 -24.27
C THR G 350 -8.44 0.43 -24.70
N GLY G 351 -7.52 0.46 -25.66
CA GLY G 351 -6.86 1.68 -26.11
C GLY G 351 -5.48 1.85 -25.49
N ARG G 352 -5.19 1.11 -24.40
CA ARG G 352 -3.95 1.26 -23.65
C ARG G 352 -2.68 1.11 -24.49
N SER G 353 -2.60 0.12 -25.39
CA SER G 353 -1.39 -0.04 -26.22
C SER G 353 -1.19 1.17 -27.12
N ALA G 354 -2.28 1.76 -27.64
CA ALA G 354 -2.18 2.96 -28.46
C ALA G 354 -1.75 4.16 -27.61
N GLN G 355 -2.28 4.25 -26.38
CA GLN G 355 -1.94 5.37 -25.47
C GLN G 355 -0.45 5.33 -25.13
N LEU G 356 0.09 4.13 -24.91
CA LEU G 356 1.51 4.00 -24.58
C LEU G 356 2.42 4.35 -25.76
N LEU G 357 1.93 4.16 -27.00
CA LEU G 357 2.68 4.59 -28.17
C LEU G 357 2.63 6.13 -28.25
N SER G 358 1.42 6.69 -28.11
CA SER G 358 1.15 8.12 -28.16
C SER G 358 2.01 8.92 -27.17
N ARG G 359 2.24 8.38 -25.97
CA ARG G 359 3.01 9.09 -24.95
C ARG G 359 4.45 9.41 -25.38
N TYR G 360 5.01 8.63 -26.34
CA TYR G 360 6.36 8.92 -26.85
C TYR G 360 6.36 9.86 -28.05
N ARG G 361 5.19 10.36 -28.43
CA ARG G 361 5.02 11.33 -29.49
C ARG G 361 5.72 10.98 -30.79
N PRO G 362 5.38 9.80 -31.36
CA PRO G 362 5.94 9.48 -32.68
C PRO G 362 5.43 10.42 -33.74
N ARG G 363 6.25 10.68 -34.76
CA ARG G 363 5.80 11.44 -35.92
C ARG G 363 4.82 10.57 -36.71
N ALA G 364 5.06 9.24 -36.76
CA ALA G 364 4.22 8.29 -37.46
C ALA G 364 2.85 8.26 -36.80
N ALA G 365 1.80 8.22 -37.61
CA ALA G 365 0.43 8.12 -37.15
C ALA G 365 0.26 6.78 -36.41
N VAL G 366 -0.41 6.76 -35.27
CA VAL G 366 -0.70 5.51 -34.56
C VAL G 366 -2.10 5.07 -35.00
N ILE G 367 -2.18 4.07 -35.88
CA ILE G 367 -3.46 3.59 -36.37
C ILE G 367 -3.90 2.47 -35.42
N ALA G 368 -4.93 2.73 -34.63
CA ALA G 368 -5.39 1.78 -33.62
C ALA G 368 -6.58 0.99 -34.10
N VAL G 369 -6.41 -0.32 -34.31
CA VAL G 369 -7.49 -1.16 -34.75
C VAL G 369 -8.11 -1.83 -33.54
N THR G 370 -9.42 -1.63 -33.35
CA THR G 370 -10.10 -2.18 -32.21
C THR G 370 -11.52 -2.65 -32.58
N ARG G 371 -12.00 -3.65 -31.85
CA ARG G 371 -13.40 -4.08 -31.98
C ARG G 371 -14.30 -3.34 -30.94
N SER G 372 -13.70 -2.59 -29.99
CA SER G 372 -14.44 -1.86 -28.98
C SER G 372 -14.81 -0.49 -29.51
N ALA G 373 -16.10 -0.26 -29.77
CA ALA G 373 -16.59 1.04 -30.19
C ALA G 373 -16.25 2.13 -29.16
N GLN G 374 -16.30 1.80 -27.88
CA GLN G 374 -15.94 2.73 -26.82
C GLN G 374 -14.46 3.08 -26.85
N ALA G 375 -13.55 2.08 -26.97
CA ALA G 375 -12.12 2.39 -27.02
C ALA G 375 -11.81 3.20 -28.28
N ALA G 376 -12.49 2.91 -29.40
CA ALA G 376 -12.26 3.67 -30.63
C ALA G 376 -12.60 5.15 -30.42
N ARG G 377 -13.68 5.44 -29.67
CA ARG G 377 -14.02 6.82 -29.42
C ARG G 377 -13.07 7.46 -28.39
N GLN G 378 -12.73 6.73 -27.34
CA GLN G 378 -11.93 7.30 -26.25
C GLN G 378 -10.51 7.58 -26.62
N VAL G 379 -9.95 6.78 -27.55
CA VAL G 379 -8.55 6.93 -27.93
C VAL G 379 -8.28 8.27 -28.69
N HIS G 380 -9.34 9.00 -29.09
CA HIS G 380 -9.18 10.36 -29.65
C HIS G 380 -8.55 11.32 -28.63
N LEU G 381 -8.60 10.98 -27.34
CA LEU G 381 -7.95 11.81 -26.32
C LEU G 381 -6.42 11.80 -26.44
N CYS G 382 -5.84 10.78 -27.08
CA CYS G 382 -4.38 10.63 -27.18
C CYS G 382 -3.89 11.12 -28.49
N ARG G 383 -2.93 12.08 -28.47
CA ARG G 383 -2.42 12.62 -29.71
C ARG G 383 -1.86 11.58 -30.67
N GLY G 384 -2.24 11.72 -31.92
CA GLY G 384 -1.75 10.88 -32.98
C GLY G 384 -2.33 9.51 -33.04
N VAL G 385 -3.43 9.24 -32.32
CA VAL G 385 -4.08 7.94 -32.42
C VAL G 385 -5.28 8.08 -33.33
N PHE G 386 -5.31 7.29 -34.41
CA PHE G 386 -6.37 7.27 -35.41
C PHE G 386 -7.11 5.97 -35.23
N PRO G 387 -8.27 6.02 -34.57
CA PRO G 387 -9.00 4.78 -34.30
C PRO G 387 -9.75 4.25 -35.49
N LEU G 388 -9.69 2.93 -35.66
CA LEU G 388 -10.40 2.25 -36.72
C LEU G 388 -11.25 1.20 -36.04
N LEU G 389 -12.56 1.28 -36.21
CA LEU G 389 -13.47 0.32 -35.58
C LEU G 389 -13.64 -0.87 -36.54
N TYR G 390 -13.29 -2.05 -36.08
CA TYR G 390 -13.33 -3.27 -36.88
C TYR G 390 -14.60 -4.03 -36.56
N ARG G 391 -15.48 -4.19 -37.56
CA ARG G 391 -16.78 -4.86 -37.36
C ARG G 391 -16.93 -6.18 -38.14
N GLU G 392 -15.84 -6.68 -38.75
CA GLU G 392 -15.92 -7.89 -39.55
C GLU G 392 -16.11 -9.11 -38.65
N PRO G 393 -16.72 -10.17 -39.17
CA PRO G 393 -16.86 -11.40 -38.39
C PRO G 393 -15.49 -12.03 -38.08
N PRO G 394 -15.40 -12.79 -36.98
CA PRO G 394 -14.10 -13.32 -36.58
C PRO G 394 -13.58 -14.46 -37.45
N GLU G 395 -12.25 -14.61 -37.48
CA GLU G 395 -11.63 -15.77 -38.11
C GLU G 395 -11.47 -16.82 -37.00
N ALA G 396 -11.56 -18.10 -37.39
CA ALA G 396 -11.44 -19.19 -36.44
C ALA G 396 -10.05 -19.30 -35.86
N ILE G 397 -9.02 -18.96 -36.66
CA ILE G 397 -7.65 -19.06 -36.19
C ILE G 397 -7.23 -17.68 -35.74
N TRP G 398 -6.81 -17.56 -34.50
CA TRP G 398 -6.41 -16.30 -33.93
C TRP G 398 -5.37 -15.50 -34.78
N ALA G 399 -4.24 -16.10 -35.17
CA ALA G 399 -3.23 -15.40 -35.97
C ALA G 399 -3.83 -14.87 -37.27
N ASP G 400 -4.78 -15.59 -37.87
CA ASP G 400 -5.46 -15.11 -39.08
C ASP G 400 -6.35 -13.90 -38.79
N ASP G 401 -6.99 -13.90 -37.63
CA ASP G 401 -7.84 -12.81 -37.20
C ASP G 401 -6.99 -11.53 -36.92
N VAL G 402 -5.83 -11.73 -36.31
CA VAL G 402 -4.88 -10.67 -36.06
C VAL G 402 -4.42 -10.08 -37.41
N ASP G 403 -4.05 -10.95 -38.37
CA ASP G 403 -3.61 -10.51 -39.69
C ASP G 403 -4.68 -9.75 -40.40
N ARG G 404 -5.95 -10.22 -40.33
N ARG G 404 -5.94 -10.20 -40.31
CA ARG G 404 -7.08 -9.54 -40.95
CA ARG G 404 -7.04 -9.49 -40.96
C ARG G 404 -7.20 -8.10 -40.40
C ARG G 404 -7.18 -8.07 -40.40
N ARG G 405 -7.02 -7.90 -39.09
CA ARG G 405 -7.12 -6.60 -38.46
C ARG G 405 -5.97 -5.69 -38.84
N VAL G 406 -4.74 -6.23 -38.92
CA VAL G 406 -3.59 -5.45 -39.37
C VAL G 406 -3.80 -5.01 -40.83
N GLN G 407 -4.29 -5.93 -41.67
CA GLN G 407 -4.58 -5.61 -43.06
C GLN G 407 -5.69 -4.59 -43.19
N PHE G 408 -6.67 -4.62 -42.30
CA PHE G 408 -7.72 -3.60 -42.25
C PHE G 408 -7.11 -2.23 -41.92
N GLY G 409 -6.13 -2.19 -41.02
CA GLY G 409 -5.42 -0.97 -40.70
C GLY G 409 -4.66 -0.44 -41.91
N ILE G 410 -4.00 -1.33 -42.65
CA ILE G 410 -3.26 -0.96 -43.85
C ILE G 410 -4.21 -0.46 -44.95
N GLU G 411 -5.29 -1.19 -45.22
CA GLU G 411 -6.25 -0.81 -46.26
C GLU G 411 -6.93 0.50 -45.92
N SER G 412 -7.28 0.71 -44.65
CA SER G 412 -7.89 1.97 -44.23
C SER G 412 -6.87 3.12 -44.43
N GLY G 413 -5.61 2.87 -44.05
CA GLY G 413 -4.53 3.82 -44.20
C GLY G 413 -4.29 4.20 -45.65
N LYS G 414 -4.34 3.24 -46.56
CA LYS G 414 -4.13 3.52 -47.98
C LYS G 414 -5.28 4.37 -48.50
N LEU G 415 -6.53 3.99 -48.17
CA LEU G 415 -7.70 4.71 -48.61
C LEU G 415 -7.69 6.16 -48.10
N ARG G 416 -7.29 6.35 -46.83
CA ARG G 416 -7.29 7.69 -46.23
C ARG G 416 -6.05 8.55 -46.55
N GLY G 417 -5.05 7.99 -47.23
CA GLY G 417 -3.84 8.73 -47.56
C GLY G 417 -2.70 8.64 -46.58
N PHE G 418 -2.85 7.88 -45.50
CA PHE G 418 -1.77 7.68 -44.53
C PHE G 418 -0.64 6.83 -45.15
N LEU G 419 -0.99 5.84 -45.97
CA LEU G 419 -0.06 4.85 -46.48
C LEU G 419 -0.09 4.69 -47.94
N ARG G 420 1.06 4.29 -48.48
CA ARG G 420 1.24 3.97 -49.89
C ARG G 420 2.08 2.70 -49.98
N VAL G 421 2.01 2.01 -51.12
CA VAL G 421 2.85 0.83 -51.37
C VAL G 421 4.32 1.27 -51.35
N GLY G 422 5.17 0.49 -50.69
CA GLY G 422 6.57 0.89 -50.53
C GLY G 422 6.85 1.53 -49.18
N ASP G 423 5.81 2.04 -48.49
CA ASP G 423 6.02 2.62 -47.16
C ASP G 423 6.41 1.55 -46.15
N LEU G 424 7.09 1.97 -45.08
CA LEU G 424 7.36 1.08 -43.98
C LEU G 424 6.37 1.44 -42.87
N VAL G 425 5.83 0.43 -42.23
CA VAL G 425 4.98 0.60 -41.09
C VAL G 425 5.52 -0.29 -39.96
N ILE G 426 5.27 0.11 -38.74
CA ILE G 426 5.60 -0.67 -37.55
C ILE G 426 4.26 -1.27 -37.10
N VAL G 427 4.21 -2.56 -36.81
CA VAL G 427 2.98 -3.21 -36.39
C VAL G 427 3.16 -3.69 -34.97
N VAL G 428 2.24 -3.33 -34.09
CA VAL G 428 2.30 -3.68 -32.69
C VAL G 428 1.14 -4.57 -32.31
N THR G 429 1.46 -5.76 -31.78
CA THR G 429 0.46 -6.75 -31.40
C THR G 429 0.91 -7.45 -30.09
N GLY G 430 0.10 -8.37 -29.57
CA GLY G 430 0.45 -9.16 -28.41
C GLY G 430 0.62 -10.63 -28.78
N TRP G 431 1.07 -11.46 -27.83
CA TRP G 431 1.36 -12.87 -28.12
C TRP G 431 0.17 -13.85 -27.96
N ARG G 432 -0.93 -13.36 -27.41
CA ARG G 432 -2.10 -14.14 -27.18
C ARG G 432 -3.31 -13.19 -27.16
N PRO G 433 -4.54 -13.73 -27.33
CA PRO G 433 -5.73 -12.87 -27.30
C PRO G 433 -5.96 -12.25 -25.93
N GLY G 434 -6.71 -11.17 -25.93
CA GLY G 434 -7.03 -10.42 -24.73
C GLY G 434 -6.12 -9.23 -24.51
N SER G 435 -6.70 -8.22 -23.93
CA SER G 435 -6.03 -7.01 -23.52
C SER G 435 -4.90 -7.32 -22.52
N GLY G 436 -3.81 -6.54 -22.56
CA GLY G 436 -2.73 -6.64 -21.56
C GLY G 436 -1.51 -7.43 -21.94
N TYR G 437 -1.50 -7.99 -23.15
CA TYR G 437 -0.39 -8.82 -23.58
C TYR G 437 0.43 -8.30 -24.72
N THR G 438 0.30 -6.99 -25.07
CA THR G 438 1.10 -6.43 -26.17
C THR G 438 2.59 -6.64 -25.88
N ASN G 439 3.32 -7.20 -26.82
CA ASN G 439 4.76 -7.48 -26.61
C ASN G 439 5.54 -7.65 -27.92
N ILE G 440 4.93 -7.38 -29.07
CA ILE G 440 5.55 -7.62 -30.36
C ILE G 440 5.50 -6.37 -31.21
N MET G 441 6.63 -6.07 -31.83
CA MET G 441 6.77 -5.00 -32.78
C MET G 441 7.36 -5.65 -34.06
N ARG G 442 6.74 -5.38 -35.20
CA ARG G 442 7.20 -5.88 -36.48
C ARG G 442 7.40 -4.75 -37.46
N VAL G 443 8.37 -4.84 -38.35
CA VAL G 443 8.62 -3.86 -39.38
C VAL G 443 8.07 -4.45 -40.65
N LEU G 444 7.08 -3.79 -41.25
CA LEU G 444 6.44 -4.28 -42.46
CA LEU G 444 6.42 -4.29 -42.43
C LEU G 444 6.55 -3.32 -43.60
N SER G 445 6.86 -3.84 -44.77
CA SER G 445 6.90 -3.01 -45.98
CA SER G 445 6.91 -3.02 -45.98
C SER G 445 5.52 -3.16 -46.61
N ILE G 446 4.86 -2.06 -46.90
CA ILE G 446 3.52 -2.07 -47.45
C ILE G 446 3.54 -2.58 -48.90
N SER G 447 2.77 -3.63 -49.16
CA SER G 447 2.64 -4.18 -50.50
C SER G 447 1.23 -3.93 -51.03
N GLY H 23 14.85 -4.70 -7.03
CA GLY H 23 15.57 -4.48 -5.78
C GLY H 23 16.64 -3.41 -5.86
N THR H 24 17.03 -2.88 -4.71
CA THR H 24 18.06 -1.85 -4.65
C THR H 24 19.45 -2.41 -4.97
N ALA H 25 19.69 -3.69 -4.66
CA ALA H 25 20.97 -4.32 -4.96
C ALA H 25 21.23 -4.32 -6.46
N PHE H 26 20.19 -4.58 -7.27
CA PHE H 26 20.27 -4.59 -8.72
C PHE H 26 20.77 -3.23 -9.23
N PHE H 27 20.22 -2.14 -8.71
CA PHE H 27 20.57 -0.80 -9.17
C PHE H 27 21.91 -0.27 -8.64
N GLN H 28 22.60 -1.02 -7.77
CA GLN H 28 23.93 -0.64 -7.33
C GLN H 28 25.04 -1.35 -8.15
N GLN H 29 24.72 -2.49 -8.78
CA GLN H 29 25.62 -3.27 -9.63
C GLN H 29 25.78 -2.66 -11.01
N GLN H 30 26.77 -3.20 -11.79
CA GLN H 30 27.11 -2.87 -13.16
C GLN H 30 27.15 -1.36 -13.46
N GLN H 31 27.68 -0.60 -12.52
CA GLN H 31 27.82 0.86 -12.62
C GLN H 31 26.50 1.54 -12.98
N LEU H 32 25.36 0.97 -12.53
CA LEU H 32 24.05 1.59 -12.83
C LEU H 32 23.91 3.01 -12.24
N PRO H 33 24.43 3.36 -11.04
CA PRO H 33 24.37 4.77 -10.62
C PRO H 33 25.10 5.70 -11.60
N ALA H 34 26.29 5.29 -12.12
CA ALA H 34 27.01 6.09 -13.11
C ALA H 34 26.27 6.13 -14.46
N ALA H 35 25.57 5.03 -14.79
CA ALA H 35 24.78 4.94 -16.01
C ALA H 35 23.66 5.97 -16.04
N MET H 36 23.07 6.26 -14.88
CA MET H 36 21.95 7.20 -14.80
C MET H 36 22.37 8.68 -14.78
N ALA H 37 23.67 8.98 -14.75
CA ALA H 37 24.12 10.37 -14.69
C ALA H 37 23.72 11.19 -15.90
N ASP H 38 23.49 12.48 -15.69
CA ASP H 38 23.06 13.41 -16.73
C ASP H 38 24.20 13.99 -17.55
N THR H 39 25.44 13.90 -17.07
CA THR H 39 26.58 14.35 -17.86
C THR H 39 27.70 13.29 -17.80
N PHE H 40 28.62 13.31 -18.77
CA PHE H 40 29.77 12.40 -18.77
C PHE H 40 30.65 12.64 -17.54
N LEU H 41 30.81 13.91 -17.13
CA LEU H 41 31.59 14.24 -15.94
C LEU H 41 30.96 13.62 -14.68
N GLU H 42 29.64 13.76 -14.51
CA GLU H 42 28.96 13.16 -13.35
C GLU H 42 29.03 11.65 -13.41
N HIS H 43 28.97 11.08 -14.63
CA HIS H 43 29.08 9.63 -14.86
C HIS H 43 30.43 9.15 -14.31
N LEU H 44 31.52 9.87 -14.63
CA LEU H 44 32.85 9.50 -14.13
C LEU H 44 32.88 9.58 -12.61
N CYS H 45 32.33 10.67 -12.03
CA CYS H 45 32.31 10.87 -10.57
C CYS H 45 31.55 9.78 -9.85
N LEU H 46 30.62 9.09 -10.53
CA LEU H 46 29.80 8.06 -9.93
C LEU H 46 30.32 6.64 -10.13
N LEU H 47 31.44 6.46 -10.87
CA LEU H 47 32.02 5.13 -11.06
C LEU H 47 32.46 4.59 -9.69
N ASP H 48 32.10 3.35 -9.41
CA ASP H 48 32.29 2.76 -8.11
C ASP H 48 33.03 1.43 -8.21
N ILE H 49 34.19 1.33 -7.56
CA ILE H 49 34.95 0.09 -7.54
C ILE H 49 34.18 -1.07 -6.85
N ASP H 50 33.18 -0.76 -6.01
CA ASP H 50 32.37 -1.78 -5.35
C ASP H 50 31.14 -2.18 -6.18
N SER H 51 30.92 -1.55 -7.34
CA SER H 51 29.79 -1.90 -8.19
C SER H 51 30.27 -3.04 -9.10
N GLU H 52 29.86 -4.26 -8.77
CA GLU H 52 30.32 -5.44 -9.47
C GLU H 52 29.69 -5.64 -10.84
N PRO H 53 30.50 -6.05 -11.83
CA PRO H 53 29.93 -6.32 -13.15
C PRO H 53 29.02 -7.54 -13.07
N VAL H 54 27.93 -7.53 -13.80
CA VAL H 54 26.95 -8.62 -13.80
C VAL H 54 26.85 -9.21 -15.19
N ALA H 55 26.82 -8.34 -16.21
CA ALA H 55 26.70 -8.76 -17.59
C ALA H 55 27.87 -9.61 -18.04
N ALA H 56 27.61 -10.47 -19.01
CA ALA H 56 28.67 -11.28 -19.59
C ALA H 56 29.64 -10.33 -20.33
N ARG H 57 30.93 -10.67 -20.35
CA ARG H 57 31.95 -9.87 -21.00
C ARG H 57 31.71 -9.86 -22.48
N SER H 58 31.59 -8.68 -23.08
CA SER H 58 31.19 -8.52 -24.45
C SER H 58 32.31 -8.24 -25.45
N THR H 59 33.47 -7.73 -25.01
CA THR H 59 34.55 -7.46 -25.95
C THR H 59 35.28 -8.77 -26.17
N SER H 60 35.35 -9.25 -27.43
CA SER H 60 36.01 -10.52 -27.70
CA SER H 60 36.01 -10.52 -27.73
C SER H 60 37.50 -10.46 -27.52
N ILE H 61 38.08 -11.58 -27.11
CA ILE H 61 39.51 -11.70 -26.92
C ILE H 61 40.09 -12.54 -28.07
N ILE H 62 41.06 -11.98 -28.75
CA ILE H 62 41.79 -12.68 -29.78
C ILE H 62 43.12 -13.09 -29.16
N ALA H 63 43.42 -14.38 -29.15
CA ALA H 63 44.68 -14.86 -28.59
C ALA H 63 45.52 -15.41 -29.73
N THR H 64 46.77 -14.98 -29.82
CA THR H 64 47.67 -15.51 -30.82
C THR H 64 48.20 -16.87 -30.38
N ILE H 65 48.11 -17.86 -31.27
CA ILE H 65 48.56 -19.23 -31.03
C ILE H 65 50.03 -19.36 -31.38
N GLY H 66 50.75 -20.01 -30.52
CA GLY H 66 52.16 -20.26 -30.69
C GLY H 66 52.63 -21.34 -29.74
N PRO H 67 53.95 -21.44 -29.56
CA PRO H 67 54.48 -22.47 -28.66
C PRO H 67 53.90 -22.50 -27.23
N ALA H 68 53.52 -21.34 -26.69
CA ALA H 68 52.97 -21.30 -25.35
C ALA H 68 51.50 -21.75 -25.27
N SER H 69 50.81 -21.83 -26.40
CA SER H 69 49.38 -22.06 -26.41
C SER H 69 48.89 -23.08 -27.43
N ARG H 70 49.76 -23.95 -27.95
CA ARG H 70 49.32 -24.93 -28.97
C ARG H 70 48.81 -26.21 -28.37
N SER H 71 49.16 -26.51 -27.13
CA SER H 71 48.76 -27.74 -26.48
C SER H 71 47.23 -27.86 -26.48
N VAL H 72 46.66 -29.02 -26.89
CA VAL H 72 45.21 -29.19 -26.90
C VAL H 72 44.64 -28.91 -25.51
N GLU H 73 45.32 -29.41 -24.48
CA GLU H 73 44.88 -29.19 -23.10
CA GLU H 73 44.89 -29.21 -23.11
C GLU H 73 44.98 -27.75 -22.66
N ARG H 74 46.04 -27.03 -23.09
CA ARG H 74 46.14 -25.60 -22.73
C ARG H 74 45.06 -24.82 -23.50
N LEU H 75 44.79 -25.18 -24.74
CA LEU H 75 43.76 -24.53 -25.53
C LEU H 75 42.39 -24.65 -24.89
N LYS H 76 42.13 -25.79 -24.23
CA LYS H 76 40.87 -25.99 -23.50
C LYS H 76 40.77 -24.99 -22.35
N GLU H 77 41.91 -24.74 -21.65
CA GLU H 77 41.94 -23.76 -20.58
C GLU H 77 41.78 -22.34 -21.13
N MET H 78 42.36 -22.06 -22.30
CA MET H 78 42.24 -20.74 -22.91
CA MET H 78 42.28 -20.77 -23.00
C MET H 78 40.81 -20.47 -23.39
N ILE H 79 40.11 -21.50 -23.86
CA ILE H 79 38.71 -21.36 -24.28
C ILE H 79 37.86 -21.07 -23.03
N LYS H 80 38.10 -21.82 -21.94
CA LYS H 80 37.38 -21.59 -20.70
C LYS H 80 37.68 -20.22 -20.07
N ALA H 81 38.92 -19.74 -20.23
CA ALA H 81 39.35 -18.41 -19.72
C ALA H 81 38.68 -17.24 -20.48
N GLY H 82 38.27 -17.51 -21.72
CA GLY H 82 37.59 -16.48 -22.50
C GLY H 82 38.07 -16.22 -23.91
N MET H 83 39.03 -17.02 -24.44
CA MET H 83 39.51 -16.80 -25.82
C MET H 83 38.37 -17.04 -26.80
N ASN H 84 38.12 -16.09 -27.68
CA ASN H 84 37.05 -16.22 -28.66
C ASN H 84 37.57 -16.43 -30.07
N ILE H 85 38.75 -15.85 -30.38
CA ILE H 85 39.33 -15.95 -31.70
C ILE H 85 40.79 -16.37 -31.53
N ALA H 86 41.22 -17.40 -32.26
CA ALA H 86 42.60 -17.87 -32.26
C ALA H 86 43.26 -17.21 -33.49
N ARG H 87 44.33 -16.46 -33.27
CA ARG H 87 45.05 -15.82 -34.35
C ARG H 87 46.29 -16.63 -34.71
N LEU H 88 46.50 -16.90 -36.02
CA LEU H 88 47.68 -17.59 -36.51
C LEU H 88 48.50 -16.57 -37.22
N ASN H 89 49.67 -16.27 -36.67
CA ASN H 89 50.52 -15.25 -37.25
C ASN H 89 51.42 -15.86 -38.33
N PHE H 90 51.08 -15.63 -39.62
CA PHE H 90 51.86 -16.20 -40.72
C PHE H 90 53.21 -15.48 -40.95
N SER H 91 53.58 -14.52 -40.08
CA SER H 91 54.93 -13.97 -40.12
C SER H 91 55.90 -14.98 -39.48
N HIS H 92 55.40 -15.94 -38.66
CA HIS H 92 56.17 -16.99 -38.00
C HIS H 92 55.68 -18.37 -38.47
N GLY H 93 56.49 -19.39 -38.30
CA GLY H 93 56.13 -20.76 -38.64
C GLY H 93 55.93 -21.07 -40.12
N SER H 94 55.65 -22.30 -40.40
CA SER H 94 55.43 -22.78 -41.75
C SER H 94 53.94 -23.13 -41.92
N HIS H 95 53.53 -23.55 -43.13
CA HIS H 95 52.16 -24.01 -43.34
C HIS H 95 51.87 -25.23 -42.49
N GLU H 96 52.84 -26.13 -42.37
CA GLU H 96 52.74 -27.35 -41.57
C GLU H 96 52.50 -26.96 -40.11
N TYR H 97 53.24 -25.96 -39.61
CA TYR H 97 53.09 -25.51 -38.25
C TYR H 97 51.65 -24.93 -38.05
N HIS H 98 51.19 -24.07 -38.94
CA HIS H 98 49.86 -23.46 -38.79
C HIS H 98 48.72 -24.48 -38.96
N ALA H 99 48.93 -25.51 -39.79
CA ALA H 99 47.93 -26.56 -39.94
C ALA H 99 47.77 -27.32 -38.63
N GLU H 100 48.90 -27.59 -37.93
CA GLU H 100 48.91 -28.26 -36.62
C GLU H 100 48.18 -27.36 -35.62
N SER H 101 48.44 -26.05 -35.63
CA SER H 101 47.79 -25.12 -34.72
C SER H 101 46.27 -25.14 -34.95
N ILE H 102 45.84 -25.15 -36.22
CA ILE H 102 44.42 -25.18 -36.57
C ILE H 102 43.78 -26.46 -36.08
N ALA H 103 44.48 -27.60 -36.26
CA ALA H 103 43.96 -28.89 -35.82
C ALA H 103 43.84 -28.95 -34.30
N ASN H 104 44.85 -28.42 -33.58
CA ASN H 104 44.80 -28.41 -32.12
C ASN H 104 43.68 -27.54 -31.60
N VAL H 105 43.50 -26.35 -32.21
CA VAL H 105 42.43 -25.44 -31.78
C VAL H 105 41.07 -26.12 -32.00
N ARG H 106 40.87 -26.70 -33.18
CA ARG H 106 39.62 -27.39 -33.49
C ARG H 106 39.37 -28.56 -32.55
N GLU H 107 40.42 -29.31 -32.20
CA GLU H 107 40.24 -30.44 -31.28
C GLU H 107 39.80 -29.91 -29.90
N ALA H 108 40.46 -28.85 -29.42
CA ALA H 108 40.09 -28.29 -28.11
C ALA H 108 38.66 -27.74 -28.15
N VAL H 109 38.30 -27.02 -29.22
CA VAL H 109 36.96 -26.43 -29.34
C VAL H 109 35.89 -27.53 -29.36
N GLU H 110 36.11 -28.56 -30.20
CA GLU H 110 35.17 -29.64 -30.35
C GLU H 110 35.11 -30.58 -29.16
N SER H 111 36.06 -30.47 -28.22
CA SER H 111 35.99 -31.29 -27.01
C SER H 111 34.79 -30.91 -26.12
N PHE H 112 34.20 -29.72 -26.33
CA PHE H 112 33.05 -29.24 -25.57
C PHE H 112 31.71 -29.42 -26.33
N ALA H 113 31.74 -29.91 -27.57
CA ALA H 113 30.52 -30.07 -28.39
C ALA H 113 29.51 -31.08 -27.84
N GLY H 114 29.93 -32.02 -26.96
CA GLY H 114 28.97 -32.96 -26.38
C GLY H 114 28.02 -32.31 -25.39
N SER H 115 28.28 -31.03 -24.98
CA SER H 115 27.35 -30.28 -24.16
C SER H 115 26.97 -29.04 -24.97
N PRO H 116 26.01 -29.21 -25.89
CA PRO H 116 25.61 -28.09 -26.76
C PRO H 116 25.19 -26.79 -26.08
N LEU H 117 24.60 -26.85 -24.88
CA LEU H 117 24.15 -25.67 -24.13
C LEU H 117 25.30 -24.80 -23.61
N SER H 118 26.51 -25.35 -23.54
CA SER H 118 27.66 -24.59 -23.05
C SER H 118 28.80 -24.50 -24.09
N TYR H 119 28.67 -25.14 -25.25
CA TYR H 119 29.65 -25.12 -26.31
C TYR H 119 29.96 -23.70 -26.77
N ARG H 120 31.26 -23.35 -26.79
CA ARG H 120 31.66 -22.03 -27.23
C ARG H 120 32.39 -22.09 -28.56
N PRO H 121 31.80 -21.51 -29.61
CA PRO H 121 32.54 -21.41 -30.87
C PRO H 121 33.80 -20.55 -30.71
N VAL H 122 34.85 -20.87 -31.48
CA VAL H 122 36.09 -20.10 -31.49
C VAL H 122 36.49 -19.91 -32.94
N ALA H 123 36.67 -18.65 -33.34
CA ALA H 123 37.05 -18.36 -34.71
C ALA H 123 38.54 -18.63 -34.94
N ILE H 124 38.91 -18.87 -36.20
CA ILE H 124 40.29 -19.05 -36.57
C ILE H 124 40.61 -17.91 -37.53
N ALA H 125 41.58 -17.08 -37.17
CA ALA H 125 41.96 -15.93 -37.96
C ALA H 125 43.38 -16.07 -38.45
N LEU H 126 43.62 -15.82 -39.74
CA LEU H 126 44.93 -15.92 -40.35
C LEU H 126 45.45 -14.52 -40.49
N ASP H 127 46.60 -14.23 -39.89
CA ASP H 127 47.19 -12.90 -39.95
C ASP H 127 48.35 -13.00 -40.94
N THR H 128 48.27 -12.27 -42.05
CA THR H 128 49.25 -12.38 -43.10
C THR H 128 50.61 -11.76 -42.77
N LYS H 129 51.66 -12.26 -43.43
CA LYS H 129 53.00 -11.72 -43.26
C LYS H 129 53.06 -10.28 -43.74
N GLY H 130 52.43 -10.01 -44.88
CA GLY H 130 52.38 -8.66 -45.42
C GLY H 130 53.17 -8.45 -46.68
N PRO H 131 53.11 -7.24 -47.29
CA PRO H 131 53.73 -7.00 -48.60
C PRO H 131 55.24 -6.73 -48.55
N GLY H 132 55.77 -6.62 -47.34
CA GLY H 132 57.20 -6.32 -47.18
C GLY H 132 57.56 -5.04 -47.91
N SER H 133 58.55 -5.10 -48.80
CA SER H 133 59.03 -3.90 -49.53
C SER H 133 58.24 -3.76 -50.83
N GLY H 134 57.42 -4.76 -51.14
CA GLY H 134 56.62 -4.74 -52.38
C GLY H 134 55.49 -3.75 -52.31
N PRO H 135 54.87 -3.39 -53.45
CA PRO H 135 53.82 -2.37 -53.45
C PRO H 135 52.42 -2.94 -53.14
N GLY H 136 52.32 -4.24 -52.87
CA GLY H 136 51.00 -4.85 -52.66
C GLY H 136 51.08 -6.34 -52.35
N LEU H 137 50.14 -7.13 -52.88
CA LEU H 137 50.05 -8.57 -52.49
C LEU H 137 51.31 -9.36 -52.88
N SER H 138 52.02 -9.83 -51.87
CA SER H 138 53.22 -10.64 -52.05
C SER H 138 52.88 -12.07 -52.47
N GLU H 139 53.89 -12.79 -53.00
CA GLU H 139 53.67 -14.17 -53.41
C GLU H 139 53.44 -15.07 -52.21
N GLN H 140 54.12 -14.81 -51.07
CA GLN H 140 53.91 -15.59 -49.86
C GLN H 140 52.48 -15.38 -49.36
N ASP H 141 51.97 -14.14 -49.42
CA ASP H 141 50.59 -13.86 -48.99
C ASP H 141 49.61 -14.59 -49.87
N VAL H 142 49.84 -14.67 -51.19
CA VAL H 142 48.96 -15.44 -52.08
C VAL H 142 48.89 -16.92 -51.64
N ARG H 143 50.06 -17.52 -51.33
CA ARG H 143 50.10 -18.91 -50.89
C ARG H 143 49.44 -19.09 -49.52
N ASP H 144 49.68 -18.15 -48.60
CA ASP H 144 49.10 -18.23 -47.25
C ASP H 144 47.60 -18.06 -47.27
N LEU H 145 47.08 -17.17 -48.11
CA LEU H 145 45.65 -16.95 -48.25
C LEU H 145 45.00 -18.20 -48.85
N ARG H 146 45.67 -18.86 -49.84
CA ARG H 146 45.10 -20.09 -50.38
CA ARG H 146 45.13 -20.10 -50.40
C ARG H 146 45.09 -21.17 -49.31
N PHE H 147 46.14 -21.23 -48.45
CA PHE H 147 46.19 -22.17 -47.31
C PHE H 147 44.99 -21.90 -46.39
N GLY H 148 44.71 -20.62 -46.11
CA GLY H 148 43.60 -20.19 -45.27
C GLY H 148 42.28 -20.71 -45.77
N VAL H 149 42.04 -20.55 -47.08
CA VAL H 149 40.80 -21.04 -47.70
C VAL H 149 40.72 -22.57 -47.60
N GLU H 150 41.83 -23.27 -47.94
CA GLU H 150 41.84 -24.73 -47.89
C GLU H 150 41.65 -25.27 -46.49
N HIS H 151 42.10 -24.53 -45.47
CA HIS H 151 41.92 -24.95 -44.09
C HIS H 151 40.68 -24.38 -43.41
N GLY H 152 39.83 -23.66 -44.14
CA GLY H 152 38.57 -23.13 -43.64
C GLY H 152 38.70 -22.08 -42.54
N VAL H 153 39.69 -21.16 -42.65
CA VAL H 153 39.80 -20.08 -41.66
C VAL H 153 38.57 -19.15 -41.78
N ASP H 154 38.20 -18.51 -40.68
CA ASP H 154 37.02 -17.64 -40.67
C ASP H 154 37.31 -16.21 -41.06
N ILE H 155 38.51 -15.75 -40.71
CA ILE H 155 38.89 -14.38 -40.81
C ILE H 155 40.31 -14.24 -41.32
N VAL H 156 40.57 -13.19 -42.06
CA VAL H 156 41.89 -12.84 -42.45
C VAL H 156 42.20 -11.46 -41.82
N PHE H 157 43.31 -11.33 -41.10
CA PHE H 157 43.78 -10.06 -40.63
C PHE H 157 44.84 -9.71 -41.68
N ALA H 158 44.50 -8.84 -42.64
CA ALA H 158 45.39 -8.50 -43.74
C ALA H 158 46.40 -7.44 -43.33
N SER H 159 47.68 -7.79 -43.28
CA SER H 159 48.74 -6.89 -42.85
C SER H 159 49.03 -5.78 -43.83
N PHE H 160 49.34 -4.60 -43.28
CA PHE H 160 49.75 -3.42 -44.01
C PHE H 160 48.81 -3.03 -45.14
N VAL H 161 47.50 -2.96 -44.84
CA VAL H 161 46.54 -2.52 -45.84
C VAL H 161 46.72 -1.01 -45.97
N ARG H 162 47.01 -0.55 -47.19
CA ARG H 162 47.29 0.87 -47.45
C ARG H 162 46.26 1.58 -48.32
N LYS H 163 45.38 0.82 -48.97
CA LYS H 163 44.39 1.35 -49.90
C LYS H 163 43.37 0.28 -50.22
N ALA H 164 42.22 0.68 -50.81
CA ALA H 164 41.15 -0.24 -51.16
C ALA H 164 41.61 -1.38 -52.08
N SER H 165 42.53 -1.10 -53.03
CA SER H 165 43.01 -2.14 -53.93
C SER H 165 43.76 -3.26 -53.23
N ASP H 166 44.34 -2.98 -52.04
CA ASP H 166 45.00 -4.04 -51.27
C ASP H 166 43.94 -5.03 -50.78
N VAL H 167 42.76 -4.53 -50.35
CA VAL H 167 41.68 -5.37 -49.89
C VAL H 167 41.14 -6.21 -51.05
N ALA H 168 41.00 -5.59 -52.23
CA ALA H 168 40.52 -6.29 -53.42
C ALA H 168 41.48 -7.43 -53.78
N ALA H 169 42.80 -7.20 -53.69
CA ALA H 169 43.80 -8.23 -53.97
C ALA H 169 43.70 -9.39 -52.99
N VAL H 170 43.47 -9.11 -51.69
CA VAL H 170 43.33 -10.17 -50.69
C VAL H 170 42.07 -10.98 -51.00
N ARG H 171 40.97 -10.28 -51.33
N ARG H 171 40.97 -10.28 -51.33
CA ARG H 171 39.69 -10.88 -51.66
CA ARG H 171 39.70 -10.92 -51.66
C ARG H 171 39.83 -11.80 -52.88
C ARG H 171 39.86 -11.83 -52.88
N ALA H 172 40.54 -11.34 -53.92
CA ALA H 172 40.77 -12.13 -55.15
C ALA H 172 41.61 -13.37 -54.86
N ALA H 173 42.64 -13.24 -53.99
CA ALA H 173 43.49 -14.34 -53.59
C ALA H 173 42.76 -15.39 -52.76
N LEU H 174 41.65 -15.01 -52.09
CA LEU H 174 40.82 -15.98 -51.36
C LEU H 174 39.97 -16.85 -52.34
N GLY H 175 39.79 -16.37 -53.57
CA GLY H 175 39.11 -17.09 -54.63
C GLY H 175 37.63 -17.24 -54.45
N PRO H 176 37.01 -18.05 -55.32
CA PRO H 176 35.56 -18.28 -55.23
C PRO H 176 35.14 -19.04 -53.98
N GLU H 177 36.01 -19.89 -53.44
CA GLU H 177 35.69 -20.66 -52.24
C GLU H 177 35.83 -19.88 -50.92
N GLY H 178 36.47 -18.72 -50.95
CA GLY H 178 36.67 -17.92 -49.74
C GLY H 178 35.83 -16.66 -49.67
N HIS H 179 34.68 -16.63 -50.38
CA HIS H 179 33.79 -15.47 -50.38
CA HIS H 179 33.80 -15.45 -50.37
C HIS H 179 33.25 -15.12 -48.98
N GLY H 180 33.05 -16.14 -48.14
CA GLY H 180 32.50 -15.97 -46.80
C GLY H 180 33.50 -15.58 -45.73
N ILE H 181 34.81 -15.61 -46.03
CA ILE H 181 35.85 -15.23 -45.08
C ILE H 181 35.81 -13.73 -44.83
N LYS H 182 35.87 -13.31 -43.56
CA LYS H 182 35.86 -11.88 -43.23
C LYS H 182 37.25 -11.29 -43.39
N ILE H 183 37.35 -10.14 -44.04
CA ILE H 183 38.63 -9.49 -44.19
C ILE H 183 38.71 -8.31 -43.22
N ILE H 184 39.60 -8.40 -42.25
CA ILE H 184 39.83 -7.33 -41.29
C ILE H 184 41.14 -6.68 -41.75
N SER H 185 41.07 -5.45 -42.23
CA SER H 185 42.26 -4.75 -42.70
C SER H 185 43.08 -4.20 -41.54
N LYS H 186 44.37 -4.54 -41.49
CA LYS H 186 45.26 -4.02 -40.46
C LYS H 186 45.82 -2.68 -40.92
N ILE H 187 45.63 -1.63 -40.10
CA ILE H 187 46.13 -0.30 -40.42
C ILE H 187 47.40 -0.17 -39.62
N GLU H 188 48.52 -0.12 -40.34
CA GLU H 188 49.84 -0.17 -39.72
C GLU H 188 50.78 0.96 -40.08
N ASN H 189 50.36 1.86 -40.95
CA ASN H 189 51.24 2.95 -41.36
C ASN H 189 50.46 4.21 -41.69
N HIS H 190 51.18 5.28 -42.03
CA HIS H 190 50.57 6.56 -42.30
C HIS H 190 49.58 6.50 -43.45
N GLU H 191 49.93 5.84 -44.56
CA GLU H 191 49.03 5.75 -45.70
C GLU H 191 47.71 5.06 -45.36
N GLY H 192 47.77 3.97 -44.58
CA GLY H 192 46.57 3.27 -44.14
C GLY H 192 45.66 4.18 -43.33
N VAL H 193 46.24 5.01 -42.46
CA VAL H 193 45.46 5.94 -41.65
C VAL H 193 44.83 7.00 -42.56
N LYS H 194 45.61 7.56 -43.48
CA LYS H 194 45.10 8.60 -44.38
C LYS H 194 44.06 8.10 -45.38
N ARG H 195 44.18 6.86 -45.82
CA ARG H 195 43.18 6.29 -46.74
C ARG H 195 42.19 5.39 -45.99
N PHE H 196 42.02 5.61 -44.68
CA PHE H 196 41.15 4.80 -43.82
C PHE H 196 39.75 4.65 -44.36
N ASP H 197 39.10 5.74 -44.78
CA ASP H 197 37.72 5.66 -45.24
C ASP H 197 37.54 4.71 -46.42
N GLU H 198 38.40 4.82 -47.41
CA GLU H 198 38.33 3.94 -48.58
C GLU H 198 38.60 2.47 -48.19
N ILE H 199 39.47 2.25 -47.21
CA ILE H 199 39.81 0.90 -46.76
C ILE H 199 38.62 0.31 -45.99
N LEU H 200 38.06 1.07 -45.02
CA LEU H 200 36.93 0.60 -44.22
C LEU H 200 35.73 0.25 -45.11
N GLU H 201 35.49 1.09 -46.13
CA GLU H 201 34.37 0.88 -47.06
C GLU H 201 34.37 -0.50 -47.69
N VAL H 202 35.53 -1.04 -48.06
CA VAL H 202 35.61 -2.34 -48.70
C VAL H 202 36.01 -3.49 -47.77
N SER H 203 36.29 -3.21 -46.49
CA SER H 203 36.72 -4.25 -45.54
C SER H 203 35.53 -4.65 -44.68
N ASP H 204 35.61 -5.83 -44.05
CA ASP H 204 34.60 -6.22 -43.08
C ASP H 204 34.85 -5.54 -41.72
N GLY H 205 36.09 -5.12 -41.48
CA GLY H 205 36.46 -4.48 -40.24
C GLY H 205 37.92 -4.05 -40.27
N ILE H 206 38.40 -3.56 -39.13
CA ILE H 206 39.74 -2.99 -39.06
C ILE H 206 40.47 -3.49 -37.84
N MET H 207 41.80 -3.61 -37.94
CA MET H 207 42.62 -3.84 -36.79
C MET H 207 43.56 -2.63 -36.67
N VAL H 208 43.60 -2.03 -35.46
CA VAL H 208 44.55 -0.96 -35.16
C VAL H 208 45.82 -1.72 -34.74
N ALA H 209 46.74 -1.89 -35.67
CA ALA H 209 47.94 -2.71 -35.47
C ALA H 209 49.01 -1.80 -34.93
N ARG H 210 48.97 -1.57 -33.61
CA ARG H 210 49.78 -0.56 -32.98
C ARG H 210 51.29 -0.78 -32.98
N GLY H 211 51.75 -2.01 -33.14
CA GLY H 211 53.18 -2.32 -33.18
C GLY H 211 53.87 -1.59 -34.32
N ASP H 212 53.46 -1.91 -35.55
CA ASP H 212 54.00 -1.24 -36.73
C ASP H 212 53.56 0.20 -36.78
N LEU H 213 52.30 0.49 -36.43
CA LEU H 213 51.82 1.88 -36.45
C LEU H 213 52.72 2.79 -35.59
N GLY H 214 53.15 2.30 -34.42
CA GLY H 214 54.00 3.04 -33.50
C GLY H 214 55.45 3.24 -33.95
N ILE H 215 55.87 2.54 -35.00
CA ILE H 215 57.16 2.73 -35.61
C ILE H 215 57.06 3.50 -36.94
N GLU H 216 55.91 3.40 -37.64
CA GLU H 216 55.65 4.08 -38.89
C GLU H 216 55.24 5.55 -38.68
N ILE H 217 54.57 5.85 -37.58
CA ILE H 217 54.19 7.22 -37.23
C ILE H 217 54.75 7.49 -35.82
N PRO H 218 54.87 8.76 -35.38
CA PRO H 218 55.38 9.01 -34.02
C PRO H 218 54.56 8.24 -32.97
N ALA H 219 55.25 7.61 -32.01
CA ALA H 219 54.62 6.79 -30.99
C ALA H 219 53.54 7.53 -30.22
N GLU H 220 53.76 8.83 -29.96
CA GLU H 220 52.84 9.69 -29.24
C GLU H 220 51.57 10.01 -30.01
N LYS H 221 51.48 9.65 -31.31
CA LYS H 221 50.28 9.91 -32.12
C LYS H 221 49.40 8.63 -32.29
N VAL H 222 49.89 7.46 -31.88
CA VAL H 222 49.13 6.21 -32.06
C VAL H 222 47.76 6.26 -31.41
N PHE H 223 47.66 6.84 -30.19
CA PHE H 223 46.34 6.90 -29.52
C PHE H 223 45.31 7.69 -30.35
N LEU H 224 45.76 8.72 -31.13
CA LEU H 224 44.85 9.50 -31.96
C LEU H 224 44.33 8.62 -33.09
N ALA H 225 45.23 7.85 -33.73
CA ALA H 225 44.84 6.96 -34.83
C ALA H 225 43.92 5.87 -34.27
N GLN H 226 44.22 5.34 -33.08
CA GLN H 226 43.37 4.31 -32.47
C GLN H 226 41.97 4.86 -32.20
N LYS H 227 41.87 6.02 -31.53
CA LYS H 227 40.57 6.58 -31.18
C LYS H 227 39.79 6.96 -32.41
N MET H 228 40.45 7.51 -33.42
CA MET H 228 39.79 7.88 -34.68
C MET H 228 39.24 6.62 -35.39
N MET H 229 40.07 5.59 -35.56
CA MET H 229 39.64 4.40 -36.26
C MET H 229 38.54 3.67 -35.53
N ILE H 230 38.62 3.61 -34.18
CA ILE H 230 37.56 2.95 -33.42
C ILE H 230 36.26 3.75 -33.56
N GLY H 231 36.32 5.09 -33.46
CA GLY H 231 35.16 5.95 -33.65
C GLY H 231 34.51 5.74 -35.00
N ARG H 232 35.32 5.77 -36.08
CA ARG H 232 34.77 5.59 -37.43
C ARG H 232 34.19 4.19 -37.67
N CYS H 233 34.80 3.15 -37.09
CA CYS H 233 34.26 1.80 -37.20
C CYS H 233 32.97 1.70 -36.44
N ASN H 234 32.88 2.33 -35.26
CA ASN H 234 31.65 2.33 -34.47
C ASN H 234 30.53 3.01 -35.26
N LEU H 235 30.86 4.13 -35.91
CA LEU H 235 29.90 4.85 -36.75
C LEU H 235 29.45 3.99 -37.94
N ALA H 236 30.39 3.32 -38.59
CA ALA H 236 30.09 2.43 -39.73
C ALA H 236 29.43 1.10 -39.31
N GLY H 237 29.42 0.77 -38.02
CA GLY H 237 28.86 -0.50 -37.57
C GLY H 237 29.69 -1.69 -38.01
N LYS H 238 31.02 -1.50 -38.12
CA LYS H 238 31.93 -2.57 -38.53
C LYS H 238 32.93 -2.86 -37.43
N PRO H 239 33.29 -4.15 -37.23
CA PRO H 239 34.19 -4.50 -36.12
C PRO H 239 35.57 -3.86 -36.16
N VAL H 240 36.07 -3.48 -34.99
CA VAL H 240 37.40 -2.90 -34.89
C VAL H 240 38.14 -3.61 -33.76
N VAL H 241 39.38 -3.95 -34.02
CA VAL H 241 40.21 -4.68 -33.07
C VAL H 241 41.33 -3.76 -32.58
N CYS H 242 41.58 -3.74 -31.28
CA CYS H 242 42.73 -3.02 -30.75
C CYS H 242 43.79 -4.09 -30.52
N ALA H 243 45.01 -3.86 -31.01
CA ALA H 243 46.04 -4.88 -30.92
C ALA H 243 47.39 -4.34 -30.50
N THR H 244 48.22 -5.24 -29.92
CA THR H 244 49.67 -5.15 -29.69
C THR H 244 50.08 -4.45 -28.44
N GLN H 245 50.83 -5.21 -27.60
CA GLN H 245 51.43 -4.80 -26.34
C GLN H 245 50.43 -4.39 -25.29
N MET H 246 49.18 -4.87 -25.38
CA MET H 246 48.16 -4.53 -24.39
C MET H 246 48.53 -5.01 -23.00
N LEU H 247 49.10 -6.21 -22.88
CA LEU H 247 49.52 -6.76 -21.58
C LEU H 247 50.96 -7.29 -21.72
N GLU H 248 51.82 -6.58 -22.44
CA GLU H 248 53.17 -6.99 -22.77
C GLU H 248 53.98 -7.58 -21.62
N SER H 249 53.99 -6.94 -20.46
CA SER H 249 54.77 -7.41 -19.33
C SER H 249 54.36 -8.81 -18.87
N MET H 250 53.11 -9.25 -19.19
CA MET H 250 52.64 -10.57 -18.84
C MET H 250 53.28 -11.71 -19.67
N ILE H 251 54.13 -11.37 -20.65
CA ILE H 251 54.93 -12.38 -21.34
C ILE H 251 55.87 -13.08 -20.30
N THR H 252 56.36 -12.28 -19.31
CA THR H 252 57.31 -12.76 -18.31
C THR H 252 56.82 -12.66 -16.88
N LYS H 253 55.82 -11.82 -16.61
CA LYS H 253 55.32 -11.58 -15.26
C LYS H 253 53.87 -12.00 -15.08
N PRO H 254 53.52 -12.49 -13.87
CA PRO H 254 52.16 -13.00 -13.67
C PRO H 254 51.08 -11.90 -13.61
N ARG H 255 51.48 -10.64 -13.36
CA ARG H 255 50.53 -9.53 -13.25
C ARG H 255 50.99 -8.40 -14.18
N PRO H 256 50.03 -7.71 -14.80
CA PRO H 256 50.40 -6.63 -15.73
C PRO H 256 50.72 -5.31 -15.02
N THR H 257 51.26 -4.34 -15.76
CA THR H 257 51.55 -3.03 -15.18
C THR H 257 50.26 -2.21 -15.09
N ARG H 258 50.31 -1.08 -14.36
CA ARG H 258 49.14 -0.20 -14.27
C ARG H 258 48.79 0.39 -15.64
N ALA H 259 49.79 0.66 -16.49
CA ALA H 259 49.52 1.21 -17.83
C ALA H 259 48.83 0.18 -18.73
N GLU H 260 49.18 -1.09 -18.58
CA GLU H 260 48.59 -2.17 -19.37
C GLU H 260 47.13 -2.40 -19.04
N THR H 261 46.77 -2.42 -17.74
CA THR H 261 45.34 -2.58 -17.39
C THR H 261 44.56 -1.38 -17.85
N SER H 262 45.13 -0.18 -17.72
CA SER H 262 44.52 1.03 -18.21
C SER H 262 44.33 0.96 -19.73
N ASP H 263 45.32 0.51 -20.48
CA ASP H 263 45.26 0.41 -21.94
C ASP H 263 44.12 -0.52 -22.37
N VAL H 264 43.97 -1.69 -21.71
CA VAL H 264 42.89 -2.60 -22.03
C VAL H 264 41.53 -1.95 -21.73
N ALA H 265 41.40 -1.35 -20.54
CA ALA H 265 40.14 -0.69 -20.17
C ALA H 265 39.77 0.43 -21.13
N ASN H 266 40.76 1.26 -21.50
CA ASN H 266 40.54 2.37 -22.41
C ASN H 266 40.25 1.93 -23.82
N ALA H 267 40.78 0.79 -24.27
CA ALA H 267 40.44 0.27 -25.62
C ALA H 267 38.93 -0.08 -25.65
N VAL H 268 38.43 -0.69 -24.57
CA VAL H 268 37.01 -1.04 -24.47
C VAL H 268 36.16 0.24 -24.36
N LEU H 269 36.58 1.20 -23.51
CA LEU H 269 35.84 2.46 -23.40
C LEU H 269 35.89 3.25 -24.72
N ASP H 270 36.97 3.11 -25.49
CA ASP H 270 37.09 3.78 -26.81
C ASP H 270 36.02 3.24 -27.78
N GLY H 271 35.65 1.96 -27.63
CA GLY H 271 34.65 1.31 -28.46
C GLY H 271 35.13 0.10 -29.23
N ALA H 272 36.30 -0.47 -28.84
CA ALA H 272 36.83 -1.62 -29.57
C ALA H 272 35.90 -2.81 -29.45
N ASP H 273 35.65 -3.47 -30.57
CA ASP H 273 34.86 -4.70 -30.54
C ASP H 273 35.69 -5.84 -29.97
N CYS H 274 37.00 -5.87 -30.31
CA CYS H 274 37.89 -6.95 -29.87
C CYS H 274 39.16 -6.36 -29.33
N ILE H 275 39.78 -7.12 -28.44
CA ILE H 275 41.11 -6.81 -27.93
C ILE H 275 41.98 -8.03 -28.20
N MET H 276 43.28 -7.82 -28.34
CA MET H 276 44.16 -8.88 -28.77
C MET H 276 45.36 -9.09 -27.87
N LEU H 277 45.84 -10.31 -27.87
CA LEU H 277 47.05 -10.74 -27.21
C LEU H 277 47.94 -11.35 -28.31
N SER H 278 49.21 -10.97 -28.31
CA SER H 278 50.17 -11.49 -29.29
C SER H 278 51.17 -12.33 -28.54
N GLY H 279 52.34 -11.81 -28.20
CA GLY H 279 53.33 -12.58 -27.46
C GLY H 279 52.82 -13.10 -26.12
N GLU H 280 51.86 -12.38 -25.51
CA GLU H 280 51.27 -12.76 -24.21
C GLU H 280 50.69 -14.16 -24.23
N THR H 281 50.16 -14.60 -25.38
CA THR H 281 49.62 -15.95 -25.50
C THR H 281 50.49 -16.83 -26.44
N ALA H 282 51.18 -16.22 -27.40
CA ALA H 282 51.91 -17.02 -28.39
C ALA H 282 53.14 -17.62 -27.79
N LYS H 283 53.85 -16.87 -26.96
CA LYS H 283 55.13 -17.35 -26.46
C LYS H 283 55.42 -17.13 -25.00
N GLY H 284 54.56 -16.44 -24.29
CA GLY H 284 54.83 -16.07 -22.92
C GLY H 284 54.62 -17.19 -21.92
N ASN H 285 54.92 -16.87 -20.68
CA ASN H 285 54.75 -17.82 -19.60
C ASN H 285 53.38 -17.79 -18.94
N PHE H 286 52.51 -16.85 -19.31
CA PHE H 286 51.19 -16.72 -18.70
C PHE H 286 50.06 -16.60 -19.74
N PRO H 287 49.97 -17.49 -20.75
CA PRO H 287 48.93 -17.30 -21.79
C PRO H 287 47.53 -17.32 -21.21
N VAL H 288 47.24 -18.26 -20.28
CA VAL H 288 45.88 -18.36 -19.73
C VAL H 288 45.58 -17.16 -18.84
N GLU H 289 46.56 -16.73 -18.03
CA GLU H 289 46.38 -15.59 -17.13
C GLU H 289 46.19 -14.29 -17.93
N ALA H 290 46.87 -14.16 -19.09
CA ALA H 290 46.74 -12.97 -19.92
C ALA H 290 45.29 -12.92 -20.48
N VAL H 291 44.74 -14.07 -20.88
CA VAL H 291 43.34 -14.14 -21.34
C VAL H 291 42.41 -13.78 -20.18
N LYS H 292 42.66 -14.38 -18.99
CA LYS H 292 41.83 -14.07 -17.81
C LYS H 292 41.87 -12.58 -17.44
N MET H 293 43.04 -11.95 -17.58
CA MET H 293 43.20 -10.53 -17.24
C MET H 293 42.43 -9.66 -18.22
N GLN H 294 42.51 -9.96 -19.54
CA GLN H 294 41.73 -9.18 -20.51
C GLN H 294 40.25 -9.35 -20.26
N HIS H 295 39.83 -10.56 -19.90
CA HIS H 295 38.41 -10.84 -19.58
C HIS H 295 37.98 -10.00 -18.38
N ALA H 296 38.78 -10.01 -17.30
CA ALA H 296 38.44 -9.28 -16.08
C ALA H 296 38.34 -7.76 -16.30
N ILE H 297 39.31 -7.19 -17.02
CA ILE H 297 39.32 -5.77 -17.30
C ILE H 297 38.16 -5.39 -18.23
N ALA H 298 37.98 -6.13 -19.32
CA ALA H 298 36.92 -5.82 -20.29
C ALA H 298 35.54 -5.81 -19.64
N ARG H 299 35.28 -6.74 -18.73
CA ARG H 299 33.99 -6.79 -18.04
C ARG H 299 33.77 -5.54 -17.19
N GLU H 300 34.81 -5.07 -16.50
CA GLU H 300 34.69 -3.86 -15.67
C GLU H 300 34.49 -2.64 -16.58
N ALA H 301 35.27 -2.55 -17.68
CA ALA H 301 35.19 -1.41 -18.59
C ALA H 301 33.87 -1.34 -19.34
N GLU H 302 33.29 -2.48 -19.69
CA GLU H 302 32.00 -2.48 -20.39
C GLU H 302 30.90 -1.88 -19.53
N ALA H 303 30.90 -2.20 -18.23
CA ALA H 303 29.91 -1.64 -17.30
C ALA H 303 30.11 -0.11 -17.13
N ALA H 304 31.35 0.39 -17.28
CA ALA H 304 31.69 1.80 -17.16
C ALA H 304 31.43 2.63 -18.43
N VAL H 305 30.94 2.00 -19.50
CA VAL H 305 30.60 2.72 -20.73
C VAL H 305 29.39 3.66 -20.41
N TYR H 306 29.42 4.89 -20.86
CA TYR H 306 28.32 5.82 -20.62
C TYR H 306 27.30 5.63 -21.74
N HIS H 307 26.49 4.57 -21.64
CA HIS H 307 25.53 4.21 -22.68
C HIS H 307 24.56 5.31 -23.01
N ARG H 308 24.19 6.16 -22.05
CA ARG H 308 23.24 7.25 -22.32
C ARG H 308 23.73 8.15 -23.46
N GLN H 309 25.01 8.58 -23.42
CA GLN H 309 25.57 9.39 -24.47
C GLN H 309 25.89 8.57 -25.70
N LEU H 310 26.49 7.38 -25.51
CA LEU H 310 26.86 6.54 -26.64
C LEU H 310 25.64 6.19 -27.53
N PHE H 311 24.55 5.72 -26.93
CA PHE H 311 23.35 5.37 -27.68
C PHE H 311 22.76 6.59 -28.39
N GLU H 312 22.69 7.73 -27.70
CA GLU H 312 22.19 8.99 -28.26
C GLU H 312 23.04 9.40 -29.47
N GLU H 313 24.39 9.31 -29.35
CA GLU H 313 25.27 9.68 -30.44
C GLU H 313 25.26 8.71 -31.59
N LEU H 314 25.16 7.40 -31.32
CA LEU H 314 25.08 6.40 -32.39
C LEU H 314 23.80 6.60 -33.19
N ARG H 315 22.68 6.95 -32.50
CA ARG H 315 21.43 7.14 -33.23
C ARG H 315 21.44 8.46 -34.01
N ARG H 316 21.96 9.54 -33.43
CA ARG H 316 22.07 10.85 -34.08
C ARG H 316 22.94 10.78 -35.32
N ALA H 317 24.02 9.99 -35.28
CA ALA H 317 24.93 9.89 -36.41
C ALA H 317 24.47 8.92 -37.48
N ALA H 318 23.79 7.84 -37.08
CA ALA H 318 23.31 6.85 -38.03
C ALA H 318 22.19 7.45 -38.83
N PRO H 319 22.32 7.39 -40.16
CA PRO H 319 21.24 7.94 -40.99
C PRO H 319 19.95 7.13 -40.86
N LEU H 320 18.84 7.68 -41.38
CA LEU H 320 17.58 6.95 -41.46
C LEU H 320 17.80 5.66 -42.29
N SER H 321 17.10 4.59 -41.96
CA SER H 321 17.24 3.35 -42.69
C SER H 321 15.90 2.78 -43.01
N ARG H 322 15.78 2.23 -44.19
CA ARG H 322 14.58 1.53 -44.61
C ARG H 322 14.81 -0.01 -44.62
N ASP H 323 15.96 -0.48 -44.09
CA ASP H 323 16.24 -1.90 -44.03
C ASP H 323 15.55 -2.43 -42.76
N PRO H 324 14.62 -3.38 -42.89
CA PRO H 324 13.91 -3.85 -41.71
C PRO H 324 14.77 -4.47 -40.64
N THR H 325 15.93 -5.08 -40.99
CA THR H 325 16.81 -5.66 -39.99
C THR H 325 17.38 -4.54 -39.12
N GLU H 326 17.83 -3.47 -39.76
CA GLU H 326 18.39 -2.32 -39.08
C GLU H 326 17.31 -1.64 -38.21
N VAL H 327 16.10 -1.49 -38.75
CA VAL H 327 14.99 -0.87 -38.02
C VAL H 327 14.59 -1.69 -36.81
N THR H 328 14.53 -3.02 -36.97
CA THR H 328 14.18 -3.91 -35.86
C THR H 328 15.29 -3.86 -34.81
N ALA H 329 16.56 -3.82 -35.24
CA ALA H 329 17.71 -3.79 -34.33
C ALA H 329 17.66 -2.57 -33.41
N ILE H 330 17.40 -1.36 -33.95
CA ILE H 330 17.35 -0.17 -33.09
C ILE H 330 16.15 -0.23 -32.14
N GLY H 331 15.01 -0.75 -32.62
CA GLY H 331 13.84 -0.93 -31.76
C GLY H 331 14.11 -1.92 -30.65
N ALA H 332 14.83 -3.03 -30.96
CA ALA H 332 15.15 -4.04 -29.97
C ALA H 332 16.13 -3.48 -28.92
N VAL H 333 17.12 -2.69 -29.36
CA VAL H 333 18.10 -2.13 -28.42
C VAL H 333 17.43 -1.12 -27.51
N GLU H 334 16.52 -0.30 -28.07
CA GLU H 334 15.76 0.67 -27.28
CA GLU H 334 15.76 0.67 -27.28
C GLU H 334 14.89 -0.08 -26.26
N ALA H 335 14.21 -1.15 -26.68
CA ALA H 335 13.37 -1.96 -25.80
C ALA H 335 14.21 -2.59 -24.69
N ALA H 336 15.42 -3.08 -25.03
CA ALA H 336 16.29 -3.72 -24.06
C ALA H 336 16.72 -2.71 -22.97
N PHE H 337 17.07 -1.50 -23.37
CA PHE H 337 17.43 -0.44 -22.42
C PHE H 337 16.26 -0.06 -21.52
N LYS H 338 15.04 -0.02 -22.08
CA LYS H 338 13.86 0.35 -21.31
C LYS H 338 13.59 -0.58 -20.12
N CYS H 339 13.80 -1.89 -20.31
CA CYS H 339 13.48 -2.85 -19.26
C CYS H 339 14.69 -3.46 -18.61
N CYS H 340 15.92 -2.98 -18.91
CA CYS H 340 17.16 -3.59 -18.41
C CYS H 340 17.19 -5.07 -18.78
N ALA H 341 16.83 -5.39 -20.04
CA ALA H 341 16.75 -6.77 -20.49
C ALA H 341 18.06 -7.53 -20.21
N ALA H 342 17.96 -8.77 -19.76
CA ALA H 342 19.15 -9.58 -19.48
C ALA H 342 19.85 -9.91 -20.81
N ALA H 343 19.07 -10.08 -21.90
CA ALA H 343 19.63 -10.44 -23.19
C ALA H 343 18.70 -10.06 -24.33
N ILE H 344 19.26 -9.96 -25.54
CA ILE H 344 18.54 -9.88 -26.79
C ILE H 344 18.88 -11.20 -27.49
N ILE H 345 17.91 -12.10 -27.69
CA ILE H 345 18.17 -13.37 -28.35
C ILE H 345 17.80 -13.15 -29.81
N VAL H 346 18.74 -13.39 -30.71
CA VAL H 346 18.50 -13.15 -32.15
C VAL H 346 18.83 -14.40 -32.94
N LEU H 347 17.99 -14.72 -33.91
CA LEU H 347 18.23 -15.81 -34.81
C LEU H 347 18.93 -15.21 -36.00
N THR H 348 20.05 -15.83 -36.43
CA THR H 348 20.81 -15.29 -37.55
C THR H 348 21.43 -16.41 -38.37
N THR H 349 21.43 -16.26 -39.70
CA THR H 349 22.03 -17.22 -40.59
C THR H 349 23.48 -16.80 -40.90
N THR H 350 23.69 -15.52 -41.23
CA THR H 350 24.99 -14.98 -41.61
C THR H 350 25.70 -14.21 -40.50
N GLY H 351 25.00 -13.89 -39.42
CA GLY H 351 25.50 -13.03 -38.34
C GLY H 351 25.03 -11.58 -38.46
N ARG H 352 24.54 -11.19 -39.64
CA ARG H 352 24.17 -9.81 -39.90
C ARG H 352 23.15 -9.21 -38.92
N SER H 353 22.10 -9.97 -38.55
CA SER H 353 21.10 -9.42 -37.61
C SER H 353 21.74 -9.15 -36.23
N ALA H 354 22.68 -10.00 -35.81
CA ALA H 354 23.39 -9.79 -34.55
C ALA H 354 24.32 -8.58 -34.67
N GLN H 355 24.98 -8.42 -35.83
CA GLN H 355 25.90 -7.30 -36.05
C GLN H 355 25.16 -5.98 -35.98
N LEU H 356 23.94 -5.92 -36.55
CA LEU H 356 23.16 -4.71 -36.50
C LEU H 356 22.66 -4.38 -35.10
N LEU H 357 22.45 -5.38 -34.24
CA LEU H 357 22.13 -5.13 -32.85
C LEU H 357 23.36 -4.60 -32.12
N SER H 358 24.50 -5.25 -32.34
CA SER H 358 25.78 -4.90 -31.73
C SER H 358 26.18 -3.43 -32.02
N ARG H 359 25.93 -2.94 -33.25
CA ARG H 359 26.32 -1.58 -33.63
C ARG H 359 25.68 -0.48 -32.74
N TYR H 360 24.54 -0.79 -32.09
CA TYR H 360 23.90 0.16 -31.17
C TYR H 360 24.36 0.03 -29.73
N ARG H 361 25.31 -0.87 -29.47
CA ARG H 361 25.93 -1.09 -28.19
C ARG H 361 24.95 -1.27 -27.04
N PRO H 362 24.06 -2.27 -27.13
CA PRO H 362 23.16 -2.52 -26.00
C PRO H 362 23.96 -3.00 -24.80
N ARG H 363 23.46 -2.69 -23.61
CA ARG H 363 24.04 -3.24 -22.38
C ARG H 363 23.67 -4.75 -22.31
N ALA H 364 22.47 -5.13 -22.79
CA ALA H 364 22.02 -6.52 -22.79
C ALA H 364 22.90 -7.33 -23.73
N ALA H 365 23.25 -8.55 -23.33
CA ALA H 365 24.02 -9.48 -24.14
C ALA H 365 23.20 -9.83 -25.41
N VAL H 366 23.84 -9.90 -26.58
CA VAL H 366 23.15 -10.31 -27.81
C VAL H 366 23.47 -11.79 -27.98
N ILE H 367 22.53 -12.67 -27.65
CA ILE H 367 22.71 -14.11 -27.79
C ILE H 367 22.28 -14.49 -29.20
N ALA H 368 23.24 -14.84 -30.05
CA ALA H 368 22.96 -15.13 -31.46
C ALA H 368 22.87 -16.63 -31.70
N VAL H 369 21.69 -17.11 -32.04
CA VAL H 369 21.48 -18.52 -32.31
C VAL H 369 21.55 -18.76 -33.81
N THR H 370 22.49 -19.62 -34.22
CA THR H 370 22.69 -19.91 -35.63
C THR H 370 23.01 -21.36 -35.89
N ARG H 371 22.69 -21.83 -37.09
CA ARG H 371 23.10 -23.16 -37.52
C ARG H 371 24.43 -23.12 -38.23
N SER H 372 24.87 -21.93 -38.68
CA SER H 372 26.11 -21.81 -39.41
C SER H 372 27.25 -21.79 -38.43
N ALA H 373 28.09 -22.84 -38.47
CA ALA H 373 29.28 -22.92 -37.62
C ALA H 373 30.22 -21.74 -37.96
N GLN H 374 30.35 -21.40 -39.26
CA GLN H 374 31.20 -20.27 -39.63
C GLN H 374 30.67 -18.94 -39.12
N ALA H 375 29.35 -18.68 -39.27
CA ALA H 375 28.77 -17.43 -38.74
C ALA H 375 28.94 -17.36 -37.22
N ALA H 376 28.77 -18.47 -36.53
CA ALA H 376 28.92 -18.52 -35.06
C ALA H 376 30.35 -18.12 -34.66
N ARG H 377 31.36 -18.55 -35.43
CA ARG H 377 32.73 -18.16 -35.16
C ARG H 377 32.98 -16.69 -35.51
N GLN H 378 32.51 -16.26 -36.68
CA GLN H 378 32.73 -14.89 -37.12
C GLN H 378 32.05 -13.80 -36.31
N VAL H 379 30.87 -14.08 -35.70
CA VAL H 379 30.19 -13.02 -34.95
C VAL H 379 30.93 -12.58 -33.70
N HIS H 380 31.97 -13.33 -33.28
CA HIS H 380 32.83 -12.89 -32.19
C HIS H 380 33.50 -11.55 -32.52
N LEU H 381 33.59 -11.17 -33.80
CA LEU H 381 34.15 -9.88 -34.18
C LEU H 381 33.28 -8.71 -33.69
N CYS H 382 31.99 -8.94 -33.41
CA CYS H 382 31.04 -7.89 -33.00
C CYS H 382 30.86 -7.88 -31.53
N ARG H 383 31.11 -6.72 -30.91
CA ARG H 383 30.97 -6.60 -29.45
C ARG H 383 29.60 -7.02 -28.93
N GLY H 384 29.62 -7.81 -27.90
CA GLY H 384 28.41 -8.19 -27.20
C GLY H 384 27.61 -9.28 -27.85
N VAL H 385 28.16 -9.94 -28.88
CA VAL H 385 27.46 -11.05 -29.51
C VAL H 385 28.01 -12.34 -28.96
N PHE H 386 27.15 -13.18 -28.38
CA PHE H 386 27.48 -14.46 -27.80
C PHE H 386 26.89 -15.54 -28.70
N PRO H 387 27.70 -16.13 -29.56
CA PRO H 387 27.16 -17.12 -30.52
C PRO H 387 26.87 -18.47 -29.91
N LEU H 388 25.72 -19.04 -30.30
CA LEU H 388 25.31 -20.35 -29.87
C LEU H 388 25.09 -21.15 -31.15
N LEU H 389 25.82 -22.24 -31.31
CA LEU H 389 25.68 -23.09 -32.47
C LEU H 389 24.54 -24.07 -32.25
N TYR H 390 23.47 -23.94 -33.03
CA TYR H 390 22.31 -24.83 -32.95
C TYR H 390 22.53 -26.00 -33.90
N ARG H 391 22.40 -27.22 -33.40
CA ARG H 391 22.75 -28.40 -34.19
C ARG H 391 21.59 -29.25 -34.70
N GLU H 392 20.39 -29.05 -34.17
CA GLU H 392 19.24 -29.87 -34.57
C GLU H 392 18.80 -29.56 -35.99
N PRO H 393 18.43 -30.59 -36.76
CA PRO H 393 17.89 -30.33 -38.11
C PRO H 393 16.55 -29.55 -38.01
N PRO H 394 16.16 -28.85 -39.08
CA PRO H 394 14.94 -28.05 -39.01
C PRO H 394 13.67 -28.83 -38.71
N GLU H 395 12.83 -28.28 -37.84
CA GLU H 395 11.50 -28.81 -37.53
C GLU H 395 10.64 -28.68 -38.78
N ALA H 396 9.61 -29.54 -38.91
CA ALA H 396 8.70 -29.50 -40.06
C ALA H 396 7.94 -28.16 -40.10
N ILE H 397 7.49 -27.67 -38.94
CA ILE H 397 6.78 -26.40 -38.89
C ILE H 397 7.81 -25.31 -38.60
N TRP H 398 7.96 -24.35 -39.50
CA TRP H 398 8.98 -23.31 -39.35
C TRP H 398 8.84 -22.50 -38.05
N ALA H 399 7.62 -22.14 -37.65
CA ALA H 399 7.39 -21.42 -36.39
C ALA H 399 7.91 -22.23 -35.20
N ASP H 400 7.76 -23.57 -35.23
CA ASP H 400 8.29 -24.44 -34.17
C ASP H 400 9.82 -24.46 -34.21
N ASP H 401 10.42 -24.45 -35.41
CA ASP H 401 11.88 -24.45 -35.55
C ASP H 401 12.46 -23.13 -35.00
N VAL H 402 11.75 -22.01 -35.22
CA VAL H 402 12.11 -20.72 -34.68
C VAL H 402 12.03 -20.79 -33.15
N ASP H 403 10.88 -21.27 -32.61
CA ASP H 403 10.67 -21.40 -31.17
C ASP H 403 11.70 -22.27 -30.49
N ARG H 404 12.07 -23.39 -31.13
CA ARG H 404 13.06 -24.29 -30.54
C ARG H 404 14.43 -23.61 -30.43
N ARG H 405 14.79 -22.80 -31.41
CA ARG H 405 16.08 -22.09 -31.36
C ARG H 405 16.05 -20.97 -30.33
N VAL H 406 14.89 -20.31 -30.13
CA VAL H 406 14.77 -19.29 -29.10
C VAL H 406 14.89 -19.99 -27.73
N GLN H 407 14.24 -21.17 -27.56
CA GLN H 407 14.34 -21.94 -26.31
C GLN H 407 15.77 -22.42 -26.06
N PHE H 408 16.47 -22.77 -27.11
CA PHE H 408 17.88 -23.18 -27.00
C PHE H 408 18.72 -21.98 -26.51
N GLY H 409 18.42 -20.77 -27.01
CA GLY H 409 19.06 -19.54 -26.55
C GLY H 409 18.80 -19.31 -25.07
N ILE H 410 17.54 -19.49 -24.64
CA ILE H 410 17.14 -19.35 -23.25
C ILE H 410 17.82 -20.38 -22.35
N GLU H 411 17.77 -21.66 -22.71
CA GLU H 411 18.36 -22.73 -21.94
C GLU H 411 19.87 -22.59 -21.83
N SER H 412 20.52 -22.13 -22.92
CA SER H 412 21.98 -21.91 -22.89
C SER H 412 22.26 -20.72 -21.96
N GLY H 413 21.45 -19.66 -22.07
CA GLY H 413 21.60 -18.48 -21.24
C GLY H 413 21.43 -18.79 -19.76
N LYS H 414 20.46 -19.65 -19.40
CA LYS H 414 20.24 -20.03 -18.01
C LYS H 414 21.44 -20.82 -17.49
N LEU H 415 21.91 -21.80 -18.28
CA LEU H 415 23.03 -22.63 -17.90
C LEU H 415 24.29 -21.81 -17.71
N ARG H 416 24.53 -20.83 -18.59
CA ARG H 416 25.73 -20.01 -18.54
C ARG H 416 25.68 -18.84 -17.55
N GLY H 417 24.52 -18.58 -16.94
CA GLY H 417 24.39 -17.49 -15.99
C GLY H 417 23.89 -16.17 -16.57
N PHE H 418 23.64 -16.10 -17.89
CA PHE H 418 23.11 -14.88 -18.51
C PHE H 418 21.66 -14.62 -18.05
N LEU H 419 20.88 -15.68 -17.87
CA LEU H 419 19.45 -15.56 -17.63
C LEU H 419 18.99 -16.32 -16.44
N ARG H 420 17.92 -15.82 -15.85
CA ARG H 420 17.26 -16.45 -14.72
C ARG H 420 15.74 -16.27 -14.90
N VAL H 421 14.94 -17.14 -14.27
CA VAL H 421 13.48 -17.03 -14.27
C VAL H 421 13.06 -15.63 -13.77
N GLY H 422 12.17 -14.98 -14.48
CA GLY H 422 11.73 -13.63 -14.12
C GLY H 422 12.41 -12.56 -14.96
N ASP H 423 13.55 -12.86 -15.59
CA ASP H 423 14.23 -11.89 -16.44
C ASP H 423 13.39 -11.56 -17.66
N LEU H 424 13.58 -10.37 -18.21
CA LEU H 424 12.96 -10.02 -19.48
C LEU H 424 14.05 -10.14 -20.54
N VAL H 425 13.68 -10.68 -21.68
CA VAL H 425 14.56 -10.75 -22.82
C VAL H 425 13.84 -10.16 -24.03
N ILE H 426 14.60 -9.66 -24.98
CA ILE H 426 14.07 -9.18 -26.25
C ILE H 426 14.42 -10.28 -27.26
N VAL H 427 13.46 -10.75 -28.04
CA VAL H 427 13.72 -11.83 -29.00
C VAL H 427 13.55 -11.25 -30.40
N VAL H 428 14.55 -11.41 -31.24
CA VAL H 428 14.59 -10.85 -32.58
C VAL H 428 14.58 -11.97 -33.61
N THR H 429 13.54 -12.00 -34.44
CA THR H 429 13.36 -13.03 -35.45
C THR H 429 12.90 -12.37 -36.78
N GLY H 430 12.65 -13.19 -37.81
CA GLY H 430 12.16 -12.69 -39.09
C GLY H 430 10.84 -13.32 -39.46
N TRP H 431 10.27 -12.89 -40.57
CA TRP H 431 8.94 -13.35 -40.98
C TRP H 431 8.94 -14.58 -41.90
N ARG H 432 10.12 -14.98 -42.39
CA ARG H 432 10.24 -16.15 -43.26
C ARG H 432 11.66 -16.75 -43.13
N PRO H 433 11.84 -18.02 -43.53
CA PRO H 433 13.18 -18.63 -43.52
C PRO H 433 14.13 -17.91 -44.47
N GLY H 434 15.43 -18.12 -44.25
CA GLY H 434 16.46 -17.52 -45.06
C GLY H 434 16.95 -16.22 -44.48
N SER H 435 18.19 -15.86 -44.83
CA SER H 435 18.84 -14.63 -44.41
CA SER H 435 18.83 -14.61 -44.39
C SER H 435 18.17 -13.39 -44.99
N GLY H 436 18.21 -12.28 -44.25
CA GLY H 436 17.72 -10.98 -44.73
C GLY H 436 16.29 -10.58 -44.44
N TYR H 437 15.57 -11.38 -43.67
CA TYR H 437 14.16 -11.11 -43.39
C TYR H 437 13.84 -10.83 -41.92
N THR H 438 14.86 -10.48 -41.12
CA THR H 438 14.61 -10.08 -39.71
C THR H 438 13.73 -8.86 -39.69
N ASN H 439 12.63 -8.94 -38.94
CA ASN H 439 11.70 -7.81 -38.88
C ASN H 439 10.84 -7.81 -37.63
N ILE H 440 11.11 -8.66 -36.65
CA ILE H 440 10.26 -8.77 -35.48
C ILE H 440 11.05 -8.72 -34.20
N MET H 441 10.53 -8.00 -33.23
CA MET H 441 11.08 -7.96 -31.90
C MET H 441 9.95 -8.26 -30.91
N ARG H 442 10.21 -9.13 -29.95
CA ARG H 442 9.23 -9.55 -28.96
CA ARG H 442 9.22 -9.44 -28.94
C ARG H 442 9.81 -9.38 -27.55
N VAL H 443 8.99 -8.99 -26.60
CA VAL H 443 9.41 -8.88 -25.20
C VAL H 443 8.95 -10.15 -24.51
N LEU H 444 9.89 -10.92 -23.97
CA LEU H 444 9.58 -12.21 -23.39
C LEU H 444 10.00 -12.29 -21.94
N SER H 445 9.15 -12.85 -21.09
CA SER H 445 9.48 -13.06 -19.68
C SER H 445 10.02 -14.48 -19.57
N ILE H 446 11.21 -14.65 -18.97
CA ILE H 446 11.81 -15.96 -18.81
C ILE H 446 11.07 -16.78 -17.77
N SER H 447 10.60 -17.97 -18.15
CA SER H 447 9.92 -18.87 -17.20
C SER H 447 10.76 -20.12 -16.91
P1 FBP I . -20.83 -57.49 35.76
O1P FBP I . -22.09 -58.10 36.21
O2P FBP I . -20.61 -57.63 34.23
O3P FBP I . -19.53 -57.93 36.43
O1 FBP I . -20.92 -55.89 36.04
C1 FBP I . -19.83 -55.01 35.74
C2 FBP I . -20.44 -53.60 35.72
O2 FBP I . -19.38 -52.71 35.51
C3 FBP I . -21.27 -53.29 36.99
O3 FBP I . -20.45 -52.93 38.08
C4 FBP I . -22.22 -52.23 36.49
O4 FBP I . -23.39 -52.11 37.27
C5 FBP I . -22.61 -52.81 35.13
O5 FBP I . -21.40 -53.44 34.67
C6 FBP I . -23.07 -51.78 34.13
O6 FBP I . -24.08 -52.36 33.29
P2 FBP I . -25.23 -51.45 32.67
O4P FBP I . -25.97 -50.77 33.80
O5P FBP I . -26.21 -52.38 32.00
O6P FBP I . -24.59 -50.50 31.72
C1 OXL J . -39.63 -44.89 4.61
C2 OXL J . -39.32 -46.20 5.38
O1 OXL J . -40.76 -44.68 4.18
O2 OXL J . -40.33 -46.99 5.58
O3 OXL J . -38.66 -44.02 4.48
O4 OXL J . -38.18 -46.45 5.74
MG MG K . -41.95 -46.09 5.00
K K L . -41.00 -52.18 5.67
P1 FBP M . -1.69 -42.57 50.76
O1P FBP M . -2.06 -41.56 51.85
O2P FBP M . -0.18 -42.53 50.61
O3P FBP M . -2.27 -43.90 51.04
O1 FBP M . -2.32 -42.08 49.39
C1 FBP M . -3.75 -42.05 49.21
C2 FBP M . -4.00 -41.16 47.97
O2 FBP M . -5.40 -41.19 47.74
C3 FBP M . -3.14 -41.60 46.77
O3 FBP M . -3.71 -42.68 46.05
C4 FBP M . -3.08 -40.31 45.99
O4 FBP M . -1.98 -40.25 45.09
C5 FBP M . -2.82 -39.31 47.11
O5 FBP M . -3.57 -39.82 48.23
C6 FBP M . -3.21 -37.89 46.76
O6 FBP M . -2.35 -36.98 47.48
P2 FBP M . -1.95 -35.56 46.83
O4P FBP M . -3.27 -34.74 46.79
O5P FBP M . -0.96 -34.94 47.69
O6P FBP M . -1.50 -35.77 45.41
C1 OXL N . -1.21 -4.05 53.54
C2 OXL N . -0.61 -5.26 54.33
O1 OXL N . -2.40 -4.03 53.32
O2 OXL N . -1.43 -6.20 54.77
O3 OXL N . -0.41 -3.12 53.12
O4 OXL N . 0.60 -5.27 54.51
O1 I9N O . -1.89 -6.66 61.97
C2 I9N O . -1.16 -2.99 61.16
C4 I9N O . -0.47 -4.28 58.75
C5 I9N O . -1.61 -4.84 59.61
C6 I9N O . -0.93 -5.78 64.52
C7 I9N O . -0.45 -5.48 65.79
C9 I9N O . -0.12 -3.85 67.66
C11 I9N O . 0.32 -6.51 66.53
C12 I9N O . 0.90 -6.14 67.84
C13 I9N O . 0.67 -4.87 68.39
C14 I9N O . 1.27 -4.53 69.61
C16 I9N O . 2.35 -6.66 69.67
C17 I9N O . 1.75 -7.03 68.49
O5 I9N O . 0.49 -7.63 66.07
C1 I9N O . -1.63 -4.82 63.78
S I9N O . -2.20 -5.28 62.16
O2 I9N O . -3.56 -4.84 62.11
N I9N O . -1.39 -4.44 61.01
N1 I9N O . 0.65 -3.71 59.57
C3 I9N O . 0.15 -2.64 60.47
C15 I9N O . 2.11 -5.42 70.24
O3 I9N O . -0.30 -2.75 68.15
C8 I9N O . -0.65 -4.20 66.33
C10 I9N O . -1.36 -3.24 65.58
O4 I9N O . -1.51 -1.98 66.05
C I9N O . -1.87 -3.54 64.31
O I9N O . -2.65 -2.62 63.66
H1 I9N O . -1.12 -2.66 62.18
H2 I9N O . -1.99 -2.46 60.71
H6 I9N O . -0.12 -5.05 58.07
H7 I9N O . -0.84 -3.50 58.09
H8 I9N O . -1.66 -5.92 59.50
H9 I9N O . -2.55 -4.46 59.24
H10 I9N O . -0.77 -6.77 64.10
H12 I9N O . 1.08 -3.56 70.07
H14 I9N O . 3.03 -7.35 70.17
H15 I9N O . 1.93 -8.02 68.09
H16 I9N O . 1.41 -3.38 58.99
H3 I9N O . 0.88 -2.35 61.22
H4 I9N O . 0.02 -1.73 59.88
H13 I9N O . 2.58 -5.15 71.18
H11 I9N O . -0.73 -1.47 65.71
H I9N O . -2.72 -1.76 64.15
MG MG P . 1.57 -3.64 53.64
K K Q . 3.81 -6.87 58.08
P1 FBP R . -29.20 9.38 -5.08
O1P FBP R . -30.29 10.41 -4.77
O2P FBP R . -29.82 8.14 -5.69
O3P FBP R . -28.07 9.91 -5.85
O1 FBP R . -28.63 8.96 -3.65
C1 FBP R . -29.52 8.45 -2.65
C2 FBP R . -28.68 7.64 -1.69
O2 FBP R . -29.50 7.27 -0.60
C3 FBP R . -27.42 8.41 -1.22
O3 FBP R . -27.66 9.41 -0.23
C4 FBP R . -26.52 7.26 -0.83
O4 FBP R . -25.15 7.66 -0.82
C5 FBP R . -26.75 6.35 -2.02
O5 FBP R . -28.15 6.47 -2.31
C6 FBP R . -26.37 4.91 -1.72
O6 FBP R . -25.93 4.28 -2.92
P2 FBP R . -24.85 3.06 -2.79
O4P FBP R . -25.44 1.89 -2.10
O5P FBP R . -24.59 2.74 -4.23
O6P FBP R . -23.66 3.62 -2.08
C1 OXL S . -19.51 -27.45 -11.63
C2 OXL S . -19.92 -26.21 -12.42
O1 OXL S . -20.28 -27.82 -10.68
O2 OXL S . -20.97 -25.58 -12.18
O3 OXL S . -18.45 -28.00 -11.92
O4 OXL S . -19.07 -25.88 -13.35
O1 I9N T . -25.48 -26.08 -17.73
C2 I9N T . -24.50 -29.53 -16.55
C4 I9N T . -22.30 -27.70 -15.80
C5 I9N T . -23.74 -27.26 -16.03
C6 I9N T . -26.09 -26.89 -20.37
C7 I9N T . -26.40 -27.14 -21.71
C9 I9N T . -26.68 -28.76 -23.60
C11 I9N T . -26.60 -26.00 -22.64
C12 I9N T . -26.77 -26.30 -24.08
C13 I9N T . -26.82 -27.63 -24.54
C14 I9N T . -26.96 -27.88 -25.90
C16 I9N T . -26.97 -25.53 -26.35
C17 I9N T . -26.85 -25.26 -25.00
O5 I9N T . -26.67 -24.85 -22.23
C1 I9N T . -25.86 -27.92 -19.47
S I9N T . -25.69 -27.49 -17.75
O2 I9N T . -26.83 -28.05 -17.09
N I9N T . -24.37 -28.15 -17.03
N1 I9N T . -22.18 -29.17 -15.77
C3 I9N T . -23.47 -29.80 -15.46
C15 I9N T . -27.04 -26.83 -26.80
O3 I9N T . -26.81 -29.93 -24.00
C8 I9N T . -26.44 -28.48 -22.17
C10 I9N T . -26.23 -29.53 -21.25
O4 I9N T . -26.11 -30.83 -21.67
C I9N T . -26.00 -29.26 -19.88
O I9N T . -26.19 -30.26 -18.99
H1 I9N T . -24.37 -30.26 -17.35
H2 I9N T . -25.49 -29.73 -16.12
H6 I9N T . -21.92 -27.21 -14.92
H7 I9N T . -21.68 -27.33 -16.61
H8 I9N T . -23.67 -26.24 -16.37
H9 I9N T . -24.29 -27.23 -15.10
H10 I9N T . -26.04 -25.86 -20.03
H12 I9N T . -27.01 -28.90 -26.28
H14 I9N T . -27.00 -24.71 -27.06
H15 I9N T . -26.81 -24.22 -24.67
H16 I9N T . -21.79 -29.53 -16.64
H3 I9N T . -23.40 -30.88 -15.30
H4 I9N T . -23.83 -29.43 -14.50
H13 I9N T . -27.15 -27.04 -27.86
H11 I9N T . -25.15 -31.07 -21.60
H I9N T . -26.34 -29.93 -18.08
MG MG U . -17.33 -27.13 -13.40
K K V . -19.15 -23.83 -17.93
P1 FBP W . -38.25 19.95 19.14
O1P FBP W . -39.68 20.18 19.50
O2P FBP W . -37.31 20.23 20.31
O3P FBP W . -37.76 20.78 17.89
O1 FBP W . -38.09 18.42 18.82
C1 FBP W . -36.81 17.88 18.40
C2 FBP W . -36.92 16.37 18.63
O2 FBP W . -35.75 15.83 18.09
C3 FBP W . -38.21 15.76 18.03
O3 FBP W . -38.13 15.51 16.63
C4 FBP W . -38.37 14.51 18.85
O4 FBP W . -39.71 14.01 18.83
C5 FBP W . -38.06 15.06 20.24
O5 FBP W . -37.04 16.04 20.01
C6 FBP W . -37.59 14.01 21.22
O6 FBP W . -38.01 14.39 22.55
P2 FBP W . -38.34 13.20 23.60
O4P FBP W . -38.91 13.93 24.79
O5P FBP W . -39.32 12.23 23.08
O6P FBP W . -37.02 12.54 23.91
C1 OXL X . -31.34 6.67 53.17
C2 OXL X . -30.74 5.40 53.82
O1 OXL X . -32.43 7.05 53.60
O2 OXL X . -31.39 4.89 54.82
O3 OXL X . -30.64 7.28 52.22
O4 OXL X . -29.75 4.90 53.35
MG MG Y . -33.25 5.95 55.11
K K Z . -34.73 11.62 54.44
P1 FBP AA . 33.02 57.71 -24.73
O1P FBP AA . 31.53 57.86 -24.56
O2P FBP AA . 33.38 58.24 -26.10
O3P FBP AA . 33.82 58.14 -23.59
O1 FBP AA . 33.28 56.09 -24.83
C1 FBP AA . 33.08 55.24 -23.68
C2 FBP AA . 33.05 53.80 -24.23
O2 FBP AA . 32.91 52.96 -23.12
C3 FBP AA . 34.28 53.49 -25.09
O3 FBP AA . 35.43 53.17 -24.33
C4 FBP AA . 33.75 52.38 -25.98
O4 FBP AA . 34.48 52.22 -27.18
C5 FBP AA . 32.37 52.94 -26.33
O5 FBP AA . 31.95 53.62 -25.13
C6 FBP AA . 31.37 51.89 -26.72
O6 FBP AA . 30.46 52.42 -27.69
P2 FBP AA . 29.78 51.47 -28.80
O4P FBP AA . 28.87 50.56 -28.07
O5P FBP AA . 29.06 52.37 -29.75
O6P FBP AA . 30.90 50.77 -29.52
C1 OXL BA . 1.44 45.58 -40.69
C2 OXL BA . 0.69 44.24 -40.84
O1 OXL BA . 1.87 45.92 -39.48
O2 OXL BA . 0.62 43.47 -39.90
O3 OXL BA . 1.57 46.29 -41.68
O4 OXL BA . 0.21 43.96 -42.00
O1 I9N CA . -1.96 51.59 -36.98
C2 I9N CA . -2.14 49.26 -38.82
C4 I9N CA . -4.13 49.37 -40.66
C5 I9N CA . -4.48 49.89 -39.30
C6 I9N CA . -3.89 53.68 -37.25
C7 I9N CA . -4.69 54.78 -37.50
C9 I9N CA . -6.90 55.77 -38.14
C11 I9N CA . -4.09 56.13 -37.45
C12 I9N CA . -4.94 57.28 -37.79
C13 I9N CA . -6.29 57.11 -38.13
C14 I9N CA . -7.04 58.21 -38.54
C16 I9N CA . -5.12 59.62 -38.33
C17 I9N CA . -4.36 58.55 -37.89
O5 I9N CA . -2.93 56.30 -37.10
C1 I9N CA . -4.41 52.39 -37.26
S I9N CA . -3.26 51.04 -37.14
O2 I9N CA . -3.79 50.16 -36.15
N I9N CA . -3.25 50.20 -38.54
N1 I9N CA . -3.45 48.06 -40.57
C3 I9N CA . -2.71 47.93 -39.30
C15 I9N CA . -6.45 59.46 -38.64
O3 I9N CA . -8.09 55.63 -38.42
C8 I9N CA . -6.05 54.60 -37.81
C10 I9N CA . -6.59 53.29 -37.83
O4 I9N CA . -7.89 53.05 -38.22
C I9N CA . -5.79 52.18 -37.49
O I9N CA . -6.37 50.98 -37.23
H1 I9N CA . -1.50 49.10 -37.96
H2 I9N CA . -1.50 49.66 -39.59
H6 I9N CA . -3.56 50.12 -41.22
H7 I9N CA . -5.03 49.25 -41.25
H8 I9N CA . -5.10 49.16 -38.75
H9 I9N CA . -5.11 50.77 -39.41
H10 I9N CA . -2.83 53.82 -37.04
H12 I9N CA . -8.10 58.10 -38.79
H14 I9N CA . -4.66 60.60 -38.41
H15 I9N CA . -3.32 58.72 -37.62
H16 I9N CA . -2.88 47.87 -41.38
H3 I9N CA . -3.26 47.44 -38.50
H4 I9N CA . -1.88 47.25 -39.50
H13 I9N CA . -7.04 60.31 -38.97
H11 I9N CA . -7.92 53.18 -39.20
H I9N CA . -5.74 50.31 -36.85
MG MG DA . 0.82 45.49 -43.29
K K EA . 1.63 51.20 -42.84
P1 FBP FA . 49.19 42.83 -5.86
O1P FBP FA . 49.09 42.82 -4.39
O2P FBP FA . 50.23 41.81 -6.38
O3P FBP FA . 49.54 44.14 -6.54
O1 FBP FA . 47.78 42.37 -6.44
C1 FBP FA . 47.50 42.33 -7.84
C2 FBP FA . 46.25 41.42 -7.99
O2 FBP FA . 45.91 41.43 -9.35
C3 FBP FA . 45.10 41.89 -7.07
O3 FBP FA . 44.37 42.99 -7.59
C4 FBP FA . 44.32 40.60 -6.94
O4 FBP FA . 43.47 40.59 -5.80
C5 FBP FA . 45.46 39.60 -6.74
O5 FBP FA . 46.53 40.09 -7.56
C6 FBP FA . 45.09 38.18 -7.10
O6 FBP FA . 45.83 37.28 -6.25
P2 FBP FA . 45.17 35.86 -5.83
O4P FBP FA . 43.79 36.12 -5.25
O5P FBP FA . 46.09 35.21 -4.83
O6P FBP FA . 45.07 35.04 -7.11
C1 OXL GA . 52.13 4.24 -5.58
C2 OXL GA . 52.89 5.46 -5.05
O1 OXL GA . 51.80 3.29 -4.75
O2 OXL GA . 53.10 5.43 -3.76
O3 OXL GA . 51.88 4.18 -6.77
O4 OXL GA . 53.28 6.39 -5.80
O1 I9N HA . 60.51 6.87 -6.57
C2 I9N HA . 59.74 3.18 -6.06
C4 I9N HA . 57.27 4.48 -5.40
C5 I9N HA . 58.16 5.00 -6.50
C6 I9N HA . 63.10 6.00 -5.83
C7 I9N HA . 64.40 5.71 -5.41
C9 I9N HA . 66.28 4.08 -5.15
C11 I9N HA . 65.16 6.73 -4.66
C12 I9N HA . 66.50 6.36 -4.14
C13 I9N HA . 67.04 5.09 -4.40
C14 I9N HA . 68.29 4.76 -3.86
C16 I9N HA . 68.41 6.89 -2.79
C17 I9N HA . 67.20 7.26 -3.34
O5 I9N HA . 64.70 7.85 -4.46
C1 I9N HA . 62.33 5.05 -6.48
S I9N HA . 60.70 5.52 -7.00
O2 I9N HA . 60.62 5.19 -8.38
N I9N HA . 59.55 4.63 -6.23
N1 I9N HA . 57.48 3.02 -5.16
C3 I9N HA . 58.90 2.71 -4.90
C15 I9N HA . 68.95 5.66 -3.06
O3 I9N HA . 66.76 2.97 -5.34
C8 I9N HA . 64.94 4.43 -5.64
C10 I9N HA . 64.15 3.46 -6.31
O4 I9N HA . 64.60 2.20 -6.49
C I9N HA . 62.85 3.77 -6.75
O I9N HA . 62.20 2.85 -7.54
H1 I9N HA . 60.76 2.87 -5.91
H2 I9N HA . 59.39 2.65 -6.95
H6 I9N HA . 57.36 5.12 -4.51
H7 I9N HA . 56.23 4.61 -5.70
H8 I9N HA . 58.03 6.09 -6.53
H9 I9N HA . 57.80 4.64 -7.47
H10 I9N HA . 62.69 6.99 -5.63
H12 I9N HA . 68.75 3.80 -4.08
H14 I9N HA . 68.94 7.59 -2.14
H15 I9N HA . 66.80 8.24 -3.12
H16 I9N HA . 56.89 2.71 -4.39
H3 I9N HA . 59.32 3.08 -3.97
H4 I9N HA . 58.96 1.63 -4.83
H13 I9N HA . 69.93 5.39 -2.65
H11 I9N HA . 64.30 1.70 -5.68
H I9N HA . 61.35 3.19 -7.93
MG MG IA . 52.38 3.73 -2.77
K K JA . 56.82 7.04 -0.81
P1 FBP KA . -7.35 -9.75 -29.41
O1P FBP KA . -8.02 -10.28 -28.16
O2P FBP KA . -8.04 -8.48 -29.90
O3P FBP KA . -7.19 -10.80 -30.53
O1 FBP KA . -5.88 -9.34 -28.97
C1 FBP KA . -5.00 -8.72 -29.91
C2 FBP KA . -3.95 -7.98 -29.09
O2 FBP KA . -2.95 -7.60 -30.00
C3 FBP KA . -3.38 -8.78 -27.91
O3 FBP KA . -2.38 -9.75 -28.25
C4 FBP KA . -2.95 -7.66 -26.98
O4 FBP KA . -2.83 -8.06 -25.62
C5 FBP KA . -4.14 -6.70 -27.10
O5 FBP KA . -4.52 -6.81 -28.48
C6 FBP KA . -3.81 -5.28 -26.74
O6 FBP KA . -4.97 -4.63 -26.20
P2 FBP KA . -4.76 -3.54 -25.06
O4P FBP KA . -6.20 -3.26 -24.63
O5P FBP KA . -4.16 -2.31 -25.74
O6P FBP KA . -3.89 -4.08 -23.97
C1 OXL LA . -13.47 27.10 -18.94
C2 OXL LA . -14.34 25.86 -19.21
O1 OXL LA . -13.68 27.69 -17.81
O2 OXL LA . -15.17 25.57 -18.34
O3 OXL LA . -12.63 27.47 -19.74
O4 OXL LA . -14.19 25.15 -20.33
O1 I9N MA . -20.03 25.45 -24.32
C2 I9N MA . -20.06 28.84 -22.49
C4 I9N MA . -18.53 27.51 -20.79
C5 I9N MA . -18.60 26.90 -22.19
C6 I9N MA . -22.74 26.16 -24.82
C7 I9N MA . -24.11 26.37 -24.96
C9 I9N MA . -26.09 27.91 -25.00
C11 I9N MA . -25.01 25.20 -25.09
C12 I9N MA . -26.47 25.44 -25.12
C13 I9N MA . -26.99 26.74 -25.06
C14 I9N MA . -28.36 26.93 -25.00
C16 I9N MA . -28.71 24.57 -25.01
C17 I9N MA . -27.35 24.35 -25.09
O5 I9N MA . -24.56 24.07 -25.21
C1 I9N MA . -21.87 27.23 -24.73
S I9N MA . -20.16 26.88 -24.38
O2 I9N MA . -19.38 27.62 -25.32
N I9N MA . -19.78 27.45 -22.89
N1 I9N MA . -19.89 27.80 -20.25
C3 I9N MA . -20.55 28.86 -21.05
C15 I9N MA . -29.21 25.85 -24.97
O3 I9N MA . -26.55 29.05 -25.00
C8 I9N MA . -24.63 27.68 -24.94
C10 I9N MA . -23.72 28.78 -24.84
O4 I9N MA . -24.18 30.06 -24.70
C I9N MA . -22.34 28.55 -24.80
O I9N MA . -21.46 29.58 -24.97
H1 I9N MA . -20.81 29.33 -23.09
H2 I9N MA . -19.17 29.46 -22.60
H6 I9N MA . -17.96 26.84 -20.15
H7 I9N MA . -17.93 28.43 -20.80
H8 I9N MA . -18.69 25.82 -22.08
H9 I9N MA . -17.67 27.07 -22.73
H10 I9N MA . -22.36 25.15 -24.80
H12 I9N MA . -28.79 27.94 -24.99
H14 I9N MA . -29.39 23.72 -24.97
H15 I9N MA . -26.98 23.34 -25.13
H16 I9N MA . -19.85 28.05 -19.27
H3 I9N MA . -21.63 28.79 -21.05
H4 I9N MA . -20.31 29.82 -20.60
H13 I9N MA . -30.30 26.00 -24.92
H11 I9N MA . -24.53 30.32 -25.60
H I9N MA . -20.52 29.29 -25.12
MG MG NA . -15.11 26.72 -16.63
K K OA . -19.58 23.29 -17.98
P1 FBP PA . 15.99 -19.64 -40.75
O1P FBP PA . 14.79 -20.40 -40.22
O2P FBP PA . 17.26 -20.02 -39.98
O3P FBP PA . 16.17 -19.82 -42.22
O1 FBP PA . 15.71 -18.14 -40.51
C1 FBP PA . 15.38 -17.63 -39.22
C2 FBP PA . 15.60 -16.12 -39.30
O2 FBP PA . 15.14 -15.59 -38.08
C3 FBP PA . 14.91 -15.48 -40.53
O3 FBP PA . 13.52 -15.25 -40.31
C4 FBP PA . 15.72 -14.25 -40.73
O4 FBP PA . 15.62 -13.74 -42.04
C5 FBP PA . 17.13 -14.81 -40.53
O5 FBP PA . 16.98 -15.79 -39.50
C6 FBP PA . 18.15 -13.76 -40.14
O6 FBP PA . 19.44 -14.15 -40.66
P2 FBP PA . 20.48 -12.96 -41.06
O4P FBP PA . 20.91 -12.34 -39.73
O5P FBP PA . 19.88 -11.92 -41.97
O6P FBP PA . 21.62 -13.66 -41.71
C1 OXL QA . 50.53 -6.18 -35.87
C2 OXL QA . 51.22 -4.89 -35.35
O1 OXL QA . 49.61 -6.73 -35.23
O2 OXL QA . 50.76 -4.36 -34.26
O3 OXL QA . 50.92 -6.58 -37.04
O4 OXL QA . 52.11 -4.37 -36.00
MG MG RA . 52.33 -5.33 -37.92
K K SA . 51.55 -11.00 -39.37
#